data_9SHK
#
_entry.id   9SHK
#
_cell.length_a   1.00
_cell.length_b   1.00
_cell.length_c   1.00
_cell.angle_alpha   90.00
_cell.angle_beta   90.00
_cell.angle_gamma   90.00
#
_symmetry.space_group_name_H-M   'P 1'
#
loop_
_entity.id
_entity.type
_entity.pdbx_description
1 polymer '60 kDa heat shock protein, mitochondrial'
2 non-polymer "ADENOSINE-5'-DIPHOSPHATE"
3 non-polymer 'MAGNESIUM ION'
4 water water
#
_entity_poly.entity_id   1
_entity_poly.type   'polypeptide(L)'
_entity_poly.pdbx_seq_one_letter_code
;GSAKDVKFGADARALMLQGVDLLADAVAVTMGPKGRTVIIEQSWGSPKVTKDGVTVAKSIDLKDKYKNIGAKLVQDVANN
TNEEAGDGTTTATVLARSIAKEGFEKISKGANPVEIRRGVMLAVDAVIAELKKQSKPVTTPEEIAQVATISANGDKEIGN
IISDAMKKVGRKGVITVKDGKTLNDELEIIEGMKFDRGYISPYFINTSKGQKCEFQDAYVLLSEKKISSIQSIVPALEIA
NAHRKPLVIIAEDVDGEALSTLVLNRLKVGLQVVAVKAPGFGDNRKNQLKDMAIATGGAVFGEEGLTLNLEDVQPHDLGK
VGEVIVTKDDAMLLKGKGDKAQIEKRIQEIIEQLDVTTSEYEKEKLNERLAKLSDGVAVLKVGGTSDVEVNEKKDRVTDA
LNATRAAVEEGIVLGGGCALLRCIPALDSLTPANEDQKIGIEIIKRTLKIPAMTIAKNAGVEGSLIVEKIMQSSSEVGYD
AMAGDFVNMVEKGIIDPTKVVRTALLDAAGVASLLTTAEVVVTEIPK
;
_entity_poly.pdbx_strand_id   A,B,C,D,E,F,G
#
loop_
_chem_comp.id
_chem_comp.type
_chem_comp.name
_chem_comp.formula
ADP non-polymer ADENOSINE-5'-DIPHOSPHATE 'C10 H15 N5 O10 P2'
MG non-polymer 'MAGNESIUM ION' 'Mg 2'
#
# COMPACT_ATOMS: atom_id res chain seq x y z
N GLY A 1 -12.38 15.32 -20.54
CA GLY A 1 -11.92 13.95 -20.62
C GLY A 1 -12.79 12.99 -19.85
N SER A 2 -13.36 13.46 -18.75
CA SER A 2 -14.25 12.62 -17.95
C SER A 2 -15.56 12.39 -18.68
N ALA A 3 -16.05 11.15 -18.65
CA ALA A 3 -17.31 10.82 -19.28
C ALA A 3 -18.44 11.61 -18.63
N LYS A 4 -19.34 12.14 -19.46
CA LYS A 4 -20.42 12.99 -19.01
C LYS A 4 -21.75 12.28 -19.16
N ASP A 5 -22.73 12.72 -18.39
CA ASP A 5 -24.13 12.39 -18.57
C ASP A 5 -24.86 13.66 -18.94
N VAL A 6 -25.57 13.65 -20.07
CA VAL A 6 -26.20 14.84 -20.62
C VAL A 6 -27.71 14.64 -20.59
N LYS A 7 -28.40 15.62 -20.01
CA LYS A 7 -29.86 15.60 -19.94
C LYS A 7 -30.41 16.84 -20.62
N PHE A 8 -31.56 16.68 -21.26
CA PHE A 8 -32.13 17.70 -22.13
C PHE A 8 -33.51 18.10 -21.65
N GLY A 9 -33.78 19.40 -21.69
CA GLY A 9 -35.13 19.93 -21.52
C GLY A 9 -35.72 19.69 -20.14
N ALA A 10 -37.04 19.45 -20.14
CA ALA A 10 -37.76 19.28 -18.88
C ALA A 10 -37.26 18.10 -18.07
N ASP A 11 -36.63 17.12 -18.71
CA ASP A 11 -36.08 15.98 -17.98
C ASP A 11 -35.03 16.43 -16.97
N ALA A 12 -34.20 17.41 -17.35
CA ALA A 12 -33.20 17.97 -16.45
C ALA A 12 -33.76 19.10 -15.60
N ARG A 13 -34.67 19.88 -16.17
CA ARG A 13 -35.26 20.99 -15.41
C ARG A 13 -36.06 20.49 -14.22
N ALA A 14 -36.71 19.34 -14.35
CA ALA A 14 -37.46 18.77 -13.22
C ALA A 14 -36.53 18.44 -12.06
N LEU A 15 -35.39 17.80 -12.35
CA LEU A 15 -34.45 17.45 -11.30
C LEU A 15 -33.84 18.69 -10.67
N MET A 16 -33.48 19.69 -11.48
CA MET A 16 -32.95 20.92 -10.92
C MET A 16 -33.98 21.62 -10.03
N LEU A 17 -35.25 21.61 -10.45
CA LEU A 17 -36.30 22.18 -9.61
C LEU A 17 -36.48 21.39 -8.32
N GLN A 18 -36.28 20.08 -8.36
CA GLN A 18 -36.34 19.29 -7.12
C GLN A 18 -35.22 19.71 -6.17
N GLY A 19 -34.03 19.95 -6.70
CA GLY A 19 -32.95 20.44 -5.87
C GLY A 19 -33.24 21.81 -5.27
N VAL A 20 -33.79 22.72 -6.07
CA VAL A 20 -34.07 24.06 -5.55
C VAL A 20 -35.23 24.01 -4.56
N ASP A 21 -36.17 23.06 -4.73
CA ASP A 21 -37.23 22.88 -3.77
C ASP A 21 -36.69 22.40 -2.43
N LEU A 22 -35.77 21.44 -2.44
CA LEU A 22 -35.18 21.01 -1.18
C LEU A 22 -34.42 22.16 -0.50
N LEU A 23 -33.66 22.91 -1.28
CA LEU A 23 -32.92 24.05 -0.74
C LEU A 23 -33.86 25.07 -0.10
N ALA A 24 -34.92 25.45 -0.82
CA ALA A 24 -35.81 26.49 -0.34
C ALA A 24 -36.69 26.01 0.79
N ASP A 25 -36.99 24.71 0.84
CA ASP A 25 -37.70 24.16 1.99
C ASP A 25 -36.82 24.18 3.23
N ALA A 26 -35.54 23.86 3.08
CA ALA A 26 -34.62 23.91 4.21
C ALA A 26 -34.46 25.35 4.71
N VAL A 27 -34.33 26.32 3.81
CA VAL A 27 -34.04 27.68 4.24
C VAL A 27 -35.27 28.53 4.51
N ALA A 28 -36.46 28.06 4.11
CA ALA A 28 -37.65 28.87 4.26
C ALA A 28 -38.15 28.90 5.69
N VAL A 29 -37.92 27.83 6.44
CA VAL A 29 -38.39 27.73 7.82
C VAL A 29 -37.69 28.74 8.72
N THR A 30 -36.51 29.21 8.33
CA THR A 30 -35.71 30.11 9.15
C THR A 30 -35.99 31.57 8.87
N MET A 31 -37.08 31.88 8.17
CA MET A 31 -37.30 33.23 7.65
C MET A 31 -38.17 34.04 8.60
N GLY A 32 -37.76 35.27 8.86
CA GLY A 32 -38.47 36.16 9.74
C GLY A 32 -37.77 36.28 11.08
N PRO A 33 -38.38 37.02 12.01
CA PRO A 33 -37.87 37.01 13.40
C PRO A 33 -38.23 35.73 14.14
N LYS A 34 -39.40 35.17 13.83
CA LYS A 34 -39.83 33.87 14.37
C LYS A 34 -39.41 32.73 13.44
N GLY A 35 -38.14 32.69 13.08
CA GLY A 35 -37.66 31.65 12.17
C GLY A 35 -37.46 30.34 12.90
N ARG A 36 -37.83 29.25 12.24
CA ARG A 36 -37.75 27.93 12.86
C ARG A 36 -36.31 27.47 12.95
N THR A 37 -36.12 26.27 13.50
CA THR A 37 -34.83 25.77 13.92
C THR A 37 -34.35 24.66 12.99
N VAL A 38 -33.07 24.74 12.60
CA VAL A 38 -32.42 23.75 11.78
C VAL A 38 -31.26 23.18 12.57
N ILE A 39 -31.13 21.86 12.59
CA ILE A 39 -30.07 21.16 13.29
C ILE A 39 -29.18 20.53 12.23
N ILE A 40 -27.94 21.00 12.14
CA ILE A 40 -27.00 20.55 11.14
C ILE A 40 -25.98 19.64 11.81
N GLU A 41 -25.87 18.41 11.33
CA GLU A 41 -24.99 17.42 11.93
C GLU A 41 -23.53 17.76 11.63
N GLN A 42 -22.74 17.93 12.70
CA GLN A 42 -21.32 18.21 12.59
C GLN A 42 -20.57 16.88 12.67
N SER A 43 -19.64 16.66 11.74
CA SER A 43 -18.94 15.39 11.66
C SER A 43 -17.94 15.18 12.78
N TRP A 44 -17.61 16.21 13.54
CA TRP A 44 -16.57 16.13 14.55
C TRP A 44 -17.05 16.36 15.97
N GLY A 45 -18.14 17.11 16.17
CA GLY A 45 -18.60 17.40 17.51
C GLY A 45 -20.10 17.40 17.67
N SER A 46 -20.60 18.30 18.50
CA SER A 46 -22.03 18.42 18.72
C SER A 46 -22.71 19.00 17.49
N PRO A 47 -23.99 18.71 17.28
CA PRO A 47 -24.71 19.28 16.14
C PRO A 47 -24.84 20.79 16.26
N LYS A 48 -25.00 21.43 15.11
CA LYS A 48 -25.13 22.88 15.03
C LYS A 48 -26.60 23.27 14.90
N VAL A 49 -27.09 24.01 15.88
CA VAL A 49 -28.49 24.43 15.92
C VAL A 49 -28.54 25.90 15.54
N THR A 50 -29.26 26.21 14.46
CA THR A 50 -29.23 27.55 13.90
C THR A 50 -30.61 27.94 13.38
N LYS A 51 -30.88 29.25 13.39
CA LYS A 51 -32.04 29.83 12.73
C LYS A 51 -31.62 30.80 11.64
N ASP A 52 -30.39 30.68 11.15
CA ASP A 52 -29.83 31.57 10.14
C ASP A 52 -29.95 30.93 8.77
N GLY A 53 -30.56 31.65 7.83
CA GLY A 53 -30.73 31.12 6.49
C GLY A 53 -29.43 30.91 5.74
N VAL A 54 -28.43 31.74 6.00
CA VAL A 54 -27.16 31.61 5.29
C VAL A 54 -26.48 30.29 5.66
N THR A 55 -26.49 29.94 6.95
CA THR A 55 -25.86 28.70 7.40
C THR A 55 -26.60 27.48 6.88
N VAL A 56 -27.94 27.53 6.93
CA VAL A 56 -28.74 26.43 6.40
C VAL A 56 -28.47 26.25 4.92
N ALA A 57 -28.42 27.34 4.16
CA ALA A 57 -28.22 27.26 2.72
C ALA A 57 -26.84 26.69 2.40
N LYS A 58 -25.79 27.23 3.01
CA LYS A 58 -24.46 26.70 2.76
C LYS A 58 -24.28 25.30 3.33
N SER A 59 -25.21 24.85 4.18
CA SER A 59 -25.10 23.53 4.77
C SER A 59 -25.38 22.41 3.78
N ILE A 60 -26.43 22.55 2.97
CA ILE A 60 -26.94 21.41 2.21
C ILE A 60 -26.05 21.14 1.01
N ASP A 61 -25.92 19.87 0.66
CA ASP A 61 -25.31 19.45 -0.60
C ASP A 61 -26.01 18.16 -1.00
N LEU A 62 -26.73 18.19 -2.12
CA LEU A 62 -27.49 17.02 -2.52
C LEU A 62 -26.59 15.99 -3.20
N LYS A 63 -27.04 14.74 -3.17
CA LYS A 63 -26.30 13.66 -3.79
C LYS A 63 -26.51 13.61 -5.31
N ASP A 64 -27.76 13.79 -5.75
CA ASP A 64 -28.06 13.84 -7.17
C ASP A 64 -27.34 15.02 -7.82
N LYS A 65 -26.68 14.76 -8.95
CA LYS A 65 -25.91 15.79 -9.63
C LYS A 65 -26.80 16.92 -10.13
N TYR A 66 -27.94 16.58 -10.71
CA TYR A 66 -28.82 17.59 -11.29
C TYR A 66 -29.51 18.41 -10.21
N LYS A 67 -30.03 17.73 -9.19
CA LYS A 67 -30.59 18.42 -8.04
C LYS A 67 -29.55 19.29 -7.36
N ASN A 68 -28.34 18.76 -7.20
CA ASN A 68 -27.28 19.52 -6.55
C ASN A 68 -26.90 20.76 -7.34
N ILE A 69 -26.88 20.67 -8.67
CA ILE A 69 -26.47 21.87 -9.39
C ILE A 69 -27.61 22.88 -9.52
N GLY A 70 -28.87 22.43 -9.49
CA GLY A 70 -29.96 23.40 -9.37
C GLY A 70 -29.93 24.12 -8.03
N ALA A 71 -29.72 23.36 -6.95
CA ALA A 71 -29.58 23.95 -5.63
C ALA A 71 -28.38 24.89 -5.57
N LYS A 72 -27.27 24.50 -6.21
CA LYS A 72 -26.08 25.35 -6.24
C LYS A 72 -26.33 26.63 -7.02
N LEU A 73 -27.08 26.56 -8.11
CA LEU A 73 -27.40 27.76 -8.85
C LEU A 73 -28.17 28.76 -7.99
N VAL A 74 -29.27 28.30 -7.38
CA VAL A 74 -30.06 29.21 -6.56
C VAL A 74 -29.27 29.65 -5.33
N GLN A 75 -28.42 28.78 -4.80
CA GLN A 75 -27.65 29.06 -3.60
C GLN A 75 -26.58 30.11 -3.85
N ASP A 76 -25.88 30.02 -4.99
CA ASP A 76 -24.91 31.04 -5.34
C ASP A 76 -25.58 32.36 -5.67
N VAL A 77 -26.77 32.34 -6.25
CA VAL A 77 -27.50 33.58 -6.46
C VAL A 77 -27.85 34.24 -5.13
N ALA A 78 -28.31 33.45 -4.16
CA ALA A 78 -28.61 33.98 -2.83
C ALA A 78 -27.35 34.50 -2.14
N ASN A 79 -26.23 33.80 -2.31
CA ASN A 79 -24.96 34.28 -1.78
C ASN A 79 -24.58 35.63 -2.40
N ASN A 80 -24.82 35.79 -3.70
CA ASN A 80 -24.54 37.07 -4.34
C ASN A 80 -25.41 38.17 -3.76
N THR A 81 -26.69 37.89 -3.50
CA THR A 81 -27.55 38.86 -2.84
C THR A 81 -26.99 39.25 -1.47
N ASN A 82 -26.58 38.25 -0.69
CA ASN A 82 -26.03 38.51 0.63
C ASN A 82 -24.75 39.34 0.56
N GLU A 83 -23.86 39.01 -0.36
CA GLU A 83 -22.58 39.70 -0.45
C GLU A 83 -22.69 41.06 -1.11
N GLU A 84 -23.77 41.33 -1.83
CA GLU A 84 -23.93 42.63 -2.46
C GLU A 84 -24.71 43.61 -1.60
N ALA A 85 -25.71 43.14 -0.86
CA ALA A 85 -26.53 44.04 -0.06
C ALA A 85 -26.55 43.72 1.43
N GLY A 86 -25.85 42.67 1.88
CA GLY A 86 -25.81 42.33 3.28
C GLY A 86 -26.99 41.54 3.79
N ASP A 87 -28.06 41.42 3.00
CA ASP A 87 -29.26 40.70 3.40
C ASP A 87 -29.94 40.17 2.14
N GLY A 88 -30.79 39.16 2.33
CA GLY A 88 -31.66 38.72 1.27
C GLY A 88 -31.47 37.29 0.80
N THR A 89 -30.67 36.51 1.51
CA THR A 89 -30.44 35.12 1.11
C THR A 89 -31.73 34.32 1.12
N THR A 90 -32.45 34.34 2.25
CA THR A 90 -33.67 33.55 2.36
C THR A 90 -34.78 34.11 1.49
N THR A 91 -34.90 35.44 1.43
CA THR A 91 -35.93 36.04 0.59
C THR A 91 -35.69 35.76 -0.88
N ALA A 92 -34.44 35.91 -1.33
CA ALA A 92 -34.12 35.58 -2.71
C ALA A 92 -34.36 34.11 -2.99
N THR A 93 -34.04 33.24 -2.04
CA THR A 93 -34.25 31.81 -2.26
C THR A 93 -35.73 31.47 -2.38
N VAL A 94 -36.57 32.03 -1.50
CA VAL A 94 -37.99 31.69 -1.56
C VAL A 94 -38.63 32.29 -2.80
N LEU A 95 -38.24 33.52 -3.17
CA LEU A 95 -38.76 34.12 -4.40
C LEU A 95 -38.30 33.35 -5.62
N ALA A 96 -37.05 32.90 -5.64
CA ALA A 96 -36.54 32.13 -6.76
C ALA A 96 -37.29 30.83 -6.93
N ARG A 97 -37.52 30.11 -5.83
CA ARG A 97 -38.28 28.87 -5.93
C ARG A 97 -39.70 29.12 -6.37
N SER A 98 -40.34 30.18 -5.85
CA SER A 98 -41.70 30.49 -6.27
C SER A 98 -41.77 30.73 -7.77
N ILE A 99 -40.91 31.63 -8.27
CA ILE A 99 -40.94 31.97 -9.69
C ILE A 99 -40.60 30.76 -10.55
N ALA A 100 -39.59 29.99 -10.14
CA ALA A 100 -39.18 28.83 -10.93
C ALA A 100 -40.26 27.78 -10.99
N LYS A 101 -40.90 27.47 -9.86
CA LYS A 101 -41.95 26.45 -9.86
C LYS A 101 -43.16 26.90 -10.68
N GLU A 102 -43.56 28.17 -10.52
CA GLU A 102 -44.70 28.66 -11.28
C GLU A 102 -44.40 28.67 -12.78
N GLY A 103 -43.19 29.11 -13.16
CA GLY A 103 -42.81 29.07 -14.56
C GLY A 103 -42.76 27.67 -15.12
N PHE A 104 -42.23 26.73 -14.34
CA PHE A 104 -42.18 25.33 -14.79
C PHE A 104 -43.58 24.79 -15.02
N GLU A 105 -44.51 25.08 -14.09
CA GLU A 105 -45.87 24.56 -14.25
C GLU A 105 -46.58 25.21 -15.42
N LYS A 106 -46.31 26.49 -15.71
CA LYS A 106 -46.94 27.14 -16.84
C LYS A 106 -46.34 26.67 -18.17
N ILE A 107 -45.03 26.42 -18.19
CA ILE A 107 -44.37 25.97 -19.41
C ILE A 107 -44.78 24.54 -19.74
N SER A 108 -44.86 23.68 -18.73
CA SER A 108 -45.23 22.28 -18.98
C SER A 108 -46.61 22.17 -19.61
N LYS A 109 -47.48 23.16 -19.39
CA LYS A 109 -48.76 23.19 -20.07
C LYS A 109 -48.62 23.44 -21.57
N GLY A 110 -47.47 23.99 -21.99
CA GLY A 110 -47.23 24.19 -23.41
C GLY A 110 -46.98 25.64 -23.78
N ALA A 111 -46.51 26.44 -22.83
CA ALA A 111 -46.26 27.85 -23.08
C ALA A 111 -44.82 28.08 -23.54
N ASN A 112 -44.55 29.30 -23.98
CA ASN A 112 -43.24 29.67 -24.50
C ASN A 112 -42.37 30.19 -23.37
N PRO A 113 -41.20 29.58 -23.11
CA PRO A 113 -40.33 30.10 -22.06
C PRO A 113 -39.87 31.53 -22.29
N VAL A 114 -39.65 31.93 -23.55
CA VAL A 114 -39.14 33.26 -23.83
C VAL A 114 -40.19 34.33 -23.53
N GLU A 115 -41.44 34.09 -23.93
CA GLU A 115 -42.50 35.05 -23.67
C GLU A 115 -42.81 35.14 -22.18
N ILE A 116 -42.81 34.00 -21.48
CA ILE A 116 -43.01 34.03 -20.03
C ILE A 116 -41.89 34.80 -19.36
N ARG A 117 -40.64 34.57 -19.79
CA ARG A 117 -39.53 35.31 -19.21
C ARG A 117 -39.66 36.81 -19.46
N ARG A 118 -40.11 37.18 -20.66
CA ARG A 118 -40.32 38.59 -20.95
C ARG A 118 -41.37 39.20 -20.04
N GLY A 119 -42.49 38.50 -19.85
CA GLY A 119 -43.52 39.00 -18.95
C GLY A 119 -43.04 39.11 -17.50
N VAL A 120 -42.32 38.09 -17.04
CA VAL A 120 -41.77 38.11 -15.69
C VAL A 120 -40.84 39.28 -15.49
N MET A 121 -39.97 39.55 -16.47
CA MET A 121 -38.99 40.61 -16.29
C MET A 121 -39.64 41.98 -16.41
N LEU A 122 -40.65 42.14 -17.26
CA LEU A 122 -41.39 43.41 -17.28
C LEU A 122 -42.08 43.66 -15.95
N ALA A 123 -42.69 42.61 -15.37
CA ALA A 123 -43.29 42.74 -14.04
C ALA A 123 -42.24 43.11 -13.00
N VAL A 124 -41.07 42.48 -13.05
CA VAL A 124 -40.02 42.77 -12.08
C VAL A 124 -39.56 44.21 -12.20
N ASP A 125 -39.40 44.71 -13.43
CA ASP A 125 -38.99 46.10 -13.59
C ASP A 125 -40.05 47.06 -13.05
N ALA A 126 -41.34 46.76 -13.30
CA ALA A 126 -42.39 47.59 -12.73
C ALA A 126 -42.32 47.60 -11.21
N VAL A 127 -42.12 46.43 -10.60
CA VAL A 127 -42.05 46.33 -9.14
C VAL A 127 -40.86 47.11 -8.62
N ILE A 128 -39.71 46.98 -9.27
CA ILE A 128 -38.52 47.69 -8.81
C ILE A 128 -38.72 49.20 -8.90
N ALA A 129 -39.37 49.66 -9.98
CA ALA A 129 -39.64 51.08 -10.13
C ALA A 129 -40.55 51.59 -9.02
N GLU A 130 -41.63 50.87 -8.74
CA GLU A 130 -42.54 51.31 -7.69
C GLU A 130 -41.86 51.25 -6.31
N LEU A 131 -41.06 50.22 -6.08
CA LEU A 131 -40.39 50.05 -4.80
C LEU A 131 -39.32 51.11 -4.60
N LYS A 132 -38.72 51.60 -5.69
CA LYS A 132 -37.81 52.73 -5.60
C LYS A 132 -38.57 54.03 -5.35
N LYS A 133 -39.74 54.20 -5.98
CA LYS A 133 -40.51 55.42 -5.80
C LYS A 133 -41.18 55.49 -4.44
N GLN A 134 -41.32 54.36 -3.75
CA GLN A 134 -41.87 54.33 -2.40
C GLN A 134 -40.82 54.39 -1.30
N SER A 135 -39.54 54.45 -1.66
CA SER A 135 -38.48 54.47 -0.67
C SER A 135 -38.44 55.79 0.08
N LYS A 136 -37.92 55.75 1.30
CA LYS A 136 -37.70 56.93 2.11
C LYS A 136 -36.27 56.92 2.64
N PRO A 137 -35.62 58.07 2.75
CA PRO A 137 -34.25 58.12 3.23
C PRO A 137 -34.16 58.14 4.75
N VAL A 138 -32.97 57.80 5.25
CA VAL A 138 -32.72 57.80 6.68
C VAL A 138 -32.44 59.22 7.13
N THR A 139 -33.09 59.65 8.21
CA THR A 139 -32.98 61.01 8.71
C THR A 139 -32.54 61.11 10.15
N THR A 140 -32.46 59.99 10.87
CA THR A 140 -32.12 60.01 12.30
C THR A 140 -31.30 58.76 12.61
N PRO A 141 -30.39 58.84 13.59
CA PRO A 141 -29.60 57.64 13.94
C PRO A 141 -30.40 56.48 14.48
N GLU A 142 -31.62 56.72 14.98
CA GLU A 142 -32.43 55.61 15.46
C GLU A 142 -32.81 54.67 14.31
N GLU A 143 -33.06 55.24 13.12
CA GLU A 143 -33.32 54.39 11.96
C GLU A 143 -32.08 53.58 11.59
N ILE A 144 -30.89 54.17 11.74
CA ILE A 144 -29.67 53.42 11.53
C ILE A 144 -29.58 52.24 12.48
N ALA A 145 -29.90 52.48 13.76
CA ALA A 145 -29.89 51.40 14.74
C ALA A 145 -30.90 50.32 14.40
N GLN A 146 -32.11 50.72 13.99
CA GLN A 146 -33.13 49.74 13.62
C GLN A 146 -32.69 48.88 12.44
N VAL A 147 -32.11 49.52 11.41
CA VAL A 147 -31.67 48.79 10.24
C VAL A 147 -30.55 47.83 10.58
N ALA A 148 -29.59 48.29 11.39
CA ALA A 148 -28.48 47.42 11.77
C ALA A 148 -28.96 46.25 12.62
N THR A 149 -29.92 46.49 13.51
CA THR A 149 -30.44 45.42 14.35
C THR A 149 -31.21 44.40 13.54
N ILE A 150 -32.00 44.85 12.56
CA ILE A 150 -32.71 43.90 11.70
C ILE A 150 -31.72 43.10 10.87
N SER A 151 -30.71 43.77 10.32
CA SER A 151 -29.73 43.10 9.47
C SER A 151 -28.81 42.18 10.24
N ALA A 152 -28.82 42.23 11.57
CA ALA A 152 -27.99 41.36 12.41
C ALA A 152 -28.80 40.27 13.08
N ASN A 153 -30.00 39.97 12.56
CA ASN A 153 -30.89 38.97 13.14
C ASN A 153 -31.30 39.34 14.56
N GLY A 154 -31.74 40.58 14.74
CA GLY A 154 -32.25 41.02 16.01
C GLY A 154 -31.21 41.27 17.08
N ASP A 155 -29.93 41.24 16.73
CA ASP A 155 -28.87 41.49 17.70
C ASP A 155 -28.82 42.98 18.01
N LYS A 156 -29.25 43.35 19.21
CA LYS A 156 -29.28 44.76 19.59
C LYS A 156 -27.88 45.32 19.76
N GLU A 157 -26.93 44.50 20.19
CA GLU A 157 -25.56 44.98 20.40
C GLU A 157 -24.92 45.41 19.08
N ILE A 158 -25.10 44.61 18.03
CA ILE A 158 -24.53 44.95 16.73
C ILE A 158 -25.15 46.23 16.20
N GLY A 159 -26.47 46.35 16.30
CA GLY A 159 -27.12 47.57 15.87
C GLY A 159 -26.63 48.78 16.64
N ASN A 160 -26.48 48.64 17.95
CA ASN A 160 -26.04 49.75 18.78
C ASN A 160 -24.61 50.18 18.43
N ILE A 161 -23.70 49.21 18.25
CA ILE A 161 -22.32 49.57 17.96
C ILE A 161 -22.20 50.20 16.57
N ILE A 162 -22.97 49.69 15.60
CA ILE A 162 -22.93 50.29 14.27
C ILE A 162 -23.51 51.70 14.30
N SER A 163 -24.61 51.90 15.01
CA SER A 163 -25.19 53.24 15.11
C SER A 163 -24.24 54.19 15.82
N ASP A 164 -23.55 53.72 16.86
CA ASP A 164 -22.60 54.58 17.55
C ASP A 164 -21.43 54.94 16.66
N ALA A 165 -20.93 53.98 15.87
CA ALA A 165 -19.85 54.27 14.93
C ALA A 165 -20.29 55.29 13.89
N MET A 166 -21.51 55.16 13.38
CA MET A 166 -21.99 56.11 12.39
C MET A 166 -22.29 57.47 13.00
N LYS A 167 -22.63 57.51 14.29
CA LYS A 167 -22.76 58.79 14.97
C LYS A 167 -21.40 59.47 15.14
N LYS A 168 -20.37 58.68 15.47
CA LYS A 168 -19.06 59.27 15.73
C LYS A 168 -18.38 59.71 14.44
N VAL A 169 -18.44 58.89 13.39
CA VAL A 169 -17.71 59.15 12.15
C VAL A 169 -18.61 59.81 11.11
N GLY A 170 -19.80 59.29 10.91
CA GLY A 170 -20.73 59.82 9.93
C GLY A 170 -21.42 58.70 9.18
N ARG A 171 -22.60 59.02 8.62
CA ARG A 171 -23.33 58.03 7.85
C ARG A 171 -22.54 57.58 6.63
N LYS A 172 -21.90 58.52 5.95
CA LYS A 172 -21.04 58.22 4.81
C LYS A 172 -19.57 58.15 5.19
N GLY A 173 -19.27 57.81 6.43
CA GLY A 173 -17.91 57.74 6.90
C GLY A 173 -17.25 56.41 6.59
N VAL A 174 -16.11 56.18 7.24
CA VAL A 174 -15.32 54.97 7.04
C VAL A 174 -15.42 54.13 8.31
N ILE A 175 -16.01 52.95 8.20
CA ILE A 175 -16.13 51.99 9.29
C ILE A 175 -15.56 50.67 8.80
N THR A 176 -14.70 50.05 9.60
CA THR A 176 -14.12 48.76 9.28
C THR A 176 -14.27 47.83 10.47
N VAL A 177 -14.25 46.53 10.19
CA VAL A 177 -14.47 45.50 11.20
C VAL A 177 -13.31 44.52 11.16
N LYS A 178 -12.54 44.45 12.24
CA LYS A 178 -11.46 43.49 12.40
C LYS A 178 -11.74 42.62 13.62
N ASP A 179 -10.89 41.61 13.81
CA ASP A 179 -11.06 40.70 14.94
C ASP A 179 -10.54 41.33 16.23
N GLY A 180 -10.99 40.78 17.34
CA GLY A 180 -10.55 41.24 18.65
C GLY A 180 -10.21 40.07 19.54
N LYS A 181 -9.20 40.26 20.38
CA LYS A 181 -8.71 39.21 21.28
C LYS A 181 -9.40 39.22 22.64
N THR A 182 -10.27 40.18 22.90
CA THR A 182 -10.96 40.27 24.18
C THR A 182 -12.30 39.52 24.10
N LEU A 183 -13.13 39.68 25.13
CA LEU A 183 -14.41 38.97 25.21
C LEU A 183 -15.62 39.84 24.87
N ASN A 184 -15.43 41.14 24.65
CA ASN A 184 -16.52 42.03 24.33
C ASN A 184 -16.13 42.94 23.17
N ASP A 185 -17.13 43.29 22.35
CA ASP A 185 -16.89 44.19 21.24
C ASP A 185 -16.54 45.59 21.74
N GLU A 186 -15.54 46.20 21.13
CA GLU A 186 -15.09 47.52 21.49
C GLU A 186 -15.02 48.40 20.26
N LEU A 187 -15.40 49.67 20.41
CA LEU A 187 -15.41 50.63 19.32
C LEU A 187 -14.22 51.58 19.48
N GLU A 188 -13.41 51.70 18.44
CA GLU A 188 -12.22 52.53 18.47
C GLU A 188 -12.18 53.42 17.24
N ILE A 189 -11.96 54.72 17.47
CA ILE A 189 -11.74 55.68 16.41
C ILE A 189 -10.24 55.91 16.31
N ILE A 190 -9.64 55.52 15.19
CA ILE A 190 -8.19 55.64 15.01
C ILE A 190 -7.93 56.40 13.72
N GLU A 191 -6.74 57.01 13.65
CA GLU A 191 -6.39 57.85 12.51
C GLU A 191 -6.16 57.00 11.28
N GLY A 192 -6.73 57.42 10.16
CA GLY A 192 -6.59 56.69 8.92
C GLY A 192 -7.30 57.42 7.80
N MET A 193 -7.15 56.87 6.60
CA MET A 193 -7.73 57.46 5.40
C MET A 193 -8.22 56.35 4.48
N LYS A 194 -9.10 56.73 3.56
CA LYS A 194 -9.61 55.79 2.56
C LYS A 194 -10.06 56.58 1.35
N PHE A 195 -9.67 56.10 0.16
CA PHE A 195 -9.97 56.79 -1.08
C PHE A 195 -10.47 55.79 -2.12
N ASP A 196 -11.14 56.32 -3.13
CA ASP A 196 -11.91 55.51 -4.08
C ASP A 196 -11.08 55.02 -5.27
N ARG A 197 -9.97 54.35 -4.98
CA ARG A 197 -9.18 53.67 -5.98
C ARG A 197 -8.75 52.31 -5.43
N GLY A 198 -8.78 51.28 -6.28
CA GLY A 198 -8.40 49.95 -5.87
C GLY A 198 -7.15 49.50 -6.59
N TYR A 199 -6.66 48.32 -6.20
CA TYR A 199 -5.43 47.80 -6.79
C TYR A 199 -5.61 47.58 -8.29
N ILE A 200 -4.54 47.85 -9.04
CA ILE A 200 -4.60 47.75 -10.49
C ILE A 200 -4.62 46.29 -10.94
N SER A 201 -3.83 45.43 -10.29
CA SER A 201 -3.76 44.04 -10.63
C SER A 201 -4.26 43.18 -9.47
N PRO A 202 -5.20 42.25 -9.71
CA PRO A 202 -5.70 41.37 -8.65
C PRO A 202 -4.79 40.18 -8.37
N TYR A 203 -3.49 40.45 -8.25
CA TYR A 203 -2.51 39.42 -7.97
C TYR A 203 -1.73 39.67 -6.68
N PHE A 204 -1.92 40.81 -6.03
CA PHE A 204 -1.28 41.11 -4.76
C PHE A 204 -2.13 40.71 -3.56
N ILE A 205 -3.29 40.10 -3.79
CA ILE A 205 -4.22 39.78 -2.71
C ILE A 205 -3.57 38.79 -1.76
N ASN A 206 -3.35 39.22 -0.51
CA ASN A 206 -2.84 38.32 0.50
C ASN A 206 -3.95 37.45 1.08
N THR A 207 -5.15 38.00 1.22
CA THR A 207 -6.28 37.31 1.81
C THR A 207 -7.28 36.94 0.73
N SER A 208 -7.68 35.66 0.70
CA SER A 208 -8.68 35.19 -0.25
C SER A 208 -10.09 35.25 0.31
N LYS A 209 -10.26 35.64 1.56
CA LYS A 209 -11.59 35.66 2.16
C LYS A 209 -12.45 36.77 1.56
N GLY A 210 -11.91 37.97 1.45
CA GLY A 210 -12.69 39.09 0.97
C GLY A 210 -12.06 39.86 -0.18
N GLN A 211 -11.21 39.18 -0.95
CA GLN A 211 -10.51 39.79 -2.09
C GLN A 211 -9.72 41.02 -1.65
N LYS A 212 -9.08 40.92 -0.48
CA LYS A 212 -8.34 42.02 0.12
C LYS A 212 -6.85 41.69 0.17
N CYS A 213 -6.06 42.73 0.39
CA CYS A 213 -4.64 42.59 0.67
C CYS A 213 -4.34 43.31 1.97
N GLU A 214 -3.91 42.57 2.99
CA GLU A 214 -3.67 43.10 4.32
C GLU A 214 -2.18 43.15 4.60
N PHE A 215 -1.71 44.32 5.05
CA PHE A 215 -0.30 44.53 5.35
C PHE A 215 -0.16 45.21 6.70
N GLN A 216 0.98 44.98 7.35
CA GLN A 216 1.30 45.59 8.63
C GLN A 216 2.63 46.31 8.52
N ASP A 217 2.64 47.59 8.87
CA ASP A 217 3.85 48.43 8.83
C ASP A 217 4.47 48.43 7.44
N ALA A 218 3.71 48.99 6.49
CA ALA A 218 4.08 49.00 5.08
C ALA A 218 4.55 50.38 4.67
N TYR A 219 5.64 50.42 3.90
CA TYR A 219 6.14 51.69 3.36
C TYR A 219 5.20 52.21 2.27
N VAL A 220 5.14 53.53 2.16
CA VAL A 220 4.31 54.20 1.17
C VAL A 220 5.23 54.93 0.19
N LEU A 221 5.13 54.59 -1.09
CA LEU A 221 5.83 55.30 -2.15
C LEU A 221 4.83 56.15 -2.91
N LEU A 222 5.13 57.43 -3.03
CA LEU A 222 4.27 58.37 -3.76
C LEU A 222 5.01 58.88 -4.98
N SER A 223 4.38 58.77 -6.15
CA SER A 223 4.98 59.25 -7.39
C SER A 223 3.83 59.80 -8.25
N GLU A 224 3.61 61.11 -8.18
CA GLU A 224 2.55 61.74 -8.95
C GLU A 224 2.77 61.62 -10.45
N LYS A 225 3.98 61.30 -10.89
CA LYS A 225 4.29 61.08 -12.29
C LYS A 225 4.53 59.59 -12.53
N LYS A 226 4.52 59.22 -13.80
CA LYS A 226 4.78 57.84 -14.20
C LYS A 226 6.22 57.45 -13.85
N ILE A 227 6.43 56.14 -13.68
CA ILE A 227 7.76 55.64 -13.35
C ILE A 227 8.71 55.97 -14.50
N SER A 228 9.79 56.69 -14.18
CA SER A 228 10.70 57.15 -15.22
C SER A 228 11.43 55.98 -15.88
N SER A 229 11.94 55.05 -15.07
CA SER A 229 12.73 53.94 -15.60
C SER A 229 12.75 52.82 -14.57
N ILE A 230 13.25 51.66 -15.01
CA ILE A 230 13.41 50.52 -14.10
C ILE A 230 14.43 50.85 -13.03
N GLN A 231 15.49 51.57 -13.39
CA GLN A 231 16.49 52.02 -12.43
C GLN A 231 15.96 53.07 -11.47
N SER A 232 14.67 53.39 -11.54
CA SER A 232 14.03 54.30 -10.60
C SER A 232 13.12 53.60 -9.61
N ILE A 233 12.62 52.41 -9.94
CA ILE A 233 11.77 51.65 -9.03
C ILE A 233 12.61 50.58 -8.34
N VAL A 234 13.67 50.12 -9.02
CA VAL A 234 14.58 49.15 -8.40
C VAL A 234 15.21 49.68 -7.12
N PRO A 235 15.74 50.91 -7.07
CA PRO A 235 16.28 51.40 -5.79
C PRO A 235 15.24 51.47 -4.68
N ALA A 236 14.00 51.82 -5.01
CA ALA A 236 12.95 51.84 -4.00
C ALA A 236 12.66 50.44 -3.47
N LEU A 237 12.64 49.44 -4.36
CA LEU A 237 12.46 48.06 -3.93
C LEU A 237 13.62 47.61 -3.04
N GLU A 238 14.85 47.99 -3.40
CA GLU A 238 16.00 47.65 -2.57
C GLU A 238 15.91 48.30 -1.20
N ILE A 239 15.50 49.56 -1.15
CA ILE A 239 15.33 50.25 0.13
C ILE A 239 14.28 49.56 0.98
N ALA A 240 13.15 49.20 0.37
CA ALA A 240 12.08 48.54 1.12
C ALA A 240 12.54 47.17 1.63
N ASN A 241 13.27 46.42 0.80
CA ASN A 241 13.74 45.10 1.23
C ASN A 241 14.76 45.22 2.35
N ALA A 242 15.68 46.19 2.26
CA ALA A 242 16.69 46.35 3.28
C ALA A 242 16.11 46.88 4.59
N HIS A 243 14.98 47.59 4.52
CA HIS A 243 14.36 48.19 5.69
C HIS A 243 13.22 47.34 6.24
N ARG A 244 13.22 46.03 5.95
CA ARG A 244 12.35 45.03 6.58
C ARG A 244 10.88 45.44 6.60
N LYS A 245 10.44 46.21 5.61
CA LYS A 245 9.06 46.62 5.54
C LYS A 245 8.54 46.49 4.12
N PRO A 246 7.26 46.16 3.94
CA PRO A 246 6.68 46.09 2.60
C PRO A 246 6.41 47.47 2.03
N LEU A 247 6.07 47.49 0.74
CA LEU A 247 5.90 48.72 -0.01
C LEU A 247 4.49 48.84 -0.55
N VAL A 248 3.94 50.05 -0.51
CA VAL A 248 2.65 50.38 -1.11
C VAL A 248 2.87 51.61 -1.99
N ILE A 249 2.74 51.44 -3.30
CA ILE A 249 3.05 52.50 -4.25
C ILE A 249 1.75 53.03 -4.85
N ILE A 250 1.68 54.34 -5.02
CA ILE A 250 0.53 55.01 -5.62
C ILE A 250 1.04 55.96 -6.68
N ALA A 251 0.54 55.80 -7.91
CA ALA A 251 0.97 56.61 -9.04
C ALA A 251 -0.19 56.90 -9.97
N GLU A 252 0.10 57.37 -11.19
CA GLU A 252 -0.95 57.65 -12.17
C GLU A 252 -1.53 56.37 -12.76
N ASP A 253 -0.69 55.59 -13.45
CA ASP A 253 -1.14 54.38 -14.14
C ASP A 253 0.03 53.42 -14.25
N VAL A 254 -0.03 52.32 -13.53
CA VAL A 254 0.99 51.26 -13.59
C VAL A 254 0.28 50.02 -14.13
N ASP A 255 0.28 49.87 -15.45
CA ASP A 255 -0.46 48.78 -16.09
C ASP A 255 0.43 47.86 -16.92
N GLY A 256 1.30 48.42 -17.76
CA GLY A 256 1.97 47.63 -18.76
C GLY A 256 3.25 46.93 -18.35
N GLU A 257 4.25 47.69 -17.90
CA GLU A 257 5.58 47.14 -17.67
C GLU A 257 5.94 47.04 -16.19
N ALA A 258 5.86 48.14 -15.44
CA ALA A 258 6.17 48.08 -14.02
C ALA A 258 5.20 47.17 -13.28
N LEU A 259 3.93 47.14 -13.69
CA LEU A 259 2.97 46.22 -13.10
C LEU A 259 3.37 44.77 -13.35
N SER A 260 3.84 44.47 -14.55
CA SER A 260 4.30 43.11 -14.85
C SER A 260 5.50 42.73 -13.99
N THR A 261 6.44 43.67 -13.81
CA THR A 261 7.60 43.41 -12.96
C THR A 261 7.17 43.16 -11.52
N LEU A 262 6.23 43.96 -11.01
CA LEU A 262 5.75 43.76 -9.66
C LEU A 262 5.03 42.42 -9.51
N VAL A 263 4.25 42.03 -10.52
CA VAL A 263 3.53 40.77 -10.44
C VAL A 263 4.50 39.59 -10.47
N LEU A 264 5.52 39.64 -11.34
CA LEU A 264 6.49 38.55 -11.36
C LEU A 264 7.33 38.52 -10.09
N ASN A 265 7.62 39.68 -9.51
CA ASN A 265 8.32 39.71 -8.23
C ASN A 265 7.44 39.20 -7.10
N ARG A 266 6.11 39.31 -7.25
CA ARG A 266 5.20 38.79 -6.25
C ARG A 266 5.31 37.28 -6.12
N LEU A 267 5.61 36.59 -7.23
CA LEU A 267 5.77 35.13 -7.17
C LEU A 267 6.93 34.73 -6.26
N LYS A 268 7.91 35.61 -6.09
CA LYS A 268 9.01 35.32 -5.17
C LYS A 268 8.52 35.26 -3.74
N VAL A 269 9.08 34.34 -2.97
CA VAL A 269 8.68 34.15 -1.58
C VAL A 269 9.27 35.27 -0.74
N GLY A 270 8.43 35.96 0.03
CA GLY A 270 8.86 37.03 0.91
C GLY A 270 8.75 38.42 0.32
N LEU A 271 8.42 38.55 -0.96
CA LEU A 271 8.31 39.84 -1.61
C LEU A 271 6.86 40.31 -1.58
N GLN A 272 6.61 41.47 -0.98
CA GLN A 272 5.27 42.01 -0.82
C GLN A 272 5.25 43.45 -1.28
N VAL A 273 4.36 43.77 -2.22
CA VAL A 273 4.19 45.12 -2.72
C VAL A 273 2.87 45.19 -3.48
N VAL A 274 2.20 46.35 -3.37
CA VAL A 274 0.95 46.59 -4.07
C VAL A 274 1.03 47.94 -4.77
N ALA A 275 0.18 48.11 -5.78
CA ALA A 275 0.09 49.33 -6.55
C ALA A 275 -1.35 49.83 -6.57
N VAL A 276 -1.51 51.14 -6.40
CA VAL A 276 -2.83 51.77 -6.40
C VAL A 276 -2.77 53.01 -7.29
N LYS A 277 -3.88 53.33 -7.94
CA LYS A 277 -3.97 54.53 -8.76
C LYS A 277 -4.11 55.76 -7.87
N ALA A 278 -3.68 56.91 -8.40
CA ALA A 278 -3.83 58.17 -7.69
C ALA A 278 -5.31 58.51 -7.54
N PRO A 279 -5.67 59.23 -6.46
CA PRO A 279 -7.10 59.37 -6.12
C PRO A 279 -7.91 60.21 -7.09
N GLY A 280 -7.35 61.26 -7.67
CA GLY A 280 -8.19 62.25 -8.34
C GLY A 280 -7.96 62.44 -9.82
N PHE A 281 -8.72 63.37 -10.42
CA PHE A 281 -8.65 63.64 -11.85
C PHE A 281 -8.26 65.10 -12.14
N GLY A 282 -7.45 65.69 -11.27
CA GLY A 282 -7.02 67.07 -11.47
C GLY A 282 -6.28 67.64 -10.29
N ASP A 283 -6.62 68.87 -9.89
CA ASP A 283 -6.03 69.47 -8.71
C ASP A 283 -6.35 68.68 -7.45
N ASN A 284 -7.49 67.98 -7.44
CA ASN A 284 -7.82 67.12 -6.31
C ASN A 284 -6.77 66.02 -6.13
N ARG A 285 -6.30 65.44 -7.23
CA ARG A 285 -5.25 64.42 -7.13
C ARG A 285 -4.00 65.00 -6.47
N LYS A 286 -3.56 66.17 -6.90
CA LYS A 286 -2.34 66.76 -6.37
C LYS A 286 -2.49 67.09 -4.88
N ASN A 287 -3.59 67.75 -4.51
CA ASN A 287 -3.73 68.17 -3.11
C ASN A 287 -3.97 66.96 -2.21
N GLN A 288 -4.67 65.93 -2.69
CA GLN A 288 -4.84 64.72 -1.90
C GLN A 288 -3.52 63.98 -1.72
N LEU A 289 -2.69 63.94 -2.76
CA LEU A 289 -1.38 63.32 -2.60
C LEU A 289 -0.51 64.12 -1.62
N LYS A 290 -0.62 65.45 -1.64
CA LYS A 290 0.08 66.25 -0.64
C LYS A 290 -0.42 65.94 0.76
N ASP A 291 -1.75 65.80 0.92
CA ASP A 291 -2.31 65.44 2.21
C ASP A 291 -1.79 64.09 2.69
N MET A 292 -1.73 63.12 1.79
CA MET A 292 -1.23 61.79 2.16
C MET A 292 0.24 61.83 2.53
N ALA A 293 1.03 62.61 1.79
CA ALA A 293 2.46 62.74 2.12
C ALA A 293 2.63 63.38 3.49
N ILE A 294 1.83 64.39 3.80
CA ILE A 294 1.92 65.03 5.12
C ILE A 294 1.49 64.06 6.21
N ALA A 295 0.41 63.33 5.98
CA ALA A 295 -0.11 62.42 6.99
C ALA A 295 0.81 61.22 7.22
N THR A 296 1.53 60.80 6.20
CA THR A 296 2.43 59.66 6.32
C THR A 296 3.82 60.05 6.80
N GLY A 297 4.35 61.17 6.30
CA GLY A 297 5.66 61.62 6.73
C GLY A 297 6.75 61.20 5.77
N GLY A 298 7.25 62.15 4.98
CA GLY A 298 8.29 61.84 4.01
C GLY A 298 8.44 62.92 2.96
N ALA A 299 8.49 62.52 1.69
CA ALA A 299 8.65 63.45 0.59
C ALA A 299 7.80 62.99 -0.59
N VAL A 300 7.55 63.93 -1.50
CA VAL A 300 6.81 63.66 -2.72
C VAL A 300 7.80 63.60 -3.88
N PHE A 301 7.77 62.50 -4.63
CA PHE A 301 8.69 62.27 -5.73
C PHE A 301 7.97 62.45 -7.06
N GLY A 302 8.57 63.24 -7.95
CA GLY A 302 8.00 63.49 -9.25
C GLY A 302 7.29 64.83 -9.41
N GLU A 303 7.49 65.76 -8.49
CA GLU A 303 6.86 67.06 -8.61
C GLU A 303 7.45 67.88 -9.76
N GLU A 304 6.62 68.73 -10.34
CA GLU A 304 7.07 69.60 -11.42
C GLU A 304 8.11 70.61 -10.94
N GLY A 305 7.92 71.15 -9.75
CA GLY A 305 8.83 72.16 -9.23
C GLY A 305 10.07 71.58 -8.56
N LEU A 306 9.86 70.66 -7.61
CA LEU A 306 10.99 70.08 -6.90
C LEU A 306 11.84 69.19 -7.81
N THR A 307 11.21 68.55 -8.80
CA THR A 307 11.91 67.67 -9.74
C THR A 307 12.69 66.58 -9.02
N LEU A 308 12.08 65.98 -8.01
CA LEU A 308 12.71 64.90 -7.26
C LEU A 308 12.59 63.60 -8.05
N ASN A 309 13.73 63.09 -8.52
CA ASN A 309 13.73 61.87 -9.32
C ASN A 309 13.56 60.66 -8.43
N LEU A 310 12.85 59.64 -8.96
CA LEU A 310 12.64 58.41 -8.21
C LEU A 310 13.94 57.63 -8.00
N GLU A 311 14.95 57.87 -8.82
CA GLU A 311 16.22 57.15 -8.68
C GLU A 311 16.89 57.47 -7.36
N ASP A 312 16.85 58.74 -6.94
CA ASP A 312 17.48 59.17 -5.69
C ASP A 312 16.50 59.04 -4.52
N VAL A 313 16.03 57.80 -4.33
CA VAL A 313 15.09 57.51 -3.26
C VAL A 313 15.87 57.26 -1.96
N GLN A 314 15.32 57.75 -0.86
CA GLN A 314 15.95 57.64 0.45
C GLN A 314 14.94 57.14 1.47
N PRO A 315 15.40 56.46 2.52
CA PRO A 315 14.47 55.93 3.52
C PRO A 315 13.60 56.99 4.17
N HIS A 316 14.11 58.21 4.35
CA HIS A 316 13.34 59.29 4.95
C HIS A 316 12.41 59.98 3.95
N ASP A 317 12.48 59.63 2.67
CA ASP A 317 11.68 60.28 1.63
C ASP A 317 10.42 59.51 1.28
N LEU A 318 10.13 58.41 1.97
CA LEU A 318 8.93 57.62 1.71
C LEU A 318 7.99 57.68 2.91
N GLY A 319 6.70 57.59 2.62
CA GLY A 319 5.70 57.58 3.67
C GLY A 319 5.65 56.27 4.42
N LYS A 320 4.99 56.31 5.58
CA LYS A 320 4.82 55.13 6.42
C LYS A 320 3.39 55.06 6.90
N VAL A 321 2.84 53.84 6.92
CA VAL A 321 1.51 53.58 7.48
C VAL A 321 1.57 52.30 8.31
N GLY A 322 0.59 52.15 9.19
CA GLY A 322 0.52 50.99 10.05
C GLY A 322 -0.09 49.78 9.37
N GLU A 323 -1.32 49.91 8.88
CA GLU A 323 -2.05 48.81 8.26
C GLU A 323 -2.57 49.24 6.90
N VAL A 324 -2.48 48.33 5.92
CA VAL A 324 -2.92 48.60 4.56
C VAL A 324 -3.96 47.55 4.17
N ILE A 325 -5.14 48.01 3.76
CA ILE A 325 -6.20 47.14 3.26
C ILE A 325 -6.61 47.69 1.91
N VAL A 326 -6.35 46.93 0.84
CA VAL A 326 -6.65 47.34 -0.52
C VAL A 326 -7.61 46.34 -1.13
N THR A 327 -8.72 46.83 -1.66
CA THR A 327 -9.74 46.01 -2.28
C THR A 327 -9.77 46.26 -3.79
N LYS A 328 -10.74 45.66 -4.47
CA LYS A 328 -10.85 45.81 -5.92
C LYS A 328 -11.14 47.25 -6.30
N ASP A 329 -11.98 47.94 -5.53
CA ASP A 329 -12.39 49.29 -5.85
C ASP A 329 -11.89 50.35 -4.88
N ASP A 330 -11.60 49.99 -3.63
CA ASP A 330 -11.19 50.97 -2.63
C ASP A 330 -9.92 50.51 -1.94
N ALA A 331 -9.13 51.48 -1.48
CA ALA A 331 -7.88 51.23 -0.77
C ALA A 331 -7.91 51.97 0.56
N MET A 332 -7.44 51.30 1.61
CA MET A 332 -7.44 51.85 2.95
C MET A 332 -6.01 51.87 3.49
N LEU A 333 -5.58 53.04 3.94
CA LEU A 333 -4.28 53.22 4.59
C LEU A 333 -4.52 53.58 6.04
N LEU A 334 -4.19 52.67 6.96
CA LEU A 334 -4.60 52.77 8.34
C LEU A 334 -3.38 52.99 9.25
N LYS A 335 -3.56 53.84 10.25
CA LYS A 335 -2.54 54.13 11.26
C LYS A 335 -1.28 54.71 10.62
N GLY A 336 -1.45 55.80 9.89
CA GLY A 336 -0.33 56.51 9.31
C GLY A 336 0.23 57.55 10.26
N LYS A 337 1.33 57.23 10.93
CA LYS A 337 1.91 58.09 11.95
C LYS A 337 2.94 59.01 11.29
N GLY A 338 2.48 60.19 10.87
CA GLY A 338 3.34 61.21 10.34
C GLY A 338 3.64 62.30 11.35
N ASP A 339 4.12 63.44 10.85
CA ASP A 339 4.41 64.57 11.70
C ASP A 339 3.12 65.23 12.16
N LYS A 340 2.82 65.14 13.46
CA LYS A 340 1.59 65.73 13.98
C LYS A 340 1.57 67.24 13.80
N ALA A 341 2.72 67.89 14.00
CA ALA A 341 2.79 69.34 13.79
C ALA A 341 2.51 69.68 12.33
N GLN A 342 3.07 68.89 11.39
CA GLN A 342 2.81 69.14 9.98
C GLN A 342 1.34 68.90 9.64
N ILE A 343 0.73 67.87 10.25
CA ILE A 343 -0.69 67.62 10.02
C ILE A 343 -1.53 68.78 10.52
N GLU A 344 -1.19 69.30 11.71
CA GLU A 344 -1.91 70.46 12.23
C GLU A 344 -1.73 71.68 11.35
N LYS A 345 -0.52 71.89 10.83
CA LYS A 345 -0.28 73.00 9.93
C LYS A 345 -1.09 72.86 8.65
N ARG A 346 -1.18 71.64 8.10
CA ARG A 346 -1.98 71.41 6.91
C ARG A 346 -3.46 71.64 7.19
N ILE A 347 -3.93 71.22 8.37
CA ILE A 347 -5.32 71.46 8.74
C ILE A 347 -5.59 72.95 8.84
N GLN A 348 -4.66 73.71 9.44
CA GLN A 348 -4.81 75.15 9.52
C GLN A 348 -4.85 75.78 8.13
N GLU A 349 -3.98 75.32 7.24
CA GLU A 349 -3.98 75.84 5.87
C GLU A 349 -5.31 75.55 5.17
N ILE A 350 -5.84 74.34 5.35
CA ILE A 350 -7.10 73.97 4.71
C ILE A 350 -8.25 74.81 5.26
N ILE A 351 -8.31 74.98 6.58
CA ILE A 351 -9.41 75.75 7.15
C ILE A 351 -9.27 77.22 6.80
N GLU A 352 -8.04 77.71 6.58
CA GLU A 352 -7.86 79.08 6.10
C GLU A 352 -8.34 79.21 4.65
N GLN A 353 -8.02 78.23 3.81
CA GLN A 353 -8.49 78.24 2.44
C GLN A 353 -10.01 78.06 2.34
N LEU A 354 -10.63 77.47 3.36
CA LEU A 354 -12.07 77.28 3.35
C LEU A 354 -12.81 78.61 3.27
N ASP A 355 -12.34 79.62 4.01
CA ASP A 355 -13.00 80.91 4.09
C ASP A 355 -12.41 81.93 3.13
N VAL A 356 -11.91 81.48 1.98
CA VAL A 356 -11.36 82.38 0.97
C VAL A 356 -12.42 82.62 -0.10
N THR A 357 -12.86 81.55 -0.76
CA THR A 357 -13.87 81.66 -1.81
C THR A 357 -14.59 80.33 -1.94
N THR A 358 -15.77 80.37 -2.54
CA THR A 358 -16.58 79.19 -2.79
C THR A 358 -17.02 79.16 -4.24
N SER A 359 -16.99 77.97 -4.85
CA SER A 359 -17.39 77.80 -6.23
C SER A 359 -18.49 76.75 -6.40
N GLU A 360 -19.02 76.22 -5.29
CA GLU A 360 -20.10 75.23 -5.24
C GLU A 360 -19.68 73.86 -5.77
N TYR A 361 -18.46 73.71 -6.26
CA TYR A 361 -17.96 72.41 -6.70
C TYR A 361 -16.63 72.05 -6.08
N GLU A 362 -15.73 73.02 -5.91
CA GLU A 362 -14.45 72.76 -5.25
C GLU A 362 -14.54 72.87 -3.74
N LYS A 363 -15.52 73.62 -3.22
CA LYS A 363 -15.71 73.67 -1.78
C LYS A 363 -16.15 72.32 -1.24
N GLU A 364 -16.87 71.54 -2.04
CA GLU A 364 -17.20 70.17 -1.65
C GLU A 364 -15.93 69.33 -1.50
N LYS A 365 -15.00 69.48 -2.44
CA LYS A 365 -13.73 68.76 -2.34
C LYS A 365 -12.93 69.22 -1.13
N LEU A 366 -12.94 70.52 -0.84
CA LEU A 366 -12.24 71.03 0.33
C LEU A 366 -12.84 70.48 1.62
N ASN A 367 -14.17 70.45 1.71
CA ASN A 367 -14.82 69.88 2.88
C ASN A 367 -14.52 68.39 3.01
N GLU A 368 -14.49 67.68 1.87
CA GLU A 368 -14.14 66.26 1.90
C GLU A 368 -12.72 66.05 2.40
N ARG A 369 -11.77 66.87 1.94
CA ARG A 369 -10.39 66.76 2.42
C ARG A 369 -10.30 67.06 3.90
N LEU A 370 -11.05 68.06 4.36
CA LEU A 370 -11.10 68.35 5.80
C LEU A 370 -11.63 67.16 6.58
N ALA A 371 -12.68 66.51 6.05
CA ALA A 371 -13.25 65.34 6.72
C ALA A 371 -12.25 64.19 6.76
N LYS A 372 -11.55 63.94 5.65
CA LYS A 372 -10.57 62.85 5.62
C LYS A 372 -9.44 63.11 6.60
N LEU A 373 -8.97 64.37 6.68
CA LEU A 373 -7.87 64.69 7.58
C LEU A 373 -8.31 64.86 9.03
N SER A 374 -9.60 64.99 9.29
CA SER A 374 -10.12 65.21 10.64
C SER A 374 -10.87 64.00 11.20
N ASP A 375 -11.81 63.44 10.44
CA ASP A 375 -12.61 62.33 10.93
C ASP A 375 -11.79 61.04 10.87
N GLY A 376 -11.73 60.33 12.00
CA GLY A 376 -10.96 59.12 12.09
C GLY A 376 -11.69 57.92 11.51
N VAL A 377 -11.00 56.78 11.54
CA VAL A 377 -11.52 55.53 11.01
C VAL A 377 -12.09 54.72 12.16
N ALA A 378 -13.36 54.34 12.05
CA ALA A 378 -14.01 53.54 13.08
C ALA A 378 -13.66 52.08 12.87
N VAL A 379 -13.06 51.46 13.88
CA VAL A 379 -12.69 50.05 13.84
C VAL A 379 -13.53 49.31 14.88
N LEU A 380 -14.24 48.28 14.44
CA LEU A 380 -15.15 47.52 15.28
C LEU A 380 -14.53 46.15 15.52
N LYS A 381 -13.72 46.06 16.58
CA LYS A 381 -13.08 44.81 16.91
C LYS A 381 -14.10 43.83 17.49
N VAL A 382 -14.06 42.60 17.00
CA VAL A 382 -15.04 41.57 17.36
C VAL A 382 -14.36 40.59 18.30
N GLY A 383 -14.91 40.43 19.50
CA GLY A 383 -14.36 39.54 20.50
C GLY A 383 -15.23 38.32 20.68
N GLY A 384 -14.61 37.22 21.10
CA GLY A 384 -15.33 35.99 21.32
C GLY A 384 -14.53 35.03 22.16
N THR A 385 -14.90 33.75 22.06
CA THR A 385 -14.28 32.70 22.85
C THR A 385 -13.47 31.71 22.04
N SER A 386 -13.68 31.63 20.73
CA SER A 386 -12.96 30.69 19.88
C SER A 386 -12.88 31.26 18.47
N ASP A 387 -12.13 30.57 17.62
CA ASP A 387 -11.96 31.01 16.24
C ASP A 387 -13.27 31.01 15.48
N VAL A 388 -14.06 29.94 15.64
CA VAL A 388 -15.33 29.85 14.93
C VAL A 388 -16.28 30.95 15.39
N GLU A 389 -16.31 31.23 16.69
CA GLU A 389 -17.23 32.25 17.20
C GLU A 389 -16.84 33.64 16.72
N VAL A 390 -15.55 33.98 16.76
CA VAL A 390 -15.13 35.29 16.30
C VAL A 390 -15.35 35.42 14.80
N ASN A 391 -15.15 34.33 14.04
CA ASN A 391 -15.41 34.38 12.61
C ASN A 391 -16.88 34.60 12.30
N GLU A 392 -17.77 33.86 12.97
CA GLU A 392 -19.20 34.02 12.69
C GLU A 392 -19.68 35.41 13.09
N LYS A 393 -19.22 35.91 14.24
CA LYS A 393 -19.64 37.24 14.65
C LYS A 393 -19.06 38.32 13.74
N LYS A 394 -17.83 38.13 13.25
CA LYS A 394 -17.27 39.05 12.28
C LYS A 394 -18.12 39.10 11.02
N ASP A 395 -18.55 37.93 10.53
CA ASP A 395 -19.40 37.89 9.35
C ASP A 395 -20.73 38.57 9.59
N ARG A 396 -21.36 38.33 10.74
CA ARG A 396 -22.64 38.97 11.03
C ARG A 396 -22.50 40.50 11.10
N VAL A 397 -21.44 40.98 11.76
CA VAL A 397 -21.25 42.43 11.88
C VAL A 397 -20.95 43.03 10.52
N THR A 398 -20.15 42.36 9.70
CA THR A 398 -19.84 42.87 8.37
C THR A 398 -21.11 42.96 7.52
N ASP A 399 -21.95 41.93 7.56
CA ASP A 399 -23.18 41.95 6.77
C ASP A 399 -24.14 43.02 7.27
N ALA A 400 -24.25 43.19 8.59
CA ALA A 400 -25.11 44.26 9.12
C ALA A 400 -24.60 45.63 8.70
N LEU A 401 -23.28 45.82 8.72
CA LEU A 401 -22.71 47.09 8.27
C LEU A 401 -22.98 47.32 6.79
N ASN A 402 -22.86 46.28 5.97
CA ASN A 402 -23.18 46.41 4.55
C ASN A 402 -24.64 46.81 4.34
N ALA A 403 -25.55 46.19 5.08
CA ALA A 403 -26.96 46.53 4.93
C ALA A 403 -27.26 47.94 5.41
N THR A 404 -26.56 48.39 6.46
CA THR A 404 -26.71 49.78 6.90
C THR A 404 -26.20 50.75 5.84
N ARG A 405 -25.07 50.45 5.22
CA ARG A 405 -24.58 51.29 4.13
C ARG A 405 -25.59 51.33 2.99
N ALA A 406 -26.18 50.18 2.66
CA ALA A 406 -27.19 50.14 1.62
C ALA A 406 -28.41 50.97 1.98
N ALA A 407 -28.80 50.95 3.25
CA ALA A 407 -29.92 51.78 3.70
C ALA A 407 -29.59 53.26 3.60
N VAL A 408 -28.37 53.63 3.97
CA VAL A 408 -27.94 55.03 3.88
C VAL A 408 -27.95 55.50 2.43
N GLU A 409 -27.42 54.66 1.53
CA GLU A 409 -27.21 55.10 0.14
C GLU A 409 -28.53 55.33 -0.58
N GLU A 410 -29.44 54.37 -0.52
CA GLU A 410 -30.70 54.45 -1.27
C GLU A 410 -31.88 54.84 -0.39
N GLY A 411 -32.11 54.10 0.70
CA GLY A 411 -33.22 54.40 1.58
C GLY A 411 -33.67 53.16 2.31
N ILE A 412 -34.94 53.20 2.75
CA ILE A 412 -35.56 52.09 3.46
C ILE A 412 -36.99 51.91 2.96
N VAL A 413 -37.51 50.71 3.15
CA VAL A 413 -38.90 50.36 2.84
C VAL A 413 -39.45 49.49 3.96
N LEU A 414 -40.76 49.30 3.94
CA LEU A 414 -41.43 48.54 4.99
C LEU A 414 -40.94 47.09 5.02
N GLY A 415 -40.66 46.60 6.23
CA GLY A 415 -40.14 45.26 6.40
C GLY A 415 -41.23 44.21 6.53
N GLY A 416 -40.79 42.98 6.74
CA GLY A 416 -41.71 41.86 6.89
C GLY A 416 -42.37 41.41 5.61
N GLY A 417 -41.79 41.73 4.46
CA GLY A 417 -42.42 41.43 3.19
C GLY A 417 -43.52 42.38 2.79
N CYS A 418 -43.73 43.45 3.55
CA CYS A 418 -44.76 44.43 3.24
C CYS A 418 -44.37 45.33 2.07
N ALA A 419 -43.07 45.53 1.87
CA ALA A 419 -42.61 46.37 0.76
C ALA A 419 -43.03 45.79 -0.58
N LEU A 420 -42.90 44.47 -0.75
CA LEU A 420 -43.31 43.82 -1.98
C LEU A 420 -44.83 43.70 -2.08
N LEU A 421 -45.55 43.84 -0.97
CA LEU A 421 -47.00 43.79 -1.04
C LEU A 421 -47.59 45.10 -1.55
N ARG A 422 -46.97 46.23 -1.22
CA ARG A 422 -47.42 47.51 -1.75
C ARG A 422 -47.05 47.70 -3.21
N CYS A 423 -46.23 46.82 -3.78
CA CYS A 423 -45.87 46.88 -5.19
C CYS A 423 -46.83 46.12 -6.08
N ILE A 424 -47.78 45.38 -5.50
CA ILE A 424 -48.77 44.67 -6.30
C ILE A 424 -49.66 45.60 -7.11
N PRO A 425 -50.19 46.71 -6.57
CA PRO A 425 -51.16 47.50 -7.33
C PRO A 425 -50.67 48.00 -8.68
N ALA A 426 -49.37 48.31 -8.83
CA ALA A 426 -48.90 48.83 -10.10
C ALA A 426 -48.87 47.78 -11.21
N LEU A 427 -48.97 46.49 -10.87
CA LEU A 427 -49.04 45.48 -11.92
C LEU A 427 -50.37 45.49 -12.66
N ASP A 428 -51.37 46.23 -12.15
CA ASP A 428 -52.62 46.37 -12.88
C ASP A 428 -52.49 47.37 -14.03
N SER A 429 -51.66 48.40 -13.86
CA SER A 429 -51.53 49.43 -14.89
C SER A 429 -50.89 48.87 -16.15
N LEU A 430 -49.87 48.03 -16.01
CA LEU A 430 -49.17 47.49 -17.17
C LEU A 430 -50.08 46.59 -17.99
N THR A 431 -49.80 46.53 -19.29
CA THR A 431 -50.52 45.66 -20.20
C THR A 431 -49.53 44.76 -20.93
N PRO A 432 -49.84 43.47 -21.06
CA PRO A 432 -48.92 42.55 -21.74
C PRO A 432 -49.16 42.49 -23.25
N ALA A 433 -48.09 42.18 -23.97
CA ALA A 433 -48.18 42.03 -25.42
C ALA A 433 -49.02 40.82 -25.81
N ASN A 434 -48.80 39.69 -25.15
CA ASN A 434 -49.56 38.48 -25.46
C ASN A 434 -50.07 37.82 -24.19
N GLU A 435 -50.59 36.59 -24.31
CA GLU A 435 -51.11 35.90 -23.15
C GLU A 435 -50.01 35.34 -22.26
N ASP A 436 -48.87 34.95 -22.84
CA ASP A 436 -47.77 34.42 -22.03
C ASP A 436 -47.13 35.51 -21.18
N GLN A 437 -47.06 36.74 -21.69
CA GLN A 437 -46.58 37.85 -20.88
C GLN A 437 -47.53 38.11 -19.71
N LYS A 438 -48.84 37.99 -19.95
CA LYS A 438 -49.80 38.09 -18.85
C LYS A 438 -49.61 36.95 -17.85
N ILE A 439 -49.27 35.76 -18.34
CA ILE A 439 -48.96 34.64 -17.47
C ILE A 439 -47.78 34.97 -16.57
N GLY A 440 -46.74 35.58 -17.14
CA GLY A 440 -45.60 36.00 -16.33
C GLY A 440 -45.97 37.08 -15.33
N ILE A 441 -46.83 38.02 -15.73
CA ILE A 441 -47.31 39.05 -14.80
C ILE A 441 -48.01 38.39 -13.62
N GLU A 442 -48.86 37.41 -13.89
CA GLU A 442 -49.54 36.67 -12.82
C GLU A 442 -48.53 35.93 -11.95
N ILE A 443 -47.54 35.30 -12.56
CA ILE A 443 -46.52 34.58 -11.80
C ILE A 443 -45.84 35.52 -10.81
N ILE A 444 -45.48 36.72 -11.26
CA ILE A 444 -44.82 37.66 -10.36
C ILE A 444 -45.78 38.16 -9.29
N LYS A 445 -47.05 38.38 -9.64
CA LYS A 445 -47.97 38.97 -8.67
C LYS A 445 -48.37 37.97 -7.59
N ARG A 446 -48.38 36.66 -7.91
CA ARG A 446 -48.59 35.64 -6.88
C ARG A 446 -47.31 35.30 -6.14
N THR A 447 -46.26 36.09 -6.32
CA THR A 447 -44.95 35.84 -5.74
C THR A 447 -44.55 36.88 -4.71
N LEU A 448 -45.02 38.12 -4.86
CA LEU A 448 -44.70 39.16 -3.89
C LEU A 448 -45.29 38.87 -2.52
N LYS A 449 -46.33 38.04 -2.46
CA LYS A 449 -46.90 37.62 -1.18
C LYS A 449 -46.08 36.56 -0.48
N ILE A 450 -45.15 35.90 -1.18
CA ILE A 450 -44.44 34.76 -0.60
C ILE A 450 -43.61 35.15 0.62
N PRO A 451 -42.83 36.23 0.62
CA PRO A 451 -42.06 36.55 1.84
C PRO A 451 -42.92 36.82 3.06
N ALA A 452 -44.00 37.60 2.92
CA ALA A 452 -44.87 37.87 4.06
C ALA A 452 -45.57 36.60 4.53
N MET A 453 -46.06 35.77 3.60
CA MET A 453 -46.67 34.51 3.97
C MET A 453 -45.68 33.61 4.71
N THR A 454 -44.44 33.55 4.24
CA THR A 454 -43.42 32.73 4.89
C THR A 454 -43.12 33.22 6.29
N ILE A 455 -42.98 34.54 6.47
CA ILE A 455 -42.69 35.09 7.79
C ILE A 455 -43.84 34.81 8.74
N ALA A 456 -45.09 35.01 8.28
CA ALA A 456 -46.24 34.74 9.12
C ALA A 456 -46.36 33.26 9.46
N LYS A 457 -46.13 32.37 8.49
CA LYS A 457 -46.18 30.94 8.75
C LYS A 457 -45.15 30.53 9.79
N ASN A 458 -43.95 31.10 9.70
CA ASN A 458 -42.95 30.81 10.72
C ASN A 458 -43.37 31.34 12.08
N ALA A 459 -44.12 32.45 12.12
CA ALA A 459 -44.66 32.94 13.38
C ALA A 459 -45.73 32.02 13.96
N GLY A 460 -46.23 31.06 13.18
CA GLY A 460 -47.25 30.13 13.64
C GLY A 460 -48.64 30.43 13.14
N VAL A 461 -48.87 31.60 12.56
CA VAL A 461 -50.19 31.99 12.09
C VAL A 461 -50.36 31.58 10.63
N GLU A 462 -51.61 31.58 10.17
CA GLU A 462 -51.95 31.18 8.80
C GLU A 462 -51.71 32.36 7.88
N GLY A 463 -50.55 32.38 7.22
CA GLY A 463 -50.07 33.59 6.57
C GLY A 463 -50.99 34.13 5.49
N SER A 464 -51.84 33.29 4.91
CA SER A 464 -52.75 33.75 3.87
C SER A 464 -53.71 34.82 4.40
N LEU A 465 -54.31 34.56 5.56
CA LEU A 465 -55.23 35.53 6.15
C LEU A 465 -54.51 36.82 6.53
N ILE A 466 -53.29 36.70 7.04
CA ILE A 466 -52.52 37.89 7.42
C ILE A 466 -52.21 38.74 6.19
N VAL A 467 -51.77 38.12 5.09
CA VAL A 467 -51.47 38.93 3.92
C VAL A 467 -52.74 39.50 3.31
N GLU A 468 -53.87 38.79 3.42
CA GLU A 468 -55.13 39.36 2.97
C GLU A 468 -55.49 40.61 3.78
N LYS A 469 -55.33 40.54 5.10
CA LYS A 469 -55.57 41.70 5.94
C LYS A 469 -54.61 42.84 5.59
N ILE A 470 -53.35 42.50 5.33
CA ILE A 470 -52.35 43.52 5.02
C ILE A 470 -52.71 44.25 3.73
N MET A 471 -53.13 43.49 2.71
CA MET A 471 -53.57 44.11 1.46
C MET A 471 -54.81 44.94 1.68
N GLN A 472 -55.75 44.45 2.49
CA GLN A 472 -56.96 45.22 2.78
C GLN A 472 -56.65 46.47 3.60
N SER A 473 -55.68 46.37 4.51
CA SER A 473 -55.37 47.47 5.41
C SER A 473 -54.69 48.61 4.63
N SER A 474 -54.31 49.65 5.36
CA SER A 474 -53.74 50.85 4.76
C SER A 474 -52.29 50.58 4.34
N SER A 475 -51.60 51.63 3.90
CA SER A 475 -50.26 51.51 3.34
C SER A 475 -49.16 51.89 4.33
N GLU A 476 -49.50 52.13 5.60
CA GLU A 476 -48.50 52.48 6.59
C GLU A 476 -48.32 51.44 7.69
N VAL A 477 -49.30 50.56 7.89
CA VAL A 477 -49.22 49.54 8.93
C VAL A 477 -49.08 48.18 8.28
N GLY A 478 -48.45 47.26 9.01
CA GLY A 478 -48.28 45.90 8.57
C GLY A 478 -48.26 44.93 9.74
N TYR A 479 -47.99 43.66 9.47
CA TYR A 479 -48.08 42.61 10.48
C TYR A 479 -46.72 42.42 11.16
N ASP A 480 -46.73 42.43 12.48
CA ASP A 480 -45.55 42.18 13.28
C ASP A 480 -45.54 40.71 13.71
N ALA A 481 -44.39 40.06 13.60
CA ALA A 481 -44.28 38.67 13.99
C ALA A 481 -43.77 38.50 15.41
N MET A 482 -42.96 39.44 15.90
CA MET A 482 -42.53 39.38 17.30
C MET A 482 -43.73 39.55 18.24
N ALA A 483 -44.63 40.46 17.92
CA ALA A 483 -45.80 40.71 18.76
C ALA A 483 -47.07 40.07 18.23
N GLY A 484 -47.07 39.58 16.99
CA GLY A 484 -48.24 38.92 16.44
C GLY A 484 -49.45 39.82 16.29
N ASP A 485 -49.25 41.05 15.83
CA ASP A 485 -50.35 41.98 15.61
C ASP A 485 -50.00 42.93 14.48
N PHE A 486 -51.03 43.49 13.86
CA PHE A 486 -50.85 44.47 12.80
C PHE A 486 -50.51 45.82 13.44
N VAL A 487 -49.27 46.29 13.21
CA VAL A 487 -48.79 47.52 13.81
C VAL A 487 -48.30 48.44 12.72
N ASN A 488 -48.05 49.70 13.10
CA ASN A 488 -47.42 50.67 12.20
C ASN A 488 -45.96 50.30 12.03
N MET A 489 -45.60 49.83 10.83
CA MET A 489 -44.27 49.26 10.63
C MET A 489 -43.18 50.31 10.74
N VAL A 490 -43.44 51.53 10.26
CA VAL A 490 -42.37 52.50 10.05
C VAL A 490 -41.75 52.92 11.38
N GLU A 491 -42.56 53.21 12.39
CA GLU A 491 -42.04 53.66 13.68
C GLU A 491 -41.85 52.52 14.67
N LYS A 492 -42.37 51.33 14.38
CA LYS A 492 -42.09 50.17 15.21
C LYS A 492 -40.63 49.75 15.12
N GLY A 493 -39.94 50.16 14.05
CA GLY A 493 -38.55 49.80 13.83
C GLY A 493 -38.33 48.68 12.85
N ILE A 494 -39.37 48.22 12.16
CA ILE A 494 -39.27 47.09 11.25
C ILE A 494 -39.14 47.67 9.84
N ILE A 495 -37.90 47.87 9.42
CA ILE A 495 -37.57 48.49 8.14
C ILE A 495 -36.33 47.81 7.60
N ASP A 496 -36.26 47.65 6.29
CA ASP A 496 -35.07 47.14 5.62
C ASP A 496 -34.71 48.04 4.45
N PRO A 497 -33.44 48.04 4.04
CA PRO A 497 -33.03 48.89 2.92
C PRO A 497 -33.74 48.53 1.62
N THR A 498 -33.92 49.54 0.77
CA THR A 498 -34.47 49.32 -0.56
C THR A 498 -33.56 48.41 -1.40
N LYS A 499 -32.24 48.51 -1.17
CA LYS A 499 -31.29 47.76 -1.98
C LYS A 499 -31.45 46.26 -1.81
N VAL A 500 -31.70 45.80 -0.57
CA VAL A 500 -31.80 44.36 -0.36
C VAL A 500 -33.02 43.79 -1.08
N VAL A 501 -34.14 44.50 -1.03
CA VAL A 501 -35.34 44.01 -1.69
C VAL A 501 -35.17 44.04 -3.20
N ARG A 502 -34.59 45.12 -3.72
CA ARG A 502 -34.32 45.20 -5.15
C ARG A 502 -33.43 44.05 -5.61
N THR A 503 -32.31 43.85 -4.91
CA THR A 503 -31.35 42.83 -5.31
C THR A 503 -31.95 41.44 -5.18
N ALA A 504 -32.73 41.21 -4.13
CA ALA A 504 -33.36 39.89 -3.95
C ALA A 504 -34.33 39.59 -5.09
N LEU A 505 -35.18 40.56 -5.43
CA LEU A 505 -36.13 40.34 -6.52
C LEU A 505 -35.42 40.14 -7.85
N LEU A 506 -34.40 40.95 -8.13
CA LEU A 506 -33.66 40.81 -9.38
C LEU A 506 -32.97 39.47 -9.47
N ASP A 507 -32.24 39.08 -8.43
CA ASP A 507 -31.50 37.83 -8.44
C ASP A 507 -32.43 36.63 -8.52
N ALA A 508 -33.55 36.68 -7.79
CA ALA A 508 -34.53 35.60 -7.85
C ALA A 508 -35.11 35.45 -9.24
N ALA A 509 -35.50 36.56 -9.86
CA ALA A 509 -36.05 36.49 -11.22
C ALA A 509 -35.01 35.96 -12.21
N GLY A 510 -33.76 36.42 -12.09
CA GLY A 510 -32.73 35.95 -13.00
C GLY A 510 -32.49 34.45 -12.89
N VAL A 511 -32.30 33.96 -11.67
CA VAL A 511 -32.00 32.53 -11.52
C VAL A 511 -33.23 31.69 -11.84
N ALA A 512 -34.44 32.20 -11.56
CA ALA A 512 -35.64 31.44 -11.90
C ALA A 512 -35.80 31.32 -13.41
N SER A 513 -35.55 32.40 -14.13
CA SER A 513 -35.58 32.33 -15.59
C SER A 513 -34.52 31.37 -16.12
N LEU A 514 -33.32 31.41 -15.53
CA LEU A 514 -32.27 30.49 -15.96
C LEU A 514 -32.66 29.04 -15.70
N LEU A 515 -33.29 28.76 -14.56
CA LEU A 515 -33.72 27.40 -14.26
C LEU A 515 -34.81 26.93 -15.22
N THR A 516 -35.75 27.82 -15.55
CA THR A 516 -36.87 27.41 -16.39
C THR A 516 -36.58 27.50 -17.89
N THR A 517 -35.44 28.04 -18.29
CA THR A 517 -35.12 28.14 -19.71
C THR A 517 -33.85 27.39 -20.11
N ALA A 518 -33.17 26.74 -19.17
CA ALA A 518 -31.99 25.96 -19.53
C ALA A 518 -32.41 24.71 -20.29
N GLU A 519 -31.75 24.47 -21.42
CA GLU A 519 -32.16 23.42 -22.33
C GLU A 519 -31.36 22.14 -22.19
N VAL A 520 -30.07 22.23 -21.87
CA VAL A 520 -29.19 21.08 -21.74
C VAL A 520 -28.44 21.21 -20.42
N VAL A 521 -28.29 20.09 -19.72
CA VAL A 521 -27.55 20.06 -18.46
C VAL A 521 -26.56 18.89 -18.54
N VAL A 522 -25.28 19.20 -18.43
CA VAL A 522 -24.20 18.23 -18.60
C VAL A 522 -23.56 18.00 -17.25
N THR A 523 -23.56 16.74 -16.79
CA THR A 523 -22.96 16.38 -15.50
C THR A 523 -22.06 15.17 -15.69
N GLU A 524 -21.02 15.11 -14.87
CA GLU A 524 -20.13 13.97 -14.85
C GLU A 524 -20.85 12.74 -14.31
N ILE A 525 -20.48 11.57 -14.82
CA ILE A 525 -21.08 10.34 -14.33
C ILE A 525 -20.67 10.11 -12.88
N PRO A 526 -21.57 9.63 -12.00
CA PRO A 526 -21.24 9.41 -10.59
C PRO A 526 -20.33 8.21 -10.40
N GLY B 1 -19.23 20.67 0.85
CA GLY B 1 -18.94 19.77 -0.26
C GLY B 1 -19.45 18.37 -0.01
N SER B 2 -19.58 18.01 1.26
CA SER B 2 -20.08 16.70 1.62
C SER B 2 -21.58 16.60 1.35
N ALA B 3 -22.01 15.51 0.73
CA ALA B 3 -23.42 15.33 0.42
C ALA B 3 -24.20 15.10 1.71
N LYS B 4 -25.40 15.65 1.78
CA LYS B 4 -26.19 15.65 2.99
C LYS B 4 -27.54 14.99 2.75
N ASP B 5 -28.10 14.46 3.83
CA ASP B 5 -29.48 14.01 3.87
C ASP B 5 -30.28 14.99 4.73
N VAL B 6 -31.38 15.49 4.19
CA VAL B 6 -32.17 16.52 4.85
C VAL B 6 -33.55 15.95 5.14
N LYS B 7 -33.95 15.97 6.40
CA LYS B 7 -35.24 15.50 6.85
C LYS B 7 -36.03 16.64 7.46
N PHE B 8 -37.33 16.61 7.27
CA PHE B 8 -38.21 17.73 7.61
C PHE B 8 -39.29 17.29 8.60
N GLY B 9 -39.53 18.13 9.60
CA GLY B 9 -40.71 17.98 10.43
C GLY B 9 -40.70 16.74 11.29
N ALA B 10 -41.89 16.15 11.45
CA ALA B 10 -42.05 14.99 12.33
C ALA B 10 -41.24 13.80 11.84
N ASP B 11 -40.98 13.70 10.55
CA ASP B 11 -40.18 12.61 10.02
C ASP B 11 -38.72 12.68 10.49
N ALA B 12 -38.33 13.75 11.16
CA ALA B 12 -37.03 13.91 11.80
C ALA B 12 -37.14 13.99 13.31
N ARG B 13 -38.14 14.73 13.80
CA ARG B 13 -38.39 14.79 15.23
C ARG B 13 -38.64 13.41 15.83
N ALA B 14 -39.33 12.53 15.08
CA ALA B 14 -39.58 11.18 15.59
C ALA B 14 -38.28 10.42 15.82
N LEU B 15 -37.36 10.48 14.87
CA LEU B 15 -36.08 9.79 15.01
C LEU B 15 -35.25 10.39 16.14
N MET B 16 -35.19 11.72 16.21
CA MET B 16 -34.49 12.36 17.31
C MET B 16 -35.08 11.94 18.66
N LEU B 17 -36.40 11.83 18.75
CA LEU B 17 -37.02 11.38 19.99
C LEU B 17 -36.68 9.93 20.28
N GLN B 18 -36.54 9.10 19.25
CA GLN B 18 -36.09 7.72 19.49
C GLN B 18 -34.69 7.71 20.09
N GLY B 19 -33.80 8.55 19.57
CA GLY B 19 -32.48 8.68 20.17
C GLY B 19 -32.51 9.11 21.62
N VAL B 20 -33.33 10.12 21.93
CA VAL B 20 -33.36 10.63 23.31
C VAL B 20 -34.04 9.62 24.22
N ASP B 21 -34.95 8.80 23.68
CA ASP B 21 -35.55 7.74 24.46
C ASP B 21 -34.54 6.66 24.81
N LEU B 22 -33.70 6.26 23.85
CA LEU B 22 -32.65 5.30 24.18
C LEU B 22 -31.71 5.86 25.23
N LEU B 23 -31.27 7.12 25.07
CA LEU B 23 -30.36 7.72 26.03
C LEU B 23 -30.98 7.79 27.43
N ALA B 24 -32.21 8.29 27.52
CA ALA B 24 -32.88 8.45 28.79
C ALA B 24 -33.21 7.12 29.44
N ASP B 25 -33.58 6.11 28.66
CA ASP B 25 -33.82 4.79 29.22
C ASP B 25 -32.54 4.21 29.81
N ALA B 26 -31.41 4.40 29.14
CA ALA B 26 -30.17 3.86 29.66
C ALA B 26 -29.71 4.62 30.91
N VAL B 27 -29.94 5.93 30.98
CA VAL B 27 -29.44 6.69 32.13
C VAL B 27 -30.46 6.79 33.26
N ALA B 28 -31.71 6.42 33.03
CA ALA B 28 -32.74 6.55 34.05
C ALA B 28 -32.61 5.47 35.10
N VAL B 29 -32.16 4.28 34.70
CA VAL B 29 -32.03 3.15 35.62
C VAL B 29 -31.03 3.46 36.72
N THR B 30 -30.06 4.32 36.45
CA THR B 30 -29.00 4.65 37.40
C THR B 30 -29.35 5.81 38.31
N MET B 31 -30.63 6.12 38.48
CA MET B 31 -31.04 7.34 39.16
C MET B 31 -31.48 7.04 40.59
N GLY B 32 -30.98 7.84 41.52
CA GLY B 32 -31.30 7.67 42.92
C GLY B 32 -30.14 7.11 43.70
N PRO B 33 -30.34 6.89 45.00
CA PRO B 33 -29.35 6.17 45.80
C PRO B 33 -29.28 4.70 45.39
N LYS B 34 -30.46 4.09 45.30
CA LYS B 34 -30.62 2.77 44.70
C LYS B 34 -30.76 2.96 43.20
N GLY B 35 -29.64 2.98 42.50
CA GLY B 35 -29.61 3.10 41.05
C GLY B 35 -29.13 1.78 40.45
N ARG B 36 -29.67 1.44 39.29
CA ARG B 36 -29.37 0.14 38.71
C ARG B 36 -27.98 0.16 38.08
N THR B 37 -27.63 -0.96 37.44
CA THR B 37 -26.27 -1.24 37.02
C THR B 37 -26.18 -1.25 35.49
N VAL B 38 -25.13 -0.64 34.97
CA VAL B 38 -24.85 -0.61 33.54
C VAL B 38 -23.47 -1.19 33.32
N ILE B 39 -23.38 -2.18 32.44
CA ILE B 39 -22.11 -2.75 32.01
C ILE B 39 -21.77 -2.12 30.66
N ILE B 40 -20.64 -1.42 30.60
CA ILE B 40 -20.18 -0.76 29.39
C ILE B 40 -18.97 -1.51 28.87
N GLU B 41 -19.10 -2.05 27.65
CA GLU B 41 -18.02 -2.80 27.01
C GLU B 41 -16.82 -1.92 26.76
N GLN B 42 -15.69 -2.27 27.38
CA GLN B 42 -14.42 -1.63 27.15
C GLN B 42 -13.71 -2.41 26.05
N SER B 43 -13.30 -1.70 25.00
CA SER B 43 -12.73 -2.36 23.83
C SER B 43 -11.25 -2.69 24.00
N TRP B 44 -10.71 -2.58 25.20
CA TRP B 44 -9.32 -2.89 25.45
C TRP B 44 -9.08 -3.79 26.66
N GLY B 45 -10.02 -3.84 27.61
CA GLY B 45 -9.84 -4.65 28.79
C GLY B 45 -11.09 -5.40 29.20
N SER B 46 -11.49 -5.25 30.44
CA SER B 46 -12.66 -5.80 31.08
C SER B 46 -13.81 -4.80 31.04
N PRO B 47 -15.06 -5.27 31.06
CA PRO B 47 -16.18 -4.33 30.99
C PRO B 47 -16.23 -3.41 32.20
N LYS B 48 -16.84 -2.24 32.00
CA LYS B 48 -16.94 -1.22 33.04
C LYS B 48 -18.34 -1.26 33.64
N VAL B 49 -18.41 -1.62 34.92
CA VAL B 49 -19.66 -1.74 35.64
C VAL B 49 -19.86 -0.48 36.47
N THR B 50 -20.95 0.25 36.20
CA THR B 50 -21.15 1.56 36.80
C THR B 50 -22.62 1.74 37.18
N LYS B 51 -22.84 2.57 38.19
CA LYS B 51 -24.17 3.00 38.61
C LYS B 51 -24.29 4.52 38.54
N ASP B 52 -23.45 5.14 37.73
CA ASP B 52 -23.29 6.59 37.70
C ASP B 52 -23.72 7.08 36.33
N GLY B 53 -24.72 7.96 36.31
CA GLY B 53 -25.40 8.31 35.07
C GLY B 53 -24.59 9.15 34.10
N VAL B 54 -23.55 9.83 34.59
CA VAL B 54 -22.76 10.64 33.67
C VAL B 54 -21.90 9.76 32.78
N THR B 55 -21.37 8.67 33.33
CA THR B 55 -20.63 7.69 32.55
C THR B 55 -21.54 6.98 31.55
N VAL B 56 -22.72 6.57 32.00
CA VAL B 56 -23.68 5.92 31.11
C VAL B 56 -24.03 6.85 29.96
N ALA B 57 -24.29 8.12 30.26
CA ALA B 57 -24.65 9.08 29.22
C ALA B 57 -23.51 9.29 28.24
N LYS B 58 -22.32 9.54 28.74
CA LYS B 58 -21.16 9.74 27.87
C LYS B 58 -20.76 8.48 27.13
N SER B 59 -21.31 7.34 27.51
CA SER B 59 -20.98 6.04 26.92
C SER B 59 -21.83 5.69 25.71
N ILE B 60 -22.75 6.56 25.29
CA ILE B 60 -23.82 6.18 24.37
C ILE B 60 -23.67 6.98 23.09
N ASP B 61 -23.40 6.28 21.99
CA ASP B 61 -23.40 6.85 20.65
C ASP B 61 -24.20 5.93 19.76
N LEU B 62 -25.24 6.44 19.13
CA LEU B 62 -26.11 5.64 18.30
C LEU B 62 -25.57 5.59 16.87
N LYS B 63 -25.91 4.52 16.15
CA LYS B 63 -25.45 4.32 14.80
C LYS B 63 -26.24 5.13 13.78
N ASP B 64 -27.43 5.58 14.13
CA ASP B 64 -28.29 6.35 13.23
C ASP B 64 -28.03 7.82 13.49
N LYS B 65 -27.93 8.60 12.42
CA LYS B 65 -27.52 10.00 12.53
C LYS B 65 -28.55 10.83 13.28
N TYR B 66 -29.83 10.67 12.95
CA TYR B 66 -30.87 11.50 13.56
C TYR B 66 -31.06 11.14 15.03
N LYS B 67 -31.09 9.84 15.33
CA LYS B 67 -31.16 9.41 16.73
C LYS B 67 -29.93 9.86 17.49
N ASN B 68 -28.76 9.75 16.86
CA ASN B 68 -27.53 10.17 17.52
C ASN B 68 -27.52 11.66 17.80
N ILE B 69 -28.11 12.47 16.93
CA ILE B 69 -28.05 13.90 17.22
C ILE B 69 -29.11 14.29 18.23
N GLY B 70 -30.26 13.62 18.28
CA GLY B 70 -31.18 13.84 19.39
C GLY B 70 -30.54 13.48 20.72
N ALA B 71 -29.89 12.31 20.76
CA ALA B 71 -29.18 11.88 21.95
C ALA B 71 -28.08 12.85 22.32
N LYS B 72 -27.35 13.37 21.33
CA LYS B 72 -26.26 14.30 21.60
C LYS B 72 -26.78 15.64 22.11
N LEU B 73 -27.92 16.09 21.60
CA LEU B 73 -28.52 17.32 22.13
C LEU B 73 -28.85 17.18 23.61
N VAL B 74 -29.55 16.11 23.97
CA VAL B 74 -29.90 15.92 25.37
C VAL B 74 -28.65 15.65 26.21
N GLN B 75 -27.65 14.98 25.64
CA GLN B 75 -26.41 14.71 26.33
C GLN B 75 -25.66 15.99 26.67
N ASP B 76 -25.55 16.90 25.70
CA ASP B 76 -24.82 18.14 25.94
C ASP B 76 -25.58 19.03 26.91
N VAL B 77 -26.92 19.00 26.86
CA VAL B 77 -27.68 19.76 27.84
C VAL B 77 -27.47 19.23 29.25
N ALA B 78 -27.49 17.90 29.42
CA ALA B 78 -27.22 17.31 30.73
C ALA B 78 -25.80 17.60 31.20
N ASN B 79 -24.83 17.55 30.27
CA ASN B 79 -23.46 17.94 30.59
C ASN B 79 -23.36 19.39 31.05
N ASN B 80 -24.13 20.29 30.43
CA ASN B 80 -24.14 21.66 30.89
C ASN B 80 -24.71 21.78 32.30
N THR B 81 -25.76 21.02 32.60
CA THR B 81 -26.28 21.01 33.97
C THR B 81 -25.24 20.52 34.96
N ASN B 82 -24.51 19.46 34.59
CA ASN B 82 -23.47 18.90 35.44
C ASN B 82 -22.27 19.82 35.60
N GLU B 83 -21.93 20.58 34.57
CA GLU B 83 -20.75 21.43 34.60
C GLU B 83 -21.03 22.83 35.10
N GLU B 84 -22.29 23.22 35.22
CA GLU B 84 -22.62 24.49 35.85
C GLU B 84 -23.27 24.34 37.22
N ALA B 85 -23.60 23.12 37.65
CA ALA B 85 -24.09 22.91 39.00
C ALA B 85 -23.48 21.73 39.73
N GLY B 86 -22.75 20.84 39.05
CA GLY B 86 -22.11 19.73 39.72
C GLY B 86 -22.97 18.51 39.97
N ASP B 87 -24.26 18.57 39.64
CA ASP B 87 -25.18 17.47 39.87
C ASP B 87 -26.46 17.72 39.11
N GLY B 88 -26.98 16.70 38.43
CA GLY B 88 -28.26 16.85 37.74
C GLY B 88 -28.29 16.40 36.29
N THR B 89 -27.32 15.59 35.88
CA THR B 89 -27.31 15.04 34.53
C THR B 89 -28.51 14.12 34.30
N THR B 90 -28.73 13.17 35.21
CA THR B 90 -29.79 12.19 35.01
C THR B 90 -31.16 12.81 35.21
N THR B 91 -31.30 13.71 36.18
CA THR B 91 -32.58 14.37 36.39
C THR B 91 -32.95 15.24 35.21
N ALA B 92 -32.00 16.00 34.68
CA ALA B 92 -32.24 16.78 33.47
C ALA B 92 -32.59 15.89 32.30
N THR B 93 -31.90 14.75 32.16
CA THR B 93 -32.18 13.85 31.04
C THR B 93 -33.59 13.28 31.11
N VAL B 94 -34.02 12.86 32.30
CA VAL B 94 -35.34 12.23 32.40
C VAL B 94 -36.43 13.28 32.24
N LEU B 95 -36.23 14.48 32.78
CA LEU B 95 -37.19 15.56 32.58
C LEU B 95 -37.27 15.97 31.12
N ALA B 96 -36.13 16.05 30.45
CA ALA B 96 -36.10 16.42 29.05
C ALA B 96 -36.84 15.41 28.20
N ARG B 97 -36.60 14.11 28.44
CA ARG B 97 -37.31 13.10 27.68
C ARG B 97 -38.81 13.14 27.96
N SER B 98 -39.19 13.31 29.23
CA SER B 98 -40.61 13.41 29.56
C SER B 98 -41.27 14.54 28.79
N ILE B 99 -40.70 15.75 28.89
CA ILE B 99 -41.29 16.92 28.26
C ILE B 99 -41.33 16.75 26.74
N ALA B 100 -40.25 16.23 26.16
CA ALA B 100 -40.20 16.08 24.71
C ALA B 100 -41.22 15.06 24.22
N LYS B 101 -41.33 13.91 24.89
CA LYS B 101 -42.31 12.90 24.50
C LYS B 101 -43.73 13.43 24.61
N GLU B 102 -44.03 14.13 25.71
CA GLU B 102 -45.39 14.63 25.88
C GLU B 102 -45.71 15.73 24.88
N GLY B 103 -44.76 16.62 24.61
CA GLY B 103 -44.97 17.62 23.58
C GLY B 103 -45.15 17.01 22.21
N PHE B 104 -44.37 15.98 21.89
CA PHE B 104 -44.50 15.33 20.60
C PHE B 104 -45.87 14.68 20.44
N GLU B 105 -46.37 14.05 21.52
CA GLU B 105 -47.65 13.38 21.43
C GLU B 105 -48.80 14.39 21.38
N LYS B 106 -48.64 15.55 22.02
CA LYS B 106 -49.69 16.57 21.94
C LYS B 106 -49.67 17.29 20.60
N ILE B 107 -48.49 17.48 20.00
CA ILE B 107 -48.38 18.16 18.71
C ILE B 107 -48.86 17.25 17.59
N SER B 108 -48.54 15.96 17.64
CA SER B 108 -49.00 15.04 16.61
C SER B 108 -50.52 14.97 16.54
N LYS B 109 -51.22 15.36 17.62
CA LYS B 109 -52.67 15.47 17.57
C LYS B 109 -53.13 16.70 16.82
N GLY B 110 -52.24 17.65 16.55
CA GLY B 110 -52.59 18.82 15.78
C GLY B 110 -52.45 20.13 16.53
N ALA B 111 -51.62 20.14 17.57
CA ALA B 111 -51.43 21.34 18.36
C ALA B 111 -50.37 22.23 17.75
N ASN B 112 -50.27 23.45 18.29
CA ASN B 112 -49.29 24.42 17.82
C ASN B 112 -48.05 24.34 18.69
N PRO B 113 -46.88 24.08 18.12
CA PRO B 113 -45.66 24.01 18.94
C PRO B 113 -45.34 25.31 19.68
N VAL B 114 -45.59 26.46 19.04
CA VAL B 114 -45.30 27.74 19.67
C VAL B 114 -46.10 27.92 20.96
N GLU B 115 -47.40 27.63 20.90
CA GLU B 115 -48.26 27.82 22.07
C GLU B 115 -47.96 26.82 23.16
N ILE B 116 -47.66 25.56 22.78
CA ILE B 116 -47.26 24.56 23.76
C ILE B 116 -45.98 24.98 24.45
N ARG B 117 -45.01 25.46 23.68
CA ARG B 117 -43.76 25.93 24.27
C ARG B 117 -43.99 27.10 25.21
N ARG B 118 -44.93 27.98 24.86
CA ARG B 118 -45.22 29.12 25.73
C ARG B 118 -45.82 28.66 27.05
N GLY B 119 -46.77 27.72 26.98
CA GLY B 119 -47.30 27.15 28.22
C GLY B 119 -46.24 26.47 29.06
N VAL B 120 -45.35 25.72 28.40
CA VAL B 120 -44.28 25.04 29.12
C VAL B 120 -43.36 26.04 29.81
N MET B 121 -43.03 27.13 29.12
CA MET B 121 -42.12 28.12 29.70
C MET B 121 -42.75 28.83 30.88
N LEU B 122 -44.04 29.18 30.77
CA LEU B 122 -44.72 29.79 31.92
C LEU B 122 -44.79 28.83 33.10
N ALA B 123 -45.08 27.55 32.84
CA ALA B 123 -45.11 26.56 33.91
C ALA B 123 -43.74 26.43 34.59
N VAL B 124 -42.68 26.35 33.79
CA VAL B 124 -41.34 26.23 34.34
C VAL B 124 -40.99 27.45 35.17
N ASP B 125 -41.37 28.63 34.70
CA ASP B 125 -41.09 29.85 35.46
C ASP B 125 -41.82 29.84 36.80
N ALA B 126 -43.08 29.41 36.81
CA ALA B 126 -43.80 29.30 38.08
C ALA B 126 -43.12 28.30 39.03
N VAL B 127 -42.70 27.16 38.49
CA VAL B 127 -42.05 26.14 39.31
C VAL B 127 -40.76 26.68 39.92
N ILE B 128 -39.96 27.39 39.11
CA ILE B 128 -38.70 27.91 39.60
C ILE B 128 -38.93 29.02 40.63
N ALA B 129 -39.98 29.82 40.43
CA ALA B 129 -40.35 30.81 41.42
C ALA B 129 -40.65 30.13 42.77
N GLU B 130 -41.44 29.05 42.75
CA GLU B 130 -41.73 28.37 44.00
C GLU B 130 -40.50 27.67 44.57
N LEU B 131 -39.60 27.19 43.71
CA LEU B 131 -38.35 26.60 44.19
C LEU B 131 -37.52 27.63 44.95
N LYS B 132 -37.37 28.82 44.39
CA LYS B 132 -36.71 29.91 45.12
C LYS B 132 -37.49 30.28 46.38
N LYS B 133 -38.82 30.13 46.34
CA LYS B 133 -39.64 30.51 47.48
C LYS B 133 -39.48 29.54 48.64
N GLN B 134 -39.19 28.28 48.37
CA GLN B 134 -39.12 27.25 49.40
C GLN B 134 -37.69 26.86 49.77
N SER B 135 -36.70 27.62 49.30
CA SER B 135 -35.31 27.30 49.58
C SER B 135 -34.90 27.81 50.96
N LYS B 136 -34.05 27.05 51.63
CA LYS B 136 -33.45 27.44 52.90
C LYS B 136 -31.93 27.44 52.77
N PRO B 137 -31.24 28.32 53.47
CA PRO B 137 -29.78 28.39 53.38
C PRO B 137 -29.11 27.37 54.30
N VAL B 138 -27.80 27.28 54.17
CA VAL B 138 -27.01 26.39 55.01
C VAL B 138 -26.61 27.12 56.28
N THR B 139 -26.81 26.48 57.43
CA THR B 139 -26.59 27.10 58.73
C THR B 139 -25.58 26.35 59.60
N THR B 140 -25.07 25.21 59.15
CA THR B 140 -24.15 24.41 59.95
C THR B 140 -23.29 23.58 59.00
N PRO B 141 -22.06 23.22 59.42
CA PRO B 141 -21.22 22.35 58.57
C PRO B 141 -21.81 20.98 58.34
N GLU B 142 -22.76 20.54 59.19
CA GLU B 142 -23.39 19.24 58.96
C GLU B 142 -24.13 19.21 57.63
N GLU B 143 -24.84 20.30 57.30
CA GLU B 143 -25.55 20.36 56.03
C GLU B 143 -24.58 20.43 54.85
N ILE B 144 -23.44 21.09 55.04
CA ILE B 144 -22.39 21.06 54.02
C ILE B 144 -21.94 19.63 53.77
N ALA B 145 -21.72 18.87 54.83
CA ALA B 145 -21.32 17.47 54.67
C ALA B 145 -22.41 16.67 53.98
N GLN B 146 -23.67 16.90 54.33
CA GLN B 146 -24.78 16.18 53.72
C GLN B 146 -24.85 16.44 52.22
N VAL B 147 -24.78 17.71 51.82
CA VAL B 147 -24.90 18.03 50.40
C VAL B 147 -23.67 17.55 49.64
N ALA B 148 -22.49 17.58 50.26
CA ALA B 148 -21.29 17.07 49.58
C ALA B 148 -21.37 15.56 49.40
N THR B 149 -21.90 14.85 50.40
CA THR B 149 -22.01 13.40 50.29
C THR B 149 -23.06 13.00 49.26
N ILE B 150 -24.17 13.73 49.19
CA ILE B 150 -25.17 13.43 48.16
C ILE B 150 -24.63 13.73 46.77
N SER B 151 -23.93 14.86 46.62
CA SER B 151 -23.39 15.23 45.33
C SER B 151 -22.23 14.35 44.89
N ALA B 152 -21.72 13.48 45.76
CA ALA B 152 -20.65 12.55 45.40
C ALA B 152 -21.17 11.11 45.32
N ASN B 153 -22.46 10.94 45.10
CA ASN B 153 -23.11 9.63 45.00
C ASN B 153 -22.79 8.76 46.20
N GLY B 154 -23.07 9.31 47.38
CA GLY B 154 -23.02 8.54 48.61
C GLY B 154 -21.66 8.45 49.26
N ASP B 155 -20.60 8.91 48.60
CA ASP B 155 -19.25 8.83 49.13
C ASP B 155 -19.15 9.67 50.41
N LYS B 156 -19.01 9.00 51.56
CA LYS B 156 -18.87 9.70 52.82
C LYS B 156 -17.54 10.42 52.94
N GLU B 157 -16.51 9.96 52.22
CA GLU B 157 -15.18 10.51 52.38
C GLU B 157 -15.03 11.84 51.65
N ILE B 158 -15.66 11.96 50.48
CA ILE B 158 -15.66 13.23 49.77
C ILE B 158 -16.45 14.28 50.54
N GLY B 159 -17.63 13.90 51.02
CA GLY B 159 -18.39 14.80 51.87
C GLY B 159 -17.61 15.24 53.08
N ASN B 160 -16.91 14.30 53.73
CA ASN B 160 -16.15 14.63 54.92
C ASN B 160 -15.00 15.60 54.62
N ILE B 161 -14.24 15.34 53.55
CA ILE B 161 -13.11 16.22 53.25
C ILE B 161 -13.60 17.60 52.84
N ILE B 162 -14.68 17.68 52.08
CA ILE B 162 -15.20 18.98 51.66
C ILE B 162 -15.74 19.76 52.86
N SER B 163 -16.45 19.07 53.77
CA SER B 163 -16.94 19.75 54.96
C SER B 163 -15.79 20.22 55.85
N ASP B 164 -14.73 19.41 55.96
CA ASP B 164 -13.60 19.82 56.79
C ASP B 164 -12.85 20.99 56.17
N ALA B 165 -12.74 21.02 54.84
CA ALA B 165 -12.10 22.14 54.17
C ALA B 165 -12.93 23.41 54.33
N MET B 166 -14.26 23.29 54.25
CA MET B 166 -15.11 24.45 54.47
C MET B 166 -15.06 24.92 55.91
N LYS B 167 -14.90 24.00 56.86
CA LYS B 167 -14.71 24.39 58.25
C LYS B 167 -13.39 25.14 58.43
N LYS B 168 -12.32 24.65 57.79
CA LYS B 168 -11.01 25.25 57.98
C LYS B 168 -10.91 26.62 57.29
N VAL B 169 -11.42 26.75 56.08
CA VAL B 169 -11.24 27.99 55.32
C VAL B 169 -12.48 28.86 55.44
N GLY B 170 -13.62 28.35 55.03
CA GLY B 170 -14.87 29.06 55.14
C GLY B 170 -15.85 28.59 54.09
N ARG B 171 -17.14 28.92 54.31
CA ARG B 171 -18.17 28.57 53.36
C ARG B 171 -18.07 29.36 52.07
N LYS B 172 -17.29 30.44 52.04
CA LYS B 172 -17.06 31.25 50.86
C LYS B 172 -15.57 31.51 50.68
N GLY B 173 -14.79 30.44 50.79
CA GLY B 173 -13.35 30.53 50.69
C GLY B 173 -12.83 29.74 49.49
N VAL B 174 -11.51 29.77 49.35
CA VAL B 174 -10.84 29.17 48.20
C VAL B 174 -10.54 27.71 48.50
N ILE B 175 -11.18 26.80 47.76
CA ILE B 175 -10.90 25.38 47.81
C ILE B 175 -10.59 24.92 46.40
N THR B 176 -9.47 24.21 46.23
CA THR B 176 -9.07 23.69 44.94
C THR B 176 -8.75 22.20 45.05
N VAL B 177 -8.77 21.52 43.90
CA VAL B 177 -8.58 20.08 43.85
C VAL B 177 -7.55 19.78 42.76
N LYS B 178 -6.42 19.23 43.15
CA LYS B 178 -5.37 18.79 42.24
C LYS B 178 -5.18 17.28 42.38
N ASP B 179 -4.31 16.72 41.54
CA ASP B 179 -4.00 15.31 41.60
C ASP B 179 -2.93 15.04 42.66
N GLY B 180 -2.55 13.78 42.82
CA GLY B 180 -1.60 13.41 43.84
C GLY B 180 -1.24 11.94 43.74
N LYS B 181 -0.09 11.60 44.33
CA LYS B 181 0.51 10.29 44.17
C LYS B 181 0.27 9.35 45.34
N THR B 182 -0.12 9.87 46.50
CA THR B 182 -0.42 9.01 47.63
C THR B 182 -1.69 8.18 47.38
N LEU B 183 -1.96 7.25 48.29
CA LEU B 183 -3.07 6.32 48.15
C LEU B 183 -4.34 6.76 48.87
N ASN B 184 -4.30 7.87 49.61
CA ASN B 184 -5.46 8.35 50.34
C ASN B 184 -5.56 9.86 50.22
N ASP B 185 -6.78 10.36 50.01
CA ASP B 185 -6.99 11.79 49.86
C ASP B 185 -6.55 12.54 51.12
N GLU B 186 -5.81 13.63 50.93
CA GLU B 186 -5.29 14.41 52.04
C GLU B 186 -5.67 15.88 51.84
N LEU B 187 -5.85 16.58 52.95
CA LEU B 187 -6.24 17.98 52.95
C LEU B 187 -5.08 18.82 53.45
N GLU B 188 -4.74 19.87 52.69
CA GLU B 188 -3.66 20.78 53.05
C GLU B 188 -4.13 22.22 52.89
N ILE B 189 -3.79 23.05 53.86
CA ILE B 189 -4.02 24.49 53.78
C ILE B 189 -2.69 25.15 53.45
N ILE B 190 -2.63 25.89 52.34
CA ILE B 190 -1.39 26.49 51.87
C ILE B 190 -1.64 27.96 51.52
N GLU B 191 -0.56 28.72 51.47
CA GLU B 191 -0.63 30.16 51.26
C GLU B 191 -0.93 30.45 49.79
N GLY B 192 -1.86 31.37 49.55
CA GLY B 192 -2.24 31.73 48.19
C GLY B 192 -3.42 32.66 48.21
N MET B 193 -3.76 33.16 47.03
CA MET B 193 -4.84 34.13 46.88
C MET B 193 -5.61 33.84 45.61
N LYS B 194 -6.82 34.41 45.54
CA LYS B 194 -7.67 34.27 44.36
C LYS B 194 -8.55 35.51 44.24
N PHE B 195 -8.66 36.04 43.03
CA PHE B 195 -9.45 37.24 42.79
C PHE B 195 -10.34 37.04 41.57
N ASP B 196 -11.32 37.93 41.44
CA ASP B 196 -12.47 37.71 40.56
C ASP B 196 -12.26 38.15 39.13
N ARG B 197 -11.01 38.35 38.70
CA ARG B 197 -10.70 38.71 37.33
C ARG B 197 -9.96 37.56 36.65
N GLY B 198 -10.45 37.14 35.48
CA GLY B 198 -9.82 36.09 34.71
C GLY B 198 -8.89 36.63 33.64
N TYR B 199 -8.57 35.76 32.69
CA TYR B 199 -7.68 36.18 31.62
C TYR B 199 -8.46 37.02 30.60
N ILE B 200 -7.71 37.75 29.78
CA ILE B 200 -8.32 38.64 28.80
C ILE B 200 -8.45 37.98 27.44
N SER B 201 -7.47 37.16 27.04
CA SER B 201 -7.51 36.48 25.77
C SER B 201 -7.50 34.97 25.99
N PRO B 202 -8.49 34.23 25.45
CA PRO B 202 -8.54 32.77 25.60
C PRO B 202 -7.58 32.04 24.67
N TYR B 203 -6.32 32.47 24.67
CA TYR B 203 -5.30 31.86 23.83
C TYR B 203 -4.07 31.41 24.59
N PHE B 204 -3.93 31.77 25.86
CA PHE B 204 -2.81 31.33 26.68
C PHE B 204 -3.08 29.99 27.38
N ILE B 205 -4.26 29.41 27.19
CA ILE B 205 -4.69 28.26 27.97
C ILE B 205 -3.79 27.05 27.69
N ASN B 206 -3.06 26.63 28.72
CA ASN B 206 -2.28 25.39 28.63
C ASN B 206 -3.16 24.18 28.88
N THR B 207 -4.12 24.30 29.79
CA THR B 207 -5.03 23.22 30.13
C THR B 207 -6.30 23.33 29.29
N SER B 208 -6.64 22.24 28.60
CA SER B 208 -7.86 22.18 27.81
C SER B 208 -8.97 21.40 28.49
N LYS B 209 -8.69 20.77 29.64
CA LYS B 209 -9.73 20.01 30.31
C LYS B 209 -10.77 20.92 30.97
N GLY B 210 -10.31 21.98 31.62
CA GLY B 210 -11.21 22.88 32.31
C GLY B 210 -11.00 24.34 31.97
N GLN B 211 -10.63 24.63 30.73
CA GLN B 211 -10.33 25.97 30.25
C GLN B 211 -9.48 26.75 31.26
N LYS B 212 -8.33 26.16 31.59
CA LYS B 212 -7.43 26.67 32.60
C LYS B 212 -6.05 26.89 32.01
N CYS B 213 -5.25 27.68 32.72
CA CYS B 213 -3.83 27.84 32.42
C CYS B 213 -3.04 27.53 33.68
N GLU B 214 -2.21 26.49 33.63
CA GLU B 214 -1.47 26.01 34.79
C GLU B 214 0.01 26.29 34.60
N PHE B 215 0.63 26.93 35.58
CA PHE B 215 2.04 27.28 35.54
C PHE B 215 2.71 26.88 36.85
N GLN B 216 4.02 26.67 36.77
CA GLN B 216 4.84 26.33 37.94
C GLN B 216 6.02 27.28 38.01
N ASP B 217 6.18 27.94 39.16
CA ASP B 217 7.27 28.88 39.40
C ASP B 217 7.28 30.00 38.35
N ALA B 218 6.22 30.79 38.37
CA ALA B 218 5.99 31.83 37.38
C ALA B 218 6.23 33.21 37.98
N TYR B 219 6.95 34.05 37.24
CA TYR B 219 7.18 35.43 37.66
C TYR B 219 5.89 36.23 37.56
N VAL B 220 5.75 37.21 38.46
CA VAL B 220 4.59 38.09 38.52
C VAL B 220 5.05 39.50 38.22
N LEU B 221 4.40 40.13 37.23
CA LEU B 221 4.64 41.53 36.89
C LEU B 221 3.42 42.34 37.27
N LEU B 222 3.64 43.46 37.93
CA LEU B 222 2.55 44.34 38.35
C LEU B 222 2.71 45.70 37.69
N SER B 223 1.60 46.24 37.21
CA SER B 223 1.59 47.58 36.64
C SER B 223 0.17 48.10 36.72
N GLU B 224 -0.05 49.13 37.54
CA GLU B 224 -1.38 49.68 37.77
C GLU B 224 -1.75 50.74 36.76
N LYS B 225 -1.13 50.71 35.58
CA LYS B 225 -1.37 51.69 34.52
C LYS B 225 -1.15 51.03 33.18
N LYS B 226 -1.48 51.76 32.12
CA LYS B 226 -1.25 51.27 30.77
C LYS B 226 0.24 51.07 30.53
N ILE B 227 0.59 50.02 29.80
CA ILE B 227 1.97 49.74 29.43
C ILE B 227 2.55 50.95 28.72
N SER B 228 3.65 51.50 29.26
CA SER B 228 4.23 52.73 28.71
C SER B 228 4.57 52.59 27.24
N SER B 229 5.22 51.48 26.86
CA SER B 229 5.63 51.27 25.49
C SER B 229 6.07 49.83 25.32
N ILE B 230 6.22 49.42 24.05
CA ILE B 230 6.79 48.11 23.74
C ILE B 230 8.22 48.04 24.24
N GLN B 231 8.89 49.20 24.33
CA GLN B 231 10.24 49.32 24.86
C GLN B 231 10.29 49.18 26.37
N SER B 232 9.17 48.77 26.98
CA SER B 232 9.11 48.49 28.40
C SER B 232 8.49 47.14 28.72
N ILE B 233 7.83 46.50 27.76
CA ILE B 233 7.44 45.12 27.90
C ILE B 233 8.47 44.17 27.26
N VAL B 234 9.29 44.65 26.34
CA VAL B 234 10.37 43.86 25.77
C VAL B 234 11.40 43.53 26.86
N PRO B 235 11.87 44.48 27.67
CA PRO B 235 12.80 44.11 28.74
C PRO B 235 12.20 43.14 29.75
N ALA B 236 10.92 43.28 30.07
CA ALA B 236 10.25 42.33 30.96
C ALA B 236 10.32 40.91 30.40
N LEU B 237 9.96 40.74 29.13
CA LEU B 237 10.03 39.43 28.51
C LEU B 237 11.47 38.91 28.45
N GLU B 238 12.43 39.79 28.18
CA GLU B 238 13.83 39.37 28.16
C GLU B 238 14.27 38.87 29.53
N ILE B 239 13.90 39.57 30.59
CA ILE B 239 14.23 39.14 31.95
C ILE B 239 13.57 37.80 32.25
N ALA B 240 12.29 37.65 31.88
CA ALA B 240 11.58 36.42 32.16
C ALA B 240 12.19 35.23 31.43
N ASN B 241 12.61 35.43 30.17
CA ASN B 241 13.23 34.36 29.41
C ASN B 241 14.69 34.14 29.77
N ALA B 242 15.30 35.07 30.50
CA ALA B 242 16.67 34.91 30.95
C ALA B 242 16.77 34.16 32.27
N HIS B 243 15.77 34.31 33.15
CA HIS B 243 15.77 33.66 34.45
C HIS B 243 14.95 32.37 34.45
N ARG B 244 14.81 31.74 33.28
CA ARG B 244 14.21 30.41 33.12
C ARG B 244 12.91 30.25 33.91
N LYS B 245 12.00 31.20 33.74
CA LYS B 245 10.75 31.21 34.50
C LYS B 245 9.67 31.95 33.72
N PRO B 246 8.43 31.45 33.70
CA PRO B 246 7.37 32.13 32.96
C PRO B 246 6.91 33.41 33.62
N LEU B 247 5.95 34.10 33.00
CA LEU B 247 5.51 35.41 33.46
C LEU B 247 3.99 35.43 33.62
N VAL B 248 3.53 36.14 34.66
CA VAL B 248 2.11 36.39 34.89
C VAL B 248 1.97 37.88 35.15
N ILE B 249 1.38 38.61 34.21
CA ILE B 249 1.29 40.06 34.29
C ILE B 249 -0.14 40.45 34.67
N ILE B 250 -0.26 41.47 35.52
CA ILE B 250 -1.54 42.04 35.92
C ILE B 250 -1.48 43.54 35.69
N ALA B 251 -2.48 44.07 34.99
CA ALA B 251 -2.47 45.44 34.51
C ALA B 251 -3.85 46.06 34.65
N GLU B 252 -4.11 47.14 33.92
CA GLU B 252 -5.41 47.81 33.95
C GLU B 252 -6.32 47.31 32.83
N ASP B 253 -5.84 47.37 31.59
CA ASP B 253 -6.58 46.78 30.47
C ASP B 253 -5.59 46.55 29.32
N VAL B 254 -5.31 45.28 29.01
CA VAL B 254 -4.46 44.94 27.87
C VAL B 254 -5.29 44.21 26.83
N ASP B 255 -5.88 44.96 25.90
CA ASP B 255 -6.75 44.38 24.88
C ASP B 255 -6.20 44.55 23.47
N GLY B 256 -5.94 45.78 23.04
CA GLY B 256 -5.59 46.04 21.66
C GLY B 256 -4.22 45.59 21.18
N GLU B 257 -3.17 46.24 21.66
CA GLU B 257 -1.84 46.09 21.09
C GLU B 257 -0.99 45.05 21.80
N ALA B 258 -0.71 45.26 23.09
CA ALA B 258 0.19 44.36 23.81
C ALA B 258 -0.42 42.96 23.94
N LEU B 259 -1.75 42.87 24.00
CA LEU B 259 -2.39 41.57 24.01
C LEU B 259 -2.14 40.82 22.71
N SER B 260 -2.17 41.53 21.58
CA SER B 260 -1.87 40.92 20.29
C SER B 260 -0.42 40.45 20.24
N THR B 261 0.49 41.22 20.84
CA THR B 261 1.90 40.81 20.86
C THR B 261 2.11 39.60 21.75
N LEU B 262 1.39 39.52 22.87
CA LEU B 262 1.50 38.33 23.72
C LEU B 262 0.86 37.12 23.06
N VAL B 263 -0.19 37.31 22.27
CA VAL B 263 -0.81 36.20 21.57
C VAL B 263 0.10 35.69 20.46
N LEU B 264 0.74 36.60 19.72
CA LEU B 264 1.68 36.14 18.70
C LEU B 264 2.93 35.51 19.30
N ASN B 265 3.36 35.99 20.48
CA ASN B 265 4.44 35.31 21.19
C ASN B 265 3.99 33.97 21.75
N ARG B 266 2.69 33.79 21.99
CA ARG B 266 2.14 32.50 22.40
C ARG B 266 2.27 31.46 21.29
N LEU B 267 2.52 31.89 20.05
CA LEU B 267 2.60 30.99 18.91
C LEU B 267 3.99 30.39 18.72
N LYS B 268 4.94 30.72 19.59
CA LYS B 268 6.29 30.19 19.51
C LYS B 268 6.50 29.16 20.62
N VAL B 269 7.20 28.09 20.29
CA VAL B 269 7.43 26.99 21.24
C VAL B 269 8.51 27.42 22.22
N GLY B 270 8.18 27.40 23.52
CA GLY B 270 9.10 27.80 24.56
C GLY B 270 8.75 29.10 25.25
N LEU B 271 7.66 29.75 24.86
CA LEU B 271 7.24 31.02 25.45
C LEU B 271 5.91 30.83 26.16
N GLN B 272 5.84 31.29 27.40
CA GLN B 272 4.62 31.21 28.19
C GLN B 272 4.43 32.51 28.96
N VAL B 273 3.25 33.10 28.83
CA VAL B 273 2.90 34.34 29.51
C VAL B 273 1.39 34.49 29.52
N VAL B 274 0.86 35.02 30.62
CA VAL B 274 -0.57 35.28 30.76
C VAL B 274 -0.78 36.69 31.28
N ALA B 275 -1.97 37.22 31.04
CA ALA B 275 -2.34 38.57 31.43
C ALA B 275 -3.67 38.54 32.15
N VAL B 276 -3.79 39.32 33.23
CA VAL B 276 -5.00 39.40 34.03
C VAL B 276 -5.34 40.87 34.25
N LYS B 277 -6.62 41.17 34.35
CA LYS B 277 -7.08 42.53 34.55
C LYS B 277 -6.99 42.91 36.04
N ALA B 278 -7.02 44.21 36.31
CA ALA B 278 -6.87 44.69 37.68
C ALA B 278 -8.03 44.23 38.55
N PRO B 279 -7.80 43.95 39.83
CA PRO B 279 -8.84 43.30 40.64
C PRO B 279 -9.99 44.21 41.05
N GLY B 280 -9.76 45.51 41.17
CA GLY B 280 -10.76 46.38 41.78
C GLY B 280 -11.21 47.56 40.94
N PHE B 281 -12.06 48.40 41.52
CA PHE B 281 -12.65 49.55 40.83
C PHE B 281 -12.32 50.87 41.53
N GLY B 282 -11.19 50.93 42.25
CA GLY B 282 -10.82 52.13 42.96
C GLY B 282 -9.66 51.95 43.91
N ASP B 283 -9.80 52.45 45.15
CA ASP B 283 -8.75 52.29 46.13
C ASP B 283 -8.52 50.82 46.48
N ASN B 284 -9.57 50.00 46.36
CA ASN B 284 -9.41 48.57 46.58
C ASN B 284 -8.42 47.97 45.60
N ARG B 285 -8.45 48.39 44.33
CA ARG B 285 -7.48 47.87 43.36
C ARG B 285 -6.05 48.20 43.77
N LYS B 286 -5.82 49.46 44.17
CA LYS B 286 -4.47 49.87 44.54
C LYS B 286 -3.97 49.11 45.76
N ASN B 287 -4.80 49.03 46.82
CA ASN B 287 -4.33 48.35 48.02
C ASN B 287 -4.25 46.84 47.85
N GLN B 288 -5.06 46.24 46.96
CA GLN B 288 -4.91 44.82 46.69
C GLN B 288 -3.64 44.54 45.90
N LEU B 289 -3.29 45.42 44.96
CA LEU B 289 -2.00 45.26 44.28
C LEU B 289 -0.85 45.48 45.26
N LYS B 290 -1.02 46.36 46.24
CA LYS B 290 -0.02 46.52 47.28
C LYS B 290 0.14 45.22 48.09
N ASP B 291 -0.99 44.60 48.41
CA ASP B 291 -0.95 43.35 49.17
C ASP B 291 -0.30 42.24 48.36
N MET B 292 -0.60 42.18 47.07
CA MET B 292 0.00 41.16 46.22
C MET B 292 1.49 41.37 46.03
N ALA B 293 1.91 42.64 45.94
CA ALA B 293 3.35 42.94 45.85
C ALA B 293 4.06 42.52 47.12
N ILE B 294 3.47 42.79 48.28
CA ILE B 294 4.08 42.39 49.54
C ILE B 294 4.11 40.86 49.65
N ALA B 295 3.03 40.20 49.25
CA ALA B 295 2.94 38.74 49.35
C ALA B 295 3.87 38.03 48.37
N THR B 296 4.16 38.63 47.22
CA THR B 296 5.01 38.00 46.22
C THR B 296 6.47 38.35 46.40
N GLY B 297 6.77 39.58 46.82
CA GLY B 297 8.14 40.00 47.03
C GLY B 297 8.70 40.68 45.80
N GLY B 298 8.95 41.97 45.89
CA GLY B 298 9.46 42.73 44.76
C GLY B 298 9.12 44.20 44.81
N ALA B 299 8.56 44.72 43.73
CA ALA B 299 8.28 46.15 43.64
C ALA B 299 7.07 46.38 42.74
N VAL B 300 6.46 47.55 42.91
CA VAL B 300 5.32 47.97 42.10
C VAL B 300 5.81 48.98 41.08
N PHE B 301 5.52 48.73 39.81
CA PHE B 301 6.00 49.55 38.70
C PHE B 301 4.82 50.34 38.13
N GLY B 302 4.84 51.65 38.32
CA GLY B 302 3.83 52.51 37.73
C GLY B 302 3.12 53.43 38.69
N GLU B 303 3.67 53.62 39.88
CA GLU B 303 3.01 54.46 40.88
C GLU B 303 3.21 55.94 40.57
N GLU B 304 2.26 56.75 41.02
CA GLU B 304 2.38 58.19 40.88
C GLU B 304 3.43 58.78 41.82
N GLY B 305 3.79 58.07 42.89
CA GLY B 305 4.76 58.58 43.83
C GLY B 305 6.17 58.11 43.52
N LEU B 306 6.34 56.81 43.34
CA LEU B 306 7.66 56.26 43.03
C LEU B 306 8.06 56.47 41.58
N THR B 307 7.08 56.49 40.67
CA THR B 307 7.32 56.70 39.24
C THR B 307 8.33 55.68 38.69
N LEU B 308 8.17 54.43 39.10
CA LEU B 308 9.05 53.34 38.65
C LEU B 308 8.66 52.97 37.23
N ASN B 309 9.34 53.60 36.27
CA ASN B 309 9.08 53.33 34.86
C ASN B 309 9.31 51.86 34.54
N LEU B 310 8.45 51.30 33.68
CA LEU B 310 8.57 49.92 33.25
C LEU B 310 9.76 49.67 32.34
N GLU B 311 10.57 50.68 32.07
CA GLU B 311 11.77 50.53 31.24
C GLU B 311 13.00 50.14 32.05
N ASP B 312 12.86 49.95 33.36
CA ASP B 312 13.96 49.63 34.26
C ASP B 312 13.60 48.44 35.13
N VAL B 313 13.06 47.40 34.51
CA VAL B 313 12.62 46.21 35.23
C VAL B 313 13.84 45.35 35.56
N GLN B 314 13.93 44.91 36.81
CA GLN B 314 15.01 44.09 37.30
C GLN B 314 14.45 42.84 37.96
N PRO B 315 15.23 41.75 38.02
CA PRO B 315 14.70 40.50 38.59
C PRO B 315 14.21 40.65 40.02
N HIS B 316 14.89 41.46 40.84
CA HIS B 316 14.46 41.69 42.21
C HIS B 316 13.24 42.60 42.30
N ASP B 317 12.82 43.22 41.20
CA ASP B 317 11.68 44.12 41.18
C ASP B 317 10.38 43.44 40.75
N LEU B 318 10.40 42.14 40.51
CA LEU B 318 9.20 41.40 40.11
C LEU B 318 8.81 40.42 41.20
N GLY B 319 7.52 40.10 41.24
CA GLY B 319 7.02 39.15 42.21
C GLY B 319 7.20 37.71 41.76
N LYS B 320 7.01 36.80 42.71
CA LYS B 320 7.19 35.38 42.48
C LYS B 320 6.06 34.60 43.13
N VAL B 321 5.53 33.60 42.40
CA VAL B 321 4.55 32.68 42.93
C VAL B 321 4.92 31.26 42.48
N GLY B 322 4.44 30.28 43.24
CA GLY B 322 4.71 28.88 42.95
C GLY B 322 3.91 28.32 41.80
N GLU B 323 2.58 28.37 41.91
CA GLU B 323 1.68 27.79 40.94
C GLU B 323 0.59 28.79 40.58
N VAL B 324 0.29 28.90 39.29
CA VAL B 324 -0.69 29.85 38.78
C VAL B 324 -1.78 29.09 38.05
N ILE B 325 -3.03 29.36 38.42
CA ILE B 325 -4.20 28.80 37.74
C ILE B 325 -5.10 29.96 37.36
N VAL B 326 -5.29 30.15 36.05
CA VAL B 326 -6.10 31.24 35.51
C VAL B 326 -7.26 30.64 34.74
N THR B 327 -8.47 31.13 35.02
CA THR B 327 -9.68 30.67 34.38
C THR B 327 -10.35 31.83 33.64
N LYS B 328 -11.55 31.57 33.11
CA LYS B 328 -12.24 32.56 32.31
C LYS B 328 -12.66 33.78 33.14
N ASP B 329 -13.07 33.56 34.38
CA ASP B 329 -13.52 34.65 35.23
C ASP B 329 -12.76 34.74 36.56
N ASP B 330 -11.90 33.79 36.89
CA ASP B 330 -11.18 33.78 38.15
C ASP B 330 -9.70 33.48 37.91
N ALA B 331 -8.85 34.05 38.77
CA ALA B 331 -7.41 33.85 38.69
C ALA B 331 -6.88 33.47 40.07
N MET B 332 -5.96 32.51 40.09
CA MET B 332 -5.42 31.97 41.33
C MET B 332 -3.90 32.03 41.29
N LEU B 333 -3.30 32.59 42.33
CA LEU B 333 -1.84 32.62 42.50
C LEU B 333 -1.50 31.83 43.75
N LEU B 334 -0.79 30.71 43.57
CA LEU B 334 -0.59 29.74 44.64
C LEU B 334 0.88 29.63 44.98
N LYS B 335 1.16 29.47 46.28
CA LYS B 335 2.52 29.30 46.80
C LYS B 335 3.41 30.48 46.43
N GLY B 336 2.96 31.69 46.76
CA GLY B 336 3.76 32.87 46.54
C GLY B 336 4.59 33.21 47.77
N LYS B 337 5.86 32.84 47.74
CA LYS B 337 6.73 33.00 48.90
C LYS B 337 7.40 34.37 48.84
N GLY B 338 6.79 35.35 49.48
CA GLY B 338 7.34 36.68 49.61
C GLY B 338 8.14 36.82 50.88
N ASP B 339 8.18 38.05 51.40
CA ASP B 339 8.88 38.34 52.64
C ASP B 339 7.91 38.16 53.80
N LYS B 340 8.16 37.15 54.63
CA LYS B 340 7.24 36.85 55.73
C LYS B 340 7.17 38.01 56.71
N ALA B 341 8.29 38.67 56.98
CA ALA B 341 8.28 39.85 57.84
C ALA B 341 7.43 40.96 57.22
N GLN B 342 7.55 41.16 55.91
CA GLN B 342 6.75 42.18 55.24
C GLN B 342 5.28 41.81 55.26
N ILE B 343 4.95 40.52 55.11
CA ILE B 343 3.56 40.10 55.19
C ILE B 343 3.01 40.32 56.59
N GLU B 344 3.81 40.04 57.62
CA GLU B 344 3.37 40.29 58.99
C GLU B 344 3.20 41.78 59.26
N LYS B 345 4.06 42.61 58.67
CA LYS B 345 3.91 44.06 58.82
C LYS B 345 2.64 44.55 58.12
N ARG B 346 2.35 44.01 56.94
CA ARG B 346 1.10 44.34 56.25
C ARG B 346 -0.10 43.91 57.07
N ILE B 347 -0.03 42.74 57.70
CA ILE B 347 -1.14 42.26 58.51
C ILE B 347 -1.34 43.15 59.73
N GLN B 348 -0.24 43.56 60.37
CA GLN B 348 -0.34 44.48 61.50
C GLN B 348 -0.93 45.82 61.06
N GLU B 349 -0.52 46.33 59.91
CA GLU B 349 -1.09 47.58 59.40
C GLU B 349 -2.59 47.44 59.15
N ILE B 350 -3.00 46.31 58.58
CA ILE B 350 -4.42 46.11 58.28
C ILE B 350 -5.23 45.99 59.57
N ILE B 351 -4.73 45.25 60.56
CA ILE B 351 -5.48 45.09 61.79
C ILE B 351 -5.47 46.38 62.60
N GLU B 352 -4.48 47.25 62.38
CA GLU B 352 -4.52 48.56 63.02
C GLU B 352 -5.50 49.50 62.33
N GLN B 353 -5.61 49.41 60.99
CA GLN B 353 -6.59 50.20 60.28
C GLN B 353 -8.00 49.70 60.50
N LEU B 354 -8.17 48.43 60.91
CA LEU B 354 -9.47 47.85 61.20
C LEU B 354 -10.09 48.39 62.49
N ASP B 355 -9.49 49.39 63.13
CA ASP B 355 -10.03 49.97 64.34
C ASP B 355 -10.07 51.50 64.30
N VAL B 356 -9.86 52.09 63.14
CA VAL B 356 -9.88 53.56 63.03
C VAL B 356 -11.32 54.06 62.85
N THR B 357 -11.96 53.68 61.76
CA THR B 357 -13.32 54.09 61.46
C THR B 357 -13.96 53.06 60.55
N THR B 358 -15.28 52.92 60.65
CA THR B 358 -16.05 52.04 59.79
C THR B 358 -17.08 52.86 59.01
N SER B 359 -17.34 52.43 57.77
CA SER B 359 -18.25 53.14 56.88
C SER B 359 -19.33 52.25 56.28
N GLU B 360 -19.42 50.99 56.72
CA GLU B 360 -20.43 50.01 56.32
C GLU B 360 -20.29 49.57 54.86
N TYR B 361 -19.35 50.13 54.11
CA TYR B 361 -19.05 49.68 52.75
C TYR B 361 -17.57 49.46 52.50
N GLU B 362 -16.69 49.99 53.34
CA GLU B 362 -15.26 49.79 53.18
C GLU B 362 -14.66 48.90 54.27
N LYS B 363 -15.30 48.80 55.43
CA LYS B 363 -14.90 47.80 56.41
C LYS B 363 -15.01 46.39 55.83
N GLU B 364 -16.06 46.12 55.05
CA GLU B 364 -16.16 44.87 54.31
C GLU B 364 -14.95 44.67 53.41
N LYS B 365 -14.55 45.71 52.69
CA LYS B 365 -13.39 45.60 51.80
C LYS B 365 -12.12 45.35 52.59
N LEU B 366 -11.97 45.98 53.75
CA LEU B 366 -10.83 45.69 54.63
C LEU B 366 -10.81 44.24 55.10
N ASN B 367 -11.96 43.71 55.52
CA ASN B 367 -12.07 42.30 55.85
C ASN B 367 -11.60 41.43 54.69
N GLU B 368 -12.06 41.76 53.47
CA GLU B 368 -11.67 40.97 52.30
C GLU B 368 -10.17 41.07 52.03
N ARG B 369 -9.59 42.25 52.21
CA ARG B 369 -8.15 42.41 51.96
C ARG B 369 -7.36 41.58 52.96
N LEU B 370 -7.76 41.60 54.22
CA LEU B 370 -7.06 40.80 55.22
C LEU B 370 -7.27 39.31 54.97
N ALA B 371 -8.47 38.92 54.56
CA ALA B 371 -8.78 37.51 54.36
C ALA B 371 -8.01 36.93 53.18
N LYS B 372 -7.85 37.70 52.11
CA LYS B 372 -7.12 37.21 50.94
C LYS B 372 -5.74 36.74 51.33
N LEU B 373 -5.05 37.49 52.20
CA LEU B 373 -3.70 37.12 52.61
C LEU B 373 -3.71 36.17 53.80
N SER B 374 -4.76 36.20 54.61
CA SER B 374 -4.74 35.47 55.88
C SER B 374 -5.28 34.06 55.73
N ASP B 375 -6.36 33.91 54.96
CA ASP B 375 -6.97 32.59 54.78
C ASP B 375 -6.22 31.83 53.71
N GLY B 376 -5.79 30.61 54.04
CA GLY B 376 -4.98 29.82 53.15
C GLY B 376 -5.81 29.01 52.16
N VAL B 377 -5.22 28.75 51.00
CA VAL B 377 -5.91 27.96 49.98
C VAL B 377 -5.99 26.51 50.44
N ALA B 378 -7.19 25.95 50.37
CA ALA B 378 -7.43 24.56 50.74
C ALA B 378 -7.35 23.70 49.49
N VAL B 379 -6.30 22.90 49.39
CA VAL B 379 -6.09 22.01 48.25
C VAL B 379 -6.40 20.58 48.70
N LEU B 380 -7.28 19.91 47.96
CA LEU B 380 -7.68 18.53 48.23
C LEU B 380 -6.95 17.64 47.23
N LYS B 381 -5.82 17.11 47.66
CA LYS B 381 -5.03 16.24 46.80
C LYS B 381 -5.69 14.88 46.66
N VAL B 382 -5.91 14.45 45.42
CA VAL B 382 -6.58 13.20 45.11
C VAL B 382 -5.54 12.20 44.63
N GLY B 383 -5.59 11.00 45.19
CA GLY B 383 -4.63 9.96 44.83
C GLY B 383 -5.25 8.59 44.95
N GLY B 384 -4.64 7.64 44.28
CA GLY B 384 -5.12 6.27 44.28
C GLY B 384 -4.10 5.28 43.78
N THR B 385 -4.54 4.38 42.90
CA THR B 385 -3.73 3.25 42.46
C THR B 385 -3.31 3.32 40.99
N SER B 386 -3.87 4.22 40.21
CA SER B 386 -3.50 4.31 38.80
C SER B 386 -3.93 5.66 38.25
N ASP B 387 -3.65 5.85 36.96
CA ASP B 387 -3.88 7.13 36.32
C ASP B 387 -5.36 7.36 36.06
N VAL B 388 -6.14 6.31 35.83
CA VAL B 388 -7.53 6.52 35.39
C VAL B 388 -8.45 6.77 36.59
N GLU B 389 -8.20 6.07 37.70
CA GLU B 389 -9.01 6.19 38.90
C GLU B 389 -8.66 7.42 39.73
N VAL B 390 -7.68 8.21 39.30
CA VAL B 390 -7.41 9.48 39.95
C VAL B 390 -8.14 10.56 39.16
N ASN B 391 -8.20 10.40 37.84
CA ASN B 391 -9.06 11.29 37.06
C ASN B 391 -10.52 11.11 37.44
N GLU B 392 -10.96 9.87 37.60
CA GLU B 392 -12.36 9.62 37.98
C GLU B 392 -12.66 10.24 39.33
N LYS B 393 -11.77 10.05 40.30
CA LYS B 393 -12.04 10.52 41.65
C LYS B 393 -11.89 12.03 41.74
N LYS B 394 -11.03 12.62 40.91
CA LYS B 394 -10.89 14.07 40.89
C LYS B 394 -12.12 14.71 40.27
N ASP B 395 -12.68 14.09 39.22
CA ASP B 395 -13.93 14.57 38.66
C ASP B 395 -15.05 14.50 39.69
N ARG B 396 -15.15 13.39 40.42
CA ARG B 396 -16.19 13.28 41.44
C ARG B 396 -16.04 14.35 42.53
N VAL B 397 -14.81 14.56 43.00
CA VAL B 397 -14.60 15.56 44.06
C VAL B 397 -14.87 16.96 43.54
N THR B 398 -14.49 17.25 42.29
CA THR B 398 -14.74 18.57 41.73
C THR B 398 -16.24 18.83 41.58
N ASP B 399 -16.99 17.82 41.14
CA ASP B 399 -18.44 17.98 41.01
C ASP B 399 -19.10 18.16 42.36
N ALA B 400 -18.62 17.42 43.37
CA ALA B 400 -19.16 17.61 44.72
C ALA B 400 -18.86 19.01 45.25
N LEU B 401 -17.63 19.50 45.04
CA LEU B 401 -17.31 20.89 45.37
C LEU B 401 -18.27 21.86 44.70
N ASN B 402 -18.53 21.66 43.41
CA ASN B 402 -19.39 22.58 42.68
C ASN B 402 -20.80 22.59 43.24
N ALA B 403 -21.32 21.41 43.58
CA ALA B 403 -22.66 21.35 44.14
C ALA B 403 -22.73 21.94 45.54
N THR B 404 -21.67 21.77 46.35
CA THR B 404 -21.64 22.42 47.66
C THR B 404 -21.59 23.93 47.53
N ARG B 405 -20.86 24.44 46.54
CA ARG B 405 -20.85 25.89 46.32
C ARG B 405 -22.22 26.37 45.87
N ALA B 406 -22.87 25.63 44.97
CA ALA B 406 -24.24 25.95 44.58
C ALA B 406 -25.19 25.91 45.76
N ALA B 407 -24.91 25.06 46.75
CA ALA B 407 -25.76 24.99 47.93
C ALA B 407 -25.53 26.18 48.86
N VAL B 408 -24.27 26.59 49.02
CA VAL B 408 -23.95 27.73 49.88
C VAL B 408 -24.12 29.05 49.16
N GLU B 409 -24.60 29.02 47.91
CA GLU B 409 -24.84 30.24 47.14
C GLU B 409 -26.31 30.61 47.06
N GLU B 410 -27.20 29.64 46.90
CA GLU B 410 -28.63 29.93 46.83
C GLU B 410 -29.44 29.22 47.91
N GLY B 411 -29.10 27.99 48.24
CA GLY B 411 -29.78 27.32 49.34
C GLY B 411 -29.80 25.81 49.12
N ILE B 412 -30.83 25.18 49.69
CA ILE B 412 -31.06 23.75 49.56
C ILE B 412 -32.56 23.51 49.50
N VAL B 413 -32.93 22.35 48.95
CA VAL B 413 -34.34 21.94 48.86
C VAL B 413 -34.42 20.46 49.19
N LEU B 414 -35.66 19.99 49.34
CA LEU B 414 -35.91 18.59 49.71
C LEU B 414 -35.45 17.66 48.59
N GLY B 415 -34.48 16.81 48.89
CA GLY B 415 -33.99 15.88 47.90
C GLY B 415 -34.95 14.72 47.67
N GLY B 416 -34.60 13.90 46.68
CA GLY B 416 -35.38 12.73 46.34
C GLY B 416 -36.33 12.93 45.18
N GLY B 417 -36.65 14.17 44.83
CA GLY B 417 -37.66 14.47 43.85
C GLY B 417 -38.86 15.18 44.45
N CYS B 418 -38.90 15.33 45.77
CA CYS B 418 -40.00 16.00 46.43
C CYS B 418 -39.95 17.51 46.26
N ALA B 419 -38.78 18.07 45.95
CA ALA B 419 -38.68 19.50 45.67
C ALA B 419 -39.55 19.88 44.48
N LEU B 420 -39.48 19.09 43.41
CA LEU B 420 -40.36 19.31 42.27
C LEU B 420 -41.80 18.91 42.58
N LEU B 421 -42.02 18.08 43.60
CA LEU B 421 -43.38 17.67 43.95
C LEU B 421 -44.11 18.76 44.72
N ARG B 422 -43.41 19.54 45.53
CA ARG B 422 -44.03 20.62 46.26
C ARG B 422 -44.29 21.85 45.40
N CYS B 423 -43.81 21.85 44.16
CA CYS B 423 -44.05 22.93 43.21
C CYS B 423 -45.26 22.67 42.33
N ILE B 424 -45.92 21.53 42.48
CA ILE B 424 -47.15 21.21 41.74
C ILE B 424 -48.28 22.17 42.09
N PRO B 425 -48.51 22.53 43.37
CA PRO B 425 -49.60 23.48 43.65
C PRO B 425 -49.44 24.83 43.00
N ALA B 426 -48.20 25.22 42.65
CA ALA B 426 -48.00 26.44 41.88
C ALA B 426 -48.83 26.43 40.60
N LEU B 427 -48.85 25.29 39.90
CA LEU B 427 -49.47 25.23 38.58
C LEU B 427 -50.99 25.26 38.62
N ASP B 428 -51.60 25.46 39.79
CA ASP B 428 -53.04 25.58 39.89
C ASP B 428 -53.50 27.04 39.93
N SER B 429 -52.59 27.98 40.14
CA SER B 429 -52.94 29.40 40.21
C SER B 429 -52.80 30.09 38.85
N LEU B 430 -51.80 29.71 38.07
CA LEU B 430 -51.60 30.32 36.76
C LEU B 430 -52.75 29.95 35.82
N THR B 431 -53.15 30.93 35.00
CA THR B 431 -54.19 30.70 34.02
C THR B 431 -53.63 30.82 32.61
N PRO B 432 -53.89 29.86 31.73
CA PRO B 432 -53.37 29.92 30.36
C PRO B 432 -54.20 30.85 29.49
N ALA B 433 -53.54 31.32 28.41
CA ALA B 433 -54.22 32.18 27.44
C ALA B 433 -55.17 31.37 26.57
N ASN B 434 -54.76 30.17 26.17
CA ASN B 434 -55.57 29.33 25.29
C ASN B 434 -55.46 27.89 25.77
N GLU B 435 -55.96 26.96 24.96
CA GLU B 435 -55.96 25.55 25.36
C GLU B 435 -54.59 24.90 25.19
N ASP B 436 -53.78 25.36 24.23
CA ASP B 436 -52.45 24.78 24.07
C ASP B 436 -51.52 25.13 25.22
N GLN B 437 -51.67 26.33 25.78
CA GLN B 437 -50.88 26.66 26.96
C GLN B 437 -51.33 25.86 28.18
N LYS B 438 -52.63 25.56 28.27
CA LYS B 438 -53.09 24.63 29.31
C LYS B 438 -52.51 23.24 29.09
N ILE B 439 -52.37 22.83 27.82
CA ILE B 439 -51.71 21.56 27.51
C ILE B 439 -50.28 21.57 28.02
N GLY B 440 -49.55 22.67 27.77
CA GLY B 440 -48.21 22.81 28.30
C GLY B 440 -48.15 22.76 29.82
N ILE B 441 -49.10 23.43 30.48
CA ILE B 441 -49.16 23.39 31.94
C ILE B 441 -49.34 21.96 32.43
N GLU B 442 -50.25 21.22 31.79
CA GLU B 442 -50.46 19.82 32.15
C GLU B 442 -49.20 18.99 31.93
N ILE B 443 -48.51 19.22 30.81
CA ILE B 443 -47.27 18.52 30.53
C ILE B 443 -46.26 18.73 31.65
N ILE B 444 -46.09 19.99 32.06
CA ILE B 444 -45.08 20.28 33.08
C ILE B 444 -45.49 19.73 34.44
N LYS B 445 -46.80 19.76 34.75
CA LYS B 445 -47.22 19.29 36.07
C LYS B 445 -47.18 17.77 36.14
N ARG B 446 -47.36 17.09 35.01
CA ARG B 446 -47.20 15.65 34.96
C ARG B 446 -45.72 15.26 34.94
N THR B 447 -44.86 16.14 34.41
CA THR B 447 -43.41 15.92 34.42
C THR B 447 -42.79 16.15 35.78
N LEU B 448 -43.47 16.85 36.69
CA LEU B 448 -42.85 17.28 37.92
C LEU B 448 -42.67 16.15 38.92
N LYS B 449 -43.19 14.97 38.62
CA LYS B 449 -43.09 13.80 39.49
C LYS B 449 -42.27 12.67 38.85
N ILE B 450 -41.70 12.90 37.67
CA ILE B 450 -40.85 11.89 37.03
C ILE B 450 -39.61 11.57 37.87
N PRO B 451 -38.88 12.53 38.44
CA PRO B 451 -37.69 12.14 39.21
C PRO B 451 -38.00 11.31 40.46
N ALA B 452 -39.00 11.70 41.24
CA ALA B 452 -39.40 10.90 42.41
C ALA B 452 -39.84 9.51 41.99
N MET B 453 -40.67 9.42 40.95
CA MET B 453 -41.11 8.12 40.45
C MET B 453 -39.93 7.27 40.00
N THR B 454 -38.95 7.89 39.34
CA THR B 454 -37.80 7.14 38.84
C THR B 454 -36.93 6.62 39.97
N ILE B 455 -36.69 7.46 40.99
CA ILE B 455 -35.90 7.02 42.14
C ILE B 455 -36.62 5.89 42.87
N ALA B 456 -37.93 6.03 43.08
CA ALA B 456 -38.69 4.98 43.75
C ALA B 456 -38.70 3.69 42.95
N LYS B 457 -38.88 3.78 41.63
CA LYS B 457 -38.87 2.59 40.79
C LYS B 457 -37.53 1.89 40.83
N ASN B 458 -36.44 2.67 40.82
CA ASN B 458 -35.13 2.05 40.92
C ASN B 458 -34.90 1.41 42.28
N ALA B 459 -35.56 1.93 43.32
CA ALA B 459 -35.46 1.30 44.64
C ALA B 459 -36.05 -0.11 44.62
N GLY B 460 -37.17 -0.29 43.94
CA GLY B 460 -37.79 -1.60 43.85
C GLY B 460 -39.29 -1.55 44.00
N VAL B 461 -39.83 -0.34 44.22
CA VAL B 461 -41.23 -0.17 44.57
C VAL B 461 -41.95 0.55 43.44
N GLU B 462 -43.28 0.43 43.44
CA GLU B 462 -44.13 1.02 42.41
C GLU B 462 -44.25 2.51 42.69
N GLY B 463 -43.43 3.31 41.99
CA GLY B 463 -43.25 4.71 42.36
C GLY B 463 -44.49 5.57 42.27
N SER B 464 -45.51 5.13 41.52
CA SER B 464 -46.75 5.91 41.45
C SER B 464 -47.40 6.03 42.81
N LEU B 465 -47.49 4.93 43.56
CA LEU B 465 -48.11 4.97 44.88
C LEU B 465 -47.26 5.77 45.86
N ILE B 466 -45.93 5.70 45.73
CA ILE B 466 -45.07 6.48 46.61
C ILE B 466 -45.24 7.97 46.36
N VAL B 467 -45.29 8.39 45.09
CA VAL B 467 -45.48 9.83 44.86
C VAL B 467 -46.88 10.27 45.25
N GLU B 468 -47.87 9.37 45.12
CA GLU B 468 -49.20 9.70 45.62
C GLU B 468 -49.19 9.92 47.12
N LYS B 469 -48.50 9.05 47.86
CA LYS B 469 -48.38 9.24 49.30
C LYS B 469 -47.64 10.52 49.64
N ILE B 470 -46.59 10.84 48.88
CA ILE B 470 -45.81 12.05 49.13
C ILE B 470 -46.69 13.28 48.93
N MET B 471 -47.48 13.29 47.86
CA MET B 471 -48.37 14.43 47.64
C MET B 471 -49.46 14.52 48.71
N GLN B 472 -49.95 13.37 49.18
CA GLN B 472 -50.95 13.38 50.23
C GLN B 472 -50.37 13.69 51.60
N SER B 473 -49.05 13.58 51.76
CA SER B 473 -48.42 13.76 53.05
C SER B 473 -48.08 15.22 53.31
N SER B 474 -47.60 15.50 54.52
CA SER B 474 -47.23 16.85 54.92
C SER B 474 -46.08 17.38 54.05
N SER B 475 -45.82 18.68 54.20
CA SER B 475 -44.85 19.39 53.38
C SER B 475 -43.44 19.37 53.96
N GLU B 476 -43.12 18.39 54.80
CA GLU B 476 -41.78 18.27 55.35
C GLU B 476 -41.18 16.88 55.25
N VAL B 477 -41.97 15.86 54.89
CA VAL B 477 -41.45 14.50 54.83
C VAL B 477 -41.49 13.99 53.40
N GLY B 478 -41.00 12.78 53.19
CA GLY B 478 -40.89 12.22 51.86
C GLY B 478 -40.23 10.87 51.92
N TYR B 479 -40.26 10.20 50.77
CA TYR B 479 -39.85 8.80 50.69
C TYR B 479 -38.32 8.68 50.66
N ASP B 480 -37.78 7.99 51.65
CA ASP B 480 -36.38 7.57 51.60
C ASP B 480 -36.25 6.33 50.74
N ALA B 481 -35.10 6.18 50.10
CA ALA B 481 -34.84 5.01 49.28
C ALA B 481 -33.66 4.18 49.74
N MET B 482 -32.83 4.70 50.65
CA MET B 482 -31.85 3.89 51.35
C MET B 482 -32.44 3.19 52.58
N ALA B 483 -33.68 3.49 52.92
CA ALA B 483 -34.34 2.86 54.05
C ALA B 483 -35.67 2.26 53.62
N GLY B 484 -36.35 2.91 52.69
CA GLY B 484 -37.60 2.41 52.17
C GLY B 484 -38.85 2.93 52.85
N ASP B 485 -38.75 3.99 53.65
CA ASP B 485 -39.88 4.50 54.40
C ASP B 485 -39.96 6.02 54.24
N PHE B 486 -41.18 6.54 54.34
CA PHE B 486 -41.39 7.98 54.30
C PHE B 486 -40.86 8.62 55.57
N VAL B 487 -39.74 9.32 55.45
CA VAL B 487 -39.05 9.91 56.59
C VAL B 487 -39.06 11.43 56.43
N ASN B 488 -38.86 12.12 57.54
CA ASN B 488 -38.62 13.56 57.50
C ASN B 488 -37.35 13.83 56.70
N MET B 489 -37.49 14.48 55.55
CA MET B 489 -36.40 14.56 54.58
C MET B 489 -35.32 15.55 54.94
N VAL B 490 -35.59 16.48 55.87
CA VAL B 490 -34.71 17.63 56.05
C VAL B 490 -33.58 17.32 57.03
N GLU B 491 -33.87 16.63 58.14
CA GLU B 491 -32.84 16.28 59.10
C GLU B 491 -32.25 14.90 58.88
N LYS B 492 -32.88 14.07 58.04
CA LYS B 492 -32.30 12.79 57.68
C LYS B 492 -30.99 12.98 56.94
N GLY B 493 -30.93 13.94 56.03
CA GLY B 493 -29.72 14.23 55.29
C GLY B 493 -29.99 14.52 53.83
N ILE B 494 -31.17 14.14 53.36
CA ILE B 494 -31.46 14.09 51.92
C ILE B 494 -31.86 15.49 51.48
N ILE B 495 -30.86 16.27 51.06
CA ILE B 495 -31.05 17.64 50.60
C ILE B 495 -30.13 17.88 49.42
N ASP B 496 -30.59 18.67 48.46
CA ASP B 496 -29.77 19.08 47.33
C ASP B 496 -29.89 20.58 47.14
N PRO B 497 -28.89 21.22 46.52
CA PRO B 497 -28.99 22.65 46.26
C PRO B 497 -30.17 22.99 45.37
N THR B 498 -30.73 24.18 45.58
CA THR B 498 -31.81 24.65 44.72
C THR B 498 -31.31 24.93 43.31
N LYS B 499 -30.01 25.17 43.15
CA LYS B 499 -29.48 25.53 41.85
C LYS B 499 -29.45 24.33 40.91
N VAL B 500 -29.21 23.13 41.43
CA VAL B 500 -29.20 21.96 40.54
C VAL B 500 -30.61 21.68 40.04
N VAL B 501 -31.61 21.78 40.91
CA VAL B 501 -33.00 21.55 40.50
C VAL B 501 -33.44 22.60 39.49
N ARG B 502 -33.12 23.87 39.78
CA ARG B 502 -33.47 24.97 38.89
C ARG B 502 -32.81 24.81 37.52
N THR B 503 -31.50 24.55 37.51
CA THR B 503 -30.77 24.38 36.27
C THR B 503 -31.26 23.18 35.48
N ALA B 504 -31.60 22.09 36.18
CA ALA B 504 -32.07 20.89 35.50
C ALA B 504 -33.42 21.14 34.84
N LEU B 505 -34.33 21.83 35.53
CA LEU B 505 -35.62 22.12 34.93
C LEU B 505 -35.49 23.08 33.73
N LEU B 506 -34.67 24.13 33.87
CA LEU B 506 -34.46 25.01 32.73
C LEU B 506 -33.85 24.26 31.55
N ASP B 507 -32.84 23.43 31.79
CA ASP B 507 -32.14 22.78 30.71
C ASP B 507 -33.03 21.75 30.02
N ALA B 508 -33.78 20.98 30.81
CA ALA B 508 -34.73 20.03 30.27
C ALA B 508 -35.79 20.71 29.42
N ALA B 509 -36.38 21.79 29.92
CA ALA B 509 -37.41 22.50 29.17
C ALA B 509 -36.86 23.08 27.87
N GLY B 510 -35.65 23.66 27.92
CA GLY B 510 -35.07 24.25 26.73
C GLY B 510 -34.78 23.22 25.66
N VAL B 511 -34.13 22.11 26.03
CA VAL B 511 -33.79 21.10 25.03
C VAL B 511 -35.06 20.40 24.54
N ALA B 512 -36.08 20.30 25.39
CA ALA B 512 -37.31 19.63 24.98
C ALA B 512 -38.07 20.46 23.97
N SER B 513 -38.12 21.79 24.20
CA SER B 513 -38.71 22.67 23.21
C SER B 513 -37.93 22.62 21.90
N LEU B 514 -36.61 22.70 21.97
CA LEU B 514 -35.77 22.55 20.79
C LEU B 514 -36.09 21.26 20.03
N LEU B 515 -36.28 20.16 20.76
CA LEU B 515 -36.50 18.87 20.12
C LEU B 515 -37.88 18.81 19.47
N THR B 516 -38.88 19.40 20.09
CA THR B 516 -40.24 19.32 19.55
C THR B 516 -40.60 20.50 18.66
N THR B 517 -39.68 21.42 18.39
CA THR B 517 -39.97 22.56 17.51
C THR B 517 -38.93 22.72 16.42
N ALA B 518 -38.11 21.71 16.16
CA ALA B 518 -37.10 21.78 15.12
C ALA B 518 -37.69 21.26 13.82
N GLU B 519 -37.61 22.07 12.77
CA GLU B 519 -38.32 21.74 11.54
C GLU B 519 -37.47 20.98 10.54
N VAL B 520 -36.19 21.29 10.43
CA VAL B 520 -35.30 20.67 9.46
C VAL B 520 -34.12 20.10 10.20
N VAL B 521 -33.69 18.90 9.81
CA VAL B 521 -32.52 18.25 10.37
C VAL B 521 -31.64 17.79 9.22
N VAL B 522 -30.41 18.29 9.16
CA VAL B 522 -29.49 18.03 8.06
C VAL B 522 -28.36 17.16 8.59
N THR B 523 -28.22 15.97 8.02
CA THR B 523 -27.14 15.07 8.39
C THR B 523 -26.43 14.60 7.12
N GLU B 524 -25.18 14.18 7.30
CA GLU B 524 -24.38 13.67 6.21
C GLU B 524 -24.79 12.25 5.87
N ILE B 525 -24.68 11.90 4.59
CA ILE B 525 -25.02 10.54 4.18
C ILE B 525 -24.03 9.55 4.80
N PRO B 526 -24.49 8.39 5.29
CA PRO B 526 -23.60 7.42 5.92
C PRO B 526 -22.69 6.73 4.90
N GLY C 1 -17.24 8.26 20.96
CA GLY C 1 -17.55 8.60 19.58
C GLY C 1 -17.91 7.40 18.73
N SER C 2 -17.56 6.21 19.21
CA SER C 2 -17.85 4.99 18.50
C SER C 2 -19.30 4.58 18.76
N ALA C 3 -19.99 4.14 17.70
CA ALA C 3 -21.39 3.75 17.83
C ALA C 3 -21.52 2.52 18.71
N LYS C 4 -22.49 2.55 19.62
CA LYS C 4 -22.74 1.47 20.55
C LYS C 4 -24.05 0.78 20.23
N ASP C 5 -24.15 -0.47 20.68
CA ASP C 5 -25.40 -1.20 20.73
C ASP C 5 -25.79 -1.37 22.19
N VAL C 6 -27.02 -1.00 22.54
CA VAL C 6 -27.44 -0.96 23.92
C VAL C 6 -28.61 -1.93 24.10
N LYS C 7 -28.50 -2.82 25.07
CA LYS C 7 -29.51 -3.82 25.37
C LYS C 7 -30.00 -3.64 26.80
N PHE C 8 -31.27 -3.94 27.02
CA PHE C 8 -31.93 -3.63 28.27
C PHE C 8 -32.51 -4.90 28.90
N GLY C 9 -32.31 -5.02 30.22
CA GLY C 9 -33.08 -5.98 31.00
C GLY C 9 -32.75 -7.42 30.69
N ALA C 10 -33.77 -8.27 30.80
CA ALA C 10 -33.60 -9.70 30.66
C ALA C 10 -33.08 -10.09 29.29
N ASP C 11 -33.29 -9.26 28.26
CA ASP C 11 -32.78 -9.60 26.95
C ASP C 11 -31.26 -9.57 26.90
N ALA C 12 -30.64 -8.67 27.66
CA ALA C 12 -29.19 -8.65 27.82
C ALA C 12 -28.71 -9.64 28.86
N ARG C 13 -29.46 -9.80 29.95
CA ARG C 13 -29.06 -10.74 30.98
C ARG C 13 -29.06 -12.18 30.47
N ALA C 14 -29.96 -12.51 29.54
CA ALA C 14 -29.99 -13.86 28.98
C ALA C 14 -28.70 -14.14 28.21
N LEU C 15 -28.28 -13.22 27.35
CA LEU C 15 -27.05 -13.40 26.59
C LEU C 15 -25.83 -13.47 27.50
N MET C 16 -25.76 -12.57 28.49
CA MET C 16 -24.65 -12.62 29.44
C MET C 16 -24.60 -13.96 30.15
N LEU C 17 -25.78 -14.49 30.53
CA LEU C 17 -25.82 -15.77 31.20
C LEU C 17 -25.46 -16.93 30.28
N GLN C 18 -25.74 -16.79 28.99
CA GLN C 18 -25.26 -17.80 28.03
C GLN C 18 -23.74 -17.82 27.99
N GLY C 19 -23.11 -16.65 27.97
CA GLY C 19 -21.66 -16.60 28.07
C GLY C 19 -21.13 -17.21 29.36
N VAL C 20 -21.77 -16.88 30.48
CA VAL C 20 -21.40 -17.46 31.77
C VAL C 20 -21.55 -18.97 31.76
N ASP C 21 -22.62 -19.47 31.13
CA ASP C 21 -22.84 -20.91 31.06
C ASP C 21 -21.75 -21.58 30.24
N LEU C 22 -21.35 -20.99 29.12
CA LEU C 22 -20.29 -21.60 28.33
C LEU C 22 -18.97 -21.63 29.10
N LEU C 23 -18.61 -20.53 29.76
CA LEU C 23 -17.37 -20.51 30.53
C LEU C 23 -17.40 -21.51 31.68
N ALA C 24 -18.49 -21.51 32.46
CA ALA C 24 -18.59 -22.42 33.59
C ALA C 24 -18.72 -23.87 33.16
N ASP C 25 -19.21 -24.14 31.96
CA ASP C 25 -19.28 -25.50 31.46
C ASP C 25 -17.92 -25.98 30.98
N ALA C 26 -17.11 -25.08 30.43
CA ALA C 26 -15.76 -25.44 30.05
C ALA C 26 -14.88 -25.66 31.27
N VAL C 27 -15.07 -24.87 32.33
CA VAL C 27 -14.20 -25.00 33.50
C VAL C 27 -14.70 -26.06 34.48
N ALA C 28 -15.99 -26.37 34.48
CA ALA C 28 -16.54 -27.31 35.44
C ALA C 28 -15.90 -28.68 35.32
N VAL C 29 -15.65 -29.13 34.09
CA VAL C 29 -15.15 -30.47 33.83
C VAL C 29 -13.76 -30.70 34.41
N THR C 30 -13.08 -29.67 34.85
CA THR C 30 -11.70 -29.75 35.31
C THR C 30 -11.61 -29.50 36.81
N MET C 31 -12.55 -30.03 37.58
CA MET C 31 -12.67 -29.71 38.99
C MET C 31 -12.53 -30.97 39.83
N GLY C 32 -11.94 -30.82 41.01
CA GLY C 32 -11.55 -31.94 41.82
C GLY C 32 -10.22 -32.51 41.38
N PRO C 33 -9.82 -33.64 41.98
CA PRO C 33 -8.57 -34.29 41.56
C PRO C 33 -8.77 -35.07 40.27
N LYS C 34 -10.00 -35.49 40.03
CA LYS C 34 -10.38 -36.20 38.81
C LYS C 34 -11.03 -35.23 37.82
N GLY C 35 -10.27 -34.24 37.37
CA GLY C 35 -10.77 -33.28 36.41
C GLY C 35 -10.61 -33.81 34.99
N ARG C 36 -11.60 -33.50 34.15
CA ARG C 36 -11.53 -33.96 32.77
C ARG C 36 -10.56 -33.09 31.97
N THR C 37 -10.18 -33.58 30.80
CA THR C 37 -9.18 -32.95 29.96
C THR C 37 -9.82 -31.91 29.05
N VAL C 38 -9.10 -30.81 28.83
CA VAL C 38 -9.49 -29.78 27.89
C VAL C 38 -8.35 -29.62 26.89
N ILE C 39 -8.67 -29.68 25.61
CA ILE C 39 -7.71 -29.50 24.53
C ILE C 39 -7.85 -28.07 24.06
N ILE C 40 -6.78 -27.28 24.22
CA ILE C 40 -6.80 -25.86 23.88
C ILE C 40 -5.91 -25.69 22.66
N GLU C 41 -6.50 -25.33 21.53
CA GLU C 41 -5.73 -25.15 20.31
C GLU C 41 -4.80 -23.96 20.43
N GLN C 42 -3.55 -24.15 20.00
CA GLN C 42 -2.56 -23.10 19.92
C GLN C 42 -2.21 -22.87 18.46
N SER C 43 -2.10 -21.60 18.08
CA SER C 43 -2.00 -21.23 16.67
C SER C 43 -0.60 -21.38 16.11
N TRP C 44 0.39 -21.75 16.93
CA TRP C 44 1.77 -21.86 16.47
C TRP C 44 2.38 -23.24 16.64
N GLY C 45 1.80 -24.09 17.48
CA GLY C 45 2.37 -25.40 17.75
C GLY C 45 1.32 -26.41 18.13
N SER C 46 1.72 -27.38 18.93
CA SER C 46 0.83 -28.43 19.39
C SER C 46 -0.26 -27.86 20.29
N PRO C 47 -1.39 -28.56 20.42
CA PRO C 47 -2.45 -28.10 21.31
C PRO C 47 -2.01 -28.14 22.78
N LYS C 48 -2.68 -27.34 23.59
CA LYS C 48 -2.44 -27.28 25.02
C LYS C 48 -3.44 -28.19 25.72
N VAL C 49 -2.95 -29.32 26.23
CA VAL C 49 -3.78 -30.30 26.91
C VAL C 49 -3.67 -30.03 28.40
N THR C 50 -4.78 -29.78 29.07
CA THR C 50 -4.74 -29.32 30.44
C THR C 50 -5.96 -29.80 31.21
N LYS C 51 -5.77 -30.03 32.50
CA LYS C 51 -6.85 -30.30 33.44
C LYS C 51 -6.94 -29.20 34.48
N ASP C 52 -6.34 -28.05 34.19
CA ASP C 52 -6.21 -26.94 35.13
C ASP C 52 -7.21 -25.86 34.79
N GLY C 53 -7.97 -25.43 35.80
CA GLY C 53 -9.08 -24.52 35.61
C GLY C 53 -8.73 -23.11 35.22
N VAL C 54 -7.75 -22.50 35.90
CA VAL C 54 -7.34 -21.13 35.55
C VAL C 54 -6.98 -21.03 34.07
N THR C 55 -6.21 -21.99 33.57
CA THR C 55 -5.79 -21.98 32.16
C THR C 55 -6.99 -22.11 31.23
N VAL C 56 -7.88 -23.05 31.53
CA VAL C 56 -9.08 -23.25 30.72
C VAL C 56 -9.89 -21.97 30.69
N ALA C 57 -10.11 -21.35 31.85
CA ALA C 57 -10.94 -20.15 31.93
C ALA C 57 -10.32 -18.99 31.17
N LYS C 58 -9.01 -18.80 31.30
CA LYS C 58 -8.35 -17.75 30.54
C LYS C 58 -8.36 -18.05 29.04
N SER C 59 -8.59 -19.32 28.66
CA SER C 59 -8.67 -19.67 27.25
C SER C 59 -9.94 -19.13 26.59
N ILE C 60 -11.10 -19.27 27.25
CA ILE C 60 -12.38 -18.96 26.62
C ILE C 60 -12.51 -17.47 26.37
N ASP C 61 -12.64 -17.10 25.10
CA ASP C 61 -13.04 -15.77 24.64
C ASP C 61 -14.14 -15.97 23.62
N LEU C 62 -15.36 -15.54 23.92
CA LEU C 62 -16.46 -15.72 22.98
C LEU C 62 -16.43 -14.62 21.92
N LYS C 63 -17.45 -14.60 21.08
CA LYS C 63 -17.53 -13.66 19.97
C LYS C 63 -18.75 -12.75 20.06
N ASP C 64 -19.88 -13.26 20.49
CA ASP C 64 -20.97 -12.41 20.91
C ASP C 64 -20.47 -11.52 22.04
N LYS C 65 -20.76 -10.22 21.95
CA LYS C 65 -20.19 -9.28 22.92
C LYS C 65 -20.88 -9.36 24.27
N TYR C 66 -22.19 -9.62 24.29
CA TYR C 66 -22.90 -9.80 25.55
C TYR C 66 -22.47 -11.09 26.25
N LYS C 67 -22.46 -12.19 25.51
CA LYS C 67 -21.91 -13.45 26.01
C LYS C 67 -20.50 -13.24 26.56
N ASN C 68 -19.65 -12.56 25.78
CA ASN C 68 -18.27 -12.37 26.19
C ASN C 68 -18.14 -11.48 27.41
N ILE C 69 -19.02 -10.50 27.60
CA ILE C 69 -18.84 -9.69 28.80
C ILE C 69 -19.41 -10.38 30.03
N GLY C 70 -20.44 -11.21 29.89
CA GLY C 70 -20.86 -12.05 31.00
C GLY C 70 -19.76 -13.01 31.43
N ALA C 71 -19.15 -13.66 30.44
CA ALA C 71 -18.02 -14.56 30.71
C ALA C 71 -16.86 -13.81 31.32
N LYS C 72 -16.56 -12.60 30.83
CA LYS C 72 -15.48 -11.81 31.39
C LYS C 72 -15.76 -11.39 32.82
N LEU C 73 -17.01 -11.10 33.14
CA LEU C 73 -17.36 -10.71 34.51
C LEU C 73 -17.10 -11.85 35.47
N VAL C 74 -17.67 -13.03 35.18
CA VAL C 74 -17.43 -14.20 36.02
C VAL C 74 -15.97 -14.59 36.02
N GLN C 75 -15.29 -14.44 34.89
CA GLN C 75 -13.88 -14.80 34.76
C GLN C 75 -13.00 -13.91 35.61
N ASP C 76 -13.27 -12.60 35.64
CA ASP C 76 -12.48 -11.71 36.46
C ASP C 76 -12.75 -11.89 37.94
N VAL C 77 -13.99 -12.21 38.34
CA VAL C 77 -14.18 -12.46 39.76
C VAL C 77 -13.47 -13.74 40.18
N ALA C 78 -13.45 -14.76 39.31
CA ALA C 78 -12.70 -15.97 39.61
C ALA C 78 -11.20 -15.72 39.65
N ASN C 79 -10.68 -14.84 38.79
CA ASN C 79 -9.27 -14.47 38.86
C ASN C 79 -8.97 -13.73 40.15
N ASN C 80 -9.90 -12.91 40.62
CA ASN C 80 -9.70 -12.24 41.90
C ASN C 80 -9.68 -13.23 43.05
N THR C 81 -10.55 -14.24 42.99
CA THR C 81 -10.49 -15.32 43.99
C THR C 81 -9.13 -16.01 43.97
N ASN C 82 -8.69 -16.44 42.79
CA ASN C 82 -7.35 -16.99 42.63
C ASN C 82 -6.29 -16.10 43.27
N GLU C 83 -6.19 -14.85 42.81
CA GLU C 83 -5.07 -14.00 43.19
C GLU C 83 -5.22 -13.39 44.58
N GLU C 84 -6.33 -13.64 45.26
CA GLU C 84 -6.47 -13.26 46.66
C GLU C 84 -6.19 -14.44 47.59
N ALA C 85 -6.90 -15.55 47.41
CA ALA C 85 -6.77 -16.69 48.30
C ALA C 85 -5.81 -17.77 47.77
N GLY C 86 -5.37 -17.68 46.52
CA GLY C 86 -4.52 -18.70 45.94
C GLY C 86 -5.23 -19.90 45.36
N ASP C 87 -6.54 -20.00 45.55
CA ASP C 87 -7.36 -21.09 45.02
C ASP C 87 -8.78 -20.59 44.90
N GLY C 88 -9.58 -21.27 44.08
CA GLY C 88 -11.00 -20.95 44.04
C GLY C 88 -11.62 -20.69 42.69
N THR C 89 -10.80 -20.43 41.66
CA THR C 89 -11.30 -20.10 40.33
C THR C 89 -12.46 -20.97 39.87
N THR C 90 -12.28 -22.30 39.89
CA THR C 90 -13.32 -23.20 39.39
C THR C 90 -14.50 -23.25 40.33
N THR C 91 -14.25 -23.36 41.64
CA THR C 91 -15.34 -23.36 42.60
C THR C 91 -16.14 -22.07 42.54
N ALA C 92 -15.45 -20.93 42.53
CA ALA C 92 -16.13 -19.65 42.38
C ALA C 92 -16.93 -19.59 41.10
N THR C 93 -16.40 -20.15 40.02
CA THR C 93 -17.11 -20.08 38.74
C THR C 93 -18.38 -20.93 38.74
N VAL C 94 -18.28 -22.16 39.25
CA VAL C 94 -19.46 -23.03 39.25
C VAL C 94 -20.52 -22.49 40.22
N LEU C 95 -20.09 -21.95 41.36
CA LEU C 95 -21.03 -21.33 42.29
C LEU C 95 -21.68 -20.10 41.67
N ALA C 96 -20.89 -19.25 41.02
CA ALA C 96 -21.42 -18.08 40.34
C ALA C 96 -22.48 -18.44 39.33
N ARG C 97 -22.19 -19.42 38.46
CA ARG C 97 -23.17 -19.82 37.46
C ARG C 97 -24.41 -20.41 38.10
N SER C 98 -24.26 -21.23 39.14
CA SER C 98 -25.43 -21.79 39.81
C SER C 98 -26.33 -20.69 40.36
N ILE C 99 -25.76 -19.78 41.16
CA ILE C 99 -26.54 -18.70 41.75
C ILE C 99 -27.18 -17.83 40.66
N ALA C 100 -26.41 -17.49 39.62
CA ALA C 100 -26.93 -16.62 38.58
C ALA C 100 -28.06 -17.27 37.82
N LYS C 101 -27.96 -18.57 37.55
CA LYS C 101 -28.99 -19.24 36.76
C LYS C 101 -30.26 -19.43 37.57
N GLU C 102 -30.13 -19.83 38.84
CA GLU C 102 -31.31 -19.96 39.69
C GLU C 102 -31.98 -18.61 39.92
N GLY C 103 -31.19 -17.57 40.22
CA GLY C 103 -31.74 -16.23 40.32
C GLY C 103 -32.48 -15.79 39.06
N PHE C 104 -31.90 -16.07 37.90
CA PHE C 104 -32.53 -15.67 36.64
C PHE C 104 -33.86 -16.39 36.45
N GLU C 105 -33.90 -17.70 36.73
CA GLU C 105 -35.13 -18.45 36.55
C GLU C 105 -36.20 -18.00 37.55
N LYS C 106 -35.79 -17.58 38.75
CA LYS C 106 -36.78 -17.10 39.71
C LYS C 106 -37.27 -15.71 39.34
N ILE C 107 -36.38 -14.83 38.88
CA ILE C 107 -36.76 -13.47 38.52
C ILE C 107 -37.67 -13.48 37.29
N SER C 108 -37.42 -14.38 36.34
CA SER C 108 -38.25 -14.43 35.14
C SER C 108 -39.68 -14.81 35.45
N LYS C 109 -39.94 -15.37 36.63
CA LYS C 109 -41.31 -15.63 37.05
C LYS C 109 -42.00 -14.35 37.54
N GLY C 110 -41.24 -13.40 38.09
CA GLY C 110 -41.83 -12.17 38.57
C GLY C 110 -41.21 -11.66 39.85
N ALA C 111 -40.33 -12.46 40.45
CA ALA C 111 -39.73 -12.12 41.73
C ALA C 111 -38.88 -10.85 41.62
N ASN C 112 -39.01 -9.99 42.63
CA ASN C 112 -38.18 -8.79 42.72
C ASN C 112 -36.70 -9.18 42.82
N PRO C 113 -35.84 -8.66 41.94
CA PRO C 113 -34.41 -8.97 42.05
C PRO C 113 -33.77 -8.51 43.36
N VAL C 114 -34.19 -7.36 43.88
CA VAL C 114 -33.56 -6.80 45.07
C VAL C 114 -33.79 -7.69 46.29
N GLU C 115 -35.02 -8.15 46.48
CA GLU C 115 -35.33 -9.05 47.58
C GLU C 115 -34.62 -10.39 47.43
N ILE C 116 -34.51 -10.88 46.20
CA ILE C 116 -33.74 -12.11 45.95
C ILE C 116 -32.29 -11.92 46.37
N ARG C 117 -31.68 -10.80 45.97
CA ARG C 117 -30.31 -10.52 46.41
C ARG C 117 -30.22 -10.45 47.93
N ARG C 118 -31.19 -9.80 48.58
CA ARG C 118 -31.15 -9.72 50.04
C ARG C 118 -31.15 -11.10 50.68
N GLY C 119 -32.02 -12.00 50.19
CA GLY C 119 -32.04 -13.35 50.72
C GLY C 119 -30.77 -14.12 50.44
N VAL C 120 -30.24 -13.98 49.22
CA VAL C 120 -28.99 -14.64 48.86
C VAL C 120 -27.88 -14.23 49.81
N MET C 121 -27.77 -12.93 50.07
CA MET C 121 -26.66 -12.44 50.88
C MET C 121 -26.86 -12.78 52.36
N LEU C 122 -28.12 -12.84 52.81
CA LEU C 122 -28.37 -13.36 54.16
C LEU C 122 -27.86 -14.78 54.30
N ALA C 123 -28.32 -15.68 53.43
CA ALA C 123 -27.77 -17.02 53.36
C ALA C 123 -26.24 -17.03 53.35
N VAL C 124 -25.63 -16.23 52.49
CA VAL C 124 -24.18 -16.26 52.31
C VAL C 124 -23.47 -15.86 53.60
N ASP C 125 -23.93 -14.81 54.28
CA ASP C 125 -23.31 -14.42 55.54
C ASP C 125 -23.47 -15.51 56.59
N ALA C 126 -24.63 -16.15 56.64
CA ALA C 126 -24.81 -17.28 57.56
C ALA C 126 -23.78 -18.38 57.27
N VAL C 127 -23.60 -18.71 55.99
CA VAL C 127 -22.71 -19.79 55.60
C VAL C 127 -21.26 -19.44 55.95
N ILE C 128 -20.85 -18.21 55.68
CA ILE C 128 -19.48 -17.80 56.00
C ILE C 128 -19.25 -17.82 57.50
N ALA C 129 -20.25 -17.40 58.28
CA ALA C 129 -20.15 -17.51 59.73
C ALA C 129 -19.94 -18.95 60.16
N GLU C 130 -20.69 -19.88 59.55
CA GLU C 130 -20.53 -21.29 59.87
C GLU C 130 -19.16 -21.81 59.47
N LEU C 131 -18.68 -21.41 58.30
CA LEU C 131 -17.34 -21.78 57.85
C LEU C 131 -16.29 -21.33 58.86
N LYS C 132 -16.43 -20.11 59.37
CA LYS C 132 -15.50 -19.62 60.38
C LYS C 132 -15.60 -20.42 61.68
N LYS C 133 -16.82 -20.75 62.10
CA LYS C 133 -16.97 -21.43 63.39
C LYS C 133 -16.48 -22.87 63.33
N GLN C 134 -16.59 -23.52 62.17
CA GLN C 134 -16.11 -24.89 62.01
C GLN C 134 -14.64 -24.97 61.62
N SER C 135 -13.97 -23.84 61.40
CA SER C 135 -12.56 -23.85 61.03
C SER C 135 -11.70 -24.40 62.17
N LYS C 136 -10.60 -25.05 61.81
CA LYS C 136 -9.62 -25.54 62.76
C LYS C 136 -8.24 -25.01 62.41
N PRO C 137 -7.47 -24.55 63.39
CA PRO C 137 -6.13 -24.02 63.08
C PRO C 137 -5.14 -25.12 62.77
N VAL C 138 -4.05 -24.72 62.10
CA VAL C 138 -2.96 -25.64 61.82
C VAL C 138 -2.15 -25.85 63.11
N THR C 139 -1.69 -27.08 63.31
CA THR C 139 -0.98 -27.46 64.54
C THR C 139 0.32 -28.19 64.29
N THR C 140 0.65 -28.53 63.04
CA THR C 140 1.80 -29.38 62.74
C THR C 140 2.12 -29.33 61.25
N PRO C 141 3.41 -29.37 60.87
CA PRO C 141 3.78 -29.26 59.45
C PRO C 141 3.06 -30.22 58.51
N GLU C 142 2.49 -31.33 59.00
CA GLU C 142 1.81 -32.25 58.10
C GLU C 142 0.64 -31.56 57.39
N GLU C 143 -0.13 -30.75 58.13
CA GLU C 143 -1.23 -30.02 57.51
C GLU C 143 -0.71 -29.00 56.51
N ILE C 144 0.42 -28.37 56.82
CA ILE C 144 1.04 -27.43 55.87
C ILE C 144 1.34 -28.14 54.55
N ALA C 145 1.94 -29.32 54.64
CA ALA C 145 2.27 -30.07 53.44
C ALA C 145 1.02 -30.52 52.70
N GLN C 146 0.00 -30.98 53.43
CA GLN C 146 -1.26 -31.39 52.81
C GLN C 146 -1.90 -30.24 52.05
N VAL C 147 -1.95 -29.06 52.67
CA VAL C 147 -2.59 -27.90 52.06
C VAL C 147 -1.79 -27.43 50.86
N ALA C 148 -0.46 -27.47 50.94
CA ALA C 148 0.36 -27.05 49.81
C ALA C 148 0.24 -28.01 48.65
N THR C 149 0.13 -29.32 48.94
CA THR C 149 -0.03 -30.30 47.89
C THR C 149 -1.38 -30.15 47.21
N ILE C 150 -2.46 -29.99 47.99
CA ILE C 150 -3.77 -29.80 47.39
C ILE C 150 -3.80 -28.53 46.56
N SER C 151 -3.20 -27.45 47.07
CA SER C 151 -3.29 -26.16 46.40
C SER C 151 -2.49 -26.11 45.11
N ALA C 152 -1.50 -26.98 44.95
CA ALA C 152 -0.68 -26.98 43.73
C ALA C 152 -1.11 -28.09 42.78
N ASN C 153 -2.41 -28.13 42.48
CA ASN C 153 -3.02 -29.12 41.59
C ASN C 153 -2.45 -30.53 41.87
N GLY C 154 -2.38 -30.88 43.15
CA GLY C 154 -2.02 -32.22 43.56
C GLY C 154 -0.55 -32.56 43.53
N ASP C 155 0.30 -31.66 43.03
CA ASP C 155 1.73 -31.94 42.97
C ASP C 155 2.31 -32.10 44.37
N LYS C 156 3.18 -33.10 44.54
CA LYS C 156 3.78 -33.36 45.84
C LYS C 156 5.11 -32.65 46.04
N GLU C 157 5.83 -32.34 44.96
CA GLU C 157 7.10 -31.64 45.09
C GLU C 157 6.89 -30.22 45.60
N ILE C 158 5.89 -29.52 45.07
CA ILE C 158 5.58 -28.17 45.53
C ILE C 158 5.21 -28.17 47.00
N GLY C 159 4.30 -29.06 47.39
CA GLY C 159 3.94 -29.18 48.79
C GLY C 159 5.14 -29.49 49.67
N ASN C 160 5.98 -30.42 49.23
CA ASN C 160 7.15 -30.80 50.02
C ASN C 160 8.10 -29.63 50.22
N ILE C 161 8.41 -28.89 49.15
CA ILE C 161 9.36 -27.79 49.28
C ILE C 161 8.76 -26.66 50.11
N ILE C 162 7.47 -26.40 49.94
CA ILE C 162 6.83 -25.34 50.72
C ILE C 162 6.83 -25.70 52.21
N SER C 163 6.51 -26.96 52.53
CA SER C 163 6.54 -27.37 53.93
C SER C 163 7.95 -27.36 54.49
N ASP C 164 8.95 -27.70 53.68
CA ASP C 164 10.33 -27.64 54.13
C ASP C 164 10.73 -26.20 54.44
N ALA C 165 10.36 -25.26 53.56
CA ALA C 165 10.67 -23.86 53.80
C ALA C 165 9.95 -23.32 55.03
N MET C 166 8.70 -23.73 55.25
CA MET C 166 7.99 -23.29 56.45
C MET C 166 8.48 -23.99 57.71
N LYS C 167 9.12 -25.15 57.57
CA LYS C 167 9.80 -25.76 58.71
C LYS C 167 11.07 -25.01 59.05
N LYS C 168 11.81 -24.56 58.03
CA LYS C 168 13.07 -23.87 58.30
C LYS C 168 12.83 -22.44 58.78
N VAL C 169 12.27 -21.59 57.92
CA VAL C 169 12.00 -20.20 58.32
C VAL C 169 10.96 -20.16 59.43
N GLY C 170 9.78 -20.67 59.16
CA GLY C 170 8.66 -20.62 60.08
C GLY C 170 7.36 -20.42 59.32
N ARG C 171 6.26 -20.72 60.00
CA ARG C 171 4.94 -20.55 59.40
C ARG C 171 4.71 -19.10 58.97
N LYS C 172 4.88 -18.17 59.91
CA LYS C 172 4.67 -16.75 59.65
C LYS C 172 5.94 -16.05 59.18
N GLY C 173 6.89 -16.79 58.64
CA GLY C 173 8.13 -16.21 58.17
C GLY C 173 7.97 -15.58 56.80
N VAL C 174 9.11 -15.41 56.12
CA VAL C 174 9.17 -14.77 54.82
C VAL C 174 9.65 -15.78 53.80
N ILE C 175 8.87 -15.97 52.74
CA ILE C 175 9.16 -16.97 51.70
C ILE C 175 8.84 -16.32 50.37
N THR C 176 9.86 -16.05 49.57
CA THR C 176 9.69 -15.58 48.20
C THR C 176 10.01 -16.72 47.24
N VAL C 177 9.58 -16.56 45.99
CA VAL C 177 9.82 -17.54 44.94
C VAL C 177 10.17 -16.82 43.65
N LYS C 178 11.35 -17.11 43.11
CA LYS C 178 11.85 -16.51 41.89
C LYS C 178 12.15 -17.60 40.87
N ASP C 179 12.60 -17.18 39.70
CA ASP C 179 12.90 -18.12 38.63
C ASP C 179 14.35 -18.57 38.68
N GLY C 180 14.59 -19.83 38.29
CA GLY C 180 15.90 -20.41 38.26
C GLY C 180 16.41 -20.66 36.86
N LYS C 181 17.55 -21.33 36.80
CA LYS C 181 18.19 -21.67 35.53
C LYS C 181 18.52 -23.15 35.38
N THR C 182 18.36 -23.95 36.42
CA THR C 182 18.66 -25.37 36.39
C THR C 182 17.40 -26.16 36.03
N LEU C 183 17.47 -27.47 36.19
CA LEU C 183 16.35 -28.36 35.84
C LEU C 183 15.46 -28.68 37.02
N ASN C 184 16.01 -28.89 38.21
CA ASN C 184 15.23 -29.24 39.39
C ASN C 184 15.12 -28.05 40.32
N ASP C 185 14.15 -28.12 41.24
CA ASP C 185 13.92 -27.06 42.19
C ASP C 185 14.86 -27.19 43.38
N GLU C 186 15.36 -26.05 43.86
CA GLU C 186 16.26 -26.01 45.00
C GLU C 186 15.75 -24.99 46.01
N LEU C 187 15.99 -25.28 47.29
CA LEU C 187 15.55 -24.43 48.40
C LEU C 187 16.76 -23.76 49.02
N GLU C 188 16.70 -22.44 49.16
CA GLU C 188 17.81 -21.67 49.68
C GLU C 188 17.32 -20.74 50.78
N ILE C 189 18.14 -20.62 51.84
CA ILE C 189 17.89 -19.68 52.92
C ILE C 189 19.00 -18.64 52.86
N ILE C 190 18.67 -17.43 52.42
CA ILE C 190 19.67 -16.39 52.21
C ILE C 190 19.32 -15.18 53.06
N GLU C 191 20.34 -14.44 53.46
CA GLU C 191 20.16 -13.34 54.40
C GLU C 191 19.31 -12.23 53.78
N GLY C 192 18.27 -11.84 54.49
CA GLY C 192 17.41 -10.77 54.04
C GLY C 192 16.46 -10.32 55.12
N MET C 193 15.52 -9.48 54.73
CA MET C 193 14.51 -8.99 55.66
C MET C 193 13.32 -8.45 54.88
N LYS C 194 12.16 -8.48 55.53
CA LYS C 194 10.93 -7.94 54.96
C LYS C 194 10.17 -7.20 56.04
N PHE C 195 9.58 -6.06 55.69
CA PHE C 195 8.76 -5.29 56.62
C PHE C 195 7.48 -4.88 55.92
N ASP C 196 6.45 -4.58 56.72
CA ASP C 196 5.09 -4.43 56.22
C ASP C 196 4.79 -2.97 55.85
N ARG C 197 5.60 -2.44 54.93
CA ARG C 197 5.37 -1.12 54.36
C ARG C 197 5.83 -1.13 52.92
N GLY C 198 4.89 -0.92 52.00
CA GLY C 198 5.19 -0.88 50.58
C GLY C 198 5.52 0.52 50.10
N TYR C 199 5.47 0.70 48.78
CA TYR C 199 5.81 1.98 48.20
C TYR C 199 4.66 2.96 48.35
N ILE C 200 5.01 4.25 48.48
CA ILE C 200 4.00 5.29 48.64
C ILE C 200 3.32 5.57 47.30
N SER C 201 4.08 5.64 46.22
CA SER C 201 3.54 5.97 44.91
C SER C 201 3.65 4.78 43.98
N PRO C 202 2.54 4.34 43.37
CA PRO C 202 2.56 3.23 42.41
C PRO C 202 3.02 3.65 41.02
N TYR C 203 4.12 4.41 40.95
CA TYR C 203 4.66 4.89 39.69
C TYR C 203 6.08 4.43 39.44
N PHE C 204 6.72 3.79 40.43
CA PHE C 204 8.09 3.31 40.28
C PHE C 204 8.18 1.84 39.91
N ILE C 205 7.04 1.19 39.67
CA ILE C 205 7.02 -0.26 39.47
C ILE C 205 7.74 -0.59 38.17
N ASN C 206 8.83 -1.35 38.27
CA ASN C 206 9.53 -1.80 37.07
C ASN C 206 8.77 -2.92 36.37
N THR C 207 8.23 -3.86 37.14
CA THR C 207 7.48 -4.98 36.62
C THR C 207 5.99 -4.69 36.65
N SER C 208 5.25 -5.40 35.79
CA SER C 208 3.80 -5.24 35.70
C SER C 208 3.03 -6.48 36.11
N LYS C 209 3.68 -7.65 36.16
CA LYS C 209 2.97 -8.87 36.52
C LYS C 209 2.54 -8.84 37.98
N GLY C 210 3.49 -8.77 38.90
CA GLY C 210 3.19 -8.80 40.31
C GLY C 210 2.89 -7.47 40.97
N GLN C 211 2.87 -6.38 40.20
CA GLN C 211 2.65 -5.03 40.72
C GLN C 211 3.68 -4.71 41.81
N LYS C 212 4.94 -4.70 41.40
CA LYS C 212 6.05 -4.51 42.33
C LYS C 212 7.23 -3.91 41.58
N CYS C 213 8.34 -3.72 42.29
CA CYS C 213 9.55 -3.13 41.75
C CYS C 213 10.75 -3.98 42.12
N GLU C 214 11.43 -4.50 41.09
CA GLU C 214 12.57 -5.39 41.27
C GLU C 214 13.85 -4.65 40.91
N PHE C 215 14.86 -4.73 41.78
CA PHE C 215 16.13 -4.04 41.58
C PHE C 215 17.28 -4.99 41.88
N GLN C 216 18.48 -4.55 41.52
CA GLN C 216 19.69 -5.34 41.71
C GLN C 216 20.82 -4.40 42.14
N ASP C 217 21.44 -4.72 43.27
CA ASP C 217 22.55 -3.94 43.84
C ASP C 217 22.17 -2.46 43.95
N ALA C 218 21.17 -2.20 44.78
CA ALA C 218 20.62 -0.87 44.95
C ALA C 218 21.08 -0.26 46.27
N TYR C 219 21.41 1.03 46.23
CA TYR C 219 21.77 1.75 47.44
C TYR C 219 20.54 1.96 48.32
N VAL C 220 20.79 2.21 49.60
CA VAL C 220 19.74 2.37 50.60
C VAL C 220 19.95 3.69 51.32
N LEU C 221 18.91 4.53 51.33
CA LEU C 221 18.91 5.80 52.04
C LEU C 221 17.99 5.69 53.25
N LEU C 222 18.50 6.08 54.41
CA LEU C 222 17.75 6.07 55.65
C LEU C 222 17.65 7.49 56.19
N SER C 223 16.44 7.91 56.57
CA SER C 223 16.25 9.25 57.11
C SER C 223 15.11 9.19 58.13
N GLU C 224 15.47 9.10 59.41
CA GLU C 224 14.50 9.25 60.49
C GLU C 224 13.95 10.66 60.60
N LYS C 225 14.39 11.59 59.75
CA LYS C 225 13.81 12.92 59.71
C LYS C 225 13.21 13.22 58.33
N LYS C 226 12.28 14.17 58.31
CA LYS C 226 11.67 14.63 57.08
C LYS C 226 12.75 15.18 56.15
N ILE C 227 12.47 15.19 54.85
CA ILE C 227 13.42 15.77 53.91
C ILE C 227 13.53 17.26 54.20
N SER C 228 14.74 17.70 54.57
CA SER C 228 14.95 19.08 54.97
C SER C 228 14.72 20.03 53.81
N SER C 229 15.27 19.71 52.65
CA SER C 229 15.19 20.57 51.47
C SER C 229 15.61 19.76 50.26
N ILE C 230 15.70 20.44 49.11
CA ILE C 230 16.04 19.75 47.86
C ILE C 230 17.54 19.68 47.65
N GLN C 231 18.29 20.68 48.11
CA GLN C 231 19.75 20.58 48.16
C GLN C 231 20.24 19.49 49.11
N SER C 232 19.33 18.81 49.81
CA SER C 232 19.64 17.67 50.65
C SER C 232 19.43 16.34 49.94
N ILE C 233 18.38 16.23 49.11
CA ILE C 233 18.11 14.98 48.41
C ILE C 233 18.75 14.93 47.02
N VAL C 234 19.15 16.07 46.47
CA VAL C 234 19.80 16.10 45.15
C VAL C 234 21.23 15.57 45.23
N PRO C 235 22.03 15.91 46.26
CA PRO C 235 23.36 15.29 46.35
C PRO C 235 23.32 13.78 46.47
N ALA C 236 22.33 13.24 47.18
CA ALA C 236 22.20 11.79 47.27
C ALA C 236 21.90 11.17 45.91
N LEU C 237 21.01 11.81 45.14
CA LEU C 237 20.71 11.32 43.79
C LEU C 237 21.96 11.37 42.91
N GLU C 238 22.72 12.45 42.99
CA GLU C 238 23.94 12.56 42.19
C GLU C 238 24.96 11.50 42.60
N ILE C 239 25.08 11.24 43.91
CA ILE C 239 25.99 10.21 44.38
C ILE C 239 25.55 8.83 43.88
N ALA C 240 24.25 8.56 43.90
CA ALA C 240 23.78 7.25 43.46
C ALA C 240 23.86 7.09 41.96
N ASN C 241 23.79 8.19 41.21
CA ASN C 241 23.99 8.11 39.76
C ASN C 241 25.46 7.92 39.43
N ALA C 242 26.35 8.60 40.16
CA ALA C 242 27.78 8.50 39.92
C ALA C 242 28.38 7.18 40.39
N HIS C 243 27.67 6.42 41.22
CA HIS C 243 28.15 5.12 41.68
C HIS C 243 27.35 3.96 41.09
N ARG C 244 26.79 4.15 39.89
CA ARG C 244 26.20 3.09 39.06
C ARG C 244 25.29 2.15 39.86
N LYS C 245 24.55 2.68 40.84
CA LYS C 245 23.65 1.86 41.63
C LYS C 245 22.33 2.58 41.83
N PRO C 246 21.23 1.84 41.89
CA PRO C 246 19.93 2.46 42.17
C PRO C 246 19.83 2.88 43.63
N LEU C 247 18.82 3.71 43.91
CA LEU C 247 18.58 4.23 45.24
C LEU C 247 17.25 3.71 45.75
N VAL C 248 17.24 3.25 47.01
CA VAL C 248 16.02 2.84 47.70
C VAL C 248 15.98 3.61 49.01
N ILE C 249 15.08 4.60 49.10
CA ILE C 249 15.07 5.54 50.20
C ILE C 249 13.89 5.20 51.11
N ILE C 250 14.08 5.41 52.42
CA ILE C 250 13.04 5.19 53.41
C ILE C 250 12.96 6.42 54.30
N ALA C 251 11.74 6.85 54.61
CA ALA C 251 11.50 7.99 55.48
C ALA C 251 10.07 7.87 56.01
N GLU C 252 9.62 8.92 56.70
CA GLU C 252 8.34 8.85 57.38
C GLU C 252 7.20 9.00 56.39
N ASP C 253 7.19 10.13 55.68
CA ASP C 253 6.10 10.50 54.78
C ASP C 253 6.72 11.33 53.67
N VAL C 254 6.94 10.71 52.51
CA VAL C 254 7.36 11.44 51.33
C VAL C 254 6.16 11.46 50.39
N ASP C 255 5.28 12.44 50.56
CA ASP C 255 4.00 12.44 49.86
C ASP C 255 3.85 13.59 48.88
N GLY C 256 4.01 14.83 49.33
CA GLY C 256 3.62 15.97 48.51
C GLY C 256 4.67 16.51 47.56
N GLU C 257 5.81 16.93 48.09
CA GLU C 257 6.79 17.67 47.30
C GLU C 257 7.94 16.81 46.79
N ALA C 258 8.53 15.99 47.65
CA ALA C 258 9.65 15.17 47.22
C ALA C 258 9.20 13.96 46.42
N LEU C 259 7.99 13.46 46.70
CA LEU C 259 7.47 12.35 45.91
C LEU C 259 7.23 12.77 44.47
N SER C 260 6.78 14.02 44.26
CA SER C 260 6.55 14.50 42.90
C SER C 260 7.86 14.62 42.14
N THR C 261 8.88 15.20 42.77
CA THR C 261 10.22 15.21 42.18
C THR C 261 10.67 13.82 41.81
N LEU C 262 10.56 12.86 42.73
CA LEU C 262 11.02 11.50 42.46
C LEU C 262 10.26 10.88 41.29
N VAL C 263 8.94 11.08 41.23
CA VAL C 263 8.15 10.46 40.18
C VAL C 263 8.46 11.09 38.82
N LEU C 264 8.66 12.41 38.79
CA LEU C 264 9.01 13.04 37.51
C LEU C 264 10.41 12.65 37.07
N ASN C 265 11.33 12.45 38.02
CA ASN C 265 12.64 11.89 37.69
C ASN C 265 12.53 10.46 37.18
N ARG C 266 11.55 9.71 37.69
CA ARG C 266 11.31 8.35 37.18
C ARG C 266 10.99 8.35 35.70
N LEU C 267 10.31 9.38 35.21
CA LEU C 267 10.02 9.47 33.78
C LEU C 267 11.29 9.51 32.95
N LYS C 268 12.36 10.08 33.48
CA LYS C 268 13.63 10.10 32.76
C LYS C 268 14.14 8.68 32.56
N VAL C 269 14.72 8.43 31.39
CA VAL C 269 15.18 7.09 31.02
C VAL C 269 16.48 6.80 31.76
N GLY C 270 16.50 5.71 32.51
CA GLY C 270 17.70 5.31 33.23
C GLY C 270 17.62 5.53 34.73
N LEU C 271 17.02 6.64 35.15
CA LEU C 271 16.91 6.94 36.57
C LEU C 271 16.04 5.91 37.28
N GLN C 272 16.51 5.43 38.43
CA GLN C 272 15.79 4.43 39.20
C GLN C 272 15.85 4.79 40.68
N VAL C 273 14.69 4.78 41.33
CA VAL C 273 14.60 5.10 42.75
C VAL C 273 13.27 4.60 43.28
N VAL C 274 13.23 4.25 44.56
CA VAL C 274 12.02 3.82 45.24
C VAL C 274 11.96 4.46 46.62
N ALA C 275 10.79 4.99 46.99
CA ALA C 275 10.55 5.55 48.31
C ALA C 275 9.62 4.64 49.09
N VAL C 276 9.92 4.44 50.37
CA VAL C 276 9.15 3.56 51.23
C VAL C 276 8.83 4.29 52.53
N LYS C 277 7.58 4.16 52.99
CA LYS C 277 7.16 4.74 54.24
C LYS C 277 7.91 4.11 55.42
N ALA C 278 8.05 4.89 56.49
CA ALA C 278 8.69 4.38 57.69
C ALA C 278 7.88 3.23 58.27
N PRO C 279 8.51 2.10 58.62
CA PRO C 279 7.74 0.94 59.08
C PRO C 279 7.00 1.15 60.38
N GLY C 280 7.69 1.59 61.44
CA GLY C 280 7.07 1.76 62.74
C GLY C 280 6.56 3.18 62.96
N PHE C 281 6.14 3.43 64.20
CA PHE C 281 5.71 4.76 64.61
C PHE C 281 6.45 5.28 65.84
N GLY C 282 6.89 4.41 66.75
CA GLY C 282 7.57 4.85 67.94
C GLY C 282 8.98 4.30 68.08
N ASP C 283 9.29 3.73 69.25
CA ASP C 283 10.60 3.14 69.48
C ASP C 283 10.87 2.01 68.48
N ASN C 284 9.82 1.30 68.07
CA ASN C 284 9.98 0.23 67.10
C ASN C 284 10.60 0.75 65.81
N ARG C 285 10.13 1.91 65.33
CA ARG C 285 10.64 2.48 64.09
C ARG C 285 12.13 2.81 64.21
N LYS C 286 12.52 3.43 65.33
CA LYS C 286 13.91 3.82 65.51
C LYS C 286 14.81 2.59 65.60
N ASN C 287 14.43 1.60 66.41
CA ASN C 287 15.29 0.43 66.54
C ASN C 287 15.34 -0.39 65.25
N GLN C 288 14.25 -0.44 64.48
CA GLN C 288 14.33 -1.21 63.23
C GLN C 288 15.14 -0.46 62.18
N LEU C 289 15.09 0.88 62.19
CA LEU C 289 15.99 1.63 61.31
C LEU C 289 17.44 1.41 61.69
N LYS C 290 17.74 1.36 62.99
CA LYS C 290 19.09 1.03 63.42
C LYS C 290 19.49 -0.37 62.96
N ASP C 291 18.57 -1.32 63.08
CA ASP C 291 18.85 -2.69 62.63
C ASP C 291 19.14 -2.73 61.13
N MET C 292 18.35 -2.01 60.34
CA MET C 292 18.58 -1.97 58.90
C MET C 292 19.91 -1.31 58.56
N ALA C 293 20.24 -0.23 59.27
CA ALA C 293 21.52 0.44 59.04
C ALA C 293 22.69 -0.50 59.32
N ILE C 294 22.64 -1.23 60.43
CA ILE C 294 23.72 -2.17 60.74
C ILE C 294 23.75 -3.31 59.73
N ALA C 295 22.60 -3.85 59.35
CA ALA C 295 22.57 -4.97 58.42
C ALA C 295 23.01 -4.58 57.02
N THR C 296 22.82 -3.33 56.64
CA THR C 296 23.18 -2.87 55.30
C THR C 296 24.61 -2.34 55.25
N GLY C 297 25.04 -1.61 56.27
CA GLY C 297 26.39 -1.08 56.30
C GLY C 297 26.46 0.36 55.86
N GLY C 298 26.59 1.29 56.81
CA GLY C 298 26.61 2.69 56.49
C GLY C 298 26.38 3.57 57.70
N ALA C 299 25.47 4.54 57.57
CA ALA C 299 25.15 5.45 58.66
C ALA C 299 23.68 5.82 58.58
N VAL C 300 23.24 6.60 59.57
CA VAL C 300 21.85 7.04 59.68
C VAL C 300 21.83 8.56 59.62
N PHE C 301 21.03 9.11 58.72
CA PHE C 301 20.86 10.54 58.59
C PHE C 301 19.57 10.97 59.26
N GLY C 302 19.66 11.95 60.16
CA GLY C 302 18.48 12.48 60.82
C GLY C 302 18.39 12.21 62.31
N GLU C 303 19.34 11.48 62.89
CA GLU C 303 19.31 11.22 64.31
C GLU C 303 19.34 12.52 65.11
N GLU C 304 18.83 12.46 66.33
CA GLU C 304 18.61 13.65 67.14
C GLU C 304 19.81 14.02 68.01
N GLY C 305 20.87 13.22 68.02
CA GLY C 305 22.05 13.61 68.76
C GLY C 305 23.29 13.64 67.88
N LEU C 306 23.29 12.82 66.83
CA LEU C 306 24.34 12.89 65.82
C LEU C 306 24.24 14.17 65.00
N THR C 307 23.03 14.64 64.75
CA THR C 307 22.76 15.82 63.91
C THR C 307 23.49 15.69 62.56
N LEU C 308 23.27 14.57 61.89
CA LEU C 308 23.78 14.37 60.54
C LEU C 308 22.77 14.90 59.53
N ASN C 309 23.27 15.56 58.50
CA ASN C 309 22.44 16.25 57.53
C ASN C 309 22.48 15.56 56.18
N LEU C 310 21.32 15.42 55.55
CA LEU C 310 21.24 14.80 54.24
C LEU C 310 22.10 15.52 53.21
N GLU C 311 22.34 16.82 53.41
CA GLU C 311 23.14 17.60 52.46
C GLU C 311 24.55 17.03 52.34
N ASP C 312 25.19 16.77 53.47
CA ASP C 312 26.54 16.19 53.49
C ASP C 312 26.41 14.68 53.40
N VAL C 313 26.10 14.20 52.19
CA VAL C 313 25.99 12.77 51.92
C VAL C 313 27.34 12.26 51.45
N GLN C 314 27.62 11.00 51.76
CA GLN C 314 28.87 10.36 51.40
C GLN C 314 28.61 8.93 50.97
N PRO C 315 29.43 8.39 50.05
CA PRO C 315 29.17 7.02 49.57
C PRO C 315 29.21 5.97 50.67
N HIS C 316 30.07 6.14 51.68
CA HIS C 316 30.19 5.17 52.76
C HIS C 316 29.11 5.33 53.83
N ASP C 317 28.27 6.36 53.74
CA ASP C 317 27.26 6.63 54.75
C ASP C 317 25.88 6.13 54.36
N LEU C 318 25.75 5.39 53.26
CA LEU C 318 24.47 4.85 52.82
C LEU C 318 24.49 3.33 52.91
N GLY C 319 23.31 2.75 53.11
CA GLY C 319 23.19 1.31 53.17
C GLY C 319 23.27 0.67 51.80
N LYS C 320 23.56 -0.63 51.80
CA LYS C 320 23.67 -1.42 50.58
C LYS C 320 22.87 -2.70 50.71
N VAL C 321 22.16 -3.06 49.65
CA VAL C 321 21.44 -4.32 49.55
C VAL C 321 21.64 -4.88 48.14
N GLY C 322 21.33 -6.17 47.98
CA GLY C 322 21.46 -6.83 46.70
C GLY C 322 20.19 -6.86 45.87
N GLU C 323 19.09 -7.28 46.48
CA GLU C 323 17.80 -7.37 45.79
C GLU C 323 16.77 -6.52 46.50
N VAL C 324 16.02 -5.73 45.73
CA VAL C 324 14.94 -4.91 46.26
C VAL C 324 13.64 -5.35 45.59
N ILE C 325 12.65 -5.70 46.40
CA ILE C 325 11.33 -6.12 45.94
C ILE C 325 10.31 -5.39 46.80
N VAL C 326 9.63 -4.41 46.22
CA VAL C 326 8.69 -3.56 46.95
C VAL C 326 7.31 -3.75 46.34
N THR C 327 6.45 -4.51 47.04
CA THR C 327 5.07 -4.68 46.61
C THR C 327 4.24 -3.48 47.07
N LYS C 328 2.92 -3.60 46.95
CA LYS C 328 2.04 -2.49 47.31
C LYS C 328 2.02 -2.26 48.82
N ASP C 329 1.72 -3.31 49.58
CA ASP C 329 1.66 -3.21 51.04
C ASP C 329 2.94 -3.66 51.73
N ASP C 330 3.82 -4.38 51.05
CA ASP C 330 5.04 -4.90 51.65
C ASP C 330 6.24 -4.51 50.80
N ALA C 331 7.44 -4.79 51.33
CA ALA C 331 8.67 -4.46 50.65
C ALA C 331 9.80 -5.29 51.26
N MET C 332 10.62 -5.90 50.41
CA MET C 332 11.75 -6.71 50.84
C MET C 332 13.05 -6.06 50.42
N LEU C 333 14.00 -5.99 51.35
CA LEU C 333 15.39 -5.64 51.05
C LEU C 333 16.20 -6.91 51.22
N LEU C 334 16.61 -7.51 50.11
CA LEU C 334 17.12 -8.88 50.10
C LEU C 334 18.60 -8.90 49.76
N LYS C 335 19.34 -9.75 50.47
CA LYS C 335 20.79 -9.90 50.28
C LYS C 335 21.53 -8.60 50.56
N GLY C 336 21.28 -8.02 51.73
CA GLY C 336 21.99 -6.83 52.14
C GLY C 336 23.24 -7.16 52.91
N LYS C 337 24.40 -7.07 52.26
CA LYS C 337 25.67 -7.46 52.87
C LYS C 337 26.24 -6.27 53.64
N GLY C 338 26.16 -6.33 54.96
CA GLY C 338 26.75 -5.35 55.83
C GLY C 338 27.97 -5.89 56.55
N ASP C 339 28.31 -5.25 57.67
CA ASP C 339 29.43 -5.68 58.50
C ASP C 339 28.97 -6.85 59.36
N LYS C 340 29.56 -8.03 59.12
CA LYS C 340 29.15 -9.22 59.87
C LYS C 340 29.45 -9.06 61.36
N ALA C 341 30.60 -8.46 61.70
CA ALA C 341 30.92 -8.22 63.10
C ALA C 341 29.91 -7.29 63.75
N GLN C 342 29.52 -6.22 63.05
CA GLN C 342 28.53 -5.30 63.61
C GLN C 342 27.17 -5.98 63.77
N ILE C 343 26.79 -6.81 62.79
CA ILE C 343 25.52 -7.54 62.89
C ILE C 343 25.54 -8.47 64.08
N GLU C 344 26.65 -9.19 64.29
CA GLU C 344 26.77 -10.07 65.43
C GLU C 344 26.73 -9.30 66.74
N LYS C 345 27.38 -8.14 66.77
CA LYS C 345 27.34 -7.30 67.97
C LYS C 345 25.92 -6.84 68.28
N ARG C 346 25.17 -6.46 67.24
CA ARG C 346 23.79 -6.05 67.46
C ARG C 346 22.93 -7.23 67.93
N ILE C 347 23.17 -8.42 67.38
CA ILE C 347 22.45 -9.60 67.83
C ILE C 347 22.74 -9.86 69.31
N GLN C 348 24.01 -9.73 69.71
CA GLN C 348 24.37 -9.93 71.11
C GLN C 348 23.71 -8.88 71.99
N GLU C 349 23.67 -7.63 71.54
CA GLU C 349 23.01 -6.58 72.31
C GLU C 349 21.52 -6.89 72.47
N ILE C 350 20.88 -7.37 71.41
CA ILE C 350 19.45 -7.68 71.48
C ILE C 350 19.20 -8.84 72.44
N ILE C 351 20.03 -9.88 72.37
CA ILE C 351 19.81 -11.03 73.25
C ILE C 351 20.12 -10.68 74.70
N GLU C 352 21.02 -9.72 74.93
CA GLU C 352 21.24 -9.26 76.30
C GLU C 352 20.08 -8.40 76.79
N GLN C 353 19.53 -7.55 75.92
CA GLN C 353 18.35 -6.76 76.30
C GLN C 353 17.12 -7.65 76.51
N LEU C 354 17.10 -8.83 75.90
CA LEU C 354 15.96 -9.73 76.04
C LEU C 354 15.73 -10.12 77.51
N ASP C 355 16.81 -10.37 78.24
CA ASP C 355 16.74 -10.88 79.61
C ASP C 355 16.85 -9.78 80.65
N VAL C 356 16.35 -8.57 80.33
CA VAL C 356 16.36 -7.47 81.29
C VAL C 356 14.99 -7.33 81.93
N THR C 357 13.97 -7.08 81.11
CA THR C 357 12.62 -6.92 81.61
C THR C 357 11.63 -7.31 80.53
N THR C 358 10.39 -7.55 80.94
CA THR C 358 9.31 -7.89 80.03
C THR C 358 8.07 -7.08 80.38
N SER C 359 7.42 -6.54 79.34
CA SER C 359 6.21 -5.75 79.51
C SER C 359 5.02 -6.37 78.80
N GLU C 360 5.18 -7.57 78.22
CA GLU C 360 4.16 -8.34 77.50
C GLU C 360 3.75 -7.69 76.20
N TYR C 361 4.24 -6.48 75.89
CA TYR C 361 4.00 -5.86 74.59
C TYR C 361 5.29 -5.56 73.85
N GLU C 362 6.27 -4.95 74.53
CA GLU C 362 7.54 -4.66 73.87
C GLU C 362 8.39 -5.91 73.69
N LYS C 363 8.19 -6.92 74.53
CA LYS C 363 8.96 -8.15 74.38
C LYS C 363 8.58 -8.88 73.10
N GLU C 364 7.31 -8.76 72.67
CA GLU C 364 6.93 -9.31 71.37
C GLU C 364 7.67 -8.61 70.24
N LYS C 365 7.81 -7.29 70.34
CA LYS C 365 8.59 -6.56 69.34
C LYS C 365 10.05 -6.97 69.36
N LEU C 366 10.61 -7.19 70.55
CA LEU C 366 12.00 -7.63 70.65
C LEU C 366 12.18 -9.01 70.03
N ASN C 367 11.24 -9.92 70.29
CA ASN C 367 11.31 -11.24 69.68
C ASN C 367 11.18 -11.15 68.16
N GLU C 368 10.31 -10.26 67.68
CA GLU C 368 10.18 -10.08 66.24
C GLU C 368 11.47 -9.54 65.63
N ARG C 369 12.13 -8.60 66.32
CA ARG C 369 13.41 -8.10 65.84
C ARG C 369 14.46 -9.20 65.80
N LEU C 370 14.50 -10.04 66.84
CA LEU C 370 15.42 -11.17 66.86
C LEU C 370 15.13 -12.12 65.70
N ALA C 371 13.84 -12.35 65.42
CA ALA C 371 13.47 -13.21 64.29
C ALA C 371 13.93 -12.62 62.97
N LYS C 372 13.71 -11.31 62.79
CA LYS C 372 14.13 -10.66 61.55
C LYS C 372 15.64 -10.74 61.36
N LEU C 373 16.41 -10.50 62.43
CA LEU C 373 17.85 -10.45 62.29
C LEU C 373 18.48 -11.84 62.23
N SER C 374 17.83 -12.85 62.82
CA SER C 374 18.37 -14.21 62.84
C SER C 374 17.82 -15.05 61.71
N ASP C 375 16.49 -15.21 61.64
CA ASP C 375 15.89 -16.02 60.60
C ASP C 375 16.12 -15.41 59.22
N GLY C 376 16.45 -16.27 58.26
CA GLY C 376 16.74 -15.84 56.91
C GLY C 376 15.50 -15.72 56.05
N VAL C 377 15.73 -15.67 54.74
CA VAL C 377 14.67 -15.53 53.73
C VAL C 377 14.67 -16.76 52.87
N ALA C 378 13.53 -17.43 52.77
CA ALA C 378 13.41 -18.66 51.98
C ALA C 378 13.11 -18.29 50.53
N VAL C 379 14.06 -18.57 49.64
CA VAL C 379 13.90 -18.29 48.22
C VAL C 379 13.82 -19.62 47.48
N LEU C 380 12.66 -19.90 46.89
CA LEU C 380 12.43 -21.13 46.14
C LEU C 380 12.65 -20.82 44.67
N LYS C 381 13.68 -21.42 44.07
CA LYS C 381 13.99 -21.22 42.67
C LYS C 381 13.40 -22.35 41.83
N VAL C 382 12.37 -22.03 41.05
CA VAL C 382 11.76 -22.97 40.12
C VAL C 382 12.75 -23.26 39.01
N GLY C 383 12.92 -24.54 38.70
CA GLY C 383 13.75 -24.97 37.57
C GLY C 383 12.88 -25.56 36.48
N GLY C 384 13.30 -25.37 35.24
CA GLY C 384 12.53 -25.88 34.12
C GLY C 384 13.32 -25.93 32.84
N THR C 385 12.62 -26.27 31.76
CA THR C 385 13.24 -26.49 30.46
C THR C 385 13.15 -25.27 29.55
N SER C 386 12.05 -24.54 29.59
CA SER C 386 11.84 -23.39 28.71
C SER C 386 11.17 -22.27 29.50
N ASP C 387 10.99 -21.13 28.84
CA ASP C 387 10.41 -19.97 29.50
C ASP C 387 8.96 -20.21 29.89
N VAL C 388 8.18 -20.85 29.01
CA VAL C 388 6.77 -21.08 29.31
C VAL C 388 6.62 -22.06 30.46
N GLU C 389 7.48 -23.06 30.54
CA GLU C 389 7.35 -24.05 31.60
C GLU C 389 7.76 -23.45 32.94
N VAL C 390 8.82 -22.65 32.97
CA VAL C 390 9.21 -22.00 34.22
C VAL C 390 8.16 -20.97 34.64
N ASN C 391 7.52 -20.31 33.68
CA ASN C 391 6.46 -19.36 34.03
C ASN C 391 5.26 -20.07 34.64
N GLU C 392 4.82 -21.17 34.02
CA GLU C 392 3.72 -21.95 34.58
C GLU C 392 4.07 -22.50 35.97
N LYS C 393 5.31 -22.97 36.13
CA LYS C 393 5.76 -23.47 37.42
C LYS C 393 5.77 -22.36 38.47
N LYS C 394 6.25 -21.17 38.09
CA LYS C 394 6.22 -20.02 38.98
C LYS C 394 4.81 -19.74 39.45
N ASP C 395 3.85 -19.70 38.51
CA ASP C 395 2.47 -19.41 38.88
C ASP C 395 1.92 -20.47 39.83
N ARG C 396 2.17 -21.74 39.53
CA ARG C 396 1.64 -22.81 40.38
C ARG C 396 2.20 -22.72 41.79
N VAL C 397 3.52 -22.53 41.92
CA VAL C 397 4.11 -22.52 43.25
C VAL C 397 3.75 -21.25 44.02
N THR C 398 3.63 -20.11 43.32
CA THR C 398 3.18 -18.89 43.99
C THR C 398 1.76 -19.05 44.52
N ASP C 399 0.88 -19.63 43.72
CA ASP C 399 -0.49 -19.87 44.17
C ASP C 399 -0.52 -20.82 45.36
N ALA C 400 0.35 -21.84 45.35
CA ALA C 400 0.44 -22.75 46.49
C ALA C 400 0.92 -22.03 47.74
N LEU C 401 1.91 -21.14 47.61
CA LEU C 401 2.33 -20.31 48.74
C LEU C 401 1.17 -19.47 49.27
N ASN C 402 0.40 -18.85 48.37
CA ASN C 402 -0.70 -18.01 48.82
C ASN C 402 -1.76 -18.82 49.57
N ALA C 403 -2.16 -19.96 49.02
CA ALA C 403 -3.12 -20.83 49.70
C ALA C 403 -2.59 -21.29 51.06
N THR C 404 -1.30 -21.66 51.14
CA THR C 404 -0.74 -22.07 52.43
C THR C 404 -0.77 -20.94 53.45
N ARG C 405 -0.41 -19.72 53.01
CA ARG C 405 -0.49 -18.58 53.92
C ARG C 405 -1.92 -18.35 54.38
N ALA C 406 -2.90 -18.46 53.47
CA ALA C 406 -4.29 -18.33 53.84
C ALA C 406 -4.70 -19.41 54.84
N ALA C 407 -4.15 -20.62 54.70
CA ALA C 407 -4.46 -21.69 55.63
C ALA C 407 -3.88 -21.40 57.02
N VAL C 408 -2.62 -20.99 57.07
CA VAL C 408 -1.99 -20.72 58.35
C VAL C 408 -2.58 -19.47 59.00
N GLU C 409 -3.20 -18.59 58.22
CA GLU C 409 -3.75 -17.37 58.80
C GLU C 409 -5.09 -17.62 59.49
N GLU C 410 -6.11 -18.00 58.73
CA GLU C 410 -7.42 -18.17 59.36
C GLU C 410 -7.59 -19.57 59.94
N GLY C 411 -7.79 -20.57 59.09
CA GLY C 411 -7.73 -21.95 59.53
C GLY C 411 -7.55 -22.96 58.40
N ILE C 412 -8.26 -24.08 58.53
CA ILE C 412 -8.47 -25.04 57.46
C ILE C 412 -9.88 -25.60 57.63
N VAL C 413 -10.41 -26.17 56.56
CA VAL C 413 -11.77 -26.70 56.55
C VAL C 413 -11.78 -27.89 55.60
N LEU C 414 -12.88 -28.65 55.64
CA LEU C 414 -12.92 -29.92 54.91
C LEU C 414 -12.89 -29.69 53.41
N GLY C 415 -12.23 -30.62 52.70
CA GLY C 415 -12.05 -30.51 51.28
C GLY C 415 -13.11 -31.26 50.48
N GLY C 416 -12.97 -31.17 49.16
CA GLY C 416 -13.87 -31.87 48.26
C GLY C 416 -15.26 -31.31 48.19
N GLY C 417 -15.45 -30.04 48.53
CA GLY C 417 -16.77 -29.45 48.59
C GLY C 417 -17.56 -29.81 49.81
N CYS C 418 -17.01 -30.62 50.72
CA CYS C 418 -17.72 -31.02 51.93
C CYS C 418 -17.83 -29.89 52.93
N ALA C 419 -17.02 -28.83 52.80
CA ALA C 419 -17.07 -27.75 53.78
C ALA C 419 -18.36 -26.96 53.64
N LEU C 420 -18.75 -26.65 52.41
CA LEU C 420 -20.01 -25.96 52.17
C LEU C 420 -21.22 -26.86 52.45
N LEU C 421 -21.00 -28.17 52.55
CA LEU C 421 -22.10 -29.08 52.83
C LEU C 421 -22.50 -29.06 54.30
N ARG C 422 -21.53 -28.91 55.20
CA ARG C 422 -21.85 -28.80 56.62
C ARG C 422 -22.46 -27.46 57.01
N CYS C 423 -22.49 -26.49 56.09
CA CYS C 423 -23.11 -25.20 56.37
C CYS C 423 -24.57 -25.13 55.93
N ILE C 424 -25.12 -26.21 55.36
CA ILE C 424 -26.55 -26.22 55.02
C ILE C 424 -27.45 -26.15 56.25
N PRO C 425 -27.21 -26.89 57.34
CA PRO C 425 -28.20 -26.89 58.44
C PRO C 425 -28.51 -25.52 59.02
N ALA C 426 -27.55 -24.61 59.09
CA ALA C 426 -27.83 -23.31 59.66
C ALA C 426 -28.73 -22.45 58.78
N LEU C 427 -29.06 -22.88 57.58
CA LEU C 427 -30.05 -22.17 56.78
C LEU C 427 -31.48 -22.54 57.16
N ASP C 428 -31.67 -23.40 58.16
CA ASP C 428 -32.98 -23.67 58.70
C ASP C 428 -33.32 -22.77 59.88
N SER C 429 -32.30 -22.30 60.62
CA SER C 429 -32.54 -21.48 61.79
C SER C 429 -32.97 -20.08 61.42
N LEU C 430 -32.44 -19.53 60.34
CA LEU C 430 -32.77 -18.18 59.93
C LEU C 430 -34.22 -18.09 59.47
N THR C 431 -34.70 -16.85 59.30
CA THR C 431 -36.08 -16.62 58.88
C THR C 431 -36.17 -15.43 57.93
N PRO C 432 -36.67 -15.66 56.72
CA PRO C 432 -36.80 -14.56 55.75
C PRO C 432 -37.89 -13.58 56.12
N ALA C 433 -37.66 -12.31 55.77
CA ALA C 433 -38.69 -11.29 55.93
C ALA C 433 -39.90 -11.58 55.05
N ASN C 434 -39.67 -11.96 53.80
CA ASN C 434 -40.75 -12.21 52.85
C ASN C 434 -40.45 -13.50 52.10
N GLU C 435 -41.21 -13.75 51.03
CA GLU C 435 -41.05 -15.00 50.29
C GLU C 435 -39.87 -14.94 49.32
N ASP C 436 -39.55 -13.77 48.78
CA ASP C 436 -38.43 -13.66 47.85
C ASP C 436 -37.09 -13.92 48.54
N GLN C 437 -36.95 -13.50 49.79
CA GLN C 437 -35.74 -13.84 50.54
C GLN C 437 -35.68 -15.32 50.85
N LYS C 438 -36.82 -15.97 51.07
CA LYS C 438 -36.82 -17.42 51.20
C LYS C 438 -36.40 -18.08 49.90
N ILE C 439 -36.83 -17.52 48.76
CA ILE C 439 -36.38 -17.99 47.45
C ILE C 439 -34.86 -17.90 47.35
N GLY C 440 -34.31 -16.74 47.71
CA GLY C 440 -32.86 -16.58 47.73
C GLY C 440 -32.14 -17.59 48.61
N ILE C 441 -32.65 -17.82 49.82
CA ILE C 441 -32.02 -18.78 50.70
C ILE C 441 -32.12 -20.19 50.15
N GLU C 442 -33.22 -20.52 49.47
CA GLU C 442 -33.32 -21.80 48.79
C GLU C 442 -32.28 -21.91 47.68
N ILE C 443 -32.11 -20.84 46.90
CA ILE C 443 -31.09 -20.81 45.86
C ILE C 443 -29.72 -21.13 46.46
N ILE C 444 -29.39 -20.49 47.57
CA ILE C 444 -28.07 -20.71 48.16
C ILE C 444 -27.95 -22.12 48.73
N LYS C 445 -29.03 -22.65 49.33
CA LYS C 445 -28.92 -23.98 49.92
C LYS C 445 -28.80 -25.06 48.85
N ARG C 446 -29.40 -24.84 47.68
CA ARG C 446 -29.17 -25.75 46.55
C ARG C 446 -27.80 -25.54 45.93
N THR C 447 -27.26 -24.32 46.01
CA THR C 447 -25.97 -24.03 45.42
C THR C 447 -24.82 -24.67 46.19
N LEU C 448 -24.94 -24.76 47.52
CA LEU C 448 -23.88 -25.32 48.35
C LEU C 448 -23.42 -26.67 47.86
N LYS C 449 -24.35 -27.51 47.39
CA LYS C 449 -24.05 -28.85 46.89
C LYS C 449 -23.23 -28.86 45.60
N ILE C 450 -23.17 -27.75 44.86
CA ILE C 450 -22.62 -27.77 43.51
C ILE C 450 -21.16 -28.24 43.47
N PRO C 451 -20.24 -27.72 44.31
CA PRO C 451 -18.85 -28.18 44.21
C PRO C 451 -18.65 -29.66 44.46
N ALA C 452 -19.29 -30.22 45.49
CA ALA C 452 -19.15 -31.65 45.76
C ALA C 452 -19.75 -32.49 44.65
N MET C 453 -20.94 -32.11 44.16
CA MET C 453 -21.54 -32.83 43.05
C MET C 453 -20.67 -32.75 41.81
N THR C 454 -20.04 -31.61 41.56
CA THR C 454 -19.17 -31.45 40.39
C THR C 454 -17.94 -32.33 40.51
N ILE C 455 -17.30 -32.36 41.68
CA ILE C 455 -16.13 -33.23 41.87
C ILE C 455 -16.51 -34.70 41.70
N ALA C 456 -17.64 -35.11 42.29
CA ALA C 456 -18.09 -36.48 42.15
C ALA C 456 -18.39 -36.84 40.70
N LYS C 457 -19.11 -35.95 40.00
CA LYS C 457 -19.43 -36.19 38.59
C LYS C 457 -18.18 -36.28 37.75
N ASN C 458 -17.16 -35.48 38.08
CA ASN C 458 -15.91 -35.56 37.35
C ASN C 458 -15.17 -36.86 37.63
N ALA C 459 -15.35 -37.41 38.83
CA ALA C 459 -14.76 -38.71 39.17
C ALA C 459 -15.38 -39.86 38.39
N GLY C 460 -16.48 -39.63 37.68
CA GLY C 460 -17.17 -40.67 36.96
C GLY C 460 -18.25 -41.38 37.72
N VAL C 461 -18.74 -40.79 38.81
CA VAL C 461 -19.80 -41.37 39.63
C VAL C 461 -20.95 -40.36 39.72
N GLU C 462 -22.03 -40.79 40.35
CA GLU C 462 -23.21 -39.95 40.48
C GLU C 462 -23.01 -38.96 41.63
N GLY C 463 -23.06 -37.67 41.32
CA GLY C 463 -22.89 -36.66 42.35
C GLY C 463 -24.06 -36.60 43.31
N SER C 464 -25.28 -36.71 42.80
CA SER C 464 -26.48 -36.59 43.64
C SER C 464 -26.49 -37.62 44.75
N LEU C 465 -26.29 -38.89 44.39
CA LEU C 465 -26.34 -39.96 45.39
C LEU C 465 -25.25 -39.79 46.43
N ILE C 466 -24.06 -39.35 46.00
CA ILE C 466 -22.95 -39.23 46.92
C ILE C 466 -23.16 -38.07 47.88
N VAL C 467 -23.68 -36.94 47.39
CA VAL C 467 -23.96 -35.84 48.31
C VAL C 467 -25.09 -36.21 49.26
N GLU C 468 -26.08 -36.99 48.80
CA GLU C 468 -27.11 -37.46 49.70
C GLU C 468 -26.52 -38.32 50.81
N LYS C 469 -25.62 -39.25 50.43
CA LYS C 469 -24.98 -40.10 51.43
C LYS C 469 -24.15 -39.29 52.41
N ILE C 470 -23.40 -38.30 51.93
CA ILE C 470 -22.54 -37.53 52.82
C ILE C 470 -23.37 -36.60 53.70
N MET C 471 -24.56 -36.21 53.26
CA MET C 471 -25.52 -35.60 54.18
C MET C 471 -25.91 -36.59 55.27
N GLN C 472 -26.32 -37.80 54.88
CA GLN C 472 -26.71 -38.81 55.84
C GLN C 472 -25.54 -39.32 56.66
N SER C 473 -24.30 -39.03 56.24
CA SER C 473 -23.12 -39.45 56.98
C SER C 473 -22.89 -38.49 58.15
N SER C 474 -21.71 -38.58 58.76
CA SER C 474 -21.36 -37.73 59.89
C SER C 474 -20.49 -36.57 59.40
N SER C 475 -19.98 -35.79 60.35
CA SER C 475 -19.33 -34.52 60.04
C SER C 475 -17.81 -34.64 59.90
N GLU C 476 -17.19 -35.72 60.36
CA GLU C 476 -15.76 -35.88 60.20
C GLU C 476 -15.37 -36.51 58.87
N VAL C 477 -16.24 -37.31 58.26
CA VAL C 477 -15.90 -38.05 57.05
C VAL C 477 -16.51 -37.37 55.84
N GLY C 478 -15.95 -37.70 54.66
CA GLY C 478 -16.42 -37.19 53.39
C GLY C 478 -16.06 -38.17 52.29
N TYR C 479 -16.43 -37.81 51.07
CA TYR C 479 -16.19 -38.65 49.90
C TYR C 479 -14.88 -38.28 49.24
N ASP C 480 -14.08 -39.29 48.94
CA ASP C 480 -12.80 -39.11 48.25
C ASP C 480 -12.99 -39.41 46.78
N ALA C 481 -12.29 -38.65 45.93
CA ALA C 481 -12.36 -38.86 44.49
C ALA C 481 -11.11 -39.51 43.93
N MET C 482 -10.03 -39.59 44.70
CA MET C 482 -8.85 -40.35 44.29
C MET C 482 -8.94 -41.82 44.66
N ALA C 483 -9.74 -42.17 45.67
CA ALA C 483 -9.99 -43.56 46.01
C ALA C 483 -11.43 -43.99 45.78
N GLY C 484 -12.33 -43.05 45.54
CA GLY C 484 -13.72 -43.38 45.28
C GLY C 484 -14.43 -44.03 46.44
N ASP C 485 -14.18 -43.56 47.66
CA ASP C 485 -14.81 -44.12 48.84
C ASP C 485 -15.02 -43.02 49.87
N PHE C 486 -15.98 -43.26 50.77
CA PHE C 486 -16.26 -42.33 51.86
C PHE C 486 -15.29 -42.59 53.00
N VAL C 487 -14.42 -41.62 53.28
CA VAL C 487 -13.34 -41.77 54.25
C VAL C 487 -13.27 -40.53 55.12
N ASN C 488 -12.44 -40.61 56.15
CA ASN C 488 -12.23 -39.49 57.05
C ASN C 488 -11.38 -38.44 56.35
N MET C 489 -11.95 -37.24 56.13
CA MET C 489 -11.26 -36.19 55.39
C MET C 489 -10.11 -35.57 56.18
N VAL C 490 -10.24 -35.44 57.50
CA VAL C 490 -9.31 -34.60 58.25
C VAL C 490 -7.90 -35.18 58.22
N GLU C 491 -7.75 -36.48 58.50
CA GLU C 491 -6.41 -37.05 58.59
C GLU C 491 -5.94 -37.67 57.27
N LYS C 492 -6.78 -37.74 56.25
CA LYS C 492 -6.33 -38.23 54.96
C LYS C 492 -5.60 -37.16 54.15
N GLY C 493 -5.62 -35.92 54.60
CA GLY C 493 -4.94 -34.84 53.91
C GLY C 493 -5.81 -33.97 53.04
N ILE C 494 -7.08 -34.31 52.85
CA ILE C 494 -7.97 -33.58 51.97
C ILE C 494 -8.56 -32.42 52.77
N ILE C 495 -7.90 -31.27 52.68
CA ILE C 495 -8.29 -30.07 53.42
C ILE C 495 -7.89 -28.86 52.58
N ASP C 496 -8.66 -27.79 52.73
CA ASP C 496 -8.40 -26.53 52.06
C ASP C 496 -8.55 -25.39 53.06
N PRO C 497 -7.95 -24.24 52.79
CA PRO C 497 -8.11 -23.09 53.70
C PRO C 497 -9.57 -22.65 53.79
N THR C 498 -9.93 -22.12 54.95
CA THR C 498 -11.25 -21.50 55.08
C THR C 498 -11.35 -20.24 54.23
N LYS C 499 -10.22 -19.58 54.00
CA LYS C 499 -10.20 -18.34 53.23
C LYS C 499 -10.62 -18.58 51.79
N VAL C 500 -10.19 -19.69 51.19
CA VAL C 500 -10.53 -19.93 49.79
C VAL C 500 -12.03 -20.16 49.64
N VAL C 501 -12.64 -20.92 50.56
CA VAL C 501 -14.07 -21.15 50.50
C VAL C 501 -14.84 -19.87 50.73
N ARG C 502 -14.41 -19.09 51.73
CA ARG C 502 -15.05 -17.81 52.04
C ARG C 502 -15.00 -16.87 50.84
N THR C 503 -13.81 -16.70 50.26
CA THR C 503 -13.65 -15.80 49.13
C THR C 503 -14.42 -16.29 47.91
N ALA C 504 -14.41 -17.60 47.66
CA ALA C 504 -15.14 -18.13 46.51
C ALA C 504 -16.64 -17.89 46.65
N LEU C 505 -17.20 -18.12 47.84
CA LEU C 505 -18.62 -17.89 48.02
C LEU C 505 -18.97 -16.42 47.93
N LEU C 506 -18.13 -15.55 48.50
CA LEU C 506 -18.35 -14.11 48.39
C LEU C 506 -18.33 -13.65 46.94
N ASP C 507 -17.27 -14.01 46.21
CA ASP C 507 -17.14 -13.57 44.82
C ASP C 507 -18.27 -14.12 43.96
N ALA C 508 -18.62 -15.39 44.16
CA ALA C 508 -19.70 -15.99 43.40
C ALA C 508 -21.01 -15.26 43.62
N ALA C 509 -21.37 -15.01 44.89
CA ALA C 509 -22.61 -14.30 45.19
C ALA C 509 -22.61 -12.89 44.61
N GLY C 510 -21.48 -12.18 44.73
CA GLY C 510 -21.42 -10.83 44.21
C GLY C 510 -21.60 -10.76 42.71
N VAL C 511 -20.85 -11.58 41.97
CA VAL C 511 -20.97 -11.53 40.52
C VAL C 511 -22.32 -12.06 40.06
N ALA C 512 -22.87 -13.05 40.75
CA ALA C 512 -24.19 -13.56 40.38
C ALA C 512 -25.26 -12.51 40.57
N SER C 513 -25.22 -11.77 41.67
CA SER C 513 -26.16 -10.67 41.87
C SER C 513 -25.98 -9.60 40.80
N LEU C 514 -24.74 -9.26 40.48
CA LEU C 514 -24.48 -8.28 39.42
C LEU C 514 -25.07 -8.75 38.08
N LEU C 515 -24.87 -10.02 37.75
CA LEU C 515 -25.42 -10.56 36.51
C LEU C 515 -26.94 -10.52 36.49
N THR C 516 -27.57 -10.93 37.58
CA THR C 516 -29.03 -11.04 37.60
C THR C 516 -29.74 -9.71 37.77
N THR C 517 -29.06 -8.67 38.26
CA THR C 517 -29.73 -7.40 38.53
C THR C 517 -29.28 -6.27 37.60
N ALA C 518 -28.33 -6.52 36.72
CA ALA C 518 -27.94 -5.52 35.73
C ALA C 518 -29.11 -5.18 34.82
N GLU C 519 -29.31 -3.89 34.56
CA GLU C 519 -30.47 -3.41 33.84
C GLU C 519 -30.17 -3.00 32.41
N VAL C 520 -29.02 -2.39 32.15
CA VAL C 520 -28.63 -1.93 30.82
C VAL C 520 -27.25 -2.48 30.52
N VAL C 521 -27.03 -2.92 29.29
CA VAL C 521 -25.74 -3.41 28.84
C VAL C 521 -25.39 -2.70 27.54
N VAL C 522 -24.28 -1.96 27.54
CA VAL C 522 -23.88 -1.13 26.40
C VAL C 522 -22.64 -1.77 25.79
N THR C 523 -22.68 -2.04 24.49
CA THR C 523 -21.56 -2.66 23.82
C THR C 523 -21.37 -2.05 22.44
N GLU C 524 -20.15 -2.15 21.93
CA GLU C 524 -19.83 -1.61 20.61
C GLU C 524 -20.48 -2.44 19.51
N ILE C 525 -20.87 -1.78 18.42
CA ILE C 525 -21.34 -2.52 17.26
C ILE C 525 -20.21 -3.39 16.73
N PRO C 526 -20.46 -4.64 16.31
CA PRO C 526 -19.40 -5.51 15.81
C PRO C 526 -18.90 -5.11 14.44
N GLY D 1 -7.42 -13.21 24.08
CA GLY D 1 -7.93 -12.02 23.41
C GLY D 1 -8.34 -12.25 21.97
N SER D 2 -8.90 -13.42 21.71
CA SER D 2 -9.33 -13.79 20.36
C SER D 2 -10.46 -14.79 20.48
N ALA D 3 -11.57 -14.50 19.79
CA ALA D 3 -12.76 -15.32 19.87
C ALA D 3 -12.46 -16.80 19.65
N LYS D 4 -12.85 -17.62 20.61
CA LYS D 4 -12.71 -19.06 20.53
C LYS D 4 -14.01 -19.71 20.11
N ASP D 5 -13.91 -20.94 19.61
CA ASP D 5 -15.05 -21.81 19.42
C ASP D 5 -14.85 -23.03 20.30
N VAL D 6 -15.81 -23.28 21.18
CA VAL D 6 -15.68 -24.31 22.21
C VAL D 6 -16.67 -25.42 21.91
N LYS D 7 -16.17 -26.65 21.88
CA LYS D 7 -17.00 -27.83 21.65
C LYS D 7 -16.84 -28.80 22.83
N PHE D 8 -17.92 -29.50 23.14
CA PHE D 8 -18.02 -30.32 24.33
C PHE D 8 -18.34 -31.76 23.98
N GLY D 9 -17.68 -32.69 24.67
CA GLY D 9 -18.09 -34.08 24.63
C GLY D 9 -17.81 -34.75 23.29
N ALA D 10 -18.75 -35.57 22.86
CA ALA D 10 -18.59 -36.38 21.67
C ALA D 10 -18.93 -35.61 20.40
N ASP D 11 -19.25 -34.32 20.52
CA ASP D 11 -19.32 -33.46 19.35
C ASP D 11 -17.93 -33.08 18.88
N ALA D 12 -16.99 -32.93 19.82
CA ALA D 12 -15.59 -32.66 19.50
C ALA D 12 -14.78 -33.93 19.40
N ARG D 13 -15.09 -34.93 20.22
CA ARG D 13 -14.37 -36.19 20.13
C ARG D 13 -14.57 -36.86 18.78
N ALA D 14 -15.77 -36.72 18.20
CA ALA D 14 -16.03 -37.30 16.89
C ALA D 14 -15.15 -36.66 15.82
N LEU D 15 -15.04 -35.33 15.84
CA LEU D 15 -14.20 -34.64 14.87
C LEU D 15 -12.72 -34.97 15.05
N MET D 16 -12.27 -35.03 16.30
CA MET D 16 -10.87 -35.41 16.55
C MET D 16 -10.60 -36.82 16.07
N LEU D 17 -11.56 -37.74 16.24
CA LEU D 17 -11.40 -39.08 15.71
C LEU D 17 -11.40 -39.09 14.19
N GLN D 18 -12.16 -38.21 13.55
CA GLN D 18 -12.08 -38.11 12.10
C GLN D 18 -10.70 -37.68 11.64
N GLY D 19 -10.10 -36.72 12.35
CA GLY D 19 -8.74 -36.32 12.03
C GLY D 19 -7.73 -37.43 12.22
N VAL D 20 -7.84 -38.18 13.32
CA VAL D 20 -6.88 -39.25 13.56
C VAL D 20 -7.10 -40.39 12.57
N ASP D 21 -8.35 -40.58 12.12
CA ASP D 21 -8.62 -41.58 11.09
C ASP D 21 -7.95 -41.20 9.78
N LEU D 22 -8.04 -39.93 9.38
CA LEU D 22 -7.37 -39.52 8.15
C LEU D 22 -5.86 -39.69 8.27
N LEU D 23 -5.27 -39.26 9.38
CA LEU D 23 -3.84 -39.42 9.59
C LEU D 23 -3.43 -40.89 9.50
N ALA D 24 -4.14 -41.75 10.23
CA ALA D 24 -3.74 -43.15 10.31
C ALA D 24 -4.01 -43.90 9.03
N ASP D 25 -5.03 -43.50 8.27
CA ASP D 25 -5.27 -44.11 6.97
C ASP D 25 -4.20 -43.72 5.97
N ALA D 26 -3.69 -42.49 6.05
CA ALA D 26 -2.61 -42.12 5.17
C ALA D 26 -1.28 -42.76 5.56
N VAL D 27 -1.01 -42.92 6.85
CA VAL D 27 0.27 -43.50 7.25
C VAL D 27 0.25 -45.02 7.31
N ALA D 28 -0.93 -45.64 7.31
CA ALA D 28 -1.03 -47.09 7.46
C ALA D 28 -0.58 -47.81 6.20
N VAL D 29 -0.83 -47.21 5.03
CA VAL D 29 -0.48 -47.85 3.76
C VAL D 29 1.02 -48.11 3.70
N THR D 30 1.82 -47.20 4.24
CA THR D 30 3.27 -47.26 4.17
C THR D 30 3.90 -48.20 5.20
N MET D 31 3.12 -49.07 5.84
CA MET D 31 3.60 -49.83 6.98
C MET D 31 4.09 -51.20 6.54
N GLY D 32 5.25 -51.59 7.04
CA GLY D 32 5.87 -52.86 6.70
C GLY D 32 6.99 -52.71 5.71
N PRO D 33 7.56 -53.83 5.28
CA PRO D 33 8.55 -53.77 4.19
C PRO D 33 7.92 -53.49 2.84
N LYS D 34 6.70 -53.98 2.62
CA LYS D 34 5.92 -53.65 1.43
C LYS D 34 4.98 -52.47 1.70
N GLY D 35 5.53 -51.38 2.21
CA GLY D 35 4.73 -50.20 2.39
C GLY D 35 4.34 -49.60 1.05
N ARG D 36 3.09 -49.14 0.97
CA ARG D 36 2.60 -48.59 -0.28
C ARG D 36 2.99 -47.12 -0.40
N THR D 37 2.66 -46.53 -1.54
CA THR D 37 3.28 -45.28 -1.98
C THR D 37 2.37 -44.08 -1.69
N VAL D 38 2.98 -42.99 -1.25
CA VAL D 38 2.30 -41.73 -0.99
C VAL D 38 2.94 -40.65 -1.85
N ILE D 39 2.12 -39.92 -2.59
CA ILE D 39 2.58 -38.84 -3.45
C ILE D 39 2.28 -37.54 -2.71
N ILE D 40 3.32 -36.89 -2.20
CA ILE D 40 3.17 -35.62 -1.49
C ILE D 40 3.67 -34.53 -2.42
N GLU D 41 2.78 -33.68 -2.91
CA GLU D 41 3.24 -32.66 -3.84
C GLU D 41 4.07 -31.63 -3.10
N GLN D 42 5.01 -31.03 -3.82
CA GLN D 42 5.80 -29.94 -3.30
C GLN D 42 5.45 -28.68 -4.07
N SER D 43 5.35 -27.55 -3.35
CA SER D 43 4.90 -26.31 -3.97
C SER D 43 5.87 -25.81 -5.02
N TRP D 44 7.17 -26.08 -4.86
CA TRP D 44 8.18 -25.51 -5.74
C TRP D 44 8.58 -26.43 -6.88
N GLY D 45 8.32 -27.74 -6.78
CA GLY D 45 8.81 -28.64 -7.80
C GLY D 45 8.16 -30.01 -7.84
N SER D 46 8.99 -31.03 -8.04
CA SER D 46 8.50 -32.39 -8.24
C SER D 46 7.75 -32.88 -7.00
N PRO D 47 6.64 -33.59 -7.17
CA PRO D 47 6.01 -34.26 -6.03
C PRO D 47 6.98 -35.21 -5.34
N LYS D 48 6.84 -35.32 -4.03
CA LYS D 48 7.68 -36.20 -3.24
C LYS D 48 7.02 -37.57 -3.11
N VAL D 49 7.68 -38.59 -3.64
CA VAL D 49 7.18 -39.96 -3.66
C VAL D 49 7.90 -40.72 -2.56
N THR D 50 7.15 -41.16 -1.55
CA THR D 50 7.76 -41.76 -0.37
C THR D 50 6.97 -42.99 0.06
N LYS D 51 7.67 -43.87 0.79
CA LYS D 51 7.06 -45.00 1.48
C LYS D 51 7.35 -44.97 2.97
N ASP D 52 7.85 -43.84 3.48
CA ASP D 52 8.21 -43.69 4.87
C ASP D 52 7.09 -42.98 5.62
N GLY D 53 6.58 -43.61 6.68
CA GLY D 53 5.45 -43.05 7.41
C GLY D 53 5.77 -41.80 8.18
N VAL D 54 7.05 -41.53 8.44
CA VAL D 54 7.44 -40.31 9.14
C VAL D 54 7.14 -39.10 8.26
N THR D 55 7.52 -39.17 6.98
CA THR D 55 7.27 -38.07 6.05
C THR D 55 5.79 -37.94 5.77
N VAL D 56 5.10 -39.06 5.57
CA VAL D 56 3.66 -39.03 5.33
C VAL D 56 2.94 -38.38 6.50
N ALA D 57 3.34 -38.71 7.72
CA ALA D 57 2.67 -38.16 8.90
C ALA D 57 2.96 -36.67 9.05
N LYS D 58 4.22 -36.27 8.91
CA LYS D 58 4.54 -34.85 9.04
C LYS D 58 4.01 -34.04 7.88
N SER D 59 3.55 -34.69 6.81
CA SER D 59 3.00 -33.98 5.66
C SER D 59 1.57 -33.51 5.86
N ILE D 60 0.83 -34.14 6.75
CA ILE D 60 -0.62 -34.01 6.80
C ILE D 60 -1.01 -32.88 7.75
N ASP D 61 -1.79 -31.94 7.25
CA ASP D 61 -2.35 -30.84 8.04
C ASP D 61 -3.78 -30.64 7.57
N LEU D 62 -4.75 -30.89 8.44
CA LEU D 62 -6.13 -30.80 8.01
C LEU D 62 -6.63 -29.36 8.10
N LYS D 63 -7.68 -29.07 7.32
CA LYS D 63 -8.27 -27.74 7.33
C LYS D 63 -9.15 -27.52 8.57
N ASP D 64 -10.01 -28.49 8.87
CA ASP D 64 -10.82 -28.41 10.08
C ASP D 64 -9.92 -28.39 11.31
N LYS D 65 -10.24 -27.49 12.25
CA LYS D 65 -9.38 -27.29 13.41
C LYS D 65 -9.49 -28.44 14.41
N TYR D 66 -10.68 -29.01 14.58
CA TYR D 66 -10.84 -30.10 15.53
C TYR D 66 -10.19 -31.38 15.00
N LYS D 67 -10.44 -31.70 13.73
CA LYS D 67 -9.75 -32.80 13.08
C LYS D 67 -8.25 -32.58 13.07
N ASN D 68 -7.82 -31.35 12.78
CA ASN D 68 -6.39 -31.06 12.76
C ASN D 68 -5.75 -31.25 14.11
N ILE D 69 -6.44 -30.89 15.19
CA ILE D 69 -5.77 -31.04 16.48
C ILE D 69 -5.83 -32.48 16.98
N GLY D 70 -6.84 -33.26 16.60
CA GLY D 70 -6.77 -34.69 16.86
C GLY D 70 -5.63 -35.36 16.12
N ALA D 71 -5.45 -34.99 14.84
CA ALA D 71 -4.35 -35.52 14.05
C ALA D 71 -3.02 -35.08 14.62
N LYS D 72 -2.93 -33.83 15.09
CA LYS D 72 -1.70 -33.34 15.70
C LYS D 72 -1.40 -34.04 17.01
N LEU D 73 -2.43 -34.36 17.79
CA LEU D 73 -2.23 -35.10 19.03
C LEU D 73 -1.57 -36.46 18.74
N VAL D 74 -2.20 -37.24 17.86
CA VAL D 74 -1.63 -38.56 17.53
C VAL D 74 -0.29 -38.42 16.83
N GLN D 75 -0.12 -37.38 16.01
CA GLN D 75 1.10 -37.19 15.26
C GLN D 75 2.27 -36.83 16.17
N ASP D 76 2.04 -35.97 17.17
CA ASP D 76 3.09 -35.65 18.12
C ASP D 76 3.42 -36.84 19.00
N VAL D 77 2.42 -37.64 19.36
CA VAL D 77 2.70 -38.85 20.14
C VAL D 77 3.58 -39.82 19.34
N ALA D 78 3.30 -39.95 18.04
CA ALA D 78 4.10 -40.83 17.21
C ALA D 78 5.50 -40.26 16.99
N ASN D 79 5.62 -38.94 16.88
CA ASN D 79 6.94 -38.31 16.84
C ASN D 79 7.71 -38.60 18.11
N ASN D 80 7.03 -38.58 19.26
CA ASN D 80 7.70 -38.90 20.52
C ASN D 80 8.19 -40.34 20.54
N THR D 81 7.39 -41.26 20.00
CA THR D 81 7.87 -42.64 19.89
C THR D 81 9.11 -42.73 19.00
N ASN D 82 9.08 -42.05 17.85
CA ASN D 82 10.23 -42.01 16.95
C ASN D 82 11.46 -41.47 17.66
N GLU D 83 11.32 -40.35 18.36
CA GLU D 83 12.47 -39.69 18.96
C GLU D 83 12.97 -40.41 20.21
N GLU D 84 12.11 -41.18 20.87
CA GLU D 84 12.52 -41.89 22.07
C GLU D 84 13.15 -43.25 21.76
N ALA D 85 12.69 -43.94 20.72
CA ALA D 85 13.19 -45.26 20.43
C ALA D 85 13.69 -45.46 19.00
N GLY D 86 13.65 -44.43 18.16
CA GLY D 86 14.13 -44.55 16.80
C GLY D 86 13.19 -45.23 15.83
N ASP D 87 12.09 -45.78 16.31
CA ASP D 87 11.14 -46.50 15.46
C ASP D 87 9.78 -46.46 16.12
N GLY D 88 8.74 -46.74 15.33
CA GLY D 88 7.41 -46.94 15.84
C GLY D 88 6.39 -45.84 15.55
N THR D 89 6.68 -44.93 14.64
CA THR D 89 5.73 -43.89 14.28
C THR D 89 4.44 -44.49 13.72
N THR D 90 4.57 -45.32 12.68
CA THR D 90 3.40 -45.89 12.03
C THR D 90 2.70 -46.91 12.91
N THR D 91 3.47 -47.72 13.64
CA THR D 91 2.87 -48.71 14.53
C THR D 91 2.11 -48.03 15.65
N ALA D 92 2.70 -46.99 16.26
CA ALA D 92 1.99 -46.26 17.30
C ALA D 92 0.76 -45.56 16.74
N THR D 93 0.84 -45.07 15.50
CA THR D 93 -0.32 -44.39 14.92
C THR D 93 -1.47 -45.37 14.67
N VAL D 94 -1.17 -46.54 14.12
CA VAL D 94 -2.22 -47.51 13.83
C VAL D 94 -2.82 -48.04 15.13
N LEU D 95 -1.97 -48.32 16.13
CA LEU D 95 -2.47 -48.76 17.42
C LEU D 95 -3.31 -47.69 18.10
N ALA D 96 -2.91 -46.42 17.97
CA ALA D 96 -3.66 -45.34 18.58
C ALA D 96 -5.04 -45.20 17.95
N ARG D 97 -5.10 -45.24 16.62
CA ARG D 97 -6.40 -45.16 15.96
C ARG D 97 -7.28 -46.35 16.32
N SER D 98 -6.69 -47.55 16.40
CA SER D 98 -7.48 -48.72 16.78
C SER D 98 -8.07 -48.56 18.17
N ILE D 99 -7.23 -48.22 19.15
CA ILE D 99 -7.70 -48.11 20.52
C ILE D 99 -8.72 -46.98 20.64
N ALA D 100 -8.49 -45.86 19.93
CA ALA D 100 -9.38 -44.72 20.07
C ALA D 100 -10.73 -44.99 19.42
N LYS D 101 -10.74 -45.59 18.22
CA LYS D 101 -12.00 -45.92 17.56
C LYS D 101 -12.80 -46.93 18.37
N GLU D 102 -12.14 -47.97 18.87
CA GLU D 102 -12.85 -48.98 19.65
C GLU D 102 -13.39 -48.38 20.95
N GLY D 103 -12.59 -47.56 21.64
CA GLY D 103 -13.08 -46.91 22.83
C GLY D 103 -14.24 -45.97 22.56
N PHE D 104 -14.18 -45.23 21.46
CA PHE D 104 -15.28 -44.34 21.11
C PHE D 104 -16.55 -45.11 20.84
N GLU D 105 -16.46 -46.22 20.11
CA GLU D 105 -17.65 -47.01 19.80
C GLU D 105 -18.22 -47.69 21.03
N LYS D 106 -17.37 -48.11 21.97
CA LYS D 106 -17.90 -48.70 23.20
C LYS D 106 -18.47 -47.65 24.14
N ILE D 107 -17.88 -46.46 24.19
CA ILE D 107 -18.38 -45.41 25.07
C ILE D 107 -19.70 -44.86 24.57
N SER D 108 -19.82 -44.64 23.25
CA SER D 108 -21.05 -44.10 22.71
C SER D 108 -22.25 -45.01 22.98
N LYS D 109 -22.01 -46.31 23.18
CA LYS D 109 -23.09 -47.21 23.60
C LYS D 109 -23.60 -46.86 24.99
N GLY D 110 -22.80 -46.18 25.82
CA GLY D 110 -23.23 -45.80 27.13
C GLY D 110 -22.27 -46.20 28.24
N ALA D 111 -21.04 -46.54 27.86
CA ALA D 111 -20.07 -47.05 28.83
C ALA D 111 -19.39 -45.91 29.57
N ASN D 112 -18.48 -46.27 30.48
CA ASN D 112 -17.79 -45.31 31.33
C ASN D 112 -16.38 -45.09 30.81
N PRO D 113 -16.06 -43.88 30.32
CA PRO D 113 -14.68 -43.57 29.90
C PRO D 113 -13.61 -44.02 30.88
N VAL D 114 -13.80 -43.71 32.17
CA VAL D 114 -12.75 -43.97 33.16
C VAL D 114 -12.55 -45.46 33.37
N GLU D 115 -13.63 -46.25 33.40
CA GLU D 115 -13.50 -47.68 33.60
C GLU D 115 -12.90 -48.35 32.37
N ILE D 116 -13.29 -47.91 31.18
CA ILE D 116 -12.68 -48.43 29.95
C ILE D 116 -11.19 -48.11 29.92
N ARG D 117 -10.83 -46.89 30.33
CA ARG D 117 -9.42 -46.52 30.38
C ARG D 117 -8.65 -47.39 31.36
N ARG D 118 -9.27 -47.68 32.51
CA ARG D 118 -8.61 -48.55 33.50
C ARG D 118 -8.37 -49.95 32.93
N GLY D 119 -9.39 -50.52 32.27
CA GLY D 119 -9.21 -51.82 31.67
C GLY D 119 -8.16 -51.82 30.56
N VAL D 120 -8.16 -50.76 29.76
CA VAL D 120 -7.17 -50.63 28.68
C VAL D 120 -5.77 -50.59 29.26
N MET D 121 -5.56 -49.82 30.32
CA MET D 121 -4.21 -49.67 30.84
C MET D 121 -3.76 -50.91 31.60
N LEU D 122 -4.67 -51.62 32.26
CA LEU D 122 -4.31 -52.91 32.84
C LEU D 122 -3.90 -53.90 31.76
N ALA D 123 -4.64 -53.94 30.64
CA ALA D 123 -4.27 -54.79 29.52
C ALA D 123 -2.90 -54.41 28.96
N VAL D 124 -2.64 -53.11 28.81
CA VAL D 124 -1.36 -52.68 28.27
C VAL D 124 -0.22 -53.06 29.21
N ASP D 125 -0.43 -52.94 30.52
CA ASP D 125 0.60 -53.32 31.47
C ASP D 125 0.90 -54.81 31.39
N ALA D 126 -0.15 -55.63 31.31
CA ALA D 126 0.05 -57.06 31.14
C ALA D 126 0.83 -57.38 29.87
N VAL D 127 0.48 -56.71 28.76
CA VAL D 127 1.15 -56.95 27.48
C VAL D 127 2.61 -56.55 27.57
N ILE D 128 2.90 -55.41 28.19
CA ILE D 128 4.29 -54.97 28.30
C ILE D 128 5.08 -55.93 29.18
N ALA D 129 4.44 -56.49 30.21
CA ALA D 129 5.13 -57.46 31.04
C ALA D 129 5.48 -58.72 30.26
N GLU D 130 4.53 -59.21 29.46
CA GLU D 130 4.81 -60.36 28.59
C GLU D 130 5.90 -60.05 27.59
N LEU D 131 5.83 -58.87 26.97
CA LEU D 131 6.78 -58.52 25.93
C LEU D 131 8.17 -58.21 26.49
N LYS D 132 8.26 -57.91 27.78
CA LYS D 132 9.57 -57.78 28.43
C LYS D 132 10.10 -59.14 28.86
N LYS D 133 9.22 -60.05 29.30
CA LYS D 133 9.65 -61.39 29.66
C LYS D 133 9.96 -62.27 28.46
N GLN D 134 9.55 -61.86 27.26
CA GLN D 134 9.84 -62.61 26.05
C GLN D 134 11.02 -62.03 25.26
N SER D 135 11.77 -61.10 25.85
CA SER D 135 12.84 -60.41 25.15
C SER D 135 14.15 -61.18 25.28
N LYS D 136 14.88 -61.30 24.17
CA LYS D 136 16.20 -61.90 24.14
C LYS D 136 17.25 -60.84 23.86
N PRO D 137 18.43 -60.93 24.50
CA PRO D 137 19.46 -59.93 24.28
C PRO D 137 20.31 -60.22 23.06
N VAL D 138 20.92 -59.17 22.53
CA VAL D 138 21.78 -59.30 21.36
C VAL D 138 23.10 -59.95 21.77
N THR D 139 23.51 -60.96 21.01
CA THR D 139 24.74 -61.69 21.31
C THR D 139 25.73 -61.73 20.15
N THR D 140 25.31 -61.37 18.94
CA THR D 140 26.18 -61.38 17.78
C THR D 140 26.09 -60.05 17.05
N PRO D 141 27.17 -59.62 16.40
CA PRO D 141 27.09 -58.41 15.55
C PRO D 141 26.13 -58.57 14.38
N GLU D 142 25.84 -59.79 13.95
CA GLU D 142 24.86 -59.99 12.89
C GLU D 142 23.48 -59.50 13.30
N GLU D 143 23.11 -59.74 14.56
CA GLU D 143 21.83 -59.24 15.06
C GLU D 143 21.82 -57.71 15.09
N ILE D 144 22.97 -57.11 15.44
CA ILE D 144 23.10 -55.66 15.41
C ILE D 144 22.86 -55.15 13.99
N ALA D 145 23.45 -55.82 12.99
CA ALA D 145 23.25 -55.39 11.61
C ALA D 145 21.79 -55.57 11.19
N GLN D 146 21.17 -56.67 11.62
CA GLN D 146 19.77 -56.91 11.28
C GLN D 146 18.86 -55.82 11.83
N VAL D 147 19.02 -55.47 13.11
CA VAL D 147 18.16 -54.46 13.71
C VAL D 147 18.46 -53.09 13.09
N ALA D 148 19.73 -52.82 12.77
CA ALA D 148 20.05 -51.54 12.14
C ALA D 148 19.43 -51.44 10.75
N THR D 149 19.39 -52.56 10.02
CA THR D 149 18.82 -52.54 8.68
C THR D 149 17.31 -52.42 8.72
N ILE D 150 16.66 -53.14 9.63
CA ILE D 150 15.20 -52.99 9.77
C ILE D 150 14.85 -51.58 10.20
N SER D 151 15.66 -50.98 11.07
CA SER D 151 15.37 -49.66 11.61
C SER D 151 15.59 -48.54 10.60
N ALA D 152 16.17 -48.84 9.43
CA ALA D 152 16.43 -47.84 8.41
C ALA D 152 15.73 -48.20 7.10
N ASN D 153 14.50 -48.70 7.20
CA ASN D 153 13.69 -49.04 6.03
C ASN D 153 14.43 -50.00 5.10
N GLY D 154 15.09 -51.00 5.67
CA GLY D 154 15.75 -52.02 4.89
C GLY D 154 17.05 -51.60 4.23
N ASP D 155 17.54 -50.40 4.51
CA ASP D 155 18.81 -49.93 3.96
C ASP D 155 19.96 -50.80 4.43
N LYS D 156 20.54 -51.55 3.49
CA LYS D 156 21.64 -52.46 3.84
C LYS D 156 22.88 -51.69 4.25
N GLU D 157 23.16 -50.59 3.56
CA GLU D 157 24.38 -49.82 3.83
C GLU D 157 24.37 -49.23 5.23
N ILE D 158 23.24 -48.68 5.67
CA ILE D 158 23.15 -48.07 6.99
C ILE D 158 23.38 -49.11 8.06
N GLY D 159 22.73 -50.27 7.94
CA GLY D 159 22.95 -51.33 8.90
C GLY D 159 24.39 -51.80 8.92
N ASN D 160 25.00 -51.92 7.74
CA ASN D 160 26.37 -52.39 7.66
C ASN D 160 27.33 -51.40 8.33
N ILE D 161 27.15 -50.09 8.08
CA ILE D 161 28.06 -49.12 8.67
C ILE D 161 27.87 -49.05 10.18
N ILE D 162 26.62 -49.15 10.65
CA ILE D 162 26.39 -49.11 12.09
C ILE D 162 26.99 -50.34 12.77
N SER D 163 26.84 -51.52 12.15
CA SER D 163 27.43 -52.72 12.71
C SER D 163 28.96 -52.64 12.69
N ASP D 164 29.54 -52.09 11.63
CA ASP D 164 30.99 -51.92 11.59
C ASP D 164 31.46 -50.98 12.68
N ALA D 165 30.73 -49.88 12.92
CA ALA D 165 31.13 -48.94 13.95
C ALA D 165 31.02 -49.57 15.34
N MET D 166 29.96 -50.35 15.58
CA MET D 166 29.85 -51.02 16.87
C MET D 166 30.87 -52.13 17.05
N LYS D 167 31.29 -52.78 15.95
CA LYS D 167 32.38 -53.73 16.04
C LYS D 167 33.69 -53.04 16.40
N LYS D 168 33.94 -51.87 15.80
CA LYS D 168 35.20 -51.17 16.03
C LYS D 168 35.26 -50.46 17.38
N VAL D 169 34.12 -50.05 17.92
CA VAL D 169 34.07 -49.30 19.18
C VAL D 169 33.53 -50.15 20.32
N GLY D 170 32.35 -50.71 20.15
CA GLY D 170 31.73 -51.51 21.19
C GLY D 170 30.22 -51.35 21.16
N ARG D 171 29.53 -52.39 21.63
CA ARG D 171 28.06 -52.32 21.71
C ARG D 171 27.62 -51.14 22.56
N LYS D 172 28.29 -50.91 23.67
CA LYS D 172 28.02 -49.76 24.55
C LYS D 172 29.00 -48.63 24.32
N GLY D 173 29.46 -48.44 23.08
CA GLY D 173 30.44 -47.43 22.77
C GLY D 173 29.81 -46.13 22.29
N VAL D 174 30.66 -45.12 22.14
CA VAL D 174 30.23 -43.79 21.72
C VAL D 174 30.29 -43.73 20.20
N ILE D 175 29.14 -43.50 19.57
CA ILE D 175 29.02 -43.40 18.12
C ILE D 175 28.30 -42.11 17.78
N THR D 176 28.85 -41.36 16.83
CA THR D 176 28.27 -40.08 16.41
C THR D 176 28.03 -40.11 14.90
N VAL D 177 27.07 -39.31 14.45
CA VAL D 177 26.75 -39.19 13.03
C VAL D 177 26.64 -37.72 12.67
N LYS D 178 27.52 -37.27 11.77
CA LYS D 178 27.57 -35.90 11.28
C LYS D 178 27.39 -35.88 9.77
N ASP D 179 27.37 -34.68 9.21
CA ASP D 179 27.21 -34.49 7.77
C ASP D 179 28.56 -34.57 7.07
N GLY D 180 28.51 -34.82 5.77
CA GLY D 180 29.72 -34.94 4.98
C GLY D 180 29.55 -34.32 3.62
N LYS D 181 30.67 -33.90 3.04
CA LYS D 181 30.68 -33.24 1.74
C LYS D 181 30.99 -34.19 0.60
N THR D 182 31.30 -35.45 0.89
CA THR D 182 31.60 -36.44 -0.13
C THR D 182 30.29 -37.04 -0.66
N LEU D 183 30.41 -38.13 -1.44
CA LEU D 183 29.25 -38.78 -2.02
C LEU D 183 28.92 -40.13 -1.38
N ASN D 184 29.85 -40.73 -0.63
CA ASN D 184 29.61 -42.01 0.01
C ASN D 184 29.98 -41.92 1.49
N ASP D 185 29.24 -42.67 2.30
CA ASP D 185 29.46 -42.66 3.73
C ASP D 185 30.82 -43.24 4.08
N GLU D 186 31.48 -42.65 5.06
CA GLU D 186 32.78 -43.13 5.54
C GLU D 186 32.76 -43.23 7.06
N LEU D 187 33.48 -44.23 7.57
CA LEU D 187 33.54 -44.53 8.99
C LEU D 187 34.92 -44.13 9.51
N GLU D 188 34.96 -43.27 10.52
CA GLU D 188 36.20 -42.78 11.09
C GLU D 188 36.19 -42.97 12.60
N ILE D 189 37.27 -43.54 13.13
CA ILE D 189 37.46 -43.66 14.56
C ILE D 189 38.42 -42.54 14.97
N ILE D 190 37.86 -41.47 15.51
CA ILE D 190 38.64 -40.30 15.90
C ILE D 190 38.68 -40.22 17.42
N GLU D 191 39.76 -39.64 17.93
CA GLU D 191 39.98 -39.59 19.38
C GLU D 191 39.04 -38.57 20.02
N GLY D 192 38.37 -38.97 21.09
CA GLY D 192 37.47 -38.09 21.79
C GLY D 192 36.98 -38.75 23.06
N MET D 193 36.17 -37.99 23.80
CA MET D 193 35.61 -38.44 25.07
C MET D 193 34.14 -38.08 25.14
N LYS D 194 33.41 -38.81 25.98
CA LYS D 194 32.02 -38.51 26.25
C LYS D 194 31.65 -39.04 27.63
N PHE D 195 30.99 -38.20 28.43
CA PHE D 195 30.55 -38.56 29.77
C PHE D 195 29.10 -38.15 29.95
N ASP D 196 28.46 -38.77 30.95
CA ASP D 196 27.01 -38.68 31.11
C ASP D 196 26.62 -37.53 32.04
N ARG D 197 26.95 -36.31 31.61
CA ARG D 197 26.54 -35.10 32.31
C ARG D 197 26.28 -34.01 31.28
N GLY D 198 25.01 -33.63 31.11
CA GLY D 198 24.66 -32.57 30.18
C GLY D 198 24.81 -31.19 30.77
N TYR D 199 24.50 -30.19 29.95
CA TYR D 199 24.55 -28.80 30.42
C TYR D 199 23.53 -28.57 31.51
N ILE D 200 23.80 -27.59 32.37
CA ILE D 200 22.92 -27.31 33.50
C ILE D 200 21.78 -26.39 33.06
N SER D 201 22.09 -25.33 32.33
CA SER D 201 21.09 -24.39 31.89
C SER D 201 20.84 -24.55 30.40
N PRO D 202 19.58 -24.72 29.97
CA PRO D 202 19.26 -24.86 28.54
C PRO D 202 19.13 -23.52 27.82
N TYR D 203 20.13 -22.66 28.01
CA TYR D 203 20.20 -21.38 27.32
C TYR D 203 21.47 -21.19 26.51
N PHE D 204 22.44 -22.09 26.62
CA PHE D 204 23.63 -22.07 25.77
C PHE D 204 23.39 -22.72 24.41
N ILE D 205 22.21 -23.29 24.21
CA ILE D 205 21.96 -24.15 23.05
C ILE D 205 22.19 -23.38 21.76
N ASN D 206 23.07 -23.90 20.90
CA ASN D 206 23.29 -23.37 19.57
C ASN D 206 22.52 -24.13 18.49
N THR D 207 22.33 -25.43 18.67
CA THR D 207 21.66 -26.27 17.69
C THR D 207 20.23 -26.51 18.15
N SER D 208 19.28 -25.86 17.47
CA SER D 208 17.87 -26.05 17.80
C SER D 208 17.33 -27.39 17.32
N LYS D 209 17.99 -28.01 16.34
CA LYS D 209 17.46 -29.25 15.77
C LYS D 209 17.46 -30.38 16.79
N GLY D 210 18.55 -30.53 17.55
CA GLY D 210 18.65 -31.66 18.47
C GLY D 210 18.89 -31.27 19.91
N GLN D 211 18.51 -30.05 20.28
CA GLN D 211 18.72 -29.52 21.64
C GLN D 211 20.19 -29.64 22.04
N LYS D 212 21.07 -29.21 21.12
CA LYS D 212 22.49 -29.37 21.27
C LYS D 212 23.19 -28.02 21.20
N CYS D 213 24.44 -27.99 21.67
CA CYS D 213 25.35 -26.87 21.48
C CYS D 213 26.59 -27.38 20.74
N GLU D 214 26.74 -26.95 19.50
CA GLU D 214 27.86 -27.38 18.67
C GLU D 214 28.94 -26.31 18.69
N PHE D 215 30.15 -26.70 19.08
CA PHE D 215 31.29 -25.80 19.15
C PHE D 215 32.47 -26.39 18.40
N GLN D 216 33.31 -25.51 17.87
CA GLN D 216 34.50 -25.91 17.14
C GLN D 216 35.69 -25.15 17.71
N ASP D 217 36.74 -25.88 18.10
CA ASP D 217 37.97 -25.30 18.64
C ASP D 217 37.67 -24.46 19.90
N ALA D 218 37.18 -25.14 20.93
CA ALA D 218 36.74 -24.50 22.17
C ALA D 218 37.71 -24.78 23.30
N TYR D 219 37.90 -23.77 24.16
CA TYR D 219 38.71 -23.91 25.36
C TYR D 219 37.98 -24.72 26.43
N VAL D 220 38.77 -25.35 27.31
CA VAL D 220 38.25 -26.17 28.38
C VAL D 220 38.78 -25.62 29.71
N LEU D 221 37.86 -25.34 30.63
CA LEU D 221 38.20 -24.92 31.98
C LEU D 221 37.76 -25.99 32.95
N LEU D 222 38.69 -26.52 33.73
CA LEU D 222 38.40 -27.56 34.71
C LEU D 222 38.57 -26.97 36.10
N SER D 223 37.51 -27.04 36.90
CA SER D 223 37.56 -26.57 38.29
C SER D 223 36.82 -27.59 39.15
N GLU D 224 37.57 -28.49 39.79
CA GLU D 224 36.99 -29.51 40.64
C GLU D 224 36.36 -28.94 41.90
N LYS D 225 36.56 -27.66 42.19
CA LYS D 225 35.92 -26.99 43.31
C LYS D 225 35.04 -25.86 42.78
N LYS D 226 34.17 -25.36 43.66
CA LYS D 226 33.25 -24.30 43.28
C LYS D 226 34.01 -23.03 42.94
N ILE D 227 33.38 -22.18 42.13
CA ILE D 227 33.99 -20.90 41.73
C ILE D 227 34.15 -20.03 42.98
N SER D 228 35.39 -19.62 43.24
CA SER D 228 35.68 -18.86 44.45
C SER D 228 35.06 -17.46 44.41
N SER D 229 35.33 -16.71 43.34
CA SER D 229 34.88 -15.33 43.25
C SER D 229 34.62 -14.97 41.79
N ILE D 230 33.90 -13.86 41.60
CA ILE D 230 33.67 -13.33 40.26
C ILE D 230 34.98 -12.92 39.61
N GLN D 231 35.92 -12.41 40.41
CA GLN D 231 37.26 -12.09 39.92
C GLN D 231 38.08 -13.33 39.59
N SER D 232 37.55 -14.53 39.85
CA SER D 232 38.20 -15.77 39.46
C SER D 232 37.66 -16.35 38.16
N ILE D 233 36.51 -15.89 37.70
CA ILE D 233 35.97 -16.33 36.42
C ILE D 233 36.02 -15.23 35.36
N VAL D 234 36.01 -13.96 35.76
CA VAL D 234 36.16 -12.86 34.79
C VAL D 234 37.46 -12.97 33.99
N PRO D 235 38.64 -13.17 34.60
CA PRO D 235 39.85 -13.18 33.77
C PRO D 235 40.00 -14.42 32.92
N ALA D 236 39.34 -15.52 33.25
CA ALA D 236 39.31 -16.66 32.33
C ALA D 236 38.46 -16.34 31.10
N LEU D 237 37.37 -15.59 31.30
CA LEU D 237 36.60 -15.11 30.16
C LEU D 237 37.43 -14.14 29.32
N GLU D 238 38.21 -13.28 29.97
CA GLU D 238 39.10 -12.38 29.23
C GLU D 238 40.13 -13.17 28.42
N ILE D 239 40.70 -14.21 29.03
CA ILE D 239 41.67 -15.06 28.34
C ILE D 239 41.04 -15.72 27.12
N ALA D 240 39.83 -16.26 27.28
CA ALA D 240 39.18 -16.95 26.18
C ALA D 240 38.51 -16.00 25.18
N ASN D 241 38.44 -14.71 25.50
CA ASN D 241 37.96 -13.72 24.55
C ASN D 241 39.08 -13.08 23.76
N ALA D 242 40.27 -12.98 24.36
CA ALA D 242 41.43 -12.47 23.65
C ALA D 242 42.19 -13.55 22.89
N HIS D 243 41.74 -14.80 22.97
CA HIS D 243 42.37 -15.91 22.27
C HIS D 243 41.43 -16.56 21.24
N ARG D 244 40.41 -15.82 20.79
CA ARG D 244 39.54 -16.19 19.67
C ARG D 244 39.04 -17.63 19.74
N LYS D 245 38.80 -18.14 20.95
CA LYS D 245 38.34 -19.51 21.11
C LYS D 245 37.27 -19.60 22.21
N PRO D 246 36.10 -20.18 21.92
CA PRO D 246 35.06 -20.34 22.94
C PRO D 246 35.55 -21.18 24.12
N LEU D 247 34.79 -21.10 25.21
CA LEU D 247 35.15 -21.73 26.47
C LEU D 247 34.11 -22.78 26.86
N VAL D 248 34.58 -23.87 27.46
CA VAL D 248 33.73 -24.95 27.97
C VAL D 248 34.19 -25.26 29.38
N ILE D 249 33.41 -24.86 30.38
CA ILE D 249 33.81 -25.01 31.78
C ILE D 249 33.15 -26.24 32.37
N ILE D 250 33.83 -26.85 33.33
CA ILE D 250 33.32 -28.01 34.06
C ILE D 250 33.64 -27.80 35.54
N ALA D 251 32.63 -27.92 36.39
CA ALA D 251 32.81 -27.70 37.82
C ALA D 251 31.88 -28.63 38.58
N GLU D 252 31.88 -28.50 39.91
CA GLU D 252 30.98 -29.28 40.74
C GLU D 252 29.52 -28.90 40.51
N ASP D 253 29.17 -27.65 40.82
CA ASP D 253 27.80 -27.18 40.70
C ASP D 253 27.82 -25.69 40.43
N VAL D 254 27.25 -25.28 39.29
CA VAL D 254 27.16 -23.87 38.92
C VAL D 254 25.69 -23.62 38.61
N ASP D 255 24.92 -23.21 39.61
CA ASP D 255 23.48 -23.01 39.45
C ASP D 255 23.01 -21.65 39.92
N GLY D 256 23.61 -21.09 40.97
CA GLY D 256 23.05 -19.92 41.61
C GLY D 256 23.45 -18.58 41.03
N GLU D 257 24.75 -18.29 41.01
CA GLU D 257 25.23 -16.95 40.66
C GLU D 257 26.06 -16.91 39.39
N ALA D 258 26.99 -17.84 39.22
CA ALA D 258 27.82 -17.81 38.01
C ALA D 258 27.05 -18.29 36.79
N LEU D 259 26.05 -19.15 37.00
CA LEU D 259 25.18 -19.54 35.89
C LEU D 259 24.40 -18.35 35.36
N SER D 260 23.88 -17.50 36.26
CA SER D 260 23.16 -16.31 35.83
C SER D 260 24.06 -15.38 35.04
N THR D 261 25.30 -15.19 35.50
CA THR D 261 26.25 -14.35 34.76
C THR D 261 26.54 -14.93 33.38
N LEU D 262 26.73 -16.25 33.30
CA LEU D 262 27.00 -16.87 32.02
C LEU D 262 25.82 -16.73 31.06
N VAL D 263 24.59 -16.84 31.58
CA VAL D 263 23.43 -16.72 30.71
C VAL D 263 23.23 -15.27 30.26
N LEU D 264 23.42 -14.30 31.16
CA LEU D 264 23.29 -12.92 30.73
C LEU D 264 24.39 -12.54 29.75
N ASN D 265 25.57 -13.15 29.88
CA ASN D 265 26.61 -12.95 28.86
C ASN D 265 26.27 -13.66 27.56
N ARG D 266 25.48 -14.74 27.63
CA ARG D 266 25.07 -15.45 26.44
C ARG D 266 24.21 -14.58 25.54
N LEU D 267 23.41 -13.68 26.12
CA LEU D 267 22.59 -12.78 25.32
C LEU D 267 23.43 -11.84 24.46
N LYS D 268 24.65 -11.56 24.86
CA LYS D 268 25.53 -10.72 24.06
C LYS D 268 25.98 -11.47 22.81
N VAL D 269 26.15 -10.72 21.72
CA VAL D 269 26.57 -11.28 20.45
C VAL D 269 28.08 -11.43 20.43
N GLY D 270 28.55 -12.64 20.12
CA GLY D 270 29.97 -12.92 20.08
C GLY D 270 30.51 -13.68 21.29
N LEU D 271 29.68 -13.94 22.30
CA LEU D 271 30.09 -14.65 23.50
C LEU D 271 29.51 -16.05 23.48
N GLN D 272 30.38 -17.06 23.53
CA GLN D 272 29.97 -18.45 23.51
C GLN D 272 30.64 -19.20 24.65
N VAL D 273 29.84 -19.86 25.48
CA VAL D 273 30.36 -20.62 26.62
C VAL D 273 29.26 -21.56 27.10
N VAL D 274 29.66 -22.74 27.58
CA VAL D 274 28.76 -23.71 28.17
C VAL D 274 29.34 -24.20 29.49
N ALA D 275 28.47 -24.68 30.36
CA ALA D 275 28.84 -25.19 31.67
C ALA D 275 28.34 -26.61 31.82
N VAL D 276 29.18 -27.48 32.38
CA VAL D 276 28.84 -28.87 32.63
C VAL D 276 29.20 -29.22 34.06
N LYS D 277 28.28 -29.85 34.76
CA LYS D 277 28.58 -30.32 36.11
C LYS D 277 29.41 -31.59 36.08
N ALA D 278 30.10 -31.86 37.19
CA ALA D 278 31.07 -32.95 37.23
C ALA D 278 30.36 -34.31 37.18
N PRO D 279 30.95 -35.28 36.49
CA PRO D 279 30.30 -36.60 36.36
C PRO D 279 30.52 -37.53 37.54
N GLY D 280 31.64 -37.36 38.24
CA GLY D 280 31.95 -38.19 39.39
C GLY D 280 31.52 -37.56 40.69
N PHE D 281 31.23 -38.41 41.69
CA PHE D 281 30.89 -37.94 43.02
C PHE D 281 31.98 -38.21 44.06
N GLY D 282 32.88 -39.14 43.80
CA GLY D 282 33.96 -39.43 44.73
C GLY D 282 35.33 -39.41 44.07
N ASP D 283 36.07 -40.51 44.21
CA ASP D 283 37.35 -40.63 43.52
C ASP D 283 37.19 -40.61 42.01
N ASN D 284 36.00 -41.02 41.52
CA ASN D 284 35.75 -41.00 40.08
C ASN D 284 35.87 -39.59 39.52
N ARG D 285 35.33 -38.60 40.23
CA ARG D 285 35.42 -37.21 39.77
C ARG D 285 36.87 -36.79 39.59
N LYS D 286 37.69 -37.03 40.62
CA LYS D 286 39.09 -36.59 40.55
C LYS D 286 39.85 -37.32 39.46
N ASN D 287 39.66 -38.64 39.34
CA ASN D 287 40.45 -39.37 38.35
C ASN D 287 40.02 -39.03 36.93
N GLN D 288 38.71 -38.83 36.69
CA GLN D 288 38.30 -38.46 35.34
C GLN D 288 38.70 -37.03 35.02
N LEU D 289 38.73 -36.14 36.02
CA LEU D 289 39.22 -34.79 35.78
C LEU D 289 40.70 -34.81 35.42
N LYS D 290 41.49 -35.64 36.10
CA LYS D 290 42.89 -35.78 35.74
C LYS D 290 43.04 -36.34 34.33
N ASP D 291 42.21 -37.32 33.98
CA ASP D 291 42.24 -37.90 32.63
C ASP D 291 41.94 -36.84 31.58
N MET D 292 40.91 -36.03 31.82
CA MET D 292 40.55 -34.97 30.86
C MET D 292 41.64 -33.92 30.77
N ALA D 293 42.25 -33.55 31.90
CA ALA D 293 43.32 -32.56 31.87
C ALA D 293 44.51 -33.07 31.08
N ILE D 294 44.83 -34.36 31.23
CA ILE D 294 45.93 -34.94 30.47
C ILE D 294 45.58 -35.01 28.98
N ALA D 295 44.33 -35.39 28.66
CA ALA D 295 43.94 -35.60 27.27
C ALA D 295 43.71 -34.31 26.52
N THR D 296 43.49 -33.19 27.23
CA THR D 296 43.30 -31.90 26.59
C THR D 296 44.58 -31.06 26.54
N GLY D 297 45.35 -31.05 27.62
CA GLY D 297 46.59 -30.32 27.64
C GLY D 297 46.47 -29.00 28.37
N GLY D 298 46.95 -28.95 29.61
CA GLY D 298 46.84 -27.75 30.41
C GLY D 298 47.19 -27.98 31.86
N ALA D 299 46.34 -27.50 32.76
CA ALA D 299 46.56 -27.66 34.19
C ALA D 299 45.21 -27.84 34.87
N VAL D 300 45.27 -28.08 36.18
CA VAL D 300 44.09 -28.30 37.01
C VAL D 300 44.06 -27.21 38.07
N PHE D 301 42.93 -26.50 38.16
CA PHE D 301 42.79 -25.38 39.06
C PHE D 301 41.90 -25.77 40.24
N GLY D 302 42.35 -25.44 41.44
CA GLY D 302 41.57 -25.70 42.64
C GLY D 302 41.93 -26.97 43.40
N GLU D 303 43.09 -27.56 43.15
CA GLU D 303 43.46 -28.79 43.83
C GLU D 303 43.77 -28.54 45.30
N GLU D 304 43.62 -29.60 46.11
CA GLU D 304 43.95 -29.50 47.51
C GLU D 304 45.46 -29.39 47.73
N GLY D 305 46.26 -30.01 46.87
CA GLY D 305 47.70 -29.97 47.01
C GLY D 305 48.35 -28.77 46.34
N LEU D 306 48.12 -28.61 45.04
CA LEU D 306 48.74 -27.50 44.32
C LEU D 306 48.12 -26.16 44.69
N THR D 307 46.82 -26.15 44.98
CA THR D 307 46.10 -24.94 45.40
C THR D 307 46.24 -23.83 44.36
N LEU D 308 45.97 -24.16 43.11
CA LEU D 308 45.98 -23.18 42.04
C LEU D 308 44.65 -22.44 42.01
N ASN D 309 44.71 -21.11 42.07
CA ASN D 309 43.50 -20.29 42.11
C ASN D 309 43.10 -19.87 40.71
N LEU D 310 41.78 -19.86 40.47
CA LEU D 310 41.26 -19.48 39.16
C LEU D 310 41.63 -18.05 38.78
N GLU D 311 41.93 -17.19 39.76
CA GLU D 311 42.29 -15.82 39.45
C GLU D 311 43.58 -15.75 38.62
N ASP D 312 44.56 -16.60 38.95
CA ASP D 312 45.82 -16.64 38.22
C ASP D 312 45.75 -17.64 37.07
N VAL D 313 44.79 -17.40 36.17
CA VAL D 313 44.58 -18.27 35.02
C VAL D 313 45.49 -17.82 33.88
N GLN D 314 46.03 -18.80 33.16
CA GLN D 314 46.94 -18.56 32.05
C GLN D 314 46.50 -19.35 30.83
N PRO D 315 46.76 -18.83 29.63
CA PRO D 315 46.29 -19.53 28.41
C PRO D 315 46.86 -20.92 28.23
N HIS D 316 48.05 -21.20 28.77
CA HIS D 316 48.65 -22.53 28.68
C HIS D 316 48.17 -23.45 29.79
N ASP D 317 47.35 -22.96 30.72
CA ASP D 317 46.88 -23.75 31.85
C ASP D 317 45.47 -24.29 31.65
N LEU D 318 44.86 -24.06 30.49
CA LEU D 318 43.53 -24.56 30.19
C LEU D 318 43.60 -25.61 29.08
N GLY D 319 42.63 -26.52 29.09
CA GLY D 319 42.57 -27.55 28.08
C GLY D 319 42.00 -27.05 26.77
N LYS D 320 42.40 -27.71 25.69
CA LYS D 320 41.90 -27.43 24.36
C LYS D 320 41.28 -28.69 23.77
N VAL D 321 40.16 -28.51 23.06
CA VAL D 321 39.51 -29.60 22.33
C VAL D 321 39.07 -29.08 20.98
N GLY D 322 38.83 -30.01 20.06
CA GLY D 322 38.42 -29.66 18.72
C GLY D 322 36.94 -29.34 18.60
N GLU D 323 36.09 -30.29 18.94
CA GLU D 323 34.65 -30.15 18.80
C GLU D 323 33.97 -30.43 20.12
N VAL D 324 33.00 -29.59 20.49
CA VAL D 324 32.22 -29.76 21.70
C VAL D 324 30.74 -29.79 21.33
N ILE D 325 30.08 -30.91 21.60
CA ILE D 325 28.64 -31.02 21.47
C ILE D 325 28.09 -31.56 22.78
N VAL D 326 27.08 -30.88 23.32
CA VAL D 326 26.51 -31.20 24.62
C VAL D 326 25.00 -31.32 24.49
N THR D 327 24.42 -32.30 25.16
CA THR D 327 22.99 -32.54 25.16
C THR D 327 22.44 -32.34 26.56
N LYS D 328 21.16 -32.66 26.74
CA LYS D 328 20.52 -32.46 28.04
C LYS D 328 21.14 -33.36 29.10
N ASP D 329 21.44 -34.61 28.75
CA ASP D 329 21.99 -35.57 29.70
C ASP D 329 23.43 -35.95 29.46
N ASP D 330 23.97 -35.73 28.26
CA ASP D 330 25.32 -36.17 27.92
C ASP D 330 26.12 -35.03 27.32
N ALA D 331 27.43 -35.07 27.55
CA ALA D 331 28.38 -34.11 27.00
C ALA D 331 29.48 -34.85 26.27
N MET D 332 29.87 -34.33 25.10
CA MET D 332 30.88 -34.97 24.26
C MET D 332 31.97 -33.96 23.95
N LEU D 333 33.21 -34.29 24.30
CA LEU D 333 34.38 -33.49 23.97
C LEU D 333 35.16 -34.23 22.90
N LEU D 334 35.16 -33.69 21.68
CA LEU D 334 35.64 -34.39 20.50
C LEU D 334 36.91 -33.74 19.97
N LYS D 335 37.85 -34.58 19.54
CA LYS D 335 39.12 -34.14 18.95
C LYS D 335 39.90 -33.25 19.91
N GLY D 336 40.14 -33.78 21.11
CA GLY D 336 40.93 -33.07 22.10
C GLY D 336 42.41 -33.34 21.95
N LYS D 337 43.13 -32.40 21.35
CA LYS D 337 44.56 -32.59 21.08
C LYS D 337 45.35 -32.28 22.35
N GLY D 338 45.76 -33.34 23.04
CA GLY D 338 46.62 -33.22 24.21
C GLY D 338 47.89 -34.01 23.98
N ASP D 339 48.96 -33.55 24.64
CA ASP D 339 50.29 -34.16 24.50
C ASP D 339 50.20 -35.69 24.56
N LYS D 340 50.68 -36.33 23.50
CA LYS D 340 50.55 -37.78 23.39
C LYS D 340 51.38 -38.52 24.42
N ALA D 341 52.54 -37.98 24.80
CA ALA D 341 53.40 -38.68 25.73
C ALA D 341 52.78 -38.75 27.12
N GLN D 342 52.13 -37.67 27.55
CA GLN D 342 51.42 -37.69 28.83
C GLN D 342 50.24 -38.65 28.79
N ILE D 343 49.56 -38.73 27.64
CA ILE D 343 48.44 -39.67 27.51
C ILE D 343 48.93 -41.10 27.61
N GLU D 344 50.06 -41.41 26.96
CA GLU D 344 50.62 -42.75 27.05
C GLU D 344 51.10 -43.06 28.47
N LYS D 345 51.67 -42.05 29.15
CA LYS D 345 52.07 -42.25 30.54
C LYS D 345 50.87 -42.53 31.43
N ARG D 346 49.76 -41.81 31.20
CA ARG D 346 48.54 -42.06 31.98
C ARG D 346 47.98 -43.44 31.70
N ILE D 347 48.02 -43.87 30.43
CA ILE D 347 47.55 -45.22 30.10
C ILE D 347 48.43 -46.27 30.78
N GLN D 348 49.75 -46.03 30.81
CA GLN D 348 50.65 -46.95 31.50
C GLN D 348 50.34 -47.00 32.99
N GLU D 349 50.07 -45.84 33.60
CA GLU D 349 49.70 -45.83 35.02
C GLU D 349 48.41 -46.59 35.26
N ILE D 350 47.43 -46.42 34.37
CA ILE D 350 46.15 -47.12 34.50
C ILE D 350 46.35 -48.63 34.42
N ILE D 351 47.14 -49.08 33.44
CA ILE D 351 47.33 -50.51 33.27
C ILE D 351 48.24 -51.09 34.35
N GLU D 352 49.07 -50.27 35.00
CA GLU D 352 49.81 -50.73 36.16
C GLU D 352 48.90 -50.86 37.37
N GLN D 353 48.01 -49.89 37.57
CA GLN D 353 47.04 -49.96 38.66
C GLN D 353 46.02 -51.08 38.45
N LEU D 354 45.83 -51.51 37.21
CA LEU D 354 44.89 -52.59 36.93
C LEU D 354 45.29 -53.88 37.64
N ASP D 355 46.58 -54.19 37.65
CA ASP D 355 47.09 -55.44 38.21
C ASP D 355 47.63 -55.27 39.63
N VAL D 356 47.02 -54.38 40.42
CA VAL D 356 47.40 -54.20 41.81
C VAL D 356 46.41 -54.92 42.70
N THR D 357 45.13 -54.53 42.62
CA THR D 357 44.10 -55.15 43.43
C THR D 357 42.76 -54.98 42.73
N THR D 358 41.79 -55.79 43.14
CA THR D 358 40.44 -55.74 42.62
C THR D 358 39.45 -55.72 43.77
N SER D 359 38.38 -54.93 43.62
CA SER D 359 37.33 -54.83 44.62
C SER D 359 35.95 -55.12 44.06
N GLU D 360 35.84 -55.51 42.79
CA GLU D 360 34.61 -55.87 42.08
C GLU D 360 33.69 -54.66 41.84
N TYR D 361 34.03 -53.48 42.36
CA TYR D 361 33.30 -52.26 42.04
C TYR D 361 34.19 -51.20 41.42
N GLU D 362 35.35 -50.94 41.99
CA GLU D 362 36.24 -49.92 41.46
C GLU D 362 36.98 -50.40 40.21
N LYS D 363 37.20 -51.72 40.10
CA LYS D 363 37.85 -52.23 38.89
C LYS D 363 36.99 -52.00 37.66
N GLU D 364 35.66 -51.98 37.82
CA GLU D 364 34.79 -51.60 36.71
C GLU D 364 35.05 -50.17 36.28
N LYS D 365 35.24 -49.27 37.24
CA LYS D 365 35.56 -47.88 36.91
C LYS D 365 36.93 -47.77 36.25
N LEU D 366 37.89 -48.56 36.71
CA LEU D 366 39.22 -48.55 36.08
C LEU D 366 39.15 -49.04 34.64
N ASN D 367 38.41 -50.12 34.40
CA ASN D 367 38.23 -50.60 33.03
C ASN D 367 37.49 -49.58 32.18
N GLU D 368 36.51 -48.89 32.77
CA GLU D 368 35.79 -47.85 32.04
C GLU D 368 36.72 -46.71 31.65
N ARG D 369 37.58 -46.28 32.57
CA ARG D 369 38.54 -45.21 32.24
C ARG D 369 39.52 -45.67 31.17
N LEU D 370 39.97 -46.92 31.25
CA LEU D 370 40.82 -47.48 30.19
C LEU D 370 40.10 -47.42 28.84
N ALA D 371 38.81 -47.75 28.83
CA ALA D 371 38.05 -47.72 27.59
C ALA D 371 37.87 -46.29 27.07
N LYS D 372 37.62 -45.34 27.97
CA LYS D 372 37.47 -43.95 27.54
C LYS D 372 38.77 -43.41 26.95
N LEU D 373 39.91 -43.76 27.54
CA LEU D 373 41.19 -43.29 27.05
C LEU D 373 41.74 -44.12 25.90
N SER D 374 41.16 -45.28 25.62
CA SER D 374 41.64 -46.16 24.55
C SER D 374 40.69 -46.25 23.37
N ASP D 375 39.39 -46.37 23.60
CA ASP D 375 38.43 -46.50 22.51
C ASP D 375 38.11 -45.13 21.92
N GLY D 376 38.19 -45.03 20.59
CA GLY D 376 37.91 -43.78 19.94
C GLY D 376 36.45 -43.59 19.58
N VAL D 377 36.09 -42.35 19.29
CA VAL D 377 34.73 -42.01 18.94
C VAL D 377 34.52 -42.27 17.46
N ALA D 378 33.52 -43.09 17.14
CA ALA D 378 33.18 -43.38 15.74
C ALA D 378 32.25 -42.29 15.24
N VAL D 379 32.64 -41.61 14.17
CA VAL D 379 31.83 -40.59 13.52
C VAL D 379 31.44 -41.09 12.14
N LEU D 380 30.13 -41.16 11.90
CA LEU D 380 29.60 -41.67 10.64
C LEU D 380 29.25 -40.47 9.77
N LYS D 381 30.19 -40.07 8.92
CA LYS D 381 29.98 -38.93 8.04
C LYS D 381 29.01 -39.31 6.92
N VAL D 382 27.98 -38.49 6.74
CA VAL D 382 26.93 -38.77 5.76
C VAL D 382 27.21 -37.94 4.52
N GLY D 383 27.45 -38.61 3.40
CA GLY D 383 27.69 -37.95 2.13
C GLY D 383 26.42 -37.88 1.30
N GLY D 384 26.26 -36.79 0.57
CA GLY D 384 25.07 -36.61 -0.24
C GLY D 384 25.30 -35.62 -1.37
N THR D 385 24.24 -35.40 -2.13
CA THR D 385 24.27 -34.52 -3.30
C THR D 385 23.64 -33.16 -3.06
N SER D 386 22.84 -33.00 -2.01
CA SER D 386 22.19 -31.73 -1.73
C SER D 386 21.85 -31.67 -0.25
N ASP D 387 21.41 -30.49 0.18
CA ASP D 387 21.07 -30.28 1.59
C ASP D 387 19.92 -31.18 2.03
N VAL D 388 18.87 -31.28 1.20
CA VAL D 388 17.72 -32.10 1.57
C VAL D 388 18.13 -33.56 1.75
N GLU D 389 19.00 -34.08 0.88
CA GLU D 389 19.30 -35.50 0.94
C GLU D 389 20.25 -35.80 2.10
N VAL D 390 21.24 -34.94 2.35
CA VAL D 390 22.10 -35.15 3.52
C VAL D 390 21.28 -35.06 4.80
N ASN D 391 20.32 -34.14 4.87
CA ASN D 391 19.49 -34.04 6.06
C ASN D 391 18.64 -35.30 6.25
N GLU D 392 18.01 -35.78 5.16
CA GLU D 392 17.19 -36.98 5.25
C GLU D 392 18.01 -38.20 5.66
N LYS D 393 19.20 -38.36 5.06
CA LYS D 393 20.01 -39.52 5.39
C LYS D 393 20.60 -39.40 6.80
N LYS D 394 20.91 -38.19 7.25
CA LYS D 394 21.31 -38.00 8.64
C LYS D 394 20.21 -38.43 9.59
N ASP D 395 18.97 -38.03 9.30
CA ASP D 395 17.85 -38.44 10.14
C ASP D 395 17.70 -39.95 10.14
N ARG D 396 17.82 -40.59 8.97
CA ARG D 396 17.67 -42.04 8.90
C ARG D 396 18.76 -42.76 9.71
N VAL D 397 20.01 -42.32 9.56
CA VAL D 397 21.11 -42.97 10.26
C VAL D 397 20.99 -42.73 11.76
N THR D 398 20.57 -41.54 12.17
CA THR D 398 20.38 -41.27 13.59
C THR D 398 19.29 -42.15 14.19
N ASP D 399 18.17 -42.30 13.47
CA ASP D 399 17.09 -43.16 13.95
C ASP D 399 17.54 -44.61 14.04
N ALA D 400 18.35 -45.06 13.07
CA ALA D 400 18.84 -46.44 13.12
C ALA D 400 19.81 -46.64 14.27
N LEU D 401 20.65 -45.64 14.56
CA LEU D 401 21.49 -45.69 15.75
C LEU D 401 20.64 -45.79 17.02
N ASN D 402 19.61 -44.97 17.12
CA ASN D 402 18.76 -44.98 18.31
C ASN D 402 18.10 -46.34 18.49
N ALA D 403 17.62 -46.94 17.41
CA ALA D 403 16.95 -48.23 17.54
C ALA D 403 17.94 -49.35 17.83
N THR D 404 19.15 -49.28 17.30
CA THR D 404 20.19 -50.25 17.67
C THR D 404 20.56 -50.14 19.14
N ARG D 405 20.69 -48.90 19.64
CA ARG D 405 20.99 -48.71 21.06
C ARG D 405 19.86 -49.24 21.93
N ALA D 406 18.61 -49.00 21.51
CA ALA D 406 17.48 -49.55 22.25
C ALA D 406 17.43 -51.07 22.17
N ALA D 407 18.00 -51.66 21.10
CA ALA D 407 18.07 -53.11 20.99
C ALA D 407 19.14 -53.68 21.90
N VAL D 408 20.31 -53.05 21.95
CA VAL D 408 21.40 -53.57 22.77
C VAL D 408 21.15 -53.30 24.25
N GLU D 409 20.34 -52.29 24.57
CA GLU D 409 20.10 -51.97 25.98
C GLU D 409 19.15 -52.96 26.63
N GLU D 410 17.96 -53.14 26.06
CA GLU D 410 16.95 -54.01 26.66
C GLU D 410 16.86 -55.37 25.99
N GLY D 411 16.88 -55.42 24.67
CA GLY D 411 16.86 -56.68 23.95
C GLY D 411 16.20 -56.51 22.60
N ILE D 412 15.77 -57.63 22.04
CA ILE D 412 15.04 -57.68 20.78
C ILE D 412 13.83 -58.60 20.95
N VAL D 413 12.93 -58.54 19.97
CA VAL D 413 11.70 -59.33 20.01
C VAL D 413 11.27 -59.52 18.56
N LEU D 414 10.37 -60.49 18.34
CA LEU D 414 9.93 -60.83 16.99
C LEU D 414 9.36 -59.62 16.27
N GLY D 415 9.68 -59.50 15.00
CA GLY D 415 9.33 -58.32 14.20
C GLY D 415 8.28 -58.66 13.15
N GLY D 416 7.38 -57.71 12.91
CA GLY D 416 6.36 -57.88 11.90
C GLY D 416 4.97 -57.95 12.52
N GLY D 417 4.85 -57.47 13.75
CA GLY D 417 3.63 -57.61 14.50
C GLY D 417 3.54 -58.91 15.28
N CYS D 418 4.49 -59.83 15.09
CA CYS D 418 4.45 -61.11 15.78
C CYS D 418 4.71 -60.97 17.27
N ALA D 419 5.37 -59.90 17.69
CA ALA D 419 5.66 -59.72 19.11
C ALA D 419 4.39 -59.45 19.90
N LEU D 420 3.53 -58.59 19.39
CA LEU D 420 2.25 -58.32 20.03
C LEU D 420 1.24 -59.45 19.83
N LEU D 421 1.52 -60.38 18.93
CA LEU D 421 0.64 -61.54 18.76
C LEU D 421 0.86 -62.57 19.85
N ARG D 422 2.08 -62.71 20.36
CA ARG D 422 2.39 -63.64 21.43
C ARG D 422 2.04 -63.10 22.80
N CYS D 423 1.65 -61.84 22.91
CA CYS D 423 1.18 -61.25 24.14
C CYS D 423 -0.33 -61.39 24.31
N ILE D 424 -1.03 -61.88 23.31
CA ILE D 424 -2.47 -62.09 23.35
C ILE D 424 -2.88 -63.13 24.39
N PRO D 425 -2.29 -64.33 24.43
CA PRO D 425 -2.84 -65.37 25.31
C PRO D 425 -2.65 -65.09 26.79
N ALA D 426 -1.85 -64.08 27.15
CA ALA D 426 -1.72 -63.71 28.55
C ALA D 426 -2.89 -62.88 29.04
N LEU D 427 -3.65 -62.24 28.14
CA LEU D 427 -4.81 -61.48 28.56
C LEU D 427 -5.94 -62.36 29.06
N ASP D 428 -5.84 -63.68 28.87
CA ASP D 428 -6.83 -64.59 29.45
C ASP D 428 -6.62 -64.75 30.95
N SER D 429 -5.38 -64.64 31.41
CA SER D 429 -5.10 -64.86 32.84
C SER D 429 -5.68 -63.76 33.70
N LEU D 430 -5.60 -62.51 33.25
CA LEU D 430 -6.10 -61.39 34.04
C LEU D 430 -7.62 -61.43 34.14
N THR D 431 -8.14 -60.89 35.24
CA THR D 431 -9.57 -60.78 35.47
C THR D 431 -9.96 -59.33 35.71
N PRO D 432 -10.85 -58.76 34.90
CA PRO D 432 -11.35 -57.41 35.18
C PRO D 432 -12.20 -57.38 36.44
N ALA D 433 -12.56 -56.16 36.86
CA ALA D 433 -13.44 -55.99 38.00
C ALA D 433 -14.90 -55.86 37.57
N ASN D 434 -15.22 -54.82 36.80
CA ASN D 434 -16.54 -54.66 36.21
C ASN D 434 -16.54 -55.20 34.79
N GLU D 435 -17.59 -54.89 34.04
CA GLU D 435 -17.65 -55.28 32.63
C GLU D 435 -16.91 -54.29 31.72
N ASP D 436 -16.77 -53.03 32.14
CA ASP D 436 -16.08 -52.05 31.31
C ASP D 436 -14.60 -52.34 31.21
N GLN D 437 -13.99 -52.80 32.30
CA GLN D 437 -12.60 -53.22 32.23
C GLN D 437 -12.43 -54.44 31.33
N LYS D 438 -13.41 -55.34 31.31
CA LYS D 438 -13.37 -56.44 30.36
C LYS D 438 -13.50 -55.92 28.92
N ILE D 439 -14.32 -54.89 28.73
CA ILE D 439 -14.43 -54.25 27.42
C ILE D 439 -13.07 -53.70 26.99
N GLY D 440 -12.34 -53.07 27.91
CA GLY D 440 -11.01 -52.57 27.58
C GLY D 440 -10.02 -53.69 27.29
N ILE D 441 -10.09 -54.79 28.05
CA ILE D 441 -9.26 -55.95 27.76
C ILE D 441 -9.53 -56.44 26.36
N GLU D 442 -10.81 -56.52 25.98
CA GLU D 442 -11.18 -56.93 24.62
C GLU D 442 -10.63 -55.96 23.59
N ILE D 443 -10.74 -54.66 23.85
CA ILE D 443 -10.24 -53.65 22.93
C ILE D 443 -8.75 -53.87 22.67
N ILE D 444 -7.98 -54.08 23.73
CA ILE D 444 -6.55 -54.26 23.54
C ILE D 444 -6.24 -55.59 22.85
N LYS D 445 -7.01 -56.64 23.15
CA LYS D 445 -6.70 -57.92 22.53
C LYS D 445 -7.03 -57.94 21.05
N ARG D 446 -8.04 -57.16 20.62
CA ARG D 446 -8.26 -56.96 19.19
C ARG D 446 -7.20 -56.03 18.60
N THR D 447 -6.70 -55.08 19.38
CA THR D 447 -5.74 -54.11 18.88
C THR D 447 -4.38 -54.75 18.60
N LEU D 448 -4.04 -55.83 19.33
CA LEU D 448 -2.71 -56.42 19.18
C LEU D 448 -2.49 -57.03 17.81
N LYS D 449 -3.56 -57.37 17.08
CA LYS D 449 -3.44 -57.94 15.75
C LYS D 449 -3.38 -56.87 14.66
N ILE D 450 -3.56 -55.60 15.00
CA ILE D 450 -3.60 -54.55 13.99
C ILE D 450 -2.30 -54.42 13.19
N PRO D 451 -1.12 -54.41 13.80
CA PRO D 451 0.09 -54.15 12.99
C PRO D 451 0.48 -55.31 12.09
N ALA D 452 0.27 -56.56 12.51
CA ALA D 452 0.56 -57.68 11.62
C ALA D 452 -0.43 -57.72 10.45
N MET D 453 -1.70 -57.47 10.74
CA MET D 453 -2.70 -57.38 9.67
C MET D 453 -2.37 -56.24 8.72
N THR D 454 -1.87 -55.12 9.23
CA THR D 454 -1.53 -53.98 8.39
C THR D 454 -0.36 -54.30 7.48
N ILE D 455 0.70 -54.90 8.04
CA ILE D 455 1.84 -55.30 7.21
C ILE D 455 1.42 -56.31 6.15
N ALA D 456 0.59 -57.28 6.53
CA ALA D 456 0.15 -58.29 5.56
C ALA D 456 -0.74 -57.69 4.49
N LYS D 457 -1.63 -56.76 4.86
CA LYS D 457 -2.47 -56.10 3.87
C LYS D 457 -1.63 -55.29 2.91
N ASN D 458 -0.58 -54.64 3.40
CA ASN D 458 0.31 -53.91 2.51
C ASN D 458 1.07 -54.84 1.58
N ALA D 459 1.37 -56.06 2.05
CA ALA D 459 2.03 -57.04 1.20
C ALA D 459 1.17 -57.50 0.03
N GLY D 460 -0.12 -57.19 0.03
CA GLY D 460 -1.02 -57.63 -1.02
C GLY D 460 -1.80 -58.88 -0.71
N VAL D 461 -1.84 -59.31 0.54
CA VAL D 461 -2.50 -60.54 0.94
C VAL D 461 -3.48 -60.22 2.07
N GLU D 462 -4.34 -61.19 2.37
CA GLU D 462 -5.35 -61.00 3.41
C GLU D 462 -4.69 -61.13 4.77
N GLY D 463 -4.70 -60.03 5.54
CA GLY D 463 -4.09 -60.03 6.86
C GLY D 463 -4.78 -60.94 7.85
N SER D 464 -6.10 -61.10 7.72
CA SER D 464 -6.87 -61.83 8.73
C SER D 464 -6.50 -63.31 8.75
N LEU D 465 -6.50 -63.96 7.59
CA LEU D 465 -6.11 -65.37 7.55
C LEU D 465 -4.67 -65.55 7.96
N ILE D 466 -3.81 -64.59 7.65
CA ILE D 466 -2.40 -64.71 8.04
C ILE D 466 -2.26 -64.66 9.55
N VAL D 467 -2.90 -63.69 10.21
CA VAL D 467 -2.78 -63.63 11.67
C VAL D 467 -3.45 -64.84 12.31
N GLU D 468 -4.51 -65.37 11.70
CA GLU D 468 -5.07 -66.62 12.19
C GLU D 468 -4.04 -67.75 12.13
N LYS D 469 -3.31 -67.83 11.02
CA LYS D 469 -2.26 -68.84 10.90
C LYS D 469 -1.17 -68.62 11.96
N ILE D 470 -0.79 -67.36 12.18
CA ILE D 470 0.27 -67.07 13.15
C ILE D 470 -0.15 -67.47 14.55
N MET D 471 -1.39 -67.14 14.93
CA MET D 471 -1.88 -67.55 16.24
C MET D 471 -2.02 -69.06 16.33
N GLN D 472 -2.38 -69.73 15.23
CA GLN D 472 -2.45 -71.18 15.21
C GLN D 472 -1.08 -71.85 15.18
N SER D 473 -0.06 -71.14 14.70
CA SER D 473 1.26 -71.73 14.54
C SER D 473 2.03 -71.69 15.87
N SER D 474 3.29 -72.10 15.82
CA SER D 474 4.12 -72.18 17.01
C SER D 474 4.65 -70.78 17.36
N SER D 475 5.56 -70.73 18.35
CA SER D 475 6.02 -69.49 18.94
C SER D 475 7.42 -69.09 18.49
N GLU D 476 7.85 -69.54 17.31
CA GLU D 476 9.11 -69.06 16.74
C GLU D 476 8.99 -68.62 15.28
N VAL D 477 7.96 -69.05 14.56
CA VAL D 477 7.82 -68.71 13.16
C VAL D 477 6.75 -67.61 13.02
N GLY D 478 6.78 -66.95 11.87
CA GLY D 478 5.81 -65.92 11.57
C GLY D 478 5.86 -65.57 10.10
N TYR D 479 4.94 -64.69 9.70
CA TYR D 479 4.74 -64.39 8.30
C TYR D 479 5.76 -63.36 7.82
N ASP D 480 6.54 -63.73 6.81
CA ASP D 480 7.45 -62.81 6.17
C ASP D 480 6.71 -62.10 5.04
N ALA D 481 6.79 -60.77 5.04
CA ALA D 481 6.05 -59.98 4.07
C ALA D 481 6.87 -59.65 2.82
N MET D 482 8.13 -60.08 2.75
CA MET D 482 8.93 -59.91 1.54
C MET D 482 9.11 -61.18 0.74
N ALA D 483 9.20 -62.33 1.40
CA ALA D 483 9.18 -63.62 0.72
C ALA D 483 7.79 -64.21 0.65
N GLY D 484 6.83 -63.65 1.39
CA GLY D 484 5.45 -64.11 1.35
C GLY D 484 5.26 -65.52 1.86
N ASP D 485 5.91 -65.87 2.97
CA ASP D 485 5.79 -67.21 3.52
C ASP D 485 5.98 -67.14 5.04
N PHE D 486 5.40 -68.11 5.74
CA PHE D 486 5.57 -68.23 7.18
C PHE D 486 6.93 -68.85 7.46
N VAL D 487 7.90 -68.02 7.84
CA VAL D 487 9.25 -68.46 8.10
C VAL D 487 9.54 -68.36 9.59
N ASN D 488 10.66 -68.94 9.99
CA ASN D 488 11.13 -68.80 11.35
C ASN D 488 11.79 -67.42 11.49
N MET D 489 11.20 -66.58 12.33
CA MET D 489 11.50 -65.15 12.28
C MET D 489 12.87 -64.80 12.85
N VAL D 490 13.33 -65.54 13.86
CA VAL D 490 14.50 -65.11 14.64
C VAL D 490 15.76 -65.10 13.78
N GLU D 491 16.00 -66.15 13.00
CA GLU D 491 17.26 -66.29 12.30
C GLU D 491 17.24 -65.69 10.91
N LYS D 492 16.06 -65.46 10.32
CA LYS D 492 15.99 -64.78 9.04
C LYS D 492 16.45 -63.33 9.17
N GLY D 493 16.28 -62.73 10.34
CA GLY D 493 16.73 -61.37 10.57
C GLY D 493 15.62 -60.38 10.89
N ILE D 494 14.36 -60.82 10.88
CA ILE D 494 13.23 -59.92 11.09
C ILE D 494 13.03 -59.80 12.59
N ILE D 495 13.73 -58.85 13.20
CA ILE D 495 13.69 -58.61 14.64
C ILE D 495 13.73 -57.10 14.86
N ASP D 496 13.00 -56.63 15.87
CA ASP D 496 13.07 -55.23 16.26
C ASP D 496 13.31 -55.13 17.75
N PRO D 497 13.92 -54.04 18.21
CA PRO D 497 14.10 -53.85 19.65
C PRO D 497 12.77 -53.87 20.39
N THR D 498 12.78 -54.47 21.57
CA THR D 498 11.58 -54.53 22.39
C THR D 498 11.17 -53.16 22.92
N LYS D 499 12.11 -52.22 22.98
CA LYS D 499 11.81 -50.88 23.49
C LYS D 499 10.89 -50.12 22.54
N VAL D 500 11.04 -50.31 21.22
CA VAL D 500 10.17 -49.60 20.30
C VAL D 500 8.74 -50.10 20.42
N VAL D 501 8.56 -51.40 20.64
CA VAL D 501 7.21 -51.93 20.77
C VAL D 501 6.60 -51.47 22.09
N ARG D 502 7.40 -51.48 23.16
CA ARG D 502 6.92 -50.95 24.43
C ARG D 502 6.48 -49.50 24.29
N THR D 503 7.36 -48.67 23.74
CA THR D 503 7.07 -47.24 23.62
C THR D 503 5.86 -47.01 22.73
N ALA D 504 5.74 -47.77 21.64
CA ALA D 504 4.60 -47.60 20.75
C ALA D 504 3.30 -47.95 21.44
N LEU D 505 3.28 -49.06 22.20
CA LEU D 505 2.05 -49.46 22.87
C LEU D 505 1.67 -48.48 23.98
N LEU D 506 2.65 -48.04 24.78
CA LEU D 506 2.38 -47.02 25.80
C LEU D 506 1.86 -45.74 25.17
N ASP D 507 2.53 -45.23 24.14
CA ASP D 507 2.16 -43.96 23.54
C ASP D 507 0.79 -44.03 22.89
N ALA D 508 0.49 -45.16 22.23
CA ALA D 508 -0.81 -45.34 21.59
C ALA D 508 -1.92 -45.40 22.62
N ALA D 509 -1.72 -46.16 23.71
CA ALA D 509 -2.73 -46.23 24.75
C ALA D 509 -2.95 -44.87 25.40
N GLY D 510 -1.88 -44.12 25.64
CA GLY D 510 -2.02 -42.82 26.27
C GLY D 510 -2.78 -41.84 25.40
N VAL D 511 -2.37 -41.70 24.14
CA VAL D 511 -3.06 -40.74 23.29
C VAL D 511 -4.49 -41.17 23.00
N ALA D 512 -4.74 -42.49 22.92
CA ALA D 512 -6.10 -42.93 22.65
C ALA D 512 -7.02 -42.67 23.84
N SER D 513 -6.52 -42.90 25.06
CA SER D 513 -7.28 -42.54 26.25
C SER D 513 -7.53 -41.04 26.29
N LEU D 514 -6.54 -40.23 25.95
CA LEU D 514 -6.73 -38.78 25.91
C LEU D 514 -7.80 -38.41 24.89
N LEU D 515 -7.79 -39.03 23.73
CA LEU D 515 -8.79 -38.72 22.70
C LEU D 515 -10.19 -39.08 23.15
N THR D 516 -10.36 -40.25 23.77
CA THR D 516 -11.70 -40.70 24.14
C THR D 516 -12.17 -40.17 25.49
N THR D 517 -11.31 -39.51 26.27
CA THR D 517 -11.73 -38.96 27.55
C THR D 517 -11.71 -37.44 27.61
N ALA D 518 -11.22 -36.77 26.57
CA ALA D 518 -11.24 -35.31 26.56
C ALA D 518 -12.67 -34.82 26.47
N GLU D 519 -13.01 -33.84 27.30
CA GLU D 519 -14.40 -33.41 27.45
C GLU D 519 -14.68 -32.07 26.75
N VAL D 520 -13.73 -31.15 26.74
CA VAL D 520 -13.89 -29.84 26.12
C VAL D 520 -12.74 -29.64 25.15
N VAL D 521 -13.02 -29.04 24.01
CA VAL D 521 -12.01 -28.73 23.00
C VAL D 521 -12.21 -27.29 22.55
N VAL D 522 -11.23 -26.44 22.81
CA VAL D 522 -11.30 -25.01 22.55
C VAL D 522 -10.41 -24.71 21.34
N THR D 523 -10.99 -24.13 20.30
CA THR D 523 -10.24 -23.78 19.10
C THR D 523 -10.50 -22.33 18.72
N GLU D 524 -9.51 -21.72 18.08
CA GLU D 524 -9.67 -20.39 17.51
C GLU D 524 -10.79 -20.41 16.48
N ILE D 525 -11.52 -19.30 16.39
CA ILE D 525 -12.55 -19.19 15.37
C ILE D 525 -11.87 -18.99 14.01
N PRO D 526 -12.27 -19.72 12.95
CA PRO D 526 -11.57 -19.56 11.67
C PRO D 526 -11.85 -18.21 11.01
N GLY E 1 2.78 -27.02 8.08
CA GLY E 1 1.83 -26.16 8.76
C GLY E 1 0.77 -25.59 7.82
N SER E 2 0.75 -26.09 6.60
CA SER E 2 -0.20 -25.65 5.58
C SER E 2 -1.24 -26.75 5.36
N ALA E 3 -2.52 -26.36 5.36
CA ALA E 3 -3.59 -27.33 5.24
C ALA E 3 -3.47 -28.11 3.93
N LYS E 4 -3.70 -29.42 4.02
CA LYS E 4 -3.57 -30.32 2.90
C LYS E 4 -4.91 -30.95 2.56
N ASP E 5 -5.02 -31.41 1.32
CA ASP E 5 -6.13 -32.25 0.87
C ASP E 5 -5.57 -33.61 0.53
N VAL E 6 -6.14 -34.66 1.11
CA VAL E 6 -5.63 -36.02 0.99
C VAL E 6 -6.67 -36.87 0.28
N LYS E 7 -6.24 -37.51 -0.81
CA LYS E 7 -7.09 -38.43 -1.57
C LYS E 7 -6.46 -39.82 -1.54
N PHE E 8 -7.31 -40.84 -1.56
CA PHE E 8 -6.90 -42.22 -1.39
C PHE E 8 -7.32 -43.07 -2.58
N GLY E 9 -6.51 -44.08 -2.88
CA GLY E 9 -6.82 -45.14 -3.81
C GLY E 9 -7.18 -44.66 -5.21
N ALA E 10 -8.07 -45.42 -5.84
CA ALA E 10 -8.44 -45.15 -7.23
C ALA E 10 -9.08 -43.79 -7.40
N ASP E 11 -9.58 -43.19 -6.32
CA ASP E 11 -10.12 -41.84 -6.41
C ASP E 11 -9.05 -40.85 -6.82
N ALA E 12 -7.83 -41.01 -6.28
CA ALA E 12 -6.71 -40.15 -6.67
C ALA E 12 -6.02 -40.66 -7.94
N ARG E 13 -5.96 -41.98 -8.09
CA ARG E 13 -5.31 -42.53 -9.28
C ARG E 13 -6.06 -42.15 -10.56
N ALA E 14 -7.39 -42.02 -10.50
CA ALA E 14 -8.14 -41.59 -11.69
C ALA E 14 -7.72 -40.19 -12.13
N LEU E 15 -7.61 -39.25 -11.18
CA LEU E 15 -7.21 -37.89 -11.52
C LEU E 15 -5.78 -37.84 -12.02
N MET E 16 -4.88 -38.59 -11.39
CA MET E 16 -3.52 -38.64 -11.87
C MET E 16 -3.45 -39.17 -13.29
N LEU E 17 -4.24 -40.21 -13.59
CA LEU E 17 -4.27 -40.75 -14.95
C LEU E 17 -4.87 -39.74 -15.93
N GLN E 18 -5.83 -38.93 -15.49
CA GLN E 18 -6.34 -37.89 -16.37
C GLN E 18 -5.26 -36.87 -16.72
N GLY E 19 -4.45 -36.49 -15.74
CA GLY E 19 -3.32 -35.62 -16.02
C GLY E 19 -2.33 -36.23 -16.99
N VAL E 20 -1.98 -37.50 -16.79
CA VAL E 20 -1.01 -38.14 -17.69
C VAL E 20 -1.61 -38.34 -19.07
N ASP E 21 -2.93 -38.51 -19.15
CA ASP E 21 -3.58 -38.65 -20.45
C ASP E 21 -3.53 -37.34 -21.21
N LEU E 22 -3.77 -36.22 -20.53
CA LEU E 22 -3.67 -34.93 -21.21
C LEU E 22 -2.23 -34.67 -21.66
N LEU E 23 -1.25 -34.94 -20.79
CA LEU E 23 0.15 -34.74 -21.18
C LEU E 23 0.53 -35.58 -22.39
N ALA E 24 0.19 -36.88 -22.37
CA ALA E 24 0.60 -37.78 -23.43
C ALA E 24 -0.19 -37.54 -24.70
N ASP E 25 -1.42 -37.04 -24.60
CA ASP E 25 -2.18 -36.65 -25.77
C ASP E 25 -1.58 -35.43 -26.44
N ALA E 26 -1.12 -34.46 -25.63
CA ALA E 26 -0.45 -33.30 -26.20
C ALA E 26 0.87 -33.67 -26.85
N VAL E 27 1.66 -34.55 -26.22
CA VAL E 27 2.99 -34.84 -26.76
C VAL E 27 2.99 -35.97 -27.79
N ALA E 28 1.91 -36.72 -27.91
CA ALA E 28 1.90 -37.88 -28.79
C ALA E 28 1.70 -37.50 -30.24
N VAL E 29 1.18 -36.31 -30.51
CA VAL E 29 0.95 -35.86 -31.88
C VAL E 29 2.26 -35.48 -32.54
N THR E 30 3.28 -35.12 -31.76
CA THR E 30 4.56 -34.69 -32.27
C THR E 30 5.50 -35.85 -32.58
N MET E 31 5.07 -37.08 -32.38
CA MET E 31 5.97 -38.23 -32.42
C MET E 31 6.21 -38.70 -33.85
N GLY E 32 7.48 -38.93 -34.17
CA GLY E 32 7.86 -39.39 -35.49
C GLY E 32 8.53 -38.31 -36.30
N PRO E 33 8.88 -38.62 -37.55
CA PRO E 33 9.33 -37.56 -38.46
C PRO E 33 8.18 -36.72 -39.00
N LYS E 34 6.96 -37.26 -38.97
CA LYS E 34 5.75 -36.59 -39.42
C LYS E 34 4.86 -36.19 -38.26
N GLY E 35 5.46 -35.72 -37.17
CA GLY E 35 4.67 -35.35 -36.02
C GLY E 35 3.90 -34.06 -36.27
N ARG E 36 2.77 -33.94 -35.58
CA ARG E 36 1.88 -32.81 -35.82
C ARG E 36 2.43 -31.57 -35.12
N THR E 37 1.63 -30.51 -35.07
CA THR E 37 2.08 -29.17 -34.71
C THR E 37 1.37 -28.69 -33.46
N VAL E 38 2.13 -28.11 -32.54
CA VAL E 38 1.60 -27.55 -31.31
C VAL E 38 1.91 -26.05 -31.29
N ILE E 39 0.89 -25.25 -31.05
CA ILE E 39 1.02 -23.81 -30.87
C ILE E 39 0.98 -23.54 -29.38
N ILE E 40 2.08 -23.02 -28.85
CA ILE E 40 2.25 -22.74 -27.43
C ILE E 40 2.39 -21.23 -27.31
N GLU E 41 1.39 -20.55 -26.74
CA GLU E 41 1.49 -19.10 -26.71
C GLU E 41 2.49 -18.65 -25.65
N GLN E 42 3.27 -17.62 -25.99
CA GLN E 42 4.03 -16.89 -25.02
C GLN E 42 3.23 -15.70 -24.49
N SER E 43 3.50 -15.34 -23.24
CA SER E 43 2.79 -14.23 -22.61
C SER E 43 3.30 -12.88 -23.08
N TRP E 44 4.40 -12.84 -23.81
CA TRP E 44 5.02 -11.57 -24.19
C TRP E 44 5.02 -11.29 -25.67
N GLY E 45 5.13 -12.31 -26.51
CA GLY E 45 5.25 -12.11 -27.95
C GLY E 45 4.38 -13.05 -28.74
N SER E 46 4.93 -13.52 -29.86
CA SER E 46 4.20 -14.39 -30.76
C SER E 46 4.12 -15.81 -30.18
N PRO E 47 3.15 -16.61 -30.63
CA PRO E 47 3.06 -17.98 -30.14
C PRO E 47 4.19 -18.85 -30.69
N LYS E 48 4.50 -19.91 -29.95
CA LYS E 48 5.58 -20.82 -30.30
C LYS E 48 5.01 -22.04 -31.01
N VAL E 49 5.37 -22.20 -32.27
CA VAL E 49 4.92 -23.31 -33.10
C VAL E 49 6.03 -24.34 -33.16
N THR E 50 5.75 -25.56 -32.70
CA THR E 50 6.78 -26.57 -32.52
C THR E 50 6.24 -27.95 -32.84
N LYS E 51 7.15 -28.84 -33.25
CA LYS E 51 6.89 -30.26 -33.42
C LYS E 51 7.78 -31.10 -32.51
N ASP E 52 8.40 -30.47 -31.52
CA ASP E 52 9.32 -31.14 -30.60
C ASP E 52 8.55 -31.56 -29.36
N GLY E 53 8.56 -32.86 -29.07
CA GLY E 53 7.83 -33.37 -27.93
C GLY E 53 8.37 -32.88 -26.60
N VAL E 54 9.68 -32.62 -26.53
CA VAL E 54 10.26 -32.13 -25.28
C VAL E 54 9.69 -30.76 -24.93
N THR E 55 9.62 -29.85 -25.91
CA THR E 55 9.10 -28.52 -25.66
C THR E 55 7.63 -28.55 -25.27
N VAL E 56 6.84 -29.36 -25.97
CA VAL E 56 5.44 -29.55 -25.60
C VAL E 56 5.33 -30.03 -24.17
N ALA E 57 6.07 -31.08 -23.82
CA ALA E 57 6.00 -31.65 -22.48
C ALA E 57 6.32 -30.59 -21.42
N LYS E 58 7.37 -29.81 -21.65
CA LYS E 58 7.68 -28.71 -20.75
C LYS E 58 6.56 -27.68 -20.70
N SER E 59 5.76 -27.57 -21.75
CA SER E 59 4.73 -26.54 -21.81
C SER E 59 3.55 -26.85 -20.89
N ILE E 60 3.11 -28.10 -20.85
CA ILE E 60 1.87 -28.43 -20.14
C ILE E 60 2.05 -28.29 -18.64
N ASP E 61 1.19 -27.47 -18.03
CA ASP E 61 1.00 -27.42 -16.58
C ASP E 61 -0.50 -27.35 -16.34
N LEU E 62 -1.04 -28.25 -15.54
CA LEU E 62 -2.48 -28.32 -15.36
C LEU E 62 -2.91 -27.55 -14.11
N LYS E 63 -4.20 -27.22 -14.07
CA LYS E 63 -4.76 -26.48 -12.95
C LYS E 63 -5.10 -27.39 -11.78
N ASP E 64 -5.74 -28.52 -12.06
CA ASP E 64 -6.02 -29.49 -11.02
C ASP E 64 -4.71 -30.03 -10.45
N LYS E 65 -4.64 -30.08 -9.12
CA LYS E 65 -3.42 -30.49 -8.45
C LYS E 65 -3.09 -31.96 -8.68
N TYR E 66 -4.10 -32.83 -8.61
CA TYR E 66 -3.86 -34.26 -8.79
C TYR E 66 -3.50 -34.58 -10.24
N LYS E 67 -4.26 -34.00 -11.18
CA LYS E 67 -3.90 -34.12 -12.59
C LYS E 67 -2.51 -33.57 -12.85
N ASN E 68 -2.22 -32.40 -12.27
CA ASN E 68 -0.91 -31.79 -12.49
C ASN E 68 0.22 -32.65 -11.98
N ILE E 69 0.05 -33.28 -10.82
CA ILE E 69 1.16 -34.06 -10.30
C ILE E 69 1.26 -35.44 -10.96
N GLY E 70 0.17 -36.00 -11.49
CA GLY E 70 0.32 -37.17 -12.34
C GLY E 70 1.07 -36.84 -13.63
N ALA E 71 0.69 -35.74 -14.27
CA ALA E 71 1.39 -35.29 -15.47
C ALA E 71 2.84 -35.00 -15.18
N LYS E 72 3.12 -34.39 -14.02
CA LYS E 72 4.47 -34.06 -13.63
C LYS E 72 5.29 -35.32 -13.32
N LEU E 73 4.65 -36.35 -12.75
CA LEU E 73 5.34 -37.60 -12.50
C LEU E 73 5.78 -38.26 -13.80
N VAL E 74 4.90 -38.30 -14.80
CA VAL E 74 5.31 -38.87 -16.10
C VAL E 74 6.30 -37.95 -16.82
N GLN E 75 6.12 -36.65 -16.68
CA GLN E 75 6.95 -35.69 -17.37
C GLN E 75 8.37 -35.71 -16.85
N ASP E 76 8.55 -35.90 -15.55
CA ASP E 76 9.90 -35.94 -14.98
C ASP E 76 10.66 -37.19 -15.42
N VAL E 77 9.97 -38.32 -15.56
CA VAL E 77 10.68 -39.51 -16.01
C VAL E 77 10.99 -39.42 -17.50
N ALA E 78 10.13 -38.75 -18.28
CA ALA E 78 10.48 -38.49 -19.68
C ALA E 78 11.69 -37.58 -19.77
N ASN E 79 11.76 -36.56 -18.90
CA ASN E 79 12.96 -35.73 -18.82
C ASN E 79 14.19 -36.55 -18.44
N ASN E 80 14.02 -37.52 -17.54
CA ASN E 80 15.15 -38.36 -17.16
C ASN E 80 15.64 -39.20 -18.34
N THR E 81 14.71 -39.77 -19.10
CA THR E 81 15.10 -40.50 -20.31
C THR E 81 15.84 -39.58 -21.29
N ASN E 82 15.36 -38.36 -21.45
CA ASN E 82 16.05 -37.38 -22.28
C ASN E 82 17.47 -37.12 -21.77
N GLU E 83 17.60 -36.79 -20.49
CA GLU E 83 18.88 -36.37 -19.95
C GLU E 83 19.86 -37.51 -19.79
N GLU E 84 19.40 -38.77 -19.82
CA GLU E 84 20.30 -39.91 -19.74
C GLU E 84 20.70 -40.44 -21.11
N ALA E 85 19.76 -40.54 -22.06
CA ALA E 85 20.04 -41.13 -23.36
C ALA E 85 19.95 -40.14 -24.51
N GLY E 86 19.52 -38.91 -24.27
CA GLY E 86 19.41 -37.92 -25.32
C GLY E 86 18.25 -38.10 -26.27
N ASP E 87 17.36 -39.05 -25.99
CA ASP E 87 16.15 -39.28 -26.78
C ASP E 87 15.18 -40.06 -25.91
N GLY E 88 13.96 -40.21 -26.40
CA GLY E 88 12.98 -41.07 -25.79
C GLY E 88 11.91 -40.39 -24.95
N THR E 89 11.89 -39.06 -24.89
CA THR E 89 10.89 -38.36 -24.09
C THR E 89 9.47 -38.73 -24.52
N THR E 90 9.16 -38.55 -25.81
CA THR E 90 7.81 -38.81 -26.29
C THR E 90 7.50 -40.31 -26.28
N THR E 91 8.48 -41.13 -26.64
CA THR E 91 8.27 -42.57 -26.64
C THR E 91 8.02 -43.08 -25.23
N ALA E 92 8.83 -42.64 -24.27
CA ALA E 92 8.61 -43.00 -22.87
C ALA E 92 7.25 -42.51 -22.40
N THR E 93 6.85 -41.30 -22.81
CA THR E 93 5.58 -40.76 -22.35
C THR E 93 4.40 -41.59 -22.87
N VAL E 94 4.41 -41.93 -24.16
CA VAL E 94 3.30 -42.68 -24.73
C VAL E 94 3.26 -44.08 -24.14
N LEU E 95 4.43 -44.71 -23.97
CA LEU E 95 4.48 -46.03 -23.34
C LEU E 95 3.98 -45.97 -21.91
N ALA E 96 4.36 -44.92 -21.17
CA ALA E 96 3.91 -44.77 -19.80
C ALA E 96 2.40 -44.65 -19.71
N ARG E 97 1.80 -43.83 -20.57
CA ARG E 97 0.33 -43.73 -20.55
C ARG E 97 -0.31 -45.06 -20.94
N SER E 98 0.24 -45.75 -21.93
CA SER E 98 -0.32 -47.05 -22.32
C SER E 98 -0.32 -48.02 -21.15
N ILE E 99 0.83 -48.21 -20.51
CA ILE E 99 0.94 -49.16 -19.41
C ILE E 99 0.06 -48.73 -18.24
N ALA E 100 0.04 -47.43 -17.94
CA ALA E 100 -0.73 -46.95 -16.80
C ALA E 100 -2.23 -47.12 -17.02
N LYS E 101 -2.73 -46.74 -18.19
CA LYS E 101 -4.16 -46.89 -18.46
C LYS E 101 -4.57 -48.36 -18.50
N GLU E 102 -3.77 -49.22 -19.14
CA GLU E 102 -4.12 -50.63 -19.17
C GLU E 102 -4.10 -51.25 -17.78
N GLY E 103 -3.09 -50.93 -16.98
CA GLY E 103 -3.05 -51.41 -15.61
C GLY E 103 -4.22 -50.91 -14.79
N PHE E 104 -4.59 -49.65 -14.97
CA PHE E 104 -5.72 -49.10 -14.23
C PHE E 104 -7.02 -49.82 -14.59
N GLU E 105 -7.25 -50.06 -15.88
CA GLU E 105 -8.50 -50.71 -16.27
C GLU E 105 -8.52 -52.17 -15.84
N LYS E 106 -7.36 -52.84 -15.80
CA LYS E 106 -7.32 -54.22 -15.33
C LYS E 106 -7.47 -54.31 -13.82
N ILE E 107 -6.91 -53.36 -13.07
CA ILE E 107 -7.03 -53.36 -11.63
C ILE E 107 -8.44 -53.01 -11.19
N SER E 108 -9.09 -52.07 -11.89
CA SER E 108 -10.44 -51.69 -11.48
C SER E 108 -11.46 -52.79 -11.70
N LYS E 109 -11.08 -53.90 -12.35
CA LYS E 109 -11.90 -55.09 -12.42
C LYS E 109 -11.68 -56.01 -11.22
N GLY E 110 -10.84 -55.62 -10.29
CA GLY E 110 -10.57 -56.41 -9.11
C GLY E 110 -9.26 -57.17 -9.10
N ALA E 111 -8.25 -56.73 -9.86
CA ALA E 111 -6.97 -57.41 -9.91
C ALA E 111 -6.02 -56.85 -8.84
N ASN E 112 -4.99 -57.62 -8.54
CA ASN E 112 -4.01 -57.23 -7.55
C ASN E 112 -2.95 -56.34 -8.19
N PRO E 113 -2.74 -55.12 -7.70
CA PRO E 113 -1.68 -54.28 -8.29
C PRO E 113 -0.30 -54.89 -8.23
N VAL E 114 0.02 -55.63 -7.16
CA VAL E 114 1.37 -56.17 -6.99
C VAL E 114 1.65 -57.25 -8.02
N GLU E 115 0.69 -58.16 -8.23
CA GLU E 115 0.88 -59.22 -9.22
C GLU E 115 0.92 -58.65 -10.63
N ILE E 116 0.09 -57.65 -10.92
CA ILE E 116 0.12 -57.01 -12.24
C ILE E 116 1.46 -56.36 -12.47
N ARG E 117 1.99 -55.66 -11.46
CA ARG E 117 3.30 -55.04 -11.60
C ARG E 117 4.38 -56.08 -11.80
N ARG E 118 4.27 -57.23 -11.11
CA ARG E 118 5.25 -58.30 -11.30
C ARG E 118 5.22 -58.81 -12.74
N GLY E 119 4.01 -59.04 -13.27
CA GLY E 119 3.88 -59.47 -14.66
C GLY E 119 4.46 -58.46 -15.62
N VAL E 120 4.19 -57.18 -15.39
CA VAL E 120 4.73 -56.12 -16.22
C VAL E 120 6.25 -56.15 -16.19
N MET E 121 6.83 -56.32 -15.00
CA MET E 121 8.28 -56.24 -14.87
C MET E 121 8.98 -57.42 -15.53
N LEU E 122 8.44 -58.64 -15.44
CA LEU E 122 9.15 -59.72 -16.12
C LEU E 122 8.98 -59.58 -17.64
N ALA E 123 7.84 -59.07 -18.09
CA ALA E 123 7.70 -58.80 -19.53
C ALA E 123 8.72 -57.76 -19.99
N VAL E 124 8.89 -56.68 -19.23
CA VAL E 124 9.86 -55.65 -19.60
C VAL E 124 11.28 -56.20 -19.60
N ASP E 125 11.61 -57.02 -18.59
CA ASP E 125 12.94 -57.62 -18.55
C ASP E 125 13.19 -58.49 -19.79
N ALA E 126 12.18 -59.27 -20.20
CA ALA E 126 12.33 -60.05 -21.43
C ALA E 126 12.55 -59.15 -22.64
N VAL E 127 11.86 -58.01 -22.69
CA VAL E 127 11.99 -57.13 -23.85
C VAL E 127 13.37 -56.49 -23.89
N ILE E 128 13.91 -56.05 -22.75
CA ILE E 128 15.28 -55.52 -22.75
C ILE E 128 16.28 -56.63 -23.10
N ALA E 129 16.01 -57.86 -22.69
CA ALA E 129 16.89 -58.97 -23.11
C ALA E 129 16.90 -59.10 -24.64
N GLU E 130 15.72 -59.05 -25.25
CA GLU E 130 15.63 -59.11 -26.71
C GLU E 130 16.33 -57.93 -27.36
N LEU E 131 16.13 -56.72 -26.83
CA LEU E 131 16.79 -55.54 -27.39
C LEU E 131 18.30 -55.66 -27.32
N LYS E 132 18.82 -56.18 -26.20
CA LYS E 132 20.26 -56.39 -26.09
C LYS E 132 20.75 -57.41 -27.11
N LYS E 133 20.04 -58.52 -27.27
CA LYS E 133 20.55 -59.56 -28.15
C LYS E 133 20.35 -59.23 -29.63
N GLN E 134 19.43 -58.32 -29.95
CA GLN E 134 19.19 -57.93 -31.33
C GLN E 134 20.01 -56.71 -31.76
N SER E 135 20.72 -56.08 -30.83
CA SER E 135 21.49 -54.88 -31.15
C SER E 135 22.66 -55.21 -32.08
N LYS E 136 23.11 -54.18 -32.78
CA LYS E 136 24.29 -54.25 -33.64
C LYS E 136 25.18 -53.05 -33.36
N PRO E 137 26.49 -53.20 -33.46
CA PRO E 137 27.40 -52.09 -33.17
C PRO E 137 27.67 -51.25 -34.42
N VAL E 138 28.05 -49.99 -34.16
CA VAL E 138 28.38 -49.09 -35.24
C VAL E 138 29.75 -49.45 -35.80
N THR E 139 29.81 -49.65 -37.12
CA THR E 139 31.04 -50.07 -37.79
C THR E 139 31.53 -49.06 -38.82
N THR E 140 30.93 -47.87 -38.91
CA THR E 140 31.22 -46.94 -39.99
C THR E 140 30.63 -45.58 -39.63
N PRO E 141 31.31 -44.49 -40.02
CA PRO E 141 30.81 -43.15 -39.65
C PRO E 141 29.47 -42.78 -40.26
N GLU E 142 29.03 -43.49 -41.30
CA GLU E 142 27.73 -43.16 -41.88
C GLU E 142 26.61 -43.49 -40.90
N GLU E 143 26.76 -44.57 -40.14
CA GLU E 143 25.82 -44.85 -39.06
C GLU E 143 25.86 -43.77 -37.99
N ILE E 144 27.04 -43.20 -37.73
CA ILE E 144 27.15 -42.09 -36.79
C ILE E 144 26.33 -40.90 -37.29
N ALA E 145 26.48 -40.58 -38.58
CA ALA E 145 25.70 -39.48 -39.15
C ALA E 145 24.21 -39.77 -39.08
N GLN E 146 23.82 -41.02 -39.36
CA GLN E 146 22.41 -41.39 -39.31
C GLN E 146 21.82 -41.19 -37.93
N VAL E 147 22.49 -41.73 -36.89
CA VAL E 147 21.94 -41.65 -35.54
C VAL E 147 21.96 -40.21 -35.05
N ALA E 148 22.99 -39.43 -35.41
CA ALA E 148 23.01 -38.03 -34.99
C ALA E 148 21.90 -37.25 -35.65
N THR E 149 21.63 -37.53 -36.93
CA THR E 149 20.56 -36.83 -37.64
C THR E 149 19.19 -37.17 -37.06
N ILE E 150 18.96 -38.45 -36.76
CA ILE E 150 17.68 -38.82 -36.16
C ILE E 150 17.53 -38.22 -34.77
N SER E 151 18.61 -38.18 -34.00
CA SER E 151 18.54 -37.65 -32.64
C SER E 151 18.38 -36.14 -32.60
N ALA E 152 18.48 -35.46 -33.75
CA ALA E 152 18.39 -34.02 -33.83
C ALA E 152 17.14 -33.56 -34.58
N ASN E 153 16.16 -34.46 -34.71
CA ASN E 153 14.92 -34.20 -35.43
C ASN E 153 15.20 -33.97 -36.92
N GLY E 154 15.90 -34.95 -37.50
CA GLY E 154 16.27 -34.90 -38.89
C GLY E 154 17.09 -33.71 -39.31
N ASP E 155 17.84 -33.12 -38.39
CA ASP E 155 18.72 -32.00 -38.69
C ASP E 155 19.99 -32.55 -39.31
N LYS E 156 20.11 -32.42 -40.62
CA LYS E 156 21.26 -32.98 -41.32
C LYS E 156 22.56 -32.26 -40.94
N GLU E 157 22.48 -30.96 -40.66
CA GLU E 157 23.68 -30.20 -40.30
C GLU E 157 24.26 -30.67 -38.98
N ILE E 158 23.40 -30.90 -37.97
CA ILE E 158 23.87 -31.36 -36.67
C ILE E 158 24.48 -32.75 -36.78
N GLY E 159 23.82 -33.65 -37.50
CA GLY E 159 24.39 -34.95 -37.72
C GLY E 159 25.73 -34.88 -38.44
N ASN E 160 25.83 -34.00 -39.43
CA ASN E 160 27.06 -33.88 -40.19
C ASN E 160 28.21 -33.37 -39.33
N ILE E 161 27.97 -32.34 -38.51
CA ILE E 161 29.05 -31.83 -37.68
C ILE E 161 29.46 -32.84 -36.62
N ILE E 162 28.48 -33.54 -36.04
CA ILE E 162 28.81 -34.55 -35.03
C ILE E 162 29.62 -35.68 -35.66
N SER E 163 29.23 -36.13 -36.85
CA SER E 163 29.98 -37.20 -37.51
C SER E 163 31.37 -36.74 -37.92
N ASP E 164 31.51 -35.48 -38.36
CA ASP E 164 32.83 -34.97 -38.70
C ASP E 164 33.73 -34.90 -37.48
N ALA E 165 33.19 -34.43 -36.35
CA ALA E 165 33.97 -34.39 -35.12
C ALA E 165 34.36 -35.79 -34.67
N MET E 166 33.45 -36.76 -34.80
CA MET E 166 33.76 -38.12 -34.40
C MET E 166 34.74 -38.77 -35.36
N LYS E 167 34.78 -38.33 -36.62
CA LYS E 167 35.84 -38.80 -37.51
C LYS E 167 37.17 -38.18 -37.14
N LYS E 168 37.18 -36.92 -36.71
CA LYS E 168 38.42 -36.24 -36.40
C LYS E 168 39.05 -36.72 -35.09
N VAL E 169 38.24 -36.93 -34.05
CA VAL E 169 38.77 -37.21 -32.72
C VAL E 169 38.57 -38.68 -32.37
N GLY E 170 37.57 -39.32 -32.97
CA GLY E 170 37.32 -40.73 -32.70
C GLY E 170 35.95 -40.97 -32.10
N ARG E 171 35.45 -42.19 -32.25
CA ARG E 171 34.14 -42.53 -31.69
C ARG E 171 34.14 -42.38 -30.17
N LYS E 172 35.19 -42.87 -29.52
CA LYS E 172 35.40 -42.67 -28.08
C LYS E 172 36.33 -41.48 -27.87
N GLY E 173 35.84 -40.30 -28.22
CA GLY E 173 36.65 -39.11 -28.25
C GLY E 173 36.04 -37.99 -27.42
N VAL E 174 36.89 -37.08 -26.95
CA VAL E 174 36.46 -35.97 -26.09
C VAL E 174 35.82 -34.90 -26.98
N ILE E 175 34.49 -34.82 -26.95
CA ILE E 175 33.73 -33.85 -27.73
C ILE E 175 32.88 -33.01 -26.79
N THR E 176 32.94 -31.69 -26.95
CA THR E 176 32.16 -30.77 -26.14
C THR E 176 31.50 -29.73 -27.02
N VAL E 177 30.55 -28.99 -26.45
CA VAL E 177 29.73 -28.04 -27.18
C VAL E 177 29.58 -26.77 -26.33
N LYS E 178 29.62 -25.61 -26.99
CA LYS E 178 29.46 -24.33 -26.31
C LYS E 178 28.67 -23.37 -27.19
N ASP E 179 28.56 -22.12 -26.73
CA ASP E 179 27.75 -21.10 -27.38
C ASP E 179 28.60 -20.21 -28.28
N GLY E 180 27.98 -19.73 -29.35
CA GLY E 180 28.70 -19.02 -30.40
C GLY E 180 28.23 -17.60 -30.59
N LYS E 181 29.16 -16.74 -30.98
CA LYS E 181 28.87 -15.36 -31.32
C LYS E 181 28.64 -15.14 -32.81
N THR E 182 28.88 -16.16 -33.64
CA THR E 182 28.72 -16.04 -35.08
C THR E 182 27.34 -16.57 -35.50
N LEU E 183 27.11 -16.68 -36.80
CA LEU E 183 25.81 -17.10 -37.33
C LEU E 183 25.80 -18.55 -37.83
N ASN E 184 26.93 -19.23 -37.85
CA ASN E 184 27.00 -20.61 -38.31
C ASN E 184 27.76 -21.45 -37.30
N ASP E 185 27.55 -22.77 -37.37
CA ASP E 185 28.24 -23.70 -36.50
C ASP E 185 29.63 -24.00 -37.03
N GLU E 186 30.61 -24.08 -36.13
CA GLU E 186 31.98 -24.37 -36.51
C GLU E 186 32.54 -25.48 -35.64
N LEU E 187 33.47 -26.24 -36.22
CA LEU E 187 34.13 -27.35 -35.54
C LEU E 187 35.60 -27.01 -35.37
N GLU E 188 36.08 -27.09 -34.13
CA GLU E 188 37.46 -26.77 -33.80
C GLU E 188 38.06 -27.87 -32.93
N ILE E 189 39.25 -28.34 -33.30
CA ILE E 189 40.01 -29.28 -32.51
C ILE E 189 41.06 -28.48 -31.75
N ILE E 190 40.87 -28.33 -30.44
CA ILE E 190 41.76 -27.54 -29.61
C ILE E 190 42.39 -28.45 -28.56
N GLU E 191 43.48 -27.96 -27.98
CA GLU E 191 44.23 -28.76 -27.02
C GLU E 191 43.49 -28.82 -25.69
N GLY E 192 43.42 -30.01 -25.12
CA GLY E 192 42.73 -30.20 -23.86
C GLY E 192 42.82 -31.65 -23.45
N MET E 193 42.34 -31.94 -22.24
CA MET E 193 42.40 -33.27 -21.67
C MET E 193 41.09 -33.57 -20.95
N LYS E 194 40.84 -34.87 -20.73
CA LYS E 194 39.64 -35.31 -20.04
C LYS E 194 39.94 -36.64 -19.36
N PHE E 195 39.74 -36.69 -18.05
CA PHE E 195 39.86 -37.91 -17.27
C PHE E 195 38.58 -38.17 -16.49
N ASP E 196 38.41 -39.42 -16.09
CA ASP E 196 37.12 -39.91 -15.56
C ASP E 196 37.02 -39.79 -14.05
N ARG E 197 37.24 -38.58 -13.52
CA ARG E 197 37.07 -38.31 -12.09
C ARG E 197 36.45 -36.93 -11.95
N GLY E 198 35.22 -36.87 -11.44
CA GLY E 198 34.54 -35.61 -11.22
C GLY E 198 34.95 -34.95 -9.91
N TYR E 199 34.29 -33.84 -9.61
CA TYR E 199 34.60 -33.12 -8.39
C TYR E 199 34.17 -33.93 -7.17
N ILE E 200 34.84 -33.68 -6.04
CA ILE E 200 34.59 -34.46 -4.83
C ILE E 200 33.32 -33.98 -4.13
N SER E 201 33.18 -32.66 -3.97
CA SER E 201 32.02 -32.10 -3.30
C SER E 201 31.13 -31.37 -4.29
N PRO E 202 29.80 -31.60 -4.25
CA PRO E 202 28.88 -30.89 -5.14
C PRO E 202 28.50 -29.49 -4.64
N TYR E 203 29.50 -28.74 -4.20
CA TYR E 203 29.31 -27.36 -3.77
C TYR E 203 30.15 -26.37 -4.55
N PHE E 204 31.02 -26.84 -5.44
CA PHE E 204 31.84 -25.98 -6.28
C PHE E 204 31.15 -25.60 -7.58
N ILE E 205 29.94 -26.10 -7.82
CA ILE E 205 29.27 -25.94 -9.12
C ILE E 205 28.96 -24.45 -9.34
N ASN E 206 29.69 -23.84 -10.28
CA ASN E 206 29.33 -22.49 -10.71
C ASN E 206 28.09 -22.51 -11.58
N THR E 207 28.02 -23.46 -12.52
CA THR E 207 26.86 -23.60 -13.38
C THR E 207 25.81 -24.47 -12.72
N SER E 208 24.54 -24.21 -13.05
CA SER E 208 23.44 -24.97 -12.50
C SER E 208 22.52 -25.53 -13.57
N LYS E 209 22.87 -25.38 -14.85
CA LYS E 209 22.09 -25.99 -15.92
C LYS E 209 22.44 -27.46 -16.08
N GLY E 210 23.74 -27.76 -16.18
CA GLY E 210 24.18 -29.13 -16.37
C GLY E 210 25.04 -29.65 -15.23
N GLN E 211 24.89 -29.05 -14.05
CA GLN E 211 25.66 -29.44 -12.86
C GLN E 211 27.17 -29.35 -13.12
N LYS E 212 27.59 -28.32 -13.83
CA LYS E 212 28.98 -28.10 -14.17
C LYS E 212 29.55 -26.93 -13.36
N CYS E 213 30.87 -26.79 -13.43
CA CYS E 213 31.58 -25.65 -12.84
C CYS E 213 32.57 -25.12 -13.86
N GLU E 214 32.30 -23.93 -14.39
CA GLU E 214 33.05 -23.38 -15.52
C GLU E 214 34.06 -22.35 -15.03
N PHE E 215 35.29 -22.45 -15.51
CA PHE E 215 36.35 -21.51 -15.16
C PHE E 215 37.10 -21.08 -16.42
N GLN E 216 37.76 -19.93 -16.32
CA GLN E 216 38.60 -19.40 -17.38
C GLN E 216 39.92 -18.95 -16.79
N ASP E 217 41.02 -19.44 -17.37
CA ASP E 217 42.38 -19.09 -16.94
C ASP E 217 42.58 -19.41 -15.45
N ALA E 218 42.53 -20.70 -15.14
CA ALA E 218 42.58 -21.19 -13.77
C ALA E 218 43.93 -21.84 -13.47
N TYR E 219 44.45 -21.56 -12.28
CA TYR E 219 45.66 -22.22 -11.82
C TYR E 219 45.38 -23.68 -11.47
N VAL E 220 46.39 -24.53 -11.71
CA VAL E 220 46.29 -25.96 -11.43
C VAL E 220 47.30 -26.31 -10.35
N LEU E 221 46.80 -26.92 -9.28
CA LEU E 221 47.65 -27.47 -8.22
C LEU E 221 47.63 -28.99 -8.33
N LEU E 222 48.82 -29.59 -8.34
CA LEU E 222 48.96 -31.04 -8.38
C LEU E 222 49.69 -31.51 -7.13
N SER E 223 49.13 -32.51 -6.46
CA SER E 223 49.75 -33.07 -5.28
C SER E 223 49.44 -34.56 -5.25
N GLU E 224 50.39 -35.38 -5.68
CA GLU E 224 50.22 -36.83 -5.65
C GLU E 224 50.44 -37.42 -4.28
N LYS E 225 50.40 -36.56 -3.26
CA LYS E 225 50.34 -36.97 -1.87
C LYS E 225 49.31 -36.11 -1.16
N LYS E 226 48.91 -36.56 0.03
CA LYS E 226 47.92 -35.83 0.80
C LYS E 226 48.48 -34.48 1.25
N ILE E 227 47.58 -33.54 1.54
CA ILE E 227 47.97 -32.22 2.00
C ILE E 227 48.58 -32.35 3.39
N SER E 228 49.86 -31.99 3.51
CA SER E 228 50.58 -32.21 4.77
C SER E 228 49.98 -31.41 5.91
N SER E 229 49.63 -30.16 5.65
CA SER E 229 49.11 -29.28 6.71
C SER E 229 48.33 -28.15 6.07
N ILE E 230 47.57 -27.45 6.91
CA ILE E 230 46.84 -26.27 6.46
C ILE E 230 47.81 -25.17 6.04
N GLN E 231 48.96 -25.07 6.74
CA GLN E 231 50.03 -24.14 6.37
C GLN E 231 50.74 -24.54 5.10
N SER E 232 50.25 -25.57 4.41
CA SER E 232 50.77 -25.96 3.10
C SER E 232 49.81 -25.67 1.96
N ILE E 233 48.50 -25.64 2.24
CA ILE E 233 47.54 -25.22 1.23
C ILE E 233 47.26 -23.73 1.31
N VAL E 234 47.35 -23.13 2.49
CA VAL E 234 47.16 -21.68 2.63
C VAL E 234 48.15 -20.90 1.79
N PRO E 235 49.45 -21.23 1.74
CA PRO E 235 50.35 -20.50 0.83
C PRO E 235 49.91 -20.55 -0.62
N ALA E 236 49.46 -21.72 -1.10
CA ALA E 236 48.98 -21.80 -2.47
C ALA E 236 47.68 -21.04 -2.65
N LEU E 237 46.85 -20.96 -1.60
CA LEU E 237 45.64 -20.15 -1.66
C LEU E 237 45.98 -18.67 -1.81
N GLU E 238 46.97 -18.21 -1.04
CA GLU E 238 47.41 -16.82 -1.18
C GLU E 238 48.03 -16.57 -2.54
N ILE E 239 48.77 -17.55 -3.07
CA ILE E 239 49.35 -17.41 -4.41
C ILE E 239 48.25 -17.25 -5.45
N ALA E 240 47.21 -18.10 -5.36
CA ALA E 240 46.11 -18.02 -6.32
C ALA E 240 45.31 -16.73 -6.15
N ASN E 241 45.17 -16.23 -4.93
CA ASN E 241 44.42 -15.00 -4.71
C ASN E 241 45.18 -13.78 -5.23
N ALA E 242 46.49 -13.72 -4.98
CA ALA E 242 47.27 -12.56 -5.37
C ALA E 242 47.55 -12.53 -6.87
N HIS E 243 47.42 -13.65 -7.57
CA HIS E 243 47.74 -13.73 -8.99
C HIS E 243 46.50 -13.75 -9.88
N ARG E 244 45.37 -13.25 -9.38
CA ARG E 244 44.15 -12.96 -10.16
C ARG E 244 43.64 -14.16 -10.96
N LYS E 245 44.01 -15.38 -10.58
CA LYS E 245 43.49 -16.57 -11.25
C LYS E 245 42.92 -17.54 -10.24
N PRO E 246 41.91 -18.31 -10.63
CA PRO E 246 41.34 -19.32 -9.72
C PRO E 246 42.18 -20.60 -9.73
N LEU E 247 41.83 -21.50 -8.81
CA LEU E 247 42.64 -22.67 -8.52
C LEU E 247 41.88 -23.95 -8.78
N VAL E 248 42.57 -24.94 -9.35
CA VAL E 248 42.07 -26.30 -9.51
C VAL E 248 43.10 -27.25 -8.91
N ILE E 249 42.70 -28.05 -7.94
CA ILE E 249 43.63 -28.91 -7.21
C ILE E 249 43.26 -30.36 -7.47
N ILE E 250 44.30 -31.22 -7.47
CA ILE E 250 44.13 -32.66 -7.63
C ILE E 250 45.01 -33.37 -6.61
N ALA E 251 44.44 -34.36 -5.93
CA ALA E 251 45.15 -35.18 -4.95
C ALA E 251 44.41 -36.51 -4.83
N GLU E 252 44.92 -37.40 -3.98
CA GLU E 252 44.26 -38.70 -3.83
C GLU E 252 42.85 -38.55 -3.29
N ASP E 253 42.71 -37.88 -2.15
CA ASP E 253 41.43 -37.83 -1.44
C ASP E 253 41.41 -36.56 -0.60
N VAL E 254 40.56 -35.61 -0.96
CA VAL E 254 40.34 -34.44 -0.13
C VAL E 254 38.89 -34.50 0.37
N ASP E 255 38.67 -35.18 1.48
CA ASP E 255 37.35 -35.26 2.11
C ASP E 255 37.33 -34.72 3.52
N GLY E 256 38.21 -35.23 4.39
CA GLY E 256 38.17 -34.94 5.81
C GLY E 256 38.06 -33.49 6.25
N GLU E 257 39.11 -32.71 6.02
CA GLU E 257 39.10 -31.36 6.55
C GLU E 257 39.46 -30.30 5.52
N ALA E 258 40.38 -30.59 4.59
CA ALA E 258 40.73 -29.62 3.57
C ALA E 258 39.54 -29.30 2.69
N LEU E 259 38.73 -30.31 2.38
CA LEU E 259 37.52 -30.09 1.62
C LEU E 259 36.56 -29.17 2.36
N SER E 260 36.44 -29.35 3.67
CA SER E 260 35.56 -28.48 4.44
C SER E 260 36.04 -27.04 4.43
N THR E 261 37.36 -26.84 4.54
CA THR E 261 37.91 -25.49 4.44
C THR E 261 37.63 -24.89 3.07
N LEU E 262 37.77 -25.69 2.01
CA LEU E 262 37.50 -25.18 0.66
C LEU E 262 36.03 -24.77 0.51
N VAL E 263 35.12 -25.59 1.04
CA VAL E 263 33.70 -25.26 0.89
C VAL E 263 33.32 -24.04 1.72
N LEU E 264 33.89 -23.91 2.93
CA LEU E 264 33.58 -22.72 3.73
C LEU E 264 34.20 -21.47 3.12
N ASN E 265 35.35 -21.60 2.46
CA ASN E 265 35.91 -20.49 1.73
C ASN E 265 35.07 -20.16 0.50
N ARG E 266 34.40 -21.15 -0.07
CA ARG E 266 33.53 -20.92 -1.21
C ARG E 266 32.37 -19.99 -0.87
N LEU E 267 31.96 -19.96 0.40
CA LEU E 267 30.85 -19.10 0.80
C LEU E 267 31.17 -17.63 0.62
N LYS E 268 32.45 -17.26 0.66
CA LYS E 268 32.84 -15.87 0.50
C LYS E 268 32.81 -15.47 -0.97
N VAL E 269 32.38 -14.23 -1.22
CA VAL E 269 32.23 -13.71 -2.57
C VAL E 269 33.58 -13.12 -2.97
N GLY E 270 34.32 -13.83 -3.80
CA GLY E 270 35.65 -13.42 -4.20
C GLY E 270 36.63 -14.57 -4.28
N LEU E 271 36.17 -15.78 -3.95
CA LEU E 271 37.02 -16.96 -3.95
C LEU E 271 36.41 -18.04 -4.84
N GLN E 272 37.27 -18.72 -5.59
CA GLN E 272 36.86 -19.79 -6.51
C GLN E 272 37.94 -20.86 -6.52
N VAL E 273 37.56 -22.08 -6.17
CA VAL E 273 38.48 -23.21 -6.18
C VAL E 273 37.66 -24.50 -6.21
N VAL E 274 38.17 -25.50 -6.92
CA VAL E 274 37.54 -26.81 -7.01
C VAL E 274 38.56 -27.87 -6.64
N ALA E 275 38.06 -29.04 -6.30
CA ALA E 275 38.88 -30.17 -5.89
C ALA E 275 38.50 -31.38 -6.71
N VAL E 276 39.51 -31.99 -7.35
CA VAL E 276 39.33 -33.23 -8.09
C VAL E 276 40.28 -34.26 -7.52
N LYS E 277 39.86 -35.51 -7.53
CA LYS E 277 40.69 -36.59 -7.01
C LYS E 277 41.50 -37.24 -8.12
N ALA E 278 42.55 -37.96 -7.71
CA ALA E 278 43.57 -38.41 -8.64
C ALA E 278 42.99 -39.44 -9.61
N PRO E 279 43.28 -39.33 -10.91
CA PRO E 279 42.57 -40.16 -11.89
C PRO E 279 42.96 -41.63 -11.88
N GLY E 280 44.25 -41.96 -11.76
CA GLY E 280 44.71 -43.32 -11.89
C GLY E 280 44.57 -44.13 -10.61
N PHE E 281 44.99 -45.39 -10.68
CA PHE E 281 44.98 -46.29 -9.54
C PHE E 281 46.36 -46.69 -9.07
N GLY E 282 47.29 -46.91 -9.98
CA GLY E 282 48.64 -47.32 -9.61
C GLY E 282 49.72 -46.46 -10.25
N ASP E 283 50.62 -47.11 -11.00
CA ASP E 283 51.63 -46.36 -11.74
C ASP E 283 50.98 -45.44 -12.77
N ASN E 284 49.78 -45.80 -13.22
CA ASN E 284 49.05 -44.97 -14.18
C ASN E 284 48.73 -43.61 -13.57
N ARG E 285 48.42 -43.57 -12.28
CA ARG E 285 48.16 -42.29 -11.62
C ARG E 285 49.39 -41.39 -11.67
N LYS E 286 50.55 -41.94 -11.30
CA LYS E 286 51.78 -41.17 -11.30
C LYS E 286 52.12 -40.66 -12.70
N ASN E 287 52.07 -41.55 -13.70
CA ASN E 287 52.47 -41.11 -15.02
C ASN E 287 51.45 -40.15 -15.64
N GLN E 288 50.14 -40.30 -15.34
CA GLN E 288 49.19 -39.30 -15.83
C GLN E 288 49.42 -37.95 -15.18
N LEU E 289 49.76 -37.94 -13.88
CA LEU E 289 50.06 -36.66 -13.24
C LEU E 289 51.30 -36.02 -13.84
N LYS E 290 52.32 -36.83 -14.15
CA LYS E 290 53.49 -36.28 -14.85
C LYS E 290 53.11 -35.70 -16.20
N ASP E 291 52.27 -36.42 -16.96
CA ASP E 291 51.81 -35.91 -18.26
C ASP E 291 51.07 -34.60 -18.11
N MET E 292 50.14 -34.53 -17.17
CA MET E 292 49.37 -33.33 -16.93
C MET E 292 50.27 -32.16 -16.54
N ALA E 293 51.25 -32.41 -15.68
CA ALA E 293 52.20 -31.37 -15.30
C ALA E 293 53.01 -30.90 -16.50
N ILE E 294 53.45 -31.83 -17.36
CA ILE E 294 54.18 -31.43 -18.56
C ILE E 294 53.30 -30.61 -19.49
N ALA E 295 52.04 -31.01 -19.65
CA ALA E 295 51.14 -30.31 -20.56
C ALA E 295 50.83 -28.90 -20.06
N THR E 296 50.54 -28.75 -18.76
CA THR E 296 50.24 -27.43 -18.22
C THR E 296 51.52 -26.62 -18.00
N GLY E 297 52.57 -27.24 -17.48
CA GLY E 297 53.79 -26.54 -17.16
C GLY E 297 53.83 -26.11 -15.71
N GLY E 298 54.56 -26.84 -14.89
CA GLY E 298 54.61 -26.53 -13.48
C GLY E 298 55.47 -27.53 -12.74
N ALA E 299 55.45 -27.43 -11.41
CA ALA E 299 56.20 -28.33 -10.55
C ALA E 299 55.28 -29.37 -9.94
N VAL E 300 55.83 -30.56 -9.74
CA VAL E 300 55.09 -31.70 -9.20
C VAL E 300 55.36 -31.72 -7.71
N PHE E 301 54.39 -31.25 -6.93
CA PHE E 301 54.53 -31.12 -5.48
C PHE E 301 54.16 -32.44 -4.81
N GLY E 302 55.15 -33.12 -4.23
CA GLY E 302 54.86 -34.30 -3.43
C GLY E 302 55.56 -35.56 -3.89
N GLU E 303 56.59 -35.42 -4.72
CA GLU E 303 57.31 -36.58 -5.22
C GLU E 303 58.16 -37.20 -4.12
N GLU E 304 58.26 -38.53 -4.14
CA GLU E 304 59.11 -39.23 -3.19
C GLU E 304 60.58 -38.85 -3.38
N GLY E 305 61.03 -38.82 -4.64
CA GLY E 305 62.41 -38.45 -4.93
C GLY E 305 62.70 -36.97 -4.81
N LEU E 306 61.80 -36.14 -5.34
CA LEU E 306 62.04 -34.70 -5.32
C LEU E 306 61.86 -34.12 -3.92
N THR E 307 60.97 -34.69 -3.12
CA THR E 307 60.62 -34.17 -1.79
C THR E 307 60.34 -32.67 -1.86
N LEU E 308 59.31 -32.33 -2.63
CA LEU E 308 58.89 -30.94 -2.80
C LEU E 308 57.64 -30.71 -1.96
N ASN E 309 57.80 -29.91 -0.91
CA ASN E 309 56.70 -29.68 0.02
C ASN E 309 55.76 -28.59 -0.50
N LEU E 310 54.48 -28.75 -0.20
CA LEU E 310 53.47 -27.79 -0.65
C LEU E 310 53.65 -26.42 -0.01
N GLU E 311 54.35 -26.34 1.12
CA GLU E 311 54.54 -25.05 1.78
C GLU E 311 55.36 -24.09 0.91
N ASP E 312 56.37 -24.61 0.22
CA ASP E 312 57.22 -23.78 -0.64
C ASP E 312 56.68 -23.75 -2.07
N VAL E 313 55.44 -23.31 -2.18
CA VAL E 313 54.78 -23.19 -3.48
C VAL E 313 55.16 -21.85 -4.11
N GLN E 314 55.41 -21.87 -5.41
CA GLN E 314 55.86 -20.69 -6.13
C GLN E 314 54.99 -20.45 -7.36
N PRO E 315 54.86 -19.19 -7.79
CA PRO E 315 54.01 -18.89 -8.95
C PRO E 315 54.37 -19.68 -10.20
N HIS E 316 55.67 -19.88 -10.46
CA HIS E 316 56.12 -20.63 -11.63
C HIS E 316 55.99 -22.14 -11.44
N ASP E 317 55.52 -22.60 -10.28
CA ASP E 317 55.51 -24.02 -9.94
C ASP E 317 54.11 -24.63 -10.00
N LEU E 318 53.15 -23.96 -10.60
CA LEU E 318 51.77 -24.44 -10.64
C LEU E 318 51.28 -24.50 -12.09
N GLY E 319 50.72 -25.65 -12.47
CA GLY E 319 50.00 -25.81 -13.71
C GLY E 319 49.08 -24.67 -14.06
N LYS E 320 49.15 -24.19 -15.29
CA LYS E 320 48.25 -23.16 -15.80
C LYS E 320 47.42 -23.72 -16.94
N VAL E 321 46.11 -23.51 -16.87
CA VAL E 321 45.18 -23.99 -17.88
C VAL E 321 44.20 -22.86 -18.19
N GLY E 322 43.55 -22.96 -19.35
CA GLY E 322 42.73 -21.86 -19.83
C GLY E 322 41.24 -22.01 -19.56
N GLU E 323 40.75 -23.23 -19.41
CA GLU E 323 39.34 -23.45 -19.15
C GLU E 323 39.16 -24.76 -18.39
N VAL E 324 38.35 -24.71 -17.33
CA VAL E 324 38.04 -25.88 -16.51
C VAL E 324 36.53 -25.99 -16.38
N ILE E 325 35.98 -27.14 -16.78
CA ILE E 325 34.60 -27.49 -16.50
C ILE E 325 34.60 -28.91 -15.95
N VAL E 326 33.98 -29.11 -14.79
CA VAL E 326 34.04 -30.36 -14.06
C VAL E 326 32.63 -30.80 -13.70
N THR E 327 32.24 -31.98 -14.18
CA THR E 327 30.95 -32.60 -13.88
C THR E 327 31.08 -33.46 -12.63
N LYS E 328 30.00 -34.15 -12.28
CA LYS E 328 30.01 -35.02 -11.11
C LYS E 328 30.96 -36.19 -11.30
N ASP E 329 31.10 -36.69 -12.53
CA ASP E 329 31.89 -37.88 -12.80
C ASP E 329 33.08 -37.63 -13.72
N ASP E 330 33.18 -36.48 -14.37
CA ASP E 330 34.21 -36.23 -15.37
C ASP E 330 34.80 -34.84 -15.16
N ALA E 331 36.04 -34.68 -15.60
CA ALA E 331 36.77 -33.42 -15.43
C ALA E 331 37.44 -33.03 -16.73
N MET E 332 37.10 -31.85 -17.23
CA MET E 332 37.68 -31.28 -18.43
C MET E 332 38.77 -30.29 -18.06
N LEU E 333 39.96 -30.47 -18.62
CA LEU E 333 41.05 -29.49 -18.55
C LEU E 333 41.29 -28.99 -19.97
N LEU E 334 40.73 -27.84 -20.28
CA LEU E 334 40.68 -27.32 -21.65
C LEU E 334 41.63 -26.16 -21.84
N LYS E 335 42.34 -26.16 -22.97
CA LYS E 335 43.28 -25.11 -23.35
C LYS E 335 44.37 -24.93 -22.28
N GLY E 336 45.15 -25.99 -22.10
CA GLY E 336 46.30 -25.93 -21.20
C GLY E 336 47.58 -25.62 -21.94
N LYS E 337 48.01 -24.37 -21.88
CA LYS E 337 49.20 -23.93 -22.60
C LYS E 337 50.44 -24.20 -21.75
N GLY E 338 51.43 -24.83 -22.37
CA GLY E 338 52.67 -25.16 -21.69
C GLY E 338 53.83 -25.25 -22.66
N ASP E 339 54.99 -25.71 -22.19
CA ASP E 339 56.17 -25.82 -23.04
C ASP E 339 55.92 -26.88 -24.11
N LYS E 340 55.73 -26.43 -25.35
CA LYS E 340 55.51 -27.37 -26.45
C LYS E 340 56.71 -28.27 -26.65
N ALA E 341 57.92 -27.78 -26.36
CA ALA E 341 59.10 -28.62 -26.43
C ALA E 341 59.04 -29.75 -25.42
N GLN E 342 58.59 -29.46 -24.20
CA GLN E 342 58.44 -30.50 -23.19
C GLN E 342 57.36 -31.51 -23.58
N ILE E 343 56.27 -31.04 -24.18
CA ILE E 343 55.22 -31.94 -24.63
C ILE E 343 55.74 -32.85 -25.74
N GLU E 344 56.52 -32.28 -26.68
CA GLU E 344 57.11 -33.10 -27.73
C GLU E 344 58.09 -34.11 -27.17
N LYS E 345 58.88 -33.71 -26.16
CA LYS E 345 59.79 -34.64 -25.52
C LYS E 345 59.05 -35.78 -24.84
N ARG E 346 57.94 -35.45 -24.15
CA ARG E 346 57.14 -36.49 -23.50
C ARG E 346 56.52 -37.43 -24.54
N ILE E 347 56.04 -36.88 -25.65
CA ILE E 347 55.48 -37.72 -26.70
C ILE E 347 56.54 -38.63 -27.29
N GLN E 348 57.75 -38.11 -27.49
CA GLN E 348 58.85 -38.95 -27.96
C GLN E 348 59.16 -40.06 -26.96
N GLU E 349 59.15 -39.72 -25.67
CA GLU E 349 59.40 -40.74 -24.65
C GLU E 349 58.34 -41.83 -24.70
N ILE E 350 57.07 -41.46 -24.86
CA ILE E 350 56.00 -42.45 -24.87
C ILE E 350 56.07 -43.31 -26.14
N ILE E 351 56.37 -42.69 -27.29
CA ILE E 351 56.47 -43.48 -28.51
C ILE E 351 57.71 -44.36 -28.54
N GLU E 352 58.74 -44.01 -27.76
CA GLU E 352 59.86 -44.92 -27.57
C GLU E 352 59.52 -46.04 -26.59
N GLN E 353 58.74 -45.73 -25.56
CA GLN E 353 58.37 -46.73 -24.56
C GLN E 353 57.32 -47.71 -25.05
N LEU E 354 56.55 -47.35 -26.09
CA LEU E 354 55.59 -48.31 -26.61
C LEU E 354 56.24 -49.40 -27.45
N ASP E 355 57.52 -49.28 -27.77
CA ASP E 355 58.22 -50.23 -28.64
C ASP E 355 59.33 -50.98 -27.91
N VAL E 356 59.15 -51.24 -26.61
CA VAL E 356 60.12 -52.02 -25.84
C VAL E 356 59.49 -53.28 -25.24
N THR E 357 58.27 -53.18 -24.73
CA THR E 357 57.61 -54.31 -24.12
C THR E 357 56.10 -54.21 -24.33
N THR E 358 55.43 -55.35 -24.22
CA THR E 358 53.98 -55.43 -24.36
C THR E 358 53.45 -56.42 -23.33
N SER E 359 52.44 -56.00 -22.58
CA SER E 359 51.84 -56.84 -21.55
C SER E 359 50.33 -57.00 -21.72
N GLU E 360 49.75 -56.45 -22.79
CA GLU E 360 48.34 -56.51 -23.12
C GLU E 360 47.43 -55.98 -22.02
N TYR E 361 47.99 -55.31 -21.02
CA TYR E 361 47.21 -54.54 -20.06
C TYR E 361 47.75 -53.14 -19.87
N GLU E 362 49.07 -52.97 -19.92
CA GLU E 362 49.67 -51.65 -19.78
C GLU E 362 49.88 -50.96 -21.12
N LYS E 363 49.99 -51.73 -22.22
CA LYS E 363 50.09 -51.11 -23.53
C LYS E 363 48.79 -50.42 -23.91
N GLU E 364 47.66 -50.94 -23.44
CA GLU E 364 46.39 -50.23 -23.61
C GLU E 364 46.45 -48.86 -22.95
N LYS E 365 47.01 -48.79 -21.74
CA LYS E 365 47.12 -47.50 -21.06
C LYS E 365 48.15 -46.59 -21.72
N LEU E 366 49.21 -47.17 -22.30
CA LEU E 366 50.16 -46.36 -23.05
C LEU E 366 49.51 -45.75 -24.28
N ASN E 367 48.73 -46.53 -25.01
CA ASN E 367 48.00 -46.00 -26.15
C ASN E 367 46.98 -44.96 -25.70
N GLU E 368 46.35 -45.18 -24.55
CA GLU E 368 45.40 -44.21 -24.03
C GLU E 368 46.08 -42.89 -23.69
N ARG E 369 47.27 -42.94 -23.09
CA ARG E 369 48.00 -41.71 -22.81
C ARG E 369 48.45 -41.03 -24.10
N LEU E 370 48.85 -41.82 -25.10
CA LEU E 370 49.21 -41.27 -26.40
C LEU E 370 48.03 -40.53 -27.02
N ALA E 371 46.83 -41.10 -26.92
CA ALA E 371 45.65 -40.43 -27.47
C ALA E 371 45.28 -39.21 -26.62
N LYS E 372 45.45 -39.31 -25.31
CA LYS E 372 45.13 -38.22 -24.41
C LYS E 372 46.00 -37.00 -24.67
N LEU E 373 47.27 -37.21 -25.04
CA LEU E 373 48.17 -36.11 -25.32
C LEU E 373 48.23 -35.74 -26.80
N SER E 374 47.78 -36.60 -27.69
CA SER E 374 47.83 -36.35 -29.13
C SER E 374 46.50 -35.89 -29.70
N ASP E 375 45.43 -36.64 -29.47
CA ASP E 375 44.12 -36.28 -29.99
C ASP E 375 43.57 -35.08 -29.23
N GLY E 376 43.24 -34.02 -29.96
CA GLY E 376 42.74 -32.81 -29.34
C GLY E 376 41.29 -32.93 -28.94
N VAL E 377 40.77 -31.84 -28.37
CA VAL E 377 39.40 -31.78 -27.92
C VAL E 377 38.56 -31.14 -29.01
N ALA E 378 37.50 -31.84 -29.44
CA ALA E 378 36.60 -31.31 -30.44
C ALA E 378 35.56 -30.43 -29.77
N VAL E 379 35.48 -29.17 -30.18
CA VAL E 379 34.58 -28.21 -29.57
C VAL E 379 33.65 -27.71 -30.67
N LEU E 380 32.35 -27.93 -30.48
CA LEU E 380 31.32 -27.52 -31.43
C LEU E 380 30.68 -26.26 -30.87
N LYS E 381 30.90 -25.14 -31.53
CA LYS E 381 30.34 -23.89 -31.06
C LYS E 381 29.12 -23.55 -31.91
N VAL E 382 28.04 -23.15 -31.24
CA VAL E 382 26.72 -23.09 -31.84
C VAL E 382 26.36 -21.62 -32.06
N GLY E 383 25.97 -21.29 -33.30
CA GLY E 383 25.68 -19.92 -33.68
C GLY E 383 24.20 -19.72 -33.95
N GLY E 384 23.66 -18.64 -33.40
CA GLY E 384 22.25 -18.33 -33.58
C GLY E 384 22.02 -16.83 -33.44
N THR E 385 20.87 -16.39 -33.95
CA THR E 385 20.58 -14.96 -34.00
C THR E 385 20.44 -14.36 -32.61
N SER E 386 19.77 -15.05 -31.69
CA SER E 386 19.47 -14.50 -30.37
C SER E 386 19.81 -15.53 -29.30
N ASP E 387 19.60 -15.11 -28.04
CA ASP E 387 19.92 -15.97 -26.91
C ASP E 387 19.05 -17.24 -26.91
N VAL E 388 17.76 -17.10 -27.18
CA VAL E 388 16.88 -18.27 -27.22
C VAL E 388 17.31 -19.22 -28.33
N GLU E 389 17.73 -18.67 -29.47
CA GLU E 389 18.16 -19.50 -30.59
C GLU E 389 19.38 -20.33 -30.23
N VAL E 390 20.41 -19.68 -29.69
CA VAL E 390 21.63 -20.41 -29.33
C VAL E 390 21.34 -21.39 -28.21
N ASN E 391 20.45 -21.05 -27.28
CA ASN E 391 20.13 -21.96 -26.19
C ASN E 391 19.44 -23.22 -26.71
N GLU E 392 18.41 -23.06 -27.55
CA GLU E 392 17.68 -24.23 -28.05
C GLU E 392 18.56 -25.07 -28.96
N LYS E 393 19.38 -24.43 -29.79
CA LYS E 393 20.27 -25.21 -30.65
C LYS E 393 21.36 -25.90 -29.86
N LYS E 394 21.83 -25.28 -28.78
CA LYS E 394 22.78 -25.95 -27.90
C LYS E 394 22.16 -27.19 -27.28
N ASP E 395 20.90 -27.07 -26.83
CA ASP E 395 20.21 -28.23 -26.27
C ASP E 395 20.06 -29.34 -27.31
N ARG E 396 19.68 -28.97 -28.54
CA ARG E 396 19.53 -29.97 -29.60
C ARG E 396 20.84 -30.68 -29.90
N VAL E 397 21.92 -29.91 -30.08
CA VAL E 397 23.22 -30.50 -30.38
C VAL E 397 23.69 -31.39 -29.24
N THR E 398 23.53 -30.94 -27.99
CA THR E 398 23.94 -31.74 -26.84
C THR E 398 23.18 -33.05 -26.78
N ASP E 399 21.86 -33.01 -26.99
CA ASP E 399 21.07 -34.24 -26.95
C ASP E 399 21.45 -35.19 -28.07
N ALA E 400 21.69 -34.67 -29.27
CA ALA E 400 22.12 -35.54 -30.37
C ALA E 400 23.48 -36.16 -30.08
N LEU E 401 24.37 -35.40 -29.44
CA LEU E 401 25.68 -35.92 -29.06
C LEU E 401 25.54 -37.04 -28.03
N ASN E 402 24.68 -36.84 -27.03
CA ASN E 402 24.42 -37.89 -26.06
C ASN E 402 23.88 -39.15 -26.72
N ALA E 403 22.96 -39.00 -27.68
CA ALA E 403 22.40 -40.17 -28.34
C ALA E 403 23.45 -40.89 -29.18
N THR E 404 24.33 -40.15 -29.85
CA THR E 404 25.43 -40.78 -30.58
C THR E 404 26.36 -41.55 -29.64
N ARG E 405 26.74 -40.94 -28.52
CA ARG E 405 27.50 -41.66 -27.49
C ARG E 405 26.79 -42.95 -27.08
N ALA E 406 25.52 -42.85 -26.70
CA ALA E 406 24.73 -44.01 -26.33
C ALA E 406 24.65 -45.04 -27.46
N ALA E 407 24.88 -44.63 -28.70
CA ALA E 407 24.87 -45.60 -29.79
C ALA E 407 26.22 -46.26 -29.96
N VAL E 408 27.31 -45.51 -29.76
CA VAL E 408 28.63 -46.10 -29.91
C VAL E 408 29.00 -46.97 -28.72
N GLU E 409 28.40 -46.73 -27.56
CA GLU E 409 28.75 -47.52 -26.37
C GLU E 409 28.09 -48.89 -26.39
N GLU E 410 26.79 -48.96 -26.68
CA GLU E 410 26.07 -50.23 -26.66
C GLU E 410 25.72 -50.75 -28.04
N GLY E 411 25.10 -49.94 -28.88
CA GLY E 411 24.80 -50.37 -30.23
C GLY E 411 23.67 -49.54 -30.83
N ILE E 412 23.03 -50.12 -31.84
CA ILE E 412 21.88 -49.53 -32.52
C ILE E 412 20.85 -50.63 -32.75
N VAL E 413 19.65 -50.21 -33.15
CA VAL E 413 18.54 -51.11 -33.39
C VAL E 413 17.55 -50.38 -34.27
N LEU E 414 16.67 -51.13 -34.94
CA LEU E 414 15.75 -50.54 -35.91
C LEU E 414 14.91 -49.44 -35.27
N GLY E 415 14.49 -48.49 -36.11
CA GLY E 415 13.77 -47.32 -35.66
C GLY E 415 12.34 -47.29 -36.15
N GLY E 416 11.62 -46.26 -35.69
CA GLY E 416 10.22 -46.13 -35.99
C GLY E 416 9.33 -47.03 -35.18
N GLY E 417 9.76 -47.42 -33.99
CA GLY E 417 9.02 -48.35 -33.18
C GLY E 417 9.06 -49.78 -33.64
N CYS E 418 9.93 -50.12 -34.59
CA CYS E 418 10.08 -51.49 -35.06
C CYS E 418 11.06 -52.29 -34.23
N ALA E 419 11.83 -51.64 -33.34
CA ALA E 419 12.69 -52.37 -32.43
C ALA E 419 11.87 -53.09 -31.37
N LEU E 420 10.78 -52.48 -30.92
CA LEU E 420 9.90 -53.11 -29.95
C LEU E 420 8.89 -54.04 -30.59
N LEU E 421 8.73 -54.00 -31.92
CA LEU E 421 7.83 -54.94 -32.57
C LEU E 421 8.47 -56.29 -32.80
N ARG E 422 9.79 -56.38 -32.72
CA ARG E 422 10.51 -57.65 -32.82
C ARG E 422 10.67 -58.33 -31.48
N CYS E 423 10.05 -57.78 -30.42
CA CYS E 423 10.16 -58.33 -29.08
C CYS E 423 8.88 -59.01 -28.59
N ILE E 424 7.75 -58.87 -29.28
CA ILE E 424 6.56 -59.65 -28.93
C ILE E 424 6.79 -61.15 -29.02
N PRO E 425 7.47 -61.68 -30.04
CA PRO E 425 7.70 -63.13 -30.08
C PRO E 425 8.46 -63.68 -28.89
N ALA E 426 9.03 -62.83 -28.04
CA ALA E 426 9.69 -63.28 -26.81
C ALA E 426 8.74 -63.40 -25.64
N LEU E 427 7.51 -62.91 -25.77
CA LEU E 427 6.52 -63.03 -24.70
C LEU E 427 5.66 -64.28 -24.85
N ASP E 428 5.84 -65.05 -25.93
CA ASP E 428 5.17 -66.34 -26.04
C ASP E 428 5.82 -67.39 -25.15
N SER E 429 7.15 -67.39 -25.10
CA SER E 429 7.86 -68.42 -24.33
C SER E 429 7.80 -68.14 -22.83
N LEU E 430 7.86 -66.88 -22.44
CA LEU E 430 7.79 -66.52 -21.03
C LEU E 430 6.47 -66.98 -20.44
N THR E 431 6.54 -67.66 -19.29
CA THR E 431 5.36 -68.20 -18.66
C THR E 431 5.12 -67.51 -17.31
N PRO E 432 3.91 -67.04 -17.06
CA PRO E 432 3.59 -66.37 -15.79
C PRO E 432 3.24 -67.37 -14.69
N ALA E 433 3.22 -66.85 -13.46
CA ALA E 433 2.83 -67.67 -12.31
C ALA E 433 1.31 -67.79 -12.21
N ASN E 434 0.62 -66.66 -12.10
CA ASN E 434 -0.83 -66.63 -11.98
C ASN E 434 -1.41 -65.89 -13.18
N GLU E 435 -2.73 -65.65 -13.13
CA GLU E 435 -3.39 -64.96 -14.23
C GLU E 435 -3.13 -63.46 -14.24
N ASP E 436 -2.83 -62.87 -13.08
CA ASP E 436 -2.52 -61.44 -13.04
C ASP E 436 -1.16 -61.16 -13.70
N GLN E 437 -0.20 -62.06 -13.52
CA GLN E 437 1.06 -61.92 -14.23
C GLN E 437 0.87 -62.04 -15.73
N LYS E 438 -0.03 -62.93 -16.16
CA LYS E 438 -0.36 -63.01 -17.58
C LYS E 438 -1.08 -61.75 -18.06
N ILE E 439 -1.88 -61.14 -17.19
CA ILE E 439 -2.50 -59.86 -17.51
C ILE E 439 -1.43 -58.80 -17.76
N GLY E 440 -0.41 -58.76 -16.90
CA GLY E 440 0.70 -57.85 -17.14
C GLY E 440 1.45 -58.15 -18.42
N ILE E 441 1.64 -59.43 -18.72
CA ILE E 441 2.27 -59.81 -19.99
C ILE E 441 1.46 -59.28 -21.17
N GLU E 442 0.13 -59.43 -21.10
CA GLU E 442 -0.75 -58.91 -22.15
C GLU E 442 -0.63 -57.40 -22.27
N ILE E 443 -0.59 -56.71 -21.12
CA ILE E 443 -0.47 -55.25 -21.12
C ILE E 443 0.81 -54.83 -21.84
N ILE E 444 1.92 -55.49 -21.53
CA ILE E 444 3.18 -55.08 -22.15
C ILE E 444 3.20 -55.42 -23.63
N LYS E 445 2.66 -56.59 -24.01
CA LYS E 445 2.73 -56.96 -25.43
C LYS E 445 1.78 -56.13 -26.27
N ARG E 446 0.69 -55.62 -25.68
CA ARG E 446 -0.13 -54.64 -26.39
C ARG E 446 0.55 -53.28 -26.44
N THR E 447 1.34 -52.97 -25.40
CA THR E 447 2.00 -51.67 -25.32
C THR E 447 3.16 -51.55 -26.31
N LEU E 448 3.78 -52.66 -26.69
CA LEU E 448 4.97 -52.60 -27.51
C LEU E 448 4.70 -52.06 -28.91
N LYS E 449 3.44 -52.08 -29.35
CA LYS E 449 3.06 -51.58 -30.67
C LYS E 449 2.65 -50.12 -30.67
N ILE E 450 2.57 -49.48 -29.50
CA ILE E 450 2.16 -48.07 -29.45
C ILE E 450 3.10 -47.14 -30.17
N PRO E 451 4.43 -47.21 -30.02
CA PRO E 451 5.29 -46.25 -30.73
C PRO E 451 5.12 -46.28 -32.25
N ALA E 452 5.06 -47.47 -32.84
CA ALA E 452 4.93 -47.55 -34.30
C ALA E 452 3.56 -47.10 -34.78
N MET E 453 2.50 -47.46 -34.04
CA MET E 453 1.17 -46.95 -34.38
C MET E 453 1.12 -45.43 -34.27
N THR E 454 1.74 -44.88 -33.24
CA THR E 454 1.73 -43.42 -33.07
C THR E 454 2.46 -42.73 -34.21
N ILE E 455 3.62 -43.26 -34.61
CA ILE E 455 4.35 -42.67 -35.73
C ILE E 455 3.55 -42.77 -37.02
N ALA E 456 2.97 -43.94 -37.28
CA ALA E 456 2.17 -44.11 -38.50
C ALA E 456 0.95 -43.20 -38.50
N LYS E 457 0.23 -43.14 -37.38
CA LYS E 457 -0.93 -42.27 -37.26
C LYS E 457 -0.54 -40.82 -37.50
N ASN E 458 0.64 -40.41 -37.00
CA ASN E 458 1.10 -39.06 -37.25
C ASN E 458 1.40 -38.85 -38.73
N ALA E 459 1.87 -39.88 -39.43
CA ALA E 459 2.14 -39.77 -40.85
C ALA E 459 0.87 -39.67 -41.71
N GLY E 460 -0.31 -39.87 -41.12
CA GLY E 460 -1.56 -39.80 -41.84
C GLY E 460 -2.16 -41.14 -42.22
N VAL E 461 -1.49 -42.23 -41.91
CA VAL E 461 -1.96 -43.55 -42.27
C VAL E 461 -2.54 -44.23 -41.02
N GLU E 462 -3.21 -45.35 -41.23
CA GLU E 462 -3.93 -46.04 -40.15
C GLU E 462 -2.99 -47.05 -39.50
N GLY E 463 -2.31 -46.62 -38.44
CA GLY E 463 -1.29 -47.36 -37.72
C GLY E 463 -1.49 -48.85 -37.55
N SER E 464 -2.73 -49.28 -37.29
CA SER E 464 -3.01 -50.69 -37.04
C SER E 464 -2.60 -51.55 -38.24
N LEU E 465 -3.04 -51.18 -39.44
CA LEU E 465 -2.72 -51.96 -40.63
C LEU E 465 -1.21 -51.98 -40.88
N ILE E 466 -0.54 -50.85 -40.66
CA ILE E 466 0.90 -50.78 -40.88
C ILE E 466 1.65 -51.69 -39.91
N VAL E 467 1.28 -51.67 -38.63
CA VAL E 467 1.98 -52.54 -37.69
C VAL E 467 1.62 -54.00 -37.94
N GLU E 468 0.42 -54.27 -38.44
CA GLU E 468 0.08 -55.63 -38.85
C GLU E 468 1.00 -56.09 -39.97
N LYS E 469 1.23 -55.24 -40.97
CA LYS E 469 2.15 -55.57 -42.04
C LYS E 469 3.56 -55.78 -41.51
N ILE E 470 3.99 -54.91 -40.58
CA ILE E 470 5.34 -55.01 -40.04
C ILE E 470 5.53 -56.32 -39.29
N MET E 471 4.55 -56.72 -38.49
CA MET E 471 4.64 -57.98 -37.77
C MET E 471 4.60 -59.18 -38.72
N GLN E 472 3.74 -59.12 -39.74
CA GLN E 472 3.64 -60.23 -40.68
C GLN E 472 4.85 -60.30 -41.60
N SER E 473 5.49 -59.16 -41.86
CA SER E 473 6.64 -59.15 -42.76
C SER E 473 7.89 -59.66 -42.03
N SER E 474 9.01 -59.66 -42.75
CA SER E 474 10.26 -60.18 -42.22
C SER E 474 10.83 -59.24 -41.17
N SER E 475 11.99 -59.62 -40.61
CA SER E 475 12.59 -58.92 -39.49
C SER E 475 13.74 -58.00 -39.91
N GLU E 476 13.68 -57.44 -41.12
CA GLU E 476 14.63 -56.42 -41.53
C GLU E 476 13.99 -55.22 -42.20
N VAL E 477 12.76 -55.34 -42.70
CA VAL E 477 12.06 -54.25 -43.38
C VAL E 477 11.04 -53.66 -42.43
N GLY E 478 10.96 -52.33 -42.39
CA GLY E 478 9.98 -51.64 -41.59
C GLY E 478 9.34 -50.50 -42.39
N TYR E 479 8.38 -49.84 -41.75
CA TYR E 479 7.63 -48.77 -42.38
C TYR E 479 8.36 -47.44 -42.21
N ASP E 480 8.49 -46.71 -43.31
CA ASP E 480 9.10 -45.40 -43.30
C ASP E 480 7.99 -44.36 -43.36
N ALA E 481 8.02 -43.41 -42.42
CA ALA E 481 7.00 -42.37 -42.37
C ALA E 481 7.34 -41.17 -43.24
N MET E 482 8.58 -41.07 -43.74
CA MET E 482 8.91 -39.99 -44.67
C MET E 482 8.48 -40.34 -46.09
N ALA E 483 8.84 -41.53 -46.56
CA ALA E 483 8.44 -41.99 -47.88
C ALA E 483 7.10 -42.70 -47.89
N GLY E 484 6.58 -43.10 -46.74
CA GLY E 484 5.31 -43.78 -46.68
C GLY E 484 5.30 -45.16 -47.33
N ASP E 485 6.34 -45.95 -47.10
CA ASP E 485 6.42 -47.28 -47.69
C ASP E 485 7.24 -48.18 -46.77
N PHE E 486 6.99 -49.48 -46.89
CA PHE E 486 7.77 -50.47 -46.14
C PHE E 486 9.11 -50.67 -46.83
N VAL E 487 10.18 -50.32 -46.14
CA VAL E 487 11.52 -50.34 -46.70
C VAL E 487 12.44 -51.08 -45.74
N ASN E 488 13.49 -51.67 -46.27
CA ASN E 488 14.52 -52.25 -45.42
C ASN E 488 15.14 -51.14 -44.58
N MET E 489 15.15 -51.34 -43.27
CA MET E 489 15.34 -50.24 -42.34
C MET E 489 16.81 -49.94 -42.04
N VAL E 490 17.68 -50.95 -42.12
CA VAL E 490 19.04 -50.81 -41.60
C VAL E 490 19.85 -49.80 -42.42
N GLU E 491 19.82 -49.91 -43.75
CA GLU E 491 20.72 -49.16 -44.60
C GLU E 491 20.12 -47.87 -45.14
N LYS E 492 18.79 -47.69 -45.03
CA LYS E 492 18.21 -46.40 -45.37
C LYS E 492 18.69 -45.30 -44.42
N GLY E 493 18.87 -45.65 -43.14
CA GLY E 493 19.43 -44.72 -42.20
C GLY E 493 18.52 -44.41 -41.03
N ILE E 494 17.47 -45.21 -40.86
CA ILE E 494 16.49 -44.99 -39.80
C ILE E 494 16.82 -46.00 -38.69
N ILE E 495 17.64 -45.55 -37.75
CA ILE E 495 18.13 -46.38 -36.65
C ILE E 495 18.32 -45.48 -35.44
N ASP E 496 18.09 -46.04 -34.26
CA ASP E 496 18.35 -45.37 -33.00
C ASP E 496 19.17 -46.31 -32.13
N PRO E 497 19.87 -45.77 -31.13
CA PRO E 497 20.55 -46.63 -30.17
C PRO E 497 19.54 -47.54 -29.46
N THR E 498 20.04 -48.64 -28.92
CA THR E 498 19.19 -49.46 -28.08
C THR E 498 19.17 -48.99 -26.63
N LYS E 499 20.08 -48.08 -26.27
CA LYS E 499 20.02 -47.44 -24.96
C LYS E 499 18.75 -46.60 -24.82
N VAL E 500 18.37 -45.86 -25.86
CA VAL E 500 17.19 -44.99 -25.75
C VAL E 500 15.93 -45.82 -25.56
N VAL E 501 15.78 -46.89 -26.36
CA VAL E 501 14.59 -47.72 -26.24
C VAL E 501 14.59 -48.48 -24.91
N ARG E 502 15.76 -48.95 -24.47
CA ARG E 502 15.88 -49.57 -23.15
C ARG E 502 15.41 -48.63 -22.05
N THR E 503 15.95 -47.41 -22.04
CA THR E 503 15.63 -46.44 -21.00
C THR E 503 14.17 -46.02 -21.09
N ALA E 504 13.65 -45.86 -22.30
CA ALA E 504 12.25 -45.49 -22.45
C ALA E 504 11.33 -46.55 -21.87
N LEU E 505 11.59 -47.83 -22.19
CA LEU E 505 10.75 -48.89 -21.65
C LEU E 505 10.88 -49.00 -20.13
N LEU E 506 12.11 -48.87 -19.61
CA LEU E 506 12.31 -48.94 -18.17
C LEU E 506 11.58 -47.82 -17.44
N ASP E 507 11.81 -46.57 -17.87
CA ASP E 507 11.17 -45.43 -17.21
C ASP E 507 9.66 -45.48 -17.35
N ALA E 508 9.16 -45.89 -18.52
CA ALA E 508 7.73 -46.00 -18.73
C ALA E 508 7.12 -47.01 -17.77
N ALA E 509 7.70 -48.22 -17.68
CA ALA E 509 7.15 -49.25 -16.80
C ALA E 509 7.24 -48.81 -15.34
N GLY E 510 8.32 -48.12 -14.97
CA GLY E 510 8.46 -47.67 -13.59
C GLY E 510 7.42 -46.65 -13.20
N VAL E 511 7.28 -45.58 -13.99
CA VAL E 511 6.31 -44.56 -13.64
C VAL E 511 4.89 -45.10 -13.76
N ALA E 512 4.66 -46.04 -14.67
CA ALA E 512 3.31 -46.58 -14.83
C ALA E 512 2.93 -47.43 -13.62
N SER E 513 3.88 -48.23 -13.10
CA SER E 513 3.62 -48.97 -11.87
C SER E 513 3.41 -48.02 -10.69
N LEU E 514 4.21 -46.95 -10.63
CA LEU E 514 4.02 -45.94 -9.59
C LEU E 514 2.63 -45.33 -9.65
N LEU E 515 2.15 -45.01 -10.85
CA LEU E 515 0.83 -44.41 -10.99
C LEU E 515 -0.26 -45.39 -10.61
N THR E 516 -0.12 -46.66 -11.02
CA THR E 516 -1.16 -47.65 -10.76
C THR E 516 -1.18 -48.12 -9.30
N THR E 517 -0.06 -48.07 -8.58
CA THR E 517 0.00 -48.64 -7.24
C THR E 517 0.07 -47.60 -6.14
N ALA E 518 0.09 -46.31 -6.45
CA ALA E 518 0.09 -45.30 -5.41
C ALA E 518 -1.26 -45.26 -4.71
N GLU E 519 -1.23 -45.22 -3.38
CA GLU E 519 -2.45 -45.33 -2.59
C GLU E 519 -2.95 -44.01 -2.03
N VAL E 520 -2.06 -43.13 -1.59
CA VAL E 520 -2.43 -41.87 -0.99
C VAL E 520 -1.74 -40.76 -1.78
N VAL E 521 -2.47 -39.68 -2.04
CA VAL E 521 -1.94 -38.50 -2.70
C VAL E 521 -2.29 -37.30 -1.85
N VAL E 522 -1.27 -36.65 -1.29
CA VAL E 522 -1.44 -35.52 -0.40
C VAL E 522 -1.20 -34.24 -1.17
N THR E 523 -2.10 -33.27 -1.04
CA THR E 523 -2.10 -32.08 -1.86
C THR E 523 -2.44 -30.85 -1.04
N GLU E 524 -1.74 -29.76 -1.30
CA GLU E 524 -2.10 -28.47 -0.72
C GLU E 524 -3.49 -28.04 -1.17
N ILE E 525 -4.23 -27.44 -0.25
CA ILE E 525 -5.56 -26.91 -0.59
C ILE E 525 -5.39 -25.70 -1.50
N PRO E 526 -6.08 -25.65 -2.66
CA PRO E 526 -5.93 -24.53 -3.58
C PRO E 526 -6.48 -23.22 -3.02
N GLY F 1 5.60 -23.95 -12.77
CA GLY F 1 5.10 -23.34 -14.00
C GLY F 1 3.76 -22.68 -13.82
N SER F 2 3.19 -22.20 -14.92
CA SER F 2 1.89 -21.54 -14.91
C SER F 2 0.86 -22.46 -15.54
N ALA F 3 -0.31 -22.56 -14.92
CA ALA F 3 -1.35 -23.46 -15.40
C ALA F 3 -1.73 -23.12 -16.84
N LYS F 4 -1.95 -24.16 -17.63
CA LYS F 4 -2.24 -24.02 -19.05
C LYS F 4 -3.61 -24.60 -19.36
N ASP F 5 -4.23 -24.07 -20.42
CA ASP F 5 -5.40 -24.68 -21.04
C ASP F 5 -4.94 -25.30 -22.35
N VAL F 6 -5.18 -26.59 -22.52
CA VAL F 6 -4.75 -27.33 -23.70
C VAL F 6 -6.00 -27.74 -24.47
N LYS F 7 -6.04 -27.40 -25.76
CA LYS F 7 -7.15 -27.69 -26.62
C LYS F 7 -6.64 -28.48 -27.82
N PHE F 8 -7.47 -29.38 -28.33
CA PHE F 8 -7.04 -30.37 -29.29
C PHE F 8 -7.89 -30.32 -30.56
N GLY F 9 -7.22 -30.42 -31.70
CA GLY F 9 -7.91 -30.70 -32.96
C GLY F 9 -8.80 -29.56 -33.41
N ALA F 10 -9.91 -29.95 -34.04
CA ALA F 10 -10.81 -28.98 -34.65
C ALA F 10 -11.43 -28.05 -33.62
N ASP F 11 -11.46 -28.44 -32.35
CA ASP F 11 -11.96 -27.55 -31.31
C ASP F 11 -11.12 -26.29 -31.21
N ALA F 12 -9.79 -26.45 -31.24
CA ALA F 12 -8.89 -25.30 -31.22
C ALA F 12 -8.79 -24.64 -32.59
N ARG F 13 -8.84 -25.44 -33.65
CA ARG F 13 -8.72 -24.89 -35.00
C ARG F 13 -9.90 -23.99 -35.33
N ALA F 14 -11.10 -24.31 -34.84
CA ALA F 14 -12.26 -23.45 -35.07
C ALA F 14 -12.05 -22.08 -34.45
N LEU F 15 -11.58 -22.03 -33.21
CA LEU F 15 -11.35 -20.75 -32.54
C LEU F 15 -10.26 -19.95 -33.24
N MET F 16 -9.18 -20.61 -33.64
CA MET F 16 -8.12 -19.91 -34.36
C MET F 16 -8.63 -19.36 -35.68
N LEU F 17 -9.46 -20.12 -36.41
CA LEU F 17 -10.05 -19.61 -37.63
C LEU F 17 -11.00 -18.45 -37.37
N GLN F 18 -11.68 -18.44 -36.23
CA GLN F 18 -12.50 -17.28 -35.89
C GLN F 18 -11.64 -16.04 -35.68
N GLY F 19 -10.49 -16.21 -35.04
CA GLY F 19 -9.55 -15.11 -34.91
C GLY F 19 -9.04 -14.60 -36.24
N VAL F 20 -8.67 -15.51 -37.14
CA VAL F 20 -8.13 -15.07 -38.44
C VAL F 20 -9.25 -14.46 -39.28
N ASP F 21 -10.49 -14.90 -39.08
CA ASP F 21 -11.62 -14.29 -39.75
C ASP F 21 -11.82 -12.85 -39.29
N LEU F 22 -11.76 -12.61 -37.98
CA LEU F 22 -11.85 -11.23 -37.51
C LEU F 22 -10.73 -10.36 -38.07
N LEU F 23 -9.50 -10.88 -38.05
CA LEU F 23 -8.37 -10.13 -38.59
C LEU F 23 -8.57 -9.80 -40.07
N ALA F 24 -8.93 -10.80 -40.86
CA ALA F 24 -9.01 -10.62 -42.30
C ALA F 24 -10.24 -9.81 -42.70
N ASP F 25 -11.30 -9.85 -41.89
CA ASP F 25 -12.44 -8.97 -42.15
C ASP F 25 -12.11 -7.52 -41.80
N ALA F 26 -11.31 -7.30 -40.76
CA ALA F 26 -10.90 -5.94 -40.44
C ALA F 26 -9.96 -5.39 -41.50
N VAL F 27 -9.06 -6.21 -42.05
CA VAL F 27 -8.06 -5.69 -42.97
C VAL F 27 -8.49 -5.78 -44.43
N ALA F 28 -9.50 -6.58 -44.75
CA ALA F 28 -9.86 -6.81 -46.14
C ALA F 28 -10.62 -5.64 -46.74
N VAL F 29 -11.20 -4.78 -45.90
CA VAL F 29 -11.96 -3.63 -46.39
C VAL F 29 -11.06 -2.52 -46.89
N THR F 30 -9.78 -2.57 -46.55
CA THR F 30 -8.83 -1.52 -46.88
C THR F 30 -8.04 -1.81 -48.15
N MET F 31 -8.29 -2.91 -48.85
CA MET F 31 -7.42 -3.34 -49.92
C MET F 31 -7.84 -2.78 -51.26
N GLY F 32 -6.86 -2.37 -52.05
CA GLY F 32 -7.07 -1.66 -53.29
C GLY F 32 -6.75 -0.20 -53.12
N PRO F 33 -7.03 0.60 -54.14
CA PRO F 33 -6.96 2.07 -54.00
C PRO F 33 -8.27 2.69 -53.56
N LYS F 34 -9.32 1.88 -53.46
CA LYS F 34 -10.64 2.28 -52.97
C LYS F 34 -10.95 1.57 -51.66
N GLY F 35 -9.96 1.43 -50.80
CA GLY F 35 -10.17 0.69 -49.57
C GLY F 35 -10.94 1.51 -48.55
N ARG F 36 -11.91 0.85 -47.91
CA ARG F 36 -12.79 1.51 -46.96
C ARG F 36 -12.00 1.97 -45.73
N THR F 37 -12.70 2.62 -44.82
CA THR F 37 -12.11 3.34 -43.71
C THR F 37 -12.20 2.54 -42.42
N VAL F 38 -11.12 2.55 -41.65
CA VAL F 38 -11.08 1.94 -40.32
C VAL F 38 -10.78 3.04 -39.32
N ILE F 39 -11.54 3.07 -38.23
CA ILE F 39 -11.38 4.05 -37.17
C ILE F 39 -10.89 3.30 -35.95
N ILE F 40 -9.64 3.51 -35.59
CA ILE F 40 -9.01 2.84 -34.46
C ILE F 40 -8.98 3.82 -33.30
N GLU F 41 -9.72 3.51 -32.23
CA GLU F 41 -9.75 4.38 -31.07
C GLU F 41 -8.39 4.41 -30.39
N GLN F 42 -7.89 5.61 -30.12
CA GLN F 42 -6.68 5.81 -29.34
C GLN F 42 -7.06 6.20 -27.93
N SER F 43 -6.33 5.65 -26.96
CA SER F 43 -6.69 5.80 -25.56
C SER F 43 -6.21 7.11 -24.94
N TRP F 44 -5.53 7.96 -25.71
CA TRP F 44 -4.98 9.20 -25.18
C TRP F 44 -5.41 10.44 -25.93
N GLY F 45 -6.00 10.32 -27.12
CA GLY F 45 -6.37 11.48 -27.92
C GLY F 45 -7.57 11.19 -28.77
N SER F 46 -7.51 11.61 -30.02
CA SER F 46 -8.49 11.49 -31.10
C SER F 46 -8.31 10.17 -31.83
N PRO F 47 -9.41 9.54 -32.26
CA PRO F 47 -9.31 8.26 -32.95
C PRO F 47 -8.47 8.36 -34.21
N LYS F 48 -7.83 7.26 -34.57
CA LYS F 48 -6.99 7.22 -35.76
C LYS F 48 -7.80 6.65 -36.93
N VAL F 49 -7.94 7.46 -37.97
CA VAL F 49 -8.70 7.09 -39.16
C VAL F 49 -7.71 6.72 -40.25
N THR F 50 -7.75 5.46 -40.69
CA THR F 50 -6.75 4.93 -41.60
C THR F 50 -7.42 4.10 -42.68
N LYS F 51 -6.73 3.96 -43.80
CA LYS F 51 -7.20 3.15 -44.92
C LYS F 51 -6.17 2.14 -45.39
N ASP F 52 -5.10 1.91 -44.61
CA ASP F 52 -4.06 0.96 -44.97
C ASP F 52 -4.08 -0.22 -44.01
N GLY F 53 -3.84 -1.42 -44.55
CA GLY F 53 -4.03 -2.66 -43.81
C GLY F 53 -2.98 -2.95 -42.76
N VAL F 54 -1.80 -2.33 -42.86
CA VAL F 54 -0.76 -2.63 -41.88
C VAL F 54 -1.14 -2.07 -40.51
N THR F 55 -1.63 -0.82 -40.47
CA THR F 55 -2.07 -0.23 -39.22
C THR F 55 -3.28 -0.95 -38.66
N VAL F 56 -4.23 -1.31 -39.53
CA VAL F 56 -5.43 -2.01 -39.08
C VAL F 56 -5.06 -3.36 -38.48
N ALA F 57 -4.15 -4.08 -39.14
CA ALA F 57 -3.75 -5.40 -38.66
C ALA F 57 -3.01 -5.30 -37.34
N LYS F 58 -2.06 -4.36 -37.23
CA LYS F 58 -1.33 -4.24 -35.98
C LYS F 58 -2.19 -3.66 -34.87
N SER F 59 -3.34 -3.08 -35.21
CA SER F 59 -4.21 -2.50 -34.18
C SER F 59 -4.95 -3.57 -33.39
N ILE F 60 -5.49 -4.58 -34.07
CA ILE F 60 -6.43 -5.49 -33.41
C ILE F 60 -5.66 -6.44 -32.51
N ASP F 61 -6.31 -6.83 -31.41
CA ASP F 61 -5.77 -7.81 -30.46
C ASP F 61 -6.98 -8.47 -29.80
N LEU F 62 -7.33 -9.67 -30.24
CA LEU F 62 -8.52 -10.32 -29.72
C LEU F 62 -8.33 -10.70 -28.26
N LYS F 63 -9.43 -10.65 -27.50
CA LYS F 63 -9.38 -11.03 -26.09
C LYS F 63 -9.27 -12.53 -25.90
N ASP F 64 -10.03 -13.30 -26.67
CA ASP F 64 -9.94 -14.76 -26.59
C ASP F 64 -8.54 -15.22 -26.97
N LYS F 65 -8.00 -16.14 -26.18
CA LYS F 65 -6.61 -16.55 -26.36
C LYS F 65 -6.40 -17.33 -27.64
N TYR F 66 -7.31 -18.27 -27.95
CA TYR F 66 -7.16 -19.08 -29.14
C TYR F 66 -7.39 -18.26 -30.40
N LYS F 67 -8.44 -17.43 -30.39
CA LYS F 67 -8.66 -16.49 -31.49
C LYS F 67 -7.50 -15.53 -31.64
N ASN F 68 -6.97 -15.02 -30.52
CA ASN F 68 -5.85 -14.10 -30.58
C ASN F 68 -4.62 -14.76 -31.16
N ILE F 69 -4.38 -16.02 -30.85
CA ILE F 69 -3.16 -16.61 -31.39
C ILE F 69 -3.35 -17.03 -32.84
N GLY F 70 -4.57 -17.35 -33.27
CA GLY F 70 -4.80 -17.51 -34.71
C GLY F 70 -4.58 -16.21 -35.47
N ALA F 71 -5.13 -15.11 -34.94
CA ALA F 71 -4.94 -13.80 -35.54
C ALA F 71 -3.48 -13.41 -35.57
N LYS F 72 -2.76 -13.68 -34.47
CA LYS F 72 -1.33 -13.39 -34.39
C LYS F 72 -0.55 -14.24 -35.38
N LEU F 73 -0.95 -15.50 -35.56
CA LEU F 73 -0.27 -16.37 -36.51
C LEU F 73 -0.37 -15.84 -37.92
N VAL F 74 -1.55 -15.38 -38.32
CA VAL F 74 -1.68 -14.81 -39.68
C VAL F 74 -1.06 -13.41 -39.76
N GLN F 75 -1.07 -12.69 -38.64
CA GLN F 75 -0.61 -11.31 -38.59
C GLN F 75 0.90 -11.23 -38.70
N ASP F 76 1.63 -12.07 -37.96
CA ASP F 76 3.08 -12.07 -38.00
C ASP F 76 3.63 -12.65 -39.29
N VAL F 77 2.76 -13.13 -40.16
CA VAL F 77 3.15 -13.62 -41.48
C VAL F 77 2.87 -12.59 -42.56
N ALA F 78 1.75 -11.86 -42.42
CA ALA F 78 1.56 -10.65 -43.20
C ALA F 78 2.70 -9.66 -42.95
N ASN F 79 3.12 -9.52 -41.68
CA ASN F 79 4.28 -8.69 -41.37
C ASN F 79 5.53 -9.20 -42.06
N ASN F 80 5.69 -10.53 -42.15
CA ASN F 80 6.86 -11.08 -42.83
C ASN F 80 6.86 -10.71 -44.31
N THR F 81 5.69 -10.77 -44.95
CA THR F 81 5.59 -10.34 -46.34
C THR F 81 5.93 -8.86 -46.48
N ASN F 82 5.41 -8.03 -45.56
CA ASN F 82 5.72 -6.60 -45.56
C ASN F 82 7.22 -6.36 -45.41
N GLU F 83 7.86 -7.07 -44.49
CA GLU F 83 9.26 -6.80 -44.19
C GLU F 83 10.17 -7.32 -45.29
N GLU F 84 9.85 -8.47 -45.88
CA GLU F 84 10.71 -8.99 -46.93
C GLU F 84 10.52 -8.27 -48.26
N ALA F 85 9.30 -7.79 -48.58
CA ALA F 85 9.07 -7.23 -49.90
C ALA F 85 8.36 -5.89 -49.94
N GLY F 86 8.06 -5.27 -48.80
CA GLY F 86 7.49 -3.95 -48.79
C GLY F 86 6.01 -3.86 -49.11
N ASP F 87 5.39 -4.96 -49.53
CA ASP F 87 3.97 -5.01 -49.85
C ASP F 87 3.45 -6.38 -49.47
N GLY F 88 2.15 -6.59 -49.67
CA GLY F 88 1.55 -7.90 -49.57
C GLY F 88 0.81 -8.21 -48.29
N THR F 89 0.80 -7.30 -47.31
CA THR F 89 0.22 -7.62 -46.02
C THR F 89 -1.26 -7.98 -46.13
N THR F 90 -2.05 -7.10 -46.76
CA THR F 90 -3.49 -7.34 -46.88
C THR F 90 -3.77 -8.49 -47.84
N THR F 91 -2.99 -8.59 -48.92
CA THR F 91 -3.20 -9.69 -49.86
C THR F 91 -2.84 -11.02 -49.22
N ALA F 92 -1.72 -11.08 -48.50
CA ALA F 92 -1.38 -12.29 -47.77
C ALA F 92 -2.44 -12.65 -46.76
N THR F 93 -2.99 -11.65 -46.07
CA THR F 93 -4.01 -11.92 -45.06
C THR F 93 -5.28 -12.50 -45.69
N VAL F 94 -5.75 -11.90 -46.78
CA VAL F 94 -6.99 -12.37 -47.38
C VAL F 94 -6.80 -13.73 -48.03
N LEU F 95 -5.63 -13.97 -48.65
CA LEU F 95 -5.33 -15.27 -49.22
C LEU F 95 -5.21 -16.34 -48.14
N ALA F 96 -4.57 -16.00 -47.02
CA ALA F 96 -4.42 -16.94 -45.93
C ALA F 96 -5.76 -17.33 -45.35
N ARG F 97 -6.64 -16.35 -45.12
CA ARG F 97 -7.97 -16.68 -44.61
C ARG F 97 -8.76 -17.51 -45.61
N SER F 98 -8.69 -17.17 -46.90
CA SER F 98 -9.39 -17.95 -47.90
C SER F 98 -8.94 -19.41 -47.88
N ILE F 99 -7.62 -19.63 -47.96
CA ILE F 99 -7.09 -20.99 -48.00
C ILE F 99 -7.43 -21.73 -46.72
N ALA F 100 -7.28 -21.06 -45.57
CA ALA F 100 -7.53 -21.71 -44.29
C ALA F 100 -9.00 -22.09 -44.13
N LYS F 101 -9.92 -21.20 -44.51
CA LYS F 101 -11.34 -21.51 -44.37
C LYS F 101 -11.77 -22.62 -45.31
N GLU F 102 -11.31 -22.57 -46.57
CA GLU F 102 -11.66 -23.64 -47.49
C GLU F 102 -11.09 -24.98 -47.04
N GLY F 103 -9.85 -24.98 -46.55
CA GLY F 103 -9.27 -26.21 -46.04
C GLY F 103 -9.99 -26.74 -44.82
N PHE F 104 -10.41 -25.84 -43.93
CA PHE F 104 -11.16 -26.27 -42.75
C PHE F 104 -12.49 -26.91 -43.16
N GLU F 105 -13.20 -26.30 -44.11
CA GLU F 105 -14.44 -26.89 -44.59
C GLU F 105 -14.21 -28.25 -45.21
N LYS F 106 -13.16 -28.38 -46.04
CA LYS F 106 -12.89 -29.67 -46.68
C LYS F 106 -12.48 -30.73 -45.66
N ILE F 107 -11.68 -30.35 -44.67
CA ILE F 107 -11.20 -31.31 -43.67
C ILE F 107 -12.32 -31.75 -42.75
N SER F 108 -13.24 -30.84 -42.40
CA SER F 108 -14.32 -31.22 -41.49
C SER F 108 -15.37 -32.11 -42.16
N LYS F 109 -15.12 -32.56 -43.38
CA LYS F 109 -15.97 -33.52 -44.06
C LYS F 109 -15.37 -34.91 -44.10
N GLY F 110 -14.08 -35.06 -43.76
CA GLY F 110 -13.46 -36.37 -43.70
C GLY F 110 -12.18 -36.47 -44.50
N ALA F 111 -11.68 -35.33 -44.98
CA ALA F 111 -10.49 -35.31 -45.82
C ALA F 111 -9.22 -35.31 -44.98
N ASN F 112 -8.15 -35.84 -45.57
CA ASN F 112 -6.86 -35.92 -44.90
C ASN F 112 -6.17 -34.56 -44.96
N PRO F 113 -5.82 -33.96 -43.82
CA PRO F 113 -5.13 -32.65 -43.86
C PRO F 113 -3.83 -32.68 -44.63
N VAL F 114 -3.07 -33.78 -44.56
CA VAL F 114 -1.76 -33.82 -45.19
C VAL F 114 -1.89 -33.90 -46.71
N GLU F 115 -2.89 -34.64 -47.19
CA GLU F 115 -3.10 -34.70 -48.64
C GLU F 115 -3.58 -33.37 -49.19
N ILE F 116 -4.47 -32.68 -48.47
CA ILE F 116 -4.89 -31.35 -48.89
C ILE F 116 -3.71 -30.39 -48.89
N ARG F 117 -2.84 -30.50 -47.88
CA ARG F 117 -1.66 -29.65 -47.84
C ARG F 117 -0.75 -29.92 -49.03
N ARG F 118 -0.60 -31.20 -49.41
CA ARG F 118 0.22 -31.53 -50.57
C ARG F 118 -0.37 -30.95 -51.85
N GLY F 119 -1.68 -31.09 -52.04
CA GLY F 119 -2.33 -30.50 -53.21
C GLY F 119 -2.21 -29.00 -53.26
N VAL F 120 -2.34 -28.35 -52.09
CA VAL F 120 -2.21 -26.90 -52.03
C VAL F 120 -0.80 -26.47 -52.38
N MET F 121 0.20 -27.19 -51.89
CA MET F 121 1.59 -26.86 -52.22
C MET F 121 1.86 -27.06 -53.70
N LEU F 122 1.31 -28.12 -54.29
CA LEU F 122 1.48 -28.34 -55.72
C LEU F 122 0.88 -27.20 -56.53
N ALA F 123 -0.34 -26.78 -56.17
CA ALA F 123 -0.98 -25.68 -56.86
C ALA F 123 -0.21 -24.38 -56.68
N VAL F 124 0.30 -24.13 -55.48
CA VAL F 124 1.02 -22.90 -55.21
C VAL F 124 2.32 -22.87 -56.01
N ASP F 125 3.01 -24.01 -56.10
CA ASP F 125 4.24 -24.06 -56.89
C ASP F 125 3.96 -23.84 -58.36
N ALA F 126 2.88 -24.44 -58.88
CA ALA F 126 2.51 -24.19 -60.27
C ALA F 126 2.24 -22.71 -60.52
N VAL F 127 1.50 -22.08 -59.61
CA VAL F 127 1.18 -20.66 -59.76
C VAL F 127 2.44 -19.81 -59.68
N ILE F 128 3.36 -20.15 -58.77
CA ILE F 128 4.58 -19.38 -58.64
C ILE F 128 5.43 -19.50 -59.90
N ALA F 129 5.47 -20.68 -60.51
CA ALA F 129 6.20 -20.85 -61.76
C ALA F 129 5.56 -20.04 -62.88
N GLU F 130 4.24 -20.08 -62.99
CA GLU F 130 3.53 -19.26 -63.98
C GLU F 130 3.83 -17.79 -63.80
N LEU F 131 3.84 -17.33 -62.54
CA LEU F 131 4.00 -15.93 -62.23
C LEU F 131 5.46 -15.49 -62.38
N LYS F 132 6.41 -16.41 -62.24
CA LYS F 132 7.79 -16.14 -62.64
C LYS F 132 7.91 -15.98 -64.15
N LYS F 133 7.27 -16.88 -64.90
CA LYS F 133 7.45 -16.86 -66.35
C LYS F 133 6.65 -15.75 -67.03
N GLN F 134 5.63 -15.21 -66.36
CA GLN F 134 4.89 -14.07 -66.89
C GLN F 134 5.50 -12.73 -66.52
N SER F 135 6.53 -12.73 -65.68
CA SER F 135 7.14 -11.48 -65.22
C SER F 135 7.85 -10.77 -66.35
N LYS F 136 7.82 -9.44 -66.31
CA LYS F 136 8.53 -8.58 -67.24
C LYS F 136 9.49 -7.68 -66.47
N PRO F 137 10.67 -7.41 -67.02
CA PRO F 137 11.64 -6.56 -66.31
C PRO F 137 11.38 -5.08 -66.54
N VAL F 138 11.93 -4.28 -65.65
CA VAL F 138 11.80 -2.83 -65.73
C VAL F 138 12.75 -2.31 -66.81
N THR F 139 12.28 -1.32 -67.59
CA THR F 139 13.06 -0.80 -68.71
C THR F 139 13.09 0.72 -68.76
N THR F 140 12.52 1.41 -67.78
CA THR F 140 12.43 2.87 -67.82
C THR F 140 12.19 3.37 -66.40
N PRO F 141 12.69 4.56 -66.06
CA PRO F 141 12.39 5.12 -64.72
C PRO F 141 10.92 5.43 -64.52
N GLU F 142 10.15 5.51 -65.59
CA GLU F 142 8.71 5.75 -65.45
C GLU F 142 8.04 4.57 -64.76
N GLU F 143 8.45 3.34 -65.09
CA GLU F 143 7.95 2.18 -64.37
C GLU F 143 8.42 2.15 -62.92
N ILE F 144 9.64 2.64 -62.67
CA ILE F 144 10.12 2.76 -61.29
C ILE F 144 9.22 3.68 -60.50
N ALA F 145 8.84 4.83 -61.09
CA ALA F 145 7.90 5.72 -60.43
C ALA F 145 6.55 5.06 -60.24
N GLN F 146 6.08 4.30 -61.24
CA GLN F 146 4.82 3.59 -61.11
C GLN F 146 4.82 2.67 -59.88
N VAL F 147 5.84 1.82 -59.78
CA VAL F 147 5.87 0.83 -58.70
C VAL F 147 6.08 1.51 -57.35
N ALA F 148 6.89 2.58 -57.32
CA ALA F 148 7.09 3.29 -56.07
C ALA F 148 5.81 3.95 -55.59
N THR F 149 5.03 4.53 -56.51
CA THR F 149 3.79 5.18 -56.13
C THR F 149 2.75 4.15 -55.70
N ILE F 150 2.66 3.02 -56.39
CA ILE F 150 1.72 1.99 -55.97
C ILE F 150 2.08 1.44 -54.60
N SER F 151 3.37 1.20 -54.35
CA SER F 151 3.78 0.62 -53.09
C SER F 151 3.75 1.62 -51.94
N ALA F 152 3.33 2.86 -52.19
CA ALA F 152 3.29 3.90 -51.15
C ALA F 152 1.88 4.40 -50.91
N ASN F 153 0.86 3.58 -51.23
CA ASN F 153 -0.54 3.96 -51.08
C ASN F 153 -0.90 5.13 -52.00
N GLY F 154 -0.47 5.02 -53.26
CA GLY F 154 -0.73 6.06 -54.24
C GLY F 154 -0.20 7.42 -53.85
N ASP F 155 0.98 7.46 -53.23
CA ASP F 155 1.64 8.72 -52.86
C ASP F 155 2.58 9.09 -54.00
N LYS F 156 2.17 10.08 -54.80
CA LYS F 156 2.98 10.50 -55.94
C LYS F 156 4.30 11.10 -55.50
N GLU F 157 4.34 11.72 -54.32
CA GLU F 157 5.57 12.33 -53.84
C GLU F 157 6.63 11.27 -53.56
N ILE F 158 6.25 10.20 -52.86
CA ILE F 158 7.20 9.13 -52.55
C ILE F 158 7.68 8.47 -53.83
N GLY F 159 6.76 8.17 -54.74
CA GLY F 159 7.16 7.59 -56.02
C GLY F 159 8.13 8.49 -56.76
N ASN F 160 7.85 9.79 -56.80
CA ASN F 160 8.71 10.72 -57.52
C ASN F 160 10.09 10.83 -56.90
N ILE F 161 10.17 10.90 -55.56
CA ILE F 161 11.47 11.03 -54.93
C ILE F 161 12.29 9.76 -55.10
N ILE F 162 11.64 8.59 -55.01
CA ILE F 162 12.37 7.34 -55.20
C ILE F 162 12.84 7.21 -56.64
N SER F 163 12.00 7.60 -57.61
CA SER F 163 12.41 7.56 -59.00
C SER F 163 13.55 8.52 -59.28
N ASP F 164 13.51 9.72 -58.67
CA ASP F 164 14.61 10.67 -58.85
C ASP F 164 15.91 10.13 -58.25
N ALA F 165 15.83 9.51 -57.07
CA ALA F 165 17.02 8.91 -56.47
C ALA F 165 17.57 7.79 -57.34
N MET F 166 16.71 6.96 -57.91
CA MET F 166 17.17 5.88 -58.77
C MET F 166 17.69 6.39 -60.12
N LYS F 167 17.24 7.55 -60.57
CA LYS F 167 17.83 8.15 -61.76
C LYS F 167 19.20 8.74 -61.44
N LYS F 168 19.35 9.35 -60.26
CA LYS F 168 20.62 10.00 -59.91
C LYS F 168 21.70 8.98 -59.59
N VAL F 169 21.37 7.95 -58.81
CA VAL F 169 22.36 6.98 -58.34
C VAL F 169 22.38 5.74 -59.23
N GLY F 170 21.22 5.16 -59.48
CA GLY F 170 21.11 3.98 -60.33
C GLY F 170 20.05 3.04 -59.80
N ARG F 171 19.56 2.17 -60.69
CA ARG F 171 18.56 1.18 -60.29
C ARG F 171 19.10 0.24 -59.23
N LYS F 172 20.33 -0.22 -59.41
CA LYS F 172 21.01 -1.09 -58.45
C LYS F 172 21.96 -0.32 -57.55
N GLY F 173 21.70 0.96 -57.33
CA GLY F 173 22.56 1.78 -56.51
C GLY F 173 22.24 1.67 -55.04
N VAL F 174 22.79 2.62 -54.27
CA VAL F 174 22.62 2.66 -52.82
C VAL F 174 21.72 3.84 -52.47
N ILE F 175 20.54 3.54 -51.92
CA ILE F 175 19.59 4.54 -51.46
C ILE F 175 19.25 4.22 -50.01
N THR F 176 19.32 5.23 -49.15
CA THR F 176 18.98 5.08 -47.74
C THR F 176 17.97 6.15 -47.35
N VAL F 177 17.21 5.86 -46.30
CA VAL F 177 16.13 6.74 -45.84
C VAL F 177 16.35 7.04 -44.36
N LYS F 178 16.70 8.28 -44.05
CA LYS F 178 16.84 8.77 -42.69
C LYS F 178 15.78 9.84 -42.43
N ASP F 179 15.73 10.30 -41.17
CA ASP F 179 14.76 11.32 -40.80
C ASP F 179 15.24 12.71 -41.20
N GLY F 180 14.31 13.65 -41.23
CA GLY F 180 14.63 15.03 -41.52
C GLY F 180 13.92 15.99 -40.58
N LYS F 181 14.57 17.10 -40.26
CA LYS F 181 14.03 18.08 -39.32
C LYS F 181 13.22 19.18 -40.01
N THR F 182 13.11 19.15 -41.33
CA THR F 182 12.39 20.17 -42.07
C THR F 182 10.93 19.73 -42.26
N LEU F 183 10.19 20.46 -43.11
CA LEU F 183 8.80 20.16 -43.40
C LEU F 183 8.60 19.64 -44.82
N ASN F 184 9.68 19.39 -45.56
CA ASN F 184 9.57 18.94 -46.94
C ASN F 184 10.62 17.86 -47.20
N ASP F 185 10.18 16.76 -47.82
CA ASP F 185 11.12 15.70 -48.17
C ASP F 185 12.18 16.22 -49.13
N GLU F 186 13.44 15.94 -48.82
CA GLU F 186 14.57 16.38 -49.62
C GLU F 186 15.41 15.19 -50.06
N LEU F 187 15.95 15.29 -51.27
CA LEU F 187 16.82 14.27 -51.84
C LEU F 187 18.25 14.79 -51.82
N GLU F 188 19.16 14.00 -51.27
CA GLU F 188 20.56 14.40 -51.15
C GLU F 188 21.46 13.27 -51.59
N ILE F 189 22.43 13.57 -52.45
CA ILE F 189 23.47 12.63 -52.84
C ILE F 189 24.68 12.91 -51.98
N ILE F 190 25.06 11.94 -51.15
CA ILE F 190 26.12 12.11 -50.16
C ILE F 190 27.20 11.07 -50.45
N GLU F 191 28.46 11.50 -50.40
CA GLU F 191 29.58 10.60 -50.65
C GLU F 191 29.61 9.49 -49.59
N GLY F 192 29.99 8.30 -50.03
CA GLY F 192 30.00 7.14 -49.15
C GLY F 192 30.04 5.87 -49.95
N MET F 193 30.02 4.76 -49.21
CA MET F 193 30.17 3.43 -49.80
C MET F 193 29.24 2.44 -49.11
N LYS F 194 29.12 1.26 -49.70
CA LYS F 194 28.34 0.18 -49.13
C LYS F 194 28.76 -1.14 -49.78
N PHE F 195 29.02 -2.14 -48.95
CA PHE F 195 29.41 -3.47 -49.43
C PHE F 195 28.54 -4.52 -48.75
N ASP F 196 28.60 -5.74 -49.30
CA ASP F 196 27.63 -6.79 -49.01
C ASP F 196 28.04 -7.71 -47.88
N ARG F 197 28.83 -7.22 -46.91
CA ARG F 197 29.21 -8.02 -45.75
C ARG F 197 28.75 -7.29 -44.50
N GLY F 198 27.85 -7.91 -43.73
CA GLY F 198 27.34 -7.35 -42.51
C GLY F 198 28.17 -7.75 -41.30
N TYR F 199 27.69 -7.34 -40.13
CA TYR F 199 28.40 -7.65 -38.89
C TYR F 199 28.42 -9.15 -38.64
N ILE F 200 29.38 -9.58 -37.83
CA ILE F 200 29.57 -11.00 -37.55
C ILE F 200 28.79 -11.44 -36.31
N SER F 201 28.74 -10.59 -35.28
CA SER F 201 28.05 -10.91 -34.04
C SER F 201 26.89 -9.94 -33.86
N PRO F 202 25.64 -10.42 -33.80
CA PRO F 202 24.48 -9.54 -33.64
C PRO F 202 24.26 -9.08 -32.19
N TYR F 203 25.35 -8.73 -31.51
CA TYR F 203 25.30 -8.12 -30.19
C TYR F 203 25.73 -6.67 -30.21
N PHE F 204 26.14 -6.15 -31.37
CA PHE F 204 26.54 -4.76 -31.52
C PHE F 204 25.38 -3.85 -31.89
N ILE F 205 24.17 -4.39 -32.04
CA ILE F 205 23.04 -3.62 -32.53
C ILE F 205 22.70 -2.50 -31.54
N ASN F 206 22.91 -1.26 -31.97
CA ASN F 206 22.50 -0.12 -31.16
C ASN F 206 21.00 0.13 -31.23
N THR F 207 20.39 -0.15 -32.38
CA THR F 207 18.97 0.09 -32.61
C THR F 207 18.23 -1.23 -32.71
N SER F 208 17.07 -1.29 -32.05
CA SER F 208 16.22 -2.47 -32.08
C SER F 208 15.04 -2.30 -33.03
N LYS F 209 15.12 -1.37 -33.96
CA LYS F 209 14.05 -1.12 -34.92
C LYS F 209 14.24 -1.86 -36.24
N GLY F 210 15.47 -1.94 -36.74
CA GLY F 210 15.73 -2.59 -38.01
C GLY F 210 16.97 -3.46 -37.98
N GLN F 211 17.33 -3.95 -36.79
CA GLN F 211 18.51 -4.78 -36.60
C GLN F 211 19.77 -4.08 -37.12
N LYS F 212 19.87 -2.79 -36.84
CA LYS F 212 20.98 -1.96 -37.28
C LYS F 212 21.79 -1.50 -36.07
N CYS F 213 22.98 -0.98 -36.36
CA CYS F 213 23.83 -0.33 -35.35
C CYS F 213 24.29 1.01 -35.92
N GLU F 214 23.77 2.10 -35.36
CA GLU F 214 24.01 3.43 -35.86
C GLU F 214 25.09 4.12 -35.02
N PHE F 215 26.03 4.77 -35.71
CA PHE F 215 27.16 5.43 -35.07
C PHE F 215 27.31 6.84 -35.63
N GLN F 216 28.16 7.63 -34.98
CA GLN F 216 28.43 9.00 -35.39
C GLN F 216 29.91 9.28 -35.20
N ASP F 217 30.60 9.66 -36.28
CA ASP F 217 32.03 9.96 -36.25
C ASP F 217 32.82 8.78 -35.66
N ALA F 218 32.78 7.67 -36.38
CA ALA F 218 33.38 6.42 -35.93
C ALA F 218 34.72 6.18 -36.62
N TYR F 219 35.72 5.77 -35.84
CA TYR F 219 37.01 5.40 -36.40
C TYR F 219 36.90 4.08 -37.18
N VAL F 220 37.74 3.95 -38.20
CA VAL F 220 37.74 2.79 -39.07
C VAL F 220 39.08 2.08 -38.93
N LEU F 221 39.05 0.81 -38.56
CA LEU F 221 40.23 -0.04 -38.50
C LEU F 221 40.21 -1.01 -39.66
N LEU F 222 41.32 -1.07 -40.39
CA LEU F 222 41.47 -2.01 -41.50
C LEU F 222 42.62 -2.96 -41.20
N SER F 223 42.35 -4.26 -41.35
CA SER F 223 43.37 -5.27 -41.06
C SER F 223 43.15 -6.42 -42.03
N GLU F 224 43.93 -6.43 -43.12
CA GLU F 224 43.79 -7.47 -44.13
C GLU F 224 44.21 -8.84 -43.60
N LYS F 225 44.89 -8.89 -42.46
CA LYS F 225 45.25 -10.13 -41.80
C LYS F 225 44.54 -10.24 -40.46
N LYS F 226 44.51 -11.45 -39.92
CA LYS F 226 43.87 -11.71 -38.64
C LYS F 226 44.62 -11.02 -37.51
N ILE F 227 43.91 -10.76 -36.41
CA ILE F 227 44.52 -10.16 -35.24
C ILE F 227 45.53 -11.15 -34.65
N SER F 228 46.81 -10.78 -34.69
CA SER F 228 47.87 -11.68 -34.27
C SER F 228 48.14 -11.64 -32.78
N SER F 229 47.53 -10.73 -32.04
CA SER F 229 47.85 -10.57 -30.63
C SER F 229 46.78 -9.74 -29.95
N ILE F 230 46.33 -10.18 -28.77
CA ILE F 230 45.43 -9.37 -27.96
C ILE F 230 46.05 -8.01 -27.68
N GLN F 231 47.36 -8.00 -27.42
CA GLN F 231 48.10 -6.75 -27.24
C GLN F 231 48.26 -5.97 -28.55
N SER F 232 47.63 -6.42 -29.64
CA SER F 232 47.55 -5.64 -30.86
C SER F 232 46.19 -4.99 -31.09
N ILE F 233 45.14 -5.49 -30.43
CA ILE F 233 43.84 -4.84 -30.46
C ILE F 233 43.56 -4.08 -29.17
N VAL F 234 44.42 -4.23 -28.16
CA VAL F 234 44.34 -3.41 -26.95
C VAL F 234 44.76 -1.97 -27.27
N PRO F 235 45.90 -1.74 -27.93
CA PRO F 235 46.29 -0.34 -28.20
C PRO F 235 45.34 0.38 -29.14
N ALA F 236 44.74 -0.32 -30.10
CA ALA F 236 43.76 0.33 -30.97
C ALA F 236 42.53 0.76 -30.18
N LEU F 237 42.06 -0.10 -29.26
CA LEU F 237 40.95 0.28 -28.40
C LEU F 237 41.31 1.45 -27.51
N GLU F 238 42.55 1.47 -27.00
CA GLU F 238 42.99 2.60 -26.18
C GLU F 238 43.02 3.89 -26.98
N ILE F 239 43.51 3.82 -28.22
CA ILE F 239 43.55 5.00 -29.08
C ILE F 239 42.14 5.50 -29.37
N ALA F 240 41.21 4.58 -29.67
CA ALA F 240 39.84 4.97 -29.95
C ALA F 240 39.17 5.57 -28.72
N ASN F 241 39.46 5.03 -27.53
CA ASN F 241 38.86 5.56 -26.31
C ASN F 241 39.46 6.91 -25.93
N ALA F 242 40.72 7.14 -26.26
CA ALA F 242 41.38 8.40 -25.95
C ALA F 242 41.11 9.48 -27.00
N HIS F 243 40.31 9.20 -28.01
CA HIS F 243 39.99 10.16 -29.06
C HIS F 243 38.49 10.31 -29.24
N ARG F 244 37.72 10.03 -28.18
CA ARG F 244 36.28 10.29 -28.10
C ARG F 244 35.51 9.81 -29.33
N LYS F 245 35.99 8.75 -29.98
CA LYS F 245 35.32 8.24 -31.17
C LYS F 245 35.21 6.73 -31.11
N PRO F 246 34.12 6.16 -31.62
CA PRO F 246 33.97 4.70 -31.64
C PRO F 246 34.81 4.06 -32.74
N LEU F 247 34.88 2.74 -32.70
CA LEU F 247 35.69 1.95 -33.62
C LEU F 247 34.79 1.10 -34.51
N VAL F 248 35.18 0.98 -35.78
CA VAL F 248 34.51 0.10 -36.74
C VAL F 248 35.63 -0.69 -37.43
N ILE F 249 35.86 -1.91 -36.98
CA ILE F 249 37.00 -2.71 -37.43
C ILE F 249 36.55 -3.66 -38.53
N ILE F 250 37.43 -3.87 -39.51
CA ILE F 250 37.20 -4.82 -40.60
C ILE F 250 38.44 -5.70 -40.72
N ALA F 251 38.23 -7.01 -40.78
CA ALA F 251 39.33 -7.96 -40.81
C ALA F 251 38.90 -9.17 -41.65
N GLU F 252 39.66 -10.26 -41.52
CA GLU F 252 39.36 -11.47 -42.26
C GLU F 252 38.21 -12.25 -41.62
N ASP F 253 38.42 -12.70 -40.38
CA ASP F 253 37.43 -13.54 -39.69
C ASP F 253 37.65 -13.36 -38.19
N VAL F 254 36.81 -12.56 -37.55
CA VAL F 254 36.85 -12.34 -36.11
C VAL F 254 35.67 -13.09 -35.53
N ASP F 255 35.88 -14.37 -35.19
CA ASP F 255 34.81 -15.22 -34.68
C ASP F 255 35.11 -15.78 -33.30
N GLY F 256 36.30 -16.34 -33.09
CA GLY F 256 36.56 -17.12 -31.89
C GLY F 256 36.87 -16.34 -30.62
N GLU F 257 37.99 -15.62 -30.60
CA GLU F 257 38.51 -15.02 -29.38
C GLU F 257 38.33 -13.51 -29.32
N ALA F 258 38.80 -12.78 -30.34
CA ALA F 258 38.66 -11.34 -30.33
C ALA F 258 37.19 -10.92 -30.35
N LEU F 259 36.33 -11.74 -30.95
CA LEU F 259 34.89 -11.46 -30.92
C LEU F 259 34.35 -11.54 -29.50
N SER F 260 34.80 -12.52 -28.71
CA SER F 260 34.33 -12.64 -27.34
C SER F 260 34.77 -11.45 -26.50
N THR F 261 36.01 -11.00 -26.71
CA THR F 261 36.48 -9.82 -25.98
C THR F 261 35.72 -8.58 -26.41
N LEU F 262 35.46 -8.44 -27.71
CA LEU F 262 34.68 -7.30 -28.19
C LEU F 262 33.27 -7.31 -27.60
N VAL F 263 32.68 -8.49 -27.46
CA VAL F 263 31.31 -8.57 -26.96
C VAL F 263 31.27 -8.27 -25.47
N LEU F 264 32.21 -8.83 -24.69
CA LEU F 264 32.23 -8.52 -23.26
C LEU F 264 32.52 -7.03 -23.04
N ASN F 265 33.37 -6.44 -23.89
CA ASN F 265 33.58 -5.00 -23.83
C ASN F 265 32.32 -4.23 -24.20
N ARG F 266 31.51 -4.79 -25.11
CA ARG F 266 30.25 -4.15 -25.46
C ARG F 266 29.31 -4.06 -24.27
N LEU F 267 29.36 -5.04 -23.36
CA LEU F 267 28.55 -4.97 -22.15
C LEU F 267 28.91 -3.78 -21.27
N LYS F 268 30.13 -3.27 -21.37
CA LYS F 268 30.52 -2.10 -20.60
C LYS F 268 29.76 -0.88 -21.09
N VAL F 269 29.51 0.05 -20.15
CA VAL F 269 28.76 1.26 -20.46
C VAL F 269 29.63 2.20 -21.27
N GLY F 270 29.07 2.70 -22.38
CA GLY F 270 29.75 3.67 -23.21
C GLY F 270 30.79 3.11 -24.16
N LEU F 271 30.98 1.79 -24.21
CA LEU F 271 31.96 1.18 -25.10
C LEU F 271 31.23 0.72 -26.36
N GLN F 272 31.54 1.34 -27.49
CA GLN F 272 30.89 1.06 -28.76
C GLN F 272 31.93 0.64 -29.80
N VAL F 273 31.72 -0.54 -30.40
CA VAL F 273 32.62 -1.05 -31.43
C VAL F 273 31.90 -2.16 -32.17
N VAL F 274 32.12 -2.23 -33.48
CA VAL F 274 31.55 -3.28 -34.33
C VAL F 274 32.66 -3.90 -35.16
N ALA F 275 32.37 -5.08 -35.69
CA ALA F 275 33.33 -5.82 -36.51
C ALA F 275 32.63 -6.31 -37.77
N VAL F 276 33.35 -6.27 -38.89
CA VAL F 276 32.83 -6.73 -40.17
C VAL F 276 33.91 -7.56 -40.85
N LYS F 277 33.50 -8.67 -41.47
CA LYS F 277 34.45 -9.49 -42.20
C LYS F 277 34.82 -8.82 -43.52
N ALA F 278 35.90 -9.33 -44.13
CA ALA F 278 36.48 -8.69 -45.29
C ALA F 278 35.51 -8.73 -46.48
N PRO F 279 35.53 -7.70 -47.33
CA PRO F 279 34.52 -7.59 -48.39
C PRO F 279 34.53 -8.71 -49.41
N GLY F 280 35.68 -9.32 -49.70
CA GLY F 280 35.80 -10.21 -50.85
C GLY F 280 36.55 -11.48 -50.54
N PHE F 281 37.13 -12.07 -51.60
CA PHE F 281 37.74 -13.40 -51.52
C PHE F 281 39.15 -13.47 -52.07
N GLY F 282 39.58 -12.51 -52.86
CA GLY F 282 40.89 -12.57 -53.52
C GLY F 282 41.47 -11.20 -53.70
N ASP F 283 42.01 -10.94 -54.90
CA ASP F 283 42.54 -9.62 -55.20
C ASP F 283 41.50 -8.53 -55.02
N ASN F 284 40.22 -8.87 -55.24
CA ASN F 284 39.15 -7.90 -55.03
C ASN F 284 39.10 -7.45 -53.58
N ARG F 285 39.28 -8.39 -52.63
CA ARG F 285 39.29 -8.03 -51.22
C ARG F 285 40.38 -7.00 -50.93
N LYS F 286 41.60 -7.27 -51.41
CA LYS F 286 42.73 -6.39 -51.10
C LYS F 286 42.57 -5.03 -51.75
N ASN F 287 42.19 -4.98 -53.02
CA ASN F 287 42.12 -3.67 -53.67
C ASN F 287 40.91 -2.88 -53.17
N GLN F 288 39.81 -3.54 -52.79
CA GLN F 288 38.72 -2.81 -52.16
C GLN F 288 39.11 -2.28 -50.79
N LEU F 289 39.91 -3.04 -50.04
CA LEU F 289 40.43 -2.51 -48.78
C LEU F 289 41.32 -1.30 -49.02
N LYS F 290 42.13 -1.34 -50.08
CA LYS F 290 42.93 -0.17 -50.44
C LYS F 290 42.05 1.02 -50.79
N ASP F 291 40.97 0.77 -51.54
CA ASP F 291 40.04 1.83 -51.88
C ASP F 291 39.42 2.45 -50.63
N MET F 292 39.04 1.61 -49.66
CA MET F 292 38.44 2.13 -48.44
C MET F 292 39.45 2.91 -47.62
N ALA F 293 40.71 2.44 -47.58
CA ALA F 293 41.75 3.18 -46.89
C ALA F 293 41.97 4.55 -47.51
N ILE F 294 41.94 4.62 -48.85
CA ILE F 294 42.12 5.91 -49.51
C ILE F 294 40.89 6.79 -49.27
N ALA F 295 39.70 6.21 -49.25
CA ALA F 295 38.48 6.99 -49.11
C ALA F 295 38.30 7.55 -47.71
N THR F 296 38.77 6.82 -46.69
CA THR F 296 38.66 7.30 -45.32
C THR F 296 39.90 8.10 -44.90
N GLY F 297 41.08 7.53 -45.06
CA GLY F 297 42.31 8.24 -44.75
C GLY F 297 43.09 7.62 -43.62
N GLY F 298 44.27 7.09 -43.91
CA GLY F 298 45.06 6.41 -42.90
C GLY F 298 46.05 5.47 -43.56
N ALA F 299 46.36 4.40 -42.82
CA ALA F 299 47.32 3.40 -43.27
C ALA F 299 46.71 2.01 -43.10
N VAL F 300 46.95 1.15 -44.09
CA VAL F 300 46.52 -0.23 -44.01
C VAL F 300 47.47 -1.01 -43.10
N PHE F 301 46.91 -1.72 -42.13
CA PHE F 301 47.69 -2.53 -41.21
C PHE F 301 47.53 -4.00 -41.58
N GLY F 302 48.65 -4.69 -41.75
CA GLY F 302 48.63 -6.09 -42.12
C GLY F 302 49.14 -6.41 -43.52
N GLU F 303 49.61 -5.42 -44.26
CA GLU F 303 50.10 -5.66 -45.61
C GLU F 303 51.37 -6.51 -45.58
N GLU F 304 51.51 -7.38 -46.59
CA GLU F 304 52.72 -8.19 -46.71
C GLU F 304 53.93 -7.31 -47.03
N GLY F 305 53.81 -6.48 -48.06
CA GLY F 305 54.81 -5.48 -48.39
C GLY F 305 55.30 -4.66 -47.22
N LEU F 306 54.38 -3.91 -46.59
CA LEU F 306 54.75 -2.95 -45.56
C LEU F 306 55.08 -3.61 -44.22
N THR F 307 54.43 -4.73 -43.90
CA THR F 307 54.57 -5.39 -42.60
C THR F 307 54.26 -4.43 -41.45
N LEU F 308 53.12 -3.75 -41.57
CA LEU F 308 52.68 -2.79 -40.55
C LEU F 308 51.93 -3.56 -39.47
N ASN F 309 52.60 -3.80 -38.34
CA ASN F 309 51.99 -4.52 -37.24
C ASN F 309 50.87 -3.69 -36.61
N LEU F 310 49.88 -4.39 -36.06
CA LEU F 310 48.76 -3.72 -35.41
C LEU F 310 49.14 -3.08 -34.09
N GLU F 311 50.23 -3.53 -33.46
CA GLU F 311 50.64 -2.98 -32.18
C GLU F 311 51.14 -1.54 -32.30
N ASP F 312 51.56 -1.13 -33.50
CA ASP F 312 52.08 0.22 -33.74
C ASP F 312 50.99 1.19 -34.19
N VAL F 313 49.74 0.98 -33.76
CA VAL F 313 48.64 1.82 -34.18
C VAL F 313 48.86 3.26 -33.72
N GLN F 314 48.46 4.21 -34.56
CA GLN F 314 48.56 5.63 -34.27
C GLN F 314 47.27 6.31 -34.70
N PRO F 315 46.93 7.46 -34.11
CA PRO F 315 45.68 8.14 -34.49
C PRO F 315 45.60 8.50 -35.97
N HIS F 316 46.74 8.80 -36.60
CA HIS F 316 46.76 9.13 -38.02
C HIS F 316 46.79 7.90 -38.92
N ASP F 317 46.86 6.70 -38.35
CA ASP F 317 46.96 5.46 -39.12
C ASP F 317 45.65 4.72 -39.24
N LEU F 318 44.53 5.35 -38.88
CA LEU F 318 43.21 4.72 -38.96
C LEU F 318 42.27 5.60 -39.75
N GLY F 319 41.31 4.97 -40.41
CA GLY F 319 40.35 5.70 -41.21
C GLY F 319 39.31 6.41 -40.38
N LYS F 320 38.57 7.30 -41.04
CA LYS F 320 37.50 8.04 -40.41
C LYS F 320 36.30 8.11 -41.35
N VAL F 321 35.09 8.04 -40.77
CA VAL F 321 33.85 8.12 -41.51
C VAL F 321 32.82 8.88 -40.68
N GLY F 322 31.86 9.49 -41.37
CA GLY F 322 30.85 10.31 -40.73
C GLY F 322 29.87 9.56 -39.85
N GLU F 323 29.33 8.45 -40.35
CA GLU F 323 28.40 7.64 -39.58
C GLU F 323 28.36 6.23 -40.16
N VAL F 324 28.13 5.24 -39.32
CA VAL F 324 28.14 3.84 -39.73
C VAL F 324 26.85 3.18 -39.26
N ILE F 325 26.14 2.56 -40.20
CA ILE F 325 25.01 1.70 -39.87
C ILE F 325 25.23 0.35 -40.56
N VAL F 326 25.22 -0.72 -39.77
CA VAL F 326 25.55 -2.07 -40.24
C VAL F 326 24.36 -2.98 -39.96
N THR F 327 24.07 -3.86 -40.92
CA THR F 327 22.94 -4.78 -40.84
C THR F 327 23.45 -6.21 -40.84
N LYS F 328 22.49 -7.15 -40.92
CA LYS F 328 22.84 -8.57 -40.93
C LYS F 328 23.67 -8.91 -42.16
N ASP F 329 23.19 -8.54 -43.34
CA ASP F 329 23.88 -8.87 -44.59
C ASP F 329 24.82 -7.77 -45.07
N ASP F 330 24.38 -6.51 -45.06
CA ASP F 330 25.15 -5.42 -45.63
C ASP F 330 25.59 -4.44 -44.55
N ALA F 331 26.50 -3.53 -44.95
CA ALA F 331 27.07 -2.54 -44.06
C ALA F 331 27.43 -1.29 -44.86
N MET F 332 26.97 -0.13 -44.39
CA MET F 332 27.24 1.15 -45.02
C MET F 332 28.19 1.99 -44.19
N LEU F 333 29.09 2.70 -44.87
CA LEU F 333 30.01 3.65 -44.25
C LEU F 333 29.84 4.99 -44.97
N LEU F 334 29.17 5.94 -44.34
CA LEU F 334 28.76 7.18 -45.00
C LEU F 334 29.55 8.37 -44.49
N LYS F 335 29.78 9.32 -45.40
CA LYS F 335 30.49 10.57 -45.10
C LYS F 335 31.91 10.31 -44.60
N GLY F 336 32.66 9.54 -45.38
CA GLY F 336 34.06 9.31 -45.08
C GLY F 336 34.93 10.38 -45.68
N LYS F 337 35.33 11.36 -44.87
CA LYS F 337 36.09 12.51 -45.35
C LYS F 337 37.56 12.14 -45.41
N GLY F 338 37.98 11.62 -46.56
CA GLY F 338 39.37 11.33 -46.83
C GLY F 338 40.05 12.44 -47.61
N ASP F 339 41.27 12.14 -48.05
CA ASP F 339 42.04 13.09 -48.86
C ASP F 339 41.45 13.14 -50.26
N LYS F 340 40.91 14.31 -50.64
CA LYS F 340 40.31 14.45 -51.95
C LYS F 340 41.34 14.26 -53.06
N ALA F 341 42.56 14.75 -52.85
CA ALA F 341 43.62 14.56 -53.84
C ALA F 341 43.95 13.09 -54.02
N GLN F 342 44.03 12.34 -52.90
CA GLN F 342 44.32 10.92 -52.99
C GLN F 342 43.17 10.16 -53.63
N ILE F 343 41.93 10.57 -53.36
CA ILE F 343 40.77 9.93 -53.99
C ILE F 343 40.79 10.18 -55.50
N GLU F 344 41.14 11.41 -55.91
CA GLU F 344 41.24 11.71 -57.33
C GLU F 344 42.37 10.91 -57.98
N LYS F 345 43.50 10.77 -57.28
CA LYS F 345 44.60 9.97 -57.81
C LYS F 345 44.19 8.51 -57.97
N ARG F 346 43.47 7.96 -57.00
CA ARG F 346 42.99 6.59 -57.11
C ARG F 346 42.00 6.44 -58.25
N ILE F 347 41.13 7.43 -58.44
CA ILE F 347 40.19 7.40 -59.56
C ILE F 347 40.95 7.40 -60.89
N GLN F 348 42.00 8.23 -60.98
CA GLN F 348 42.82 8.26 -62.18
C GLN F 348 43.48 6.90 -62.42
N GLU F 349 44.01 6.30 -61.37
CA GLU F 349 44.62 4.97 -61.51
C GLU F 349 43.61 3.94 -61.99
N ILE F 350 42.38 4.00 -61.44
CA ILE F 350 41.36 3.03 -61.83
C ILE F 350 40.97 3.21 -63.29
N ILE F 351 40.73 4.45 -63.71
CA ILE F 351 40.32 4.66 -65.10
C ILE F 351 41.46 4.30 -66.05
N GLU F 352 42.70 4.54 -65.65
CA GLU F 352 43.84 4.12 -66.47
C GLU F 352 43.90 2.59 -66.59
N GLN F 353 43.65 1.89 -65.47
CA GLN F 353 43.65 0.43 -65.50
C GLN F 353 42.48 -0.11 -66.31
N LEU F 354 41.39 0.66 -66.41
CA LEU F 354 40.22 0.21 -67.17
C LEU F 354 40.56 -0.01 -68.63
N ASP F 355 41.38 0.87 -69.21
CA ASP F 355 41.68 0.85 -70.64
C ASP F 355 42.94 0.05 -70.96
N VAL F 356 43.26 -0.97 -70.16
CA VAL F 356 44.47 -1.76 -70.39
C VAL F 356 44.08 -3.12 -70.96
N THR F 357 43.30 -3.89 -70.20
CA THR F 357 42.87 -5.21 -70.66
C THR F 357 41.53 -5.55 -70.04
N THR F 358 40.84 -6.51 -70.66
CA THR F 358 39.57 -7.01 -70.17
C THR F 358 39.57 -8.53 -70.22
N SER F 359 39.08 -9.15 -69.14
CA SER F 359 38.92 -10.60 -69.08
C SER F 359 37.47 -11.01 -68.91
N GLU F 360 36.53 -10.09 -69.07
CA GLU F 360 35.09 -10.31 -68.94
C GLU F 360 34.72 -11.00 -67.63
N TYR F 361 35.58 -10.97 -66.64
CA TYR F 361 35.17 -11.25 -65.27
C TYR F 361 35.72 -10.23 -64.29
N GLU F 362 36.90 -9.68 -64.54
CA GLU F 362 37.49 -8.67 -63.68
C GLU F 362 37.14 -7.26 -64.10
N LYS F 363 36.75 -7.04 -65.35
CA LYS F 363 36.26 -5.73 -65.76
C LYS F 363 34.97 -5.38 -65.04
N GLU F 364 34.15 -6.39 -64.74
CA GLU F 364 32.97 -6.15 -63.92
C GLU F 364 33.35 -5.64 -62.53
N LYS F 365 34.37 -6.26 -61.92
CA LYS F 365 34.83 -5.81 -60.62
C LYS F 365 35.42 -4.41 -60.68
N LEU F 366 36.17 -4.12 -61.75
CA LEU F 366 36.74 -2.79 -61.92
C LEU F 366 35.65 -1.73 -62.07
N ASN F 367 34.63 -2.03 -62.87
CA ASN F 367 33.50 -1.11 -62.99
C ASN F 367 32.75 -0.97 -61.68
N GLU F 368 32.64 -2.04 -60.90
CA GLU F 368 32.00 -1.96 -59.60
C GLU F 368 32.77 -1.04 -58.66
N ARG F 369 34.10 -1.16 -58.65
CA ARG F 369 34.90 -0.27 -57.81
C ARG F 369 34.83 1.18 -58.30
N LEU F 370 34.77 1.37 -59.62
CA LEU F 370 34.58 2.71 -60.18
C LEU F 370 33.27 3.30 -59.71
N ALA F 371 32.20 2.50 -59.75
CA ALA F 371 30.88 2.98 -59.31
C ALA F 371 30.88 3.29 -57.82
N LYS F 372 31.54 2.44 -57.02
CA LYS F 372 31.60 2.67 -55.58
C LYS F 372 32.35 3.96 -55.27
N LEU F 373 33.46 4.22 -55.98
CA LEU F 373 34.24 5.42 -55.72
C LEU F 373 33.65 6.67 -56.37
N SER F 374 32.74 6.51 -57.34
CA SER F 374 32.20 7.63 -58.09
C SER F 374 30.74 7.93 -57.76
N ASP F 375 29.87 6.91 -57.82
CA ASP F 375 28.45 7.13 -57.59
C ASP F 375 28.19 7.34 -56.11
N GLY F 376 27.49 8.42 -55.77
CA GLY F 376 27.22 8.76 -54.40
C GLY F 376 26.08 7.96 -53.81
N VAL F 377 25.82 8.23 -52.53
CA VAL F 377 24.76 7.56 -51.79
C VAL F 377 23.58 8.51 -51.68
N ALA F 378 22.39 8.04 -52.07
CA ALA F 378 21.19 8.87 -52.05
C ALA F 378 20.51 8.73 -50.69
N VAL F 379 20.53 9.81 -49.91
CA VAL F 379 19.88 9.85 -48.60
C VAL F 379 18.56 10.61 -48.75
N LEU F 380 17.46 9.96 -48.35
CA LEU F 380 16.11 10.51 -48.49
C LEU F 380 15.65 10.93 -47.11
N LYS F 381 15.96 12.16 -46.73
CA LYS F 381 15.52 12.68 -45.44
C LYS F 381 14.02 12.93 -45.45
N VAL F 382 13.37 12.56 -44.36
CA VAL F 382 11.92 12.59 -44.26
C VAL F 382 11.50 13.70 -43.30
N GLY F 383 10.75 14.67 -43.82
CA GLY F 383 10.26 15.77 -43.01
C GLY F 383 8.84 15.56 -42.54
N GLY F 384 8.46 16.31 -41.51
CA GLY F 384 7.13 16.18 -40.96
C GLY F 384 6.91 17.20 -39.85
N THR F 385 5.82 16.99 -39.12
CA THR F 385 5.40 17.91 -38.07
C THR F 385 5.55 17.37 -36.66
N SER F 386 5.78 16.07 -36.50
CA SER F 386 5.90 15.47 -35.17
C SER F 386 6.61 14.13 -35.31
N ASP F 387 6.90 13.52 -34.16
CA ASP F 387 7.60 12.24 -34.15
C ASP F 387 6.77 11.15 -34.82
N VAL F 388 5.47 11.10 -34.52
CA VAL F 388 4.63 10.03 -35.06
C VAL F 388 4.47 10.18 -36.57
N GLU F 389 4.36 11.43 -37.05
CA GLU F 389 4.16 11.62 -38.49
C GLU F 389 5.43 11.28 -39.26
N VAL F 390 6.60 11.66 -38.74
CA VAL F 390 7.84 11.31 -39.42
C VAL F 390 8.10 9.83 -39.33
N ASN F 391 7.70 9.16 -38.25
CA ASN F 391 7.80 7.71 -38.21
C ASN F 391 6.91 7.05 -39.26
N GLU F 392 5.67 7.53 -39.39
CA GLU F 392 4.78 7.04 -40.44
C GLU F 392 5.42 7.18 -41.82
N LYS F 393 5.90 8.38 -42.13
CA LYS F 393 6.44 8.63 -43.47
C LYS F 393 7.74 7.83 -43.69
N LYS F 394 8.55 7.68 -42.65
CA LYS F 394 9.75 6.87 -42.76
C LYS F 394 9.39 5.44 -43.13
N ASP F 395 8.39 4.87 -42.45
CA ASP F 395 7.98 3.50 -42.74
C ASP F 395 7.42 3.39 -44.16
N ARG F 396 6.59 4.35 -44.58
CA ARG F 396 6.01 4.29 -45.91
C ARG F 396 7.10 4.37 -46.99
N VAL F 397 8.06 5.27 -46.82
CA VAL F 397 9.10 5.44 -47.84
C VAL F 397 10.02 4.23 -47.84
N THR F 398 10.33 3.67 -46.67
CA THR F 398 11.16 2.48 -46.61
C THR F 398 10.48 1.30 -47.31
N ASP F 399 9.18 1.13 -47.07
CA ASP F 399 8.46 0.03 -47.71
C ASP F 399 8.38 0.22 -49.22
N ALA F 400 8.15 1.45 -49.68
CA ALA F 400 8.12 1.71 -51.11
C ALA F 400 9.49 1.47 -51.74
N LEU F 401 10.56 1.81 -51.03
CA LEU F 401 11.91 1.51 -51.50
C LEU F 401 12.14 0.00 -51.61
N ASN F 402 11.71 -0.76 -50.59
CA ASN F 402 11.86 -2.21 -50.65
C ASN F 402 11.09 -2.80 -51.82
N ALA F 403 9.88 -2.32 -52.06
CA ALA F 403 9.10 -2.85 -53.18
C ALA F 403 9.68 -2.45 -54.53
N THR F 404 10.30 -1.26 -54.62
CA THR F 404 10.96 -0.89 -55.87
C THR F 404 12.20 -1.74 -56.12
N ARG F 405 12.96 -2.03 -55.06
CA ARG F 405 14.09 -2.93 -55.22
C ARG F 405 13.63 -4.32 -55.64
N ALA F 406 12.54 -4.81 -55.02
CA ALA F 406 11.99 -6.10 -55.42
C ALA F 406 11.48 -6.08 -56.84
N ALA F 407 11.06 -4.91 -57.34
CA ALA F 407 10.64 -4.79 -58.74
C ALA F 407 11.82 -4.77 -59.69
N VAL F 408 12.94 -4.14 -59.29
CA VAL F 408 14.10 -4.07 -60.17
C VAL F 408 14.97 -5.31 -60.07
N GLU F 409 14.73 -6.18 -59.10
CA GLU F 409 15.48 -7.43 -58.98
C GLU F 409 14.85 -8.54 -59.83
N GLU F 410 13.57 -8.84 -59.59
CA GLU F 410 12.89 -9.92 -60.30
C GLU F 410 12.03 -9.44 -61.46
N GLY F 411 11.33 -8.32 -61.29
CA GLY F 411 10.52 -7.78 -62.36
C GLY F 411 9.22 -7.22 -61.83
N ILE F 412 8.23 -7.14 -62.73
CA ILE F 412 6.90 -6.65 -62.41
C ILE F 412 5.87 -7.58 -63.04
N VAL F 413 4.64 -7.47 -62.55
CA VAL F 413 3.53 -8.30 -63.01
C VAL F 413 2.26 -7.47 -62.86
N LEU F 414 1.18 -7.91 -63.50
CA LEU F 414 -0.05 -7.13 -63.62
C LEU F 414 -0.66 -6.89 -62.24
N GLY F 415 -0.62 -5.65 -61.77
CA GLY F 415 -1.25 -5.31 -60.52
C GLY F 415 -2.76 -5.35 -60.60
N GLY F 416 -3.39 -5.23 -59.43
CA GLY F 416 -4.83 -5.25 -59.33
C GLY F 416 -5.41 -6.55 -58.83
N GLY F 417 -4.62 -7.62 -58.81
CA GLY F 417 -5.12 -8.96 -58.59
C GLY F 417 -5.26 -9.78 -59.84
N CYS F 418 -4.98 -9.19 -61.01
CA CYS F 418 -5.05 -9.89 -62.28
C CYS F 418 -3.78 -10.68 -62.58
N ALA F 419 -2.76 -10.55 -61.74
CA ALA F 419 -1.57 -11.38 -61.91
C ALA F 419 -1.85 -12.82 -61.49
N LEU F 420 -2.67 -13.00 -60.46
CA LEU F 420 -3.05 -14.33 -60.00
C LEU F 420 -4.21 -14.91 -60.79
N LEU F 421 -4.92 -14.09 -61.55
CA LEU F 421 -5.92 -14.63 -62.45
C LEU F 421 -5.30 -15.23 -63.70
N ARG F 422 -4.18 -14.67 -64.17
CA ARG F 422 -3.48 -15.25 -65.29
C ARG F 422 -2.77 -16.55 -64.92
N CYS F 423 -2.76 -16.94 -63.65
CA CYS F 423 -2.18 -18.21 -63.24
C CYS F 423 -3.24 -19.29 -63.04
N ILE F 424 -4.50 -18.98 -63.32
CA ILE F 424 -5.60 -19.94 -63.14
C ILE F 424 -5.64 -20.99 -64.25
N PRO F 425 -5.47 -20.65 -65.53
CA PRO F 425 -5.55 -21.69 -66.57
C PRO F 425 -4.40 -22.67 -66.54
N ALA F 426 -3.41 -22.48 -65.67
CA ALA F 426 -2.32 -23.43 -65.56
C ALA F 426 -2.65 -24.62 -64.69
N LEU F 427 -3.56 -24.44 -63.72
CA LEU F 427 -3.93 -25.53 -62.84
C LEU F 427 -4.68 -26.64 -63.56
N ASP F 428 -5.12 -26.40 -64.79
CA ASP F 428 -5.72 -27.46 -65.60
C ASP F 428 -4.68 -28.44 -66.12
N SER F 429 -3.45 -27.96 -66.35
CA SER F 429 -2.42 -28.82 -66.94
C SER F 429 -1.93 -29.88 -65.96
N LEU F 430 -1.78 -29.52 -64.68
CA LEU F 430 -1.30 -30.48 -63.70
C LEU F 430 -2.36 -31.53 -63.42
N THR F 431 -1.91 -32.63 -62.80
CA THR F 431 -2.81 -33.71 -62.44
C THR F 431 -2.60 -34.08 -60.98
N PRO F 432 -3.67 -34.42 -60.26
CA PRO F 432 -3.56 -34.80 -58.86
C PRO F 432 -3.12 -36.25 -58.71
N ALA F 433 -2.99 -36.67 -57.46
CA ALA F 433 -2.72 -38.06 -57.12
C ALA F 433 -3.90 -38.76 -56.49
N ASN F 434 -4.77 -38.04 -55.81
CA ASN F 434 -6.05 -38.56 -55.33
C ASN F 434 -7.05 -37.42 -55.34
N GLU F 435 -8.26 -37.69 -54.84
CA GLU F 435 -9.27 -36.64 -54.79
C GLU F 435 -8.91 -35.52 -53.82
N ASP F 436 -8.05 -35.78 -52.85
CA ASP F 436 -7.63 -34.73 -51.92
C ASP F 436 -6.64 -33.77 -52.56
N GLN F 437 -5.74 -34.29 -53.41
CA GLN F 437 -4.88 -33.42 -54.18
C GLN F 437 -5.72 -32.47 -55.05
N LYS F 438 -6.75 -33.01 -55.70
CA LYS F 438 -7.63 -32.20 -56.52
C LYS F 438 -8.44 -31.22 -55.67
N ILE F 439 -8.81 -31.62 -54.46
CA ILE F 439 -9.49 -30.71 -53.53
C ILE F 439 -8.62 -29.51 -53.23
N GLY F 440 -7.33 -29.76 -52.95
CA GLY F 440 -6.41 -28.66 -52.73
C GLY F 440 -6.23 -27.79 -53.97
N ILE F 441 -6.16 -28.41 -55.15
CA ILE F 441 -6.06 -27.65 -56.39
C ILE F 441 -7.26 -26.74 -56.55
N GLU F 442 -8.46 -27.25 -56.27
CA GLU F 442 -9.67 -26.43 -56.36
C GLU F 442 -9.66 -25.31 -55.34
N ILE F 443 -9.22 -25.60 -54.11
CA ILE F 443 -9.11 -24.57 -53.08
C ILE F 443 -8.24 -23.43 -53.58
N ILE F 444 -7.07 -23.76 -54.13
CA ILE F 444 -6.15 -22.71 -54.56
C ILE F 444 -6.71 -21.96 -55.77
N LYS F 445 -7.35 -22.67 -56.70
CA LYS F 445 -7.85 -21.98 -57.89
C LYS F 445 -9.03 -21.08 -57.56
N ARG F 446 -9.83 -21.42 -56.56
CA ARG F 446 -10.85 -20.51 -56.08
C ARG F 446 -10.26 -19.36 -55.27
N THR F 447 -9.11 -19.60 -54.65
CA THR F 447 -8.45 -18.56 -53.86
C THR F 447 -7.83 -17.48 -54.72
N LEU F 448 -7.42 -17.82 -55.95
CA LEU F 448 -6.66 -16.88 -56.77
C LEU F 448 -7.48 -15.66 -57.18
N LYS F 449 -8.81 -15.75 -57.12
CA LYS F 449 -9.67 -14.62 -57.46
C LYS F 449 -10.00 -13.74 -56.27
N ILE F 450 -9.58 -14.12 -55.06
CA ILE F 450 -9.93 -13.34 -53.88
C ILE F 450 -9.39 -11.92 -53.93
N PRO F 451 -8.14 -11.66 -54.31
CA PRO F 451 -7.68 -10.25 -54.27
C PRO F 451 -8.37 -9.35 -55.27
N ALA F 452 -8.61 -9.82 -56.50
CA ALA F 452 -9.33 -9.00 -57.47
C ALA F 452 -10.77 -8.76 -57.04
N MET F 453 -11.45 -9.80 -56.56
CA MET F 453 -12.82 -9.64 -56.09
C MET F 453 -12.89 -8.68 -54.92
N THR F 454 -11.92 -8.77 -54.00
CA THR F 454 -11.91 -7.88 -52.84
C THR F 454 -11.66 -6.44 -53.24
N ILE F 455 -10.72 -6.21 -54.17
CA ILE F 455 -10.45 -4.86 -54.63
C ILE F 455 -11.68 -4.27 -55.32
N ALA F 456 -12.32 -5.06 -56.19
CA ALA F 456 -13.52 -4.59 -56.87
C ALA F 456 -14.66 -4.31 -55.88
N LYS F 457 -14.84 -5.19 -54.89
CA LYS F 457 -15.87 -4.97 -53.88
C LYS F 457 -15.62 -3.68 -53.11
N ASN F 458 -14.37 -3.43 -52.76
CA ASN F 458 -14.04 -2.18 -52.08
C ASN F 458 -14.29 -0.98 -52.98
N ALA F 459 -14.15 -1.16 -54.30
CA ALA F 459 -14.45 -0.07 -55.22
C ALA F 459 -15.95 0.22 -55.33
N GLY F 460 -16.79 -0.63 -54.76
CA GLY F 460 -18.22 -0.44 -54.81
C GLY F 460 -18.94 -1.30 -55.83
N VAL F 461 -18.22 -1.97 -56.71
CA VAL F 461 -18.82 -2.80 -57.75
C VAL F 461 -18.83 -4.24 -57.28
N GLU F 462 -19.60 -5.08 -57.98
CA GLU F 462 -19.67 -6.49 -57.64
C GLU F 462 -18.43 -7.20 -58.17
N GLY F 463 -17.61 -7.73 -57.27
CA GLY F 463 -16.34 -8.31 -57.66
C GLY F 463 -16.48 -9.56 -58.52
N SER F 464 -17.53 -10.35 -58.28
CA SER F 464 -17.72 -11.58 -59.04
C SER F 464 -17.84 -11.30 -60.54
N LEU F 465 -18.73 -10.38 -60.91
CA LEU F 465 -18.92 -10.05 -62.32
C LEU F 465 -17.66 -9.42 -62.91
N ILE F 466 -16.99 -8.56 -62.12
CA ILE F 466 -15.78 -7.93 -62.60
C ILE F 466 -14.71 -8.97 -62.94
N VAL F 467 -14.52 -9.95 -62.05
CA VAL F 467 -13.49 -10.95 -62.34
C VAL F 467 -13.92 -11.95 -63.40
N GLU F 468 -15.24 -12.19 -63.56
CA GLU F 468 -15.69 -12.97 -64.70
C GLU F 468 -15.33 -12.28 -66.01
N LYS F 469 -15.57 -10.97 -66.08
CA LYS F 469 -15.17 -10.22 -67.28
C LYS F 469 -13.65 -10.24 -67.46
N ILE F 470 -12.91 -10.11 -66.35
CA ILE F 470 -11.45 -10.10 -66.44
C ILE F 470 -10.93 -11.41 -67.01
N MET F 471 -11.46 -12.54 -66.51
CA MET F 471 -11.06 -13.83 -67.04
C MET F 471 -11.49 -13.99 -68.50
N GLN F 472 -12.70 -13.52 -68.84
CA GLN F 472 -13.14 -13.60 -70.23
C GLN F 472 -12.34 -12.69 -71.15
N SER F 473 -11.64 -11.70 -70.61
CA SER F 473 -10.91 -10.74 -71.43
C SER F 473 -9.49 -11.22 -71.69
N SER F 474 -8.95 -10.81 -72.83
CA SER F 474 -7.62 -11.23 -73.24
C SER F 474 -6.56 -10.77 -72.23
N SER F 475 -5.37 -11.35 -72.35
CA SER F 475 -4.32 -11.21 -71.34
C SER F 475 -3.52 -9.92 -71.46
N GLU F 476 -4.19 -8.77 -71.51
CA GLU F 476 -3.51 -7.48 -71.40
C GLU F 476 -4.23 -6.47 -70.53
N VAL F 477 -5.55 -6.58 -70.34
CA VAL F 477 -6.34 -5.54 -69.70
C VAL F 477 -6.95 -6.08 -68.41
N GLY F 478 -6.90 -5.29 -67.36
CA GLY F 478 -7.59 -5.60 -66.12
C GLY F 478 -8.56 -4.51 -65.73
N TYR F 479 -9.10 -4.59 -64.51
CA TYR F 479 -10.08 -3.64 -64.02
C TYR F 479 -9.42 -2.59 -63.16
N ASP F 480 -9.80 -1.33 -63.35
CA ASP F 480 -9.21 -0.20 -62.65
C ASP F 480 -10.20 0.32 -61.62
N ALA F 481 -10.00 -0.08 -60.36
CA ALA F 481 -10.76 0.47 -59.24
C ALA F 481 -10.89 1.99 -59.30
N MET F 482 -9.77 2.69 -59.49
CA MET F 482 -9.80 4.16 -59.50
C MET F 482 -10.75 4.71 -60.55
N ALA F 483 -10.60 4.27 -61.80
CA ALA F 483 -11.42 4.79 -62.87
C ALA F 483 -12.69 3.97 -63.10
N GLY F 484 -12.81 2.80 -62.48
CA GLY F 484 -14.00 1.98 -62.65
C GLY F 484 -14.23 1.50 -64.07
N ASP F 485 -13.17 1.09 -64.77
CA ASP F 485 -13.30 0.58 -66.12
C ASP F 485 -12.19 -0.42 -66.38
N PHE F 486 -12.43 -1.30 -67.36
CA PHE F 486 -11.41 -2.25 -67.79
C PHE F 486 -10.43 -1.52 -68.71
N VAL F 487 -9.18 -1.39 -68.26
CA VAL F 487 -8.15 -0.64 -68.95
C VAL F 487 -6.92 -1.53 -69.10
N ASN F 488 -6.03 -1.12 -69.99
CA ASN F 488 -4.77 -1.85 -70.18
C ASN F 488 -3.84 -1.53 -69.02
N MET F 489 -3.57 -2.53 -68.18
CA MET F 489 -2.86 -2.31 -66.92
C MET F 489 -1.44 -1.83 -67.14
N VAL F 490 -0.76 -2.33 -68.18
CA VAL F 490 0.68 -2.14 -68.26
C VAL F 490 1.03 -0.66 -68.44
N GLU F 491 0.35 0.04 -69.34
CA GLU F 491 0.64 1.45 -69.56
C GLU F 491 -0.17 2.37 -68.66
N LYS F 492 -1.26 1.89 -68.08
CA LYS F 492 -2.03 2.70 -67.14
C LYS F 492 -1.26 2.98 -65.86
N GLY F 493 -0.19 2.25 -65.61
CA GLY F 493 0.60 2.44 -64.41
C GLY F 493 0.27 1.53 -63.26
N ILE F 494 -0.50 0.46 -63.49
CA ILE F 494 -0.92 -0.42 -62.41
C ILE F 494 -0.14 -1.72 -62.48
N ILE F 495 0.98 -1.78 -61.77
CA ILE F 495 1.86 -2.94 -61.76
C ILE F 495 2.44 -3.07 -60.35
N ASP F 496 2.67 -4.30 -59.93
CA ASP F 496 3.36 -4.58 -58.69
C ASP F 496 4.50 -5.55 -58.96
N PRO F 497 5.53 -5.55 -58.11
CA PRO F 497 6.64 -6.48 -58.33
C PRO F 497 6.21 -7.93 -58.26
N THR F 498 6.94 -8.78 -58.99
CA THR F 498 6.72 -10.21 -58.94
C THR F 498 6.97 -10.77 -57.54
N LYS F 499 7.94 -10.18 -56.83
CA LYS F 499 8.34 -10.71 -55.53
C LYS F 499 7.23 -10.61 -54.51
N VAL F 500 6.47 -9.51 -54.52
CA VAL F 500 5.43 -9.34 -53.49
C VAL F 500 4.32 -10.37 -53.68
N VAL F 501 3.95 -10.66 -54.93
CA VAL F 501 2.89 -11.64 -55.16
C VAL F 501 3.39 -13.03 -54.84
N ARG F 502 4.63 -13.33 -55.22
CA ARG F 502 5.25 -14.60 -54.83
C ARG F 502 5.23 -14.79 -53.32
N THR F 503 5.74 -13.80 -52.59
CA THR F 503 5.85 -13.90 -51.15
C THR F 503 4.49 -13.97 -50.49
N ALA F 504 3.51 -13.23 -51.00
CA ALA F 504 2.17 -13.27 -50.43
C ALA F 504 1.55 -14.66 -50.59
N LEU F 505 1.65 -15.24 -51.79
CA LEU F 505 1.10 -16.58 -51.99
C LEU F 505 1.82 -17.61 -51.13
N LEU F 506 3.15 -17.55 -51.07
CA LEU F 506 3.90 -18.50 -50.25
C LEU F 506 3.52 -18.38 -48.78
N ASP F 507 3.54 -17.16 -48.25
CA ASP F 507 3.25 -16.96 -46.83
C ASP F 507 1.82 -17.36 -46.48
N ALA F 508 0.87 -17.00 -47.35
CA ALA F 508 -0.52 -17.35 -47.11
C ALA F 508 -0.72 -18.86 -47.11
N ALA F 509 -0.11 -19.56 -48.06
CA ALA F 509 -0.26 -21.01 -48.09
C ALA F 509 0.39 -21.66 -46.88
N GLY F 510 1.57 -21.17 -46.49
CA GLY F 510 2.24 -21.73 -45.32
C GLY F 510 1.42 -21.57 -44.05
N VAL F 511 0.92 -20.37 -43.79
CA VAL F 511 0.21 -20.17 -42.53
C VAL F 511 -1.18 -20.80 -42.58
N ALA F 512 -1.79 -20.91 -43.75
CA ALA F 512 -3.08 -21.58 -43.83
C ALA F 512 -2.93 -23.08 -43.60
N SER F 513 -1.86 -23.68 -44.14
CA SER F 513 -1.59 -25.08 -43.85
C SER F 513 -1.29 -25.30 -42.38
N LEU F 514 -0.56 -24.36 -41.77
CA LEU F 514 -0.28 -24.45 -40.34
C LEU F 514 -1.57 -24.37 -39.52
N LEU F 515 -2.49 -23.50 -39.92
CA LEU F 515 -3.74 -23.36 -39.19
C LEU F 515 -4.64 -24.57 -39.36
N THR F 516 -4.64 -25.19 -40.53
CA THR F 516 -5.53 -26.32 -40.78
C THR F 516 -4.92 -27.67 -40.43
N THR F 517 -3.63 -27.75 -40.13
CA THR F 517 -3.01 -29.02 -39.77
C THR F 517 -2.53 -29.07 -38.33
N ALA F 518 -2.64 -27.96 -37.58
CA ALA F 518 -2.25 -27.95 -36.19
C ALA F 518 -3.19 -28.82 -35.37
N GLU F 519 -2.62 -29.56 -34.41
CA GLU F 519 -3.38 -30.55 -33.68
C GLU F 519 -3.61 -30.20 -32.22
N VAL F 520 -2.66 -29.53 -31.56
CA VAL F 520 -2.77 -29.15 -30.17
C VAL F 520 -2.45 -27.68 -30.04
N VAL F 521 -3.16 -26.98 -29.15
CA VAL F 521 -2.95 -25.57 -28.91
C VAL F 521 -2.96 -25.35 -27.40
N VAL F 522 -1.81 -24.94 -26.85
CA VAL F 522 -1.62 -24.79 -25.41
C VAL F 522 -1.69 -23.31 -25.06
N THR F 523 -2.52 -22.97 -24.07
CA THR F 523 -2.84 -21.58 -23.78
C THR F 523 -2.79 -21.31 -22.28
N GLU F 524 -2.12 -20.22 -21.91
CA GLU F 524 -2.22 -19.66 -20.56
C GLU F 524 -3.67 -19.61 -20.09
N ILE F 525 -3.95 -20.21 -18.94
CA ILE F 525 -5.29 -20.10 -18.38
C ILE F 525 -5.54 -18.64 -17.99
N PRO F 526 -6.66 -18.02 -18.39
CA PRO F 526 -6.84 -16.60 -18.12
C PRO F 526 -7.14 -16.30 -16.66
N GLY G 1 -1.18 -4.24 -28.10
CA GLY G 1 -1.00 -5.37 -27.20
C GLY G 1 -2.14 -5.55 -26.23
N SER G 2 -3.10 -4.62 -26.28
CA SER G 2 -4.26 -4.65 -25.42
C SER G 2 -5.48 -5.12 -26.21
N ALA G 3 -6.36 -5.85 -25.53
CA ALA G 3 -7.52 -6.44 -26.19
C ALA G 3 -8.41 -5.35 -26.77
N LYS G 4 -8.85 -5.57 -28.01
CA LYS G 4 -9.70 -4.63 -28.73
C LYS G 4 -11.07 -5.25 -28.97
N ASP G 5 -12.06 -4.38 -29.13
CA ASP G 5 -13.38 -4.76 -29.61
C ASP G 5 -13.56 -4.16 -31.00
N VAL G 6 -13.94 -5.00 -31.96
CA VAL G 6 -14.04 -4.59 -33.36
C VAL G 6 -15.50 -4.73 -33.78
N LYS G 7 -16.04 -3.66 -34.36
CA LYS G 7 -17.39 -3.63 -34.87
C LYS G 7 -17.36 -3.27 -36.35
N PHE G 8 -18.30 -3.83 -37.10
CA PHE G 8 -18.26 -3.79 -38.56
C PHE G 8 -19.53 -3.13 -39.09
N GLY G 9 -19.36 -2.21 -40.03
CA GLY G 9 -20.48 -1.76 -40.83
C GLY G 9 -21.50 -0.94 -40.05
N ALA G 10 -22.77 -1.13 -40.41
CA ALA G 10 -23.84 -0.34 -39.80
C ALA G 10 -23.92 -0.58 -38.30
N ASP G 11 -23.48 -1.73 -37.81
CA ASP G 11 -23.51 -1.99 -36.38
C ASP G 11 -22.69 -0.97 -35.60
N ALA G 12 -21.59 -0.48 -36.19
CA ALA G 12 -20.76 0.54 -35.58
C ALA G 12 -21.16 1.95 -36.02
N ARG G 13 -21.61 2.08 -37.27
CA ARG G 13 -22.04 3.39 -37.75
C ARG G 13 -23.25 3.89 -36.97
N ALA G 14 -24.16 3.00 -36.59
CA ALA G 14 -25.31 3.40 -35.78
C ALA G 14 -24.88 4.01 -34.46
N LEU G 15 -23.93 3.37 -33.77
CA LEU G 15 -23.47 3.87 -32.49
C LEU G 15 -22.73 5.19 -32.63
N MET G 16 -21.88 5.30 -33.66
CA MET G 16 -21.19 6.56 -33.90
C MET G 16 -22.19 7.68 -34.22
N LEU G 17 -23.24 7.37 -34.96
CA LEU G 17 -24.28 8.36 -35.23
C LEU G 17 -25.03 8.73 -33.96
N GLN G 18 -25.23 7.78 -33.05
CA GLN G 18 -25.84 8.12 -31.77
C GLN G 18 -24.98 9.12 -31.00
N GLY G 19 -23.66 8.91 -31.02
CA GLY G 19 -22.77 9.86 -30.38
C GLY G 19 -22.81 11.24 -31.02
N VAL G 20 -22.79 11.29 -32.36
CA VAL G 20 -22.83 12.59 -33.03
C VAL G 20 -24.18 13.26 -32.83
N ASP G 21 -25.24 12.47 -32.67
CA ASP G 21 -26.56 13.02 -32.38
C ASP G 21 -26.59 13.66 -31.01
N LEU G 22 -26.01 13.00 -30.01
CA LEU G 22 -25.97 13.62 -28.68
C LEU G 22 -25.14 14.90 -28.69
N LEU G 23 -23.97 14.86 -29.33
CA LEU G 23 -23.13 16.06 -29.43
C LEU G 23 -23.89 17.21 -30.10
N ALA G 24 -24.46 16.95 -31.27
CA ALA G 24 -25.12 18.01 -32.03
C ALA G 24 -26.40 18.47 -31.36
N ASP G 25 -27.08 17.61 -30.61
CA ASP G 25 -28.26 18.02 -29.87
C ASP G 25 -27.90 18.92 -28.71
N ALA G 26 -26.75 18.69 -28.08
CA ALA G 26 -26.34 19.56 -26.99
C ALA G 26 -25.80 20.90 -27.50
N VAL G 27 -25.09 20.90 -28.64
CA VAL G 27 -24.53 22.14 -29.15
C VAL G 27 -25.48 22.91 -30.06
N ALA G 28 -26.56 22.29 -30.51
CA ALA G 28 -27.48 22.95 -31.43
C ALA G 28 -28.38 23.95 -30.74
N VAL G 29 -28.58 23.82 -29.42
CA VAL G 29 -29.45 24.73 -28.68
C VAL G 29 -28.79 26.05 -28.40
N THR G 30 -27.50 26.20 -28.70
CA THR G 30 -26.75 27.41 -28.40
C THR G 30 -26.38 28.16 -29.66
N MET G 31 -27.23 28.09 -30.68
CA MET G 31 -26.89 28.58 -32.02
C MET G 31 -27.73 29.81 -32.34
N GLY G 32 -27.07 30.86 -32.79
CA GLY G 32 -27.71 32.13 -33.07
C GLY G 32 -27.39 33.15 -32.01
N PRO G 33 -28.01 34.33 -32.11
CA PRO G 33 -27.87 35.32 -31.03
C PRO G 33 -28.77 34.95 -29.85
N LYS G 34 -29.94 34.39 -30.18
CA LYS G 34 -30.82 33.75 -29.21
C LYS G 34 -30.43 32.28 -29.19
N GLY G 35 -29.58 31.91 -28.25
CA GLY G 35 -29.16 30.53 -28.07
C GLY G 35 -29.38 30.11 -26.63
N ARG G 36 -29.89 28.89 -26.46
CA ARG G 36 -30.34 28.45 -25.15
C ARG G 36 -29.14 28.19 -24.25
N THR G 37 -29.40 27.68 -23.05
CA THR G 37 -28.43 27.68 -21.97
C THR G 37 -28.05 26.26 -21.59
N VAL G 38 -26.75 26.00 -21.49
CA VAL G 38 -26.20 24.72 -21.09
C VAL G 38 -25.58 24.89 -19.71
N ILE G 39 -26.02 24.10 -18.75
CA ILE G 39 -25.44 24.07 -17.42
C ILE G 39 -24.41 22.95 -17.40
N ILE G 40 -23.13 23.31 -17.31
CA ILE G 40 -22.05 22.33 -17.30
C ILE G 40 -21.54 22.18 -15.89
N GLU G 41 -21.60 20.97 -15.36
CA GLU G 41 -21.25 20.68 -13.98
C GLU G 41 -19.74 20.72 -13.80
N GLN G 42 -19.26 21.67 -13.00
CA GLN G 42 -17.85 21.74 -12.64
C GLN G 42 -17.61 20.88 -11.42
N SER G 43 -16.52 20.12 -11.43
CA SER G 43 -16.27 19.15 -10.37
C SER G 43 -15.76 19.78 -9.08
N TRP G 44 -15.27 21.01 -9.14
CA TRP G 44 -14.68 21.65 -7.97
C TRP G 44 -15.52 22.80 -7.40
N GLY G 45 -16.36 23.43 -8.21
CA GLY G 45 -17.12 24.57 -7.74
C GLY G 45 -18.50 24.68 -8.32
N SER G 46 -18.92 25.91 -8.60
CA SER G 46 -20.24 26.16 -9.14
C SER G 46 -20.34 25.65 -10.57
N PRO G 47 -21.55 25.32 -11.03
CA PRO G 47 -21.72 24.89 -12.43
C PRO G 47 -21.43 26.01 -13.40
N LYS G 48 -20.96 25.64 -14.59
CA LYS G 48 -20.63 26.59 -15.63
C LYS G 48 -21.83 26.78 -16.56
N VAL G 49 -22.47 27.93 -16.44
CA VAL G 49 -23.62 28.28 -17.28
C VAL G 49 -23.11 29.00 -18.52
N THR G 50 -23.40 28.44 -19.69
CA THR G 50 -22.85 28.97 -20.94
C THR G 50 -23.88 28.90 -22.05
N LYS G 51 -23.75 29.81 -23.01
CA LYS G 51 -24.53 29.80 -24.24
C LYS G 51 -23.63 29.68 -25.47
N ASP G 52 -22.37 29.29 -25.26
CA ASP G 52 -21.35 29.26 -26.30
C ASP G 52 -21.12 27.81 -26.71
N GLY G 53 -21.23 27.56 -28.03
CA GLY G 53 -21.24 26.19 -28.50
C GLY G 53 -19.91 25.49 -28.44
N VAL G 54 -18.80 26.25 -28.53
CA VAL G 54 -17.49 25.62 -28.47
C VAL G 54 -17.25 25.03 -27.09
N THR G 55 -17.74 25.70 -26.04
CA THR G 55 -17.60 25.18 -24.68
C THR G 55 -18.47 23.96 -24.45
N VAL G 56 -19.70 23.99 -25.00
CA VAL G 56 -20.57 22.83 -24.91
C VAL G 56 -19.93 21.63 -25.58
N ALA G 57 -19.37 21.84 -26.77
CA ALA G 57 -18.71 20.75 -27.49
C ALA G 57 -17.52 20.22 -26.71
N LYS G 58 -16.71 21.11 -26.14
CA LYS G 58 -15.56 20.67 -25.36
C LYS G 58 -15.99 19.91 -24.11
N SER G 59 -17.20 20.18 -23.63
CA SER G 59 -17.67 19.59 -22.38
C SER G 59 -18.06 18.11 -22.54
N ILE G 60 -18.50 17.71 -23.71
CA ILE G 60 -19.20 16.45 -23.90
C ILE G 60 -18.20 15.33 -24.11
N ASP G 61 -18.28 14.31 -23.25
CA ASP G 61 -17.50 13.07 -23.39
C ASP G 61 -18.42 11.92 -23.03
N LEU G 62 -18.66 11.02 -23.97
CA LEU G 62 -19.57 9.92 -23.73
C LEU G 62 -18.84 8.72 -23.14
N LYS G 63 -19.62 7.80 -22.57
CA LYS G 63 -19.06 6.58 -21.98
C LYS G 63 -18.90 5.46 -22.99
N ASP G 64 -19.90 5.27 -23.85
CA ASP G 64 -19.78 4.28 -24.92
C ASP G 64 -18.62 4.66 -25.84
N LYS G 65 -17.76 3.69 -26.13
CA LYS G 65 -16.57 3.95 -26.93
C LYS G 65 -16.94 4.38 -28.35
N TYR G 66 -17.93 3.73 -28.95
CA TYR G 66 -18.29 4.00 -30.34
C TYR G 66 -19.00 5.35 -30.46
N LYS G 67 -19.97 5.60 -29.58
CA LYS G 67 -20.61 6.91 -29.53
C LYS G 67 -19.58 8.00 -29.25
N ASN G 68 -18.67 7.74 -28.32
CA ASN G 68 -17.66 8.73 -27.98
C ASN G 68 -16.76 9.03 -29.16
N ILE G 69 -16.37 8.03 -29.94
CA ILE G 69 -15.45 8.35 -31.03
C ILE G 69 -16.19 8.99 -32.19
N GLY G 70 -17.48 8.70 -32.39
CA GLY G 70 -18.24 9.48 -33.36
C GLY G 70 -18.36 10.93 -32.95
N ALA G 71 -18.66 11.17 -31.66
CA ALA G 71 -18.71 12.53 -31.13
C ALA G 71 -17.37 13.22 -31.27
N LYS G 72 -16.27 12.50 -31.01
CA LYS G 72 -14.94 13.06 -31.13
C LYS G 72 -14.59 13.39 -32.58
N LEU G 73 -15.02 12.56 -33.52
CA LEU G 73 -14.78 12.86 -34.93
C LEU G 73 -15.44 14.18 -35.31
N VAL G 74 -16.74 14.30 -35.04
CA VAL G 74 -17.45 15.54 -35.39
C VAL G 74 -16.91 16.71 -34.58
N GLN G 75 -16.50 16.46 -33.34
CA GLN G 75 -16.00 17.49 -32.44
C GLN G 75 -14.68 18.06 -32.94
N ASP G 76 -13.75 17.20 -33.36
CA ASP G 76 -12.48 17.68 -33.88
C ASP G 76 -12.65 18.35 -35.22
N VAL G 77 -13.60 17.91 -36.04
CA VAL G 77 -13.87 18.61 -37.29
C VAL G 77 -14.36 20.03 -37.03
N ALA G 78 -15.31 20.17 -36.10
CA ALA G 78 -15.78 21.50 -35.71
C ALA G 78 -14.66 22.34 -35.10
N ASN G 79 -13.79 21.73 -34.32
CA ASN G 79 -12.65 22.45 -33.76
C ASN G 79 -11.72 22.94 -34.86
N ASN G 80 -11.55 22.16 -35.91
CA ASN G 80 -10.72 22.61 -37.02
C ASN G 80 -11.38 23.76 -37.76
N THR G 81 -12.71 23.73 -37.90
CA THR G 81 -13.41 24.88 -38.48
C THR G 81 -13.18 26.13 -37.64
N ASN G 82 -13.27 26.00 -36.31
CA ASN G 82 -12.99 27.12 -35.42
C ASN G 82 -11.56 27.63 -35.63
N GLU G 83 -10.57 26.75 -35.41
CA GLU G 83 -9.17 27.16 -35.49
C GLU G 83 -8.78 27.66 -36.87
N GLU G 84 -9.52 27.33 -37.92
CA GLU G 84 -9.17 27.80 -39.25
C GLU G 84 -9.88 29.09 -39.64
N ALA G 85 -11.06 29.38 -39.09
CA ALA G 85 -11.74 30.61 -39.44
C ALA G 85 -12.35 31.33 -38.24
N GLY G 86 -12.08 30.90 -37.02
CA GLY G 86 -12.50 31.60 -35.83
C GLY G 86 -13.98 31.60 -35.55
N ASP G 87 -14.79 30.90 -36.34
CA ASP G 87 -16.24 30.86 -36.16
C ASP G 87 -16.79 29.76 -37.07
N GLY G 88 -17.72 28.97 -36.55
CA GLY G 88 -18.38 27.96 -37.35
C GLY G 88 -18.41 26.57 -36.73
N THR G 89 -18.19 26.48 -35.42
CA THR G 89 -18.20 25.19 -34.75
C THR G 89 -19.60 24.59 -34.71
N THR G 90 -20.60 25.40 -34.34
CA THR G 90 -21.96 24.89 -34.18
C THR G 90 -22.62 24.65 -35.53
N THR G 91 -22.36 25.51 -36.51
CA THR G 91 -22.89 25.30 -37.85
C THR G 91 -22.29 24.05 -38.48
N ALA G 92 -20.97 23.88 -38.38
CA ALA G 92 -20.33 22.67 -38.88
C ALA G 92 -20.90 21.44 -38.20
N THR G 93 -21.14 21.52 -36.88
CA THR G 93 -21.69 20.37 -36.17
C THR G 93 -23.12 20.04 -36.62
N VAL G 94 -23.96 21.05 -36.79
CA VAL G 94 -25.35 20.75 -37.14
C VAL G 94 -25.44 20.25 -38.58
N LEU G 95 -24.62 20.78 -39.49
CA LEU G 95 -24.59 20.26 -40.85
C LEU G 95 -23.98 18.87 -40.90
N ALA G 96 -22.88 18.65 -40.18
CA ALA G 96 -22.32 17.32 -40.01
C ALA G 96 -23.40 16.31 -39.64
N ARG G 97 -24.13 16.58 -38.56
CA ARG G 97 -25.15 15.62 -38.12
C ARG G 97 -26.27 15.47 -39.13
N SER G 98 -26.70 16.57 -39.75
CA SER G 98 -27.76 16.48 -40.76
C SER G 98 -27.36 15.56 -41.90
N ILE G 99 -26.19 15.81 -42.50
CA ILE G 99 -25.73 15.02 -43.63
C ILE G 99 -25.50 13.57 -43.21
N ALA G 100 -24.89 13.36 -42.04
CA ALA G 100 -24.60 12.00 -41.60
C ALA G 100 -25.88 11.20 -41.38
N LYS G 101 -26.87 11.80 -40.71
CA LYS G 101 -28.12 11.09 -40.45
C LYS G 101 -28.89 10.82 -41.74
N GLU G 102 -28.99 11.82 -42.62
CA GLU G 102 -29.70 11.64 -43.88
C GLU G 102 -29.04 10.57 -44.74
N GLY G 103 -27.71 10.57 -44.82
CA GLY G 103 -27.03 9.55 -45.58
C GLY G 103 -27.15 8.17 -44.96
N PHE G 104 -27.14 8.11 -43.62
CA PHE G 104 -27.34 6.82 -42.95
C PHE G 104 -28.71 6.25 -43.27
N GLU G 105 -29.74 7.10 -43.28
CA GLU G 105 -31.08 6.62 -43.60
C GLU G 105 -31.21 6.24 -45.07
N LYS G 106 -30.53 6.96 -45.96
CA LYS G 106 -30.56 6.60 -47.38
C LYS G 106 -29.73 5.36 -47.71
N ILE G 107 -28.76 5.02 -46.86
CA ILE G 107 -27.91 3.86 -47.10
C ILE G 107 -28.48 2.60 -46.45
N SER G 108 -29.16 2.73 -45.31
CA SER G 108 -29.83 1.57 -44.74
C SER G 108 -30.93 1.05 -45.65
N LYS G 109 -31.49 1.89 -46.52
CA LYS G 109 -32.45 1.42 -47.51
C LYS G 109 -31.79 0.58 -48.59
N GLY G 110 -30.47 0.65 -48.72
CA GLY G 110 -29.76 -0.19 -49.66
C GLY G 110 -29.07 0.57 -50.78
N ALA G 111 -28.67 1.81 -50.52
CA ALA G 111 -27.96 2.59 -51.53
C ALA G 111 -26.46 2.39 -51.41
N ASN G 112 -25.74 2.92 -52.39
CA ASN G 112 -24.28 2.81 -52.42
C ASN G 112 -23.66 4.01 -51.71
N PRO G 113 -22.84 3.81 -50.69
CA PRO G 113 -22.19 4.95 -50.03
C PRO G 113 -21.30 5.76 -50.96
N VAL G 114 -20.65 5.12 -51.92
CA VAL G 114 -19.73 5.83 -52.81
C VAL G 114 -20.51 6.78 -53.73
N GLU G 115 -21.61 6.30 -54.29
CA GLU G 115 -22.42 7.15 -55.16
C GLU G 115 -23.05 8.29 -54.38
N ILE G 116 -23.50 8.01 -53.15
CA ILE G 116 -24.08 9.07 -52.32
C ILE G 116 -23.03 10.10 -51.96
N ARG G 117 -21.81 9.67 -51.62
CA ARG G 117 -20.74 10.62 -51.34
C ARG G 117 -20.43 11.47 -52.57
N ARG G 118 -20.40 10.84 -53.75
CA ARG G 118 -20.12 11.58 -54.97
C ARG G 118 -21.17 12.66 -55.21
N GLY G 119 -22.45 12.31 -55.04
CA GLY G 119 -23.50 13.30 -55.19
C GLY G 119 -23.44 14.40 -54.15
N VAL G 120 -23.15 14.02 -52.90
CA VAL G 120 -23.05 14.99 -51.81
C VAL G 120 -21.95 16.00 -52.08
N MET G 121 -20.79 15.54 -52.55
CA MET G 121 -19.68 16.46 -52.77
C MET G 121 -19.87 17.27 -54.04
N LEU G 122 -20.47 16.70 -55.08
CA LEU G 122 -20.97 17.49 -56.20
C LEU G 122 -21.79 18.68 -55.72
N ALA G 123 -22.84 18.40 -54.94
CA ALA G 123 -23.68 19.45 -54.39
C ALA G 123 -22.89 20.46 -53.58
N VAL G 124 -22.00 19.97 -52.69
CA VAL G 124 -21.22 20.86 -51.85
C VAL G 124 -20.36 21.81 -52.69
N ASP G 125 -19.74 21.29 -53.74
CA ASP G 125 -18.87 22.12 -54.56
C ASP G 125 -19.68 23.15 -55.34
N ALA G 126 -20.88 22.76 -55.81
CA ALA G 126 -21.77 23.74 -56.43
C ALA G 126 -22.12 24.85 -55.45
N VAL G 127 -22.43 24.49 -54.21
CA VAL G 127 -22.80 25.48 -53.20
C VAL G 127 -21.63 26.40 -52.90
N ILE G 128 -20.43 25.84 -52.77
CA ILE G 128 -19.25 26.67 -52.49
C ILE G 128 -18.96 27.61 -53.66
N ALA G 129 -19.19 27.13 -54.89
CA ALA G 129 -19.04 27.99 -56.05
C ALA G 129 -20.00 29.17 -56.01
N GLU G 130 -21.28 28.90 -55.79
CA GLU G 130 -22.25 29.99 -55.70
C GLU G 130 -21.98 30.91 -54.51
N LEU G 131 -21.42 30.35 -53.44
CA LEU G 131 -21.17 31.14 -52.24
C LEU G 131 -19.94 32.02 -52.40
N LYS G 132 -18.94 31.59 -53.19
CA LYS G 132 -17.93 32.52 -53.67
C LYS G 132 -18.54 33.57 -54.59
N LYS G 133 -19.52 33.16 -55.40
CA LYS G 133 -20.14 34.07 -56.36
C LYS G 133 -20.84 35.23 -55.67
N GLN G 134 -21.54 34.95 -54.56
CA GLN G 134 -22.34 35.97 -53.88
C GLN G 134 -21.55 36.76 -52.84
N SER G 135 -20.27 36.49 -52.67
CA SER G 135 -19.49 37.21 -51.66
C SER G 135 -19.31 38.67 -52.06
N LYS G 136 -19.24 39.53 -51.04
CA LYS G 136 -19.02 40.95 -51.22
C LYS G 136 -17.78 41.39 -50.44
N PRO G 137 -16.91 42.22 -51.04
CA PRO G 137 -15.69 42.63 -50.35
C PRO G 137 -15.97 43.78 -49.39
N VAL G 138 -15.49 43.64 -48.14
CA VAL G 138 -15.63 44.69 -47.16
C VAL G 138 -14.99 45.98 -47.68
N THR G 139 -15.70 47.09 -47.50
CA THR G 139 -15.26 48.39 -48.03
C THR G 139 -15.23 49.50 -46.99
N THR G 140 -15.68 49.26 -45.77
CA THR G 140 -15.79 50.30 -44.75
C THR G 140 -15.52 49.71 -43.38
N PRO G 141 -14.93 50.50 -42.47
CA PRO G 141 -14.60 49.97 -41.13
C PRO G 141 -15.81 49.50 -40.33
N GLU G 142 -16.99 50.08 -40.55
CA GLU G 142 -18.16 49.65 -39.80
C GLU G 142 -18.49 48.19 -40.09
N GLU G 143 -18.24 47.74 -41.33
CA GLU G 143 -18.41 46.32 -41.64
C GLU G 143 -17.42 45.46 -40.86
N ILE G 144 -16.19 45.95 -40.70
CA ILE G 144 -15.21 45.23 -39.87
C ILE G 144 -15.71 45.13 -38.44
N ALA G 145 -16.26 46.23 -37.91
CA ALA G 145 -16.81 46.19 -36.56
C ALA G 145 -17.96 45.19 -36.46
N GLN G 146 -18.84 45.17 -37.45
CA GLN G 146 -19.97 44.22 -37.43
C GLN G 146 -19.48 42.78 -37.45
N VAL G 147 -18.50 42.48 -38.31
CA VAL G 147 -17.96 41.11 -38.39
C VAL G 147 -17.33 40.71 -37.06
N ALA G 148 -16.50 41.59 -36.50
CA ALA G 148 -15.87 41.28 -35.21
C ALA G 148 -16.91 41.08 -34.12
N THR G 149 -18.00 41.87 -34.14
CA THR G 149 -18.99 41.79 -33.08
C THR G 149 -19.82 40.51 -33.20
N ILE G 150 -20.15 40.08 -34.41
CA ILE G 150 -20.82 38.79 -34.57
C ILE G 150 -19.90 37.65 -34.16
N SER G 151 -18.67 37.66 -34.66
CA SER G 151 -17.71 36.60 -34.38
C SER G 151 -17.34 36.51 -32.91
N ALA G 152 -17.61 37.56 -32.12
CA ALA G 152 -17.35 37.58 -30.70
C ALA G 152 -18.57 37.21 -29.87
N ASN G 153 -19.59 36.62 -30.50
CA ASN G 153 -20.86 36.28 -29.86
C ASN G 153 -21.52 37.53 -29.26
N GLY G 154 -21.63 38.57 -30.08
CA GLY G 154 -22.38 39.75 -29.72
C GLY G 154 -21.67 40.74 -28.83
N ASP G 155 -20.39 40.52 -28.52
CA ASP G 155 -19.63 41.45 -27.68
C ASP G 155 -19.30 42.68 -28.50
N LYS G 156 -19.86 43.83 -28.09
CA LYS G 156 -19.58 45.08 -28.79
C LYS G 156 -18.17 45.57 -28.50
N GLU G 157 -17.64 45.26 -27.32
CA GLU G 157 -16.29 45.72 -26.97
C GLU G 157 -15.24 45.12 -27.87
N ILE G 158 -15.35 43.80 -28.15
CA ILE G 158 -14.38 43.14 -29.01
C ILE G 158 -14.46 43.71 -30.42
N GLY G 159 -15.67 43.87 -30.94
CA GLY G 159 -15.82 44.47 -32.25
C GLY G 159 -15.22 45.86 -32.33
N ASN G 160 -15.47 46.68 -31.30
CA ASN G 160 -14.97 48.04 -31.31
C ASN G 160 -13.45 48.09 -31.24
N ILE G 161 -12.84 47.27 -30.38
CA ILE G 161 -11.39 47.30 -30.27
C ILE G 161 -10.73 46.75 -31.53
N ILE G 162 -11.33 45.73 -32.15
CA ILE G 162 -10.75 45.18 -33.36
C ILE G 162 -10.87 46.17 -34.51
N SER G 163 -12.02 46.86 -34.61
CA SER G 163 -12.17 47.88 -35.65
C SER G 163 -11.20 49.04 -35.43
N ASP G 164 -11.01 49.44 -34.17
CA ASP G 164 -10.05 50.50 -33.88
C ASP G 164 -8.64 50.08 -34.24
N ALA G 165 -8.28 48.83 -33.96
CA ALA G 165 -6.95 48.33 -34.32
C ALA G 165 -6.76 48.29 -35.83
N MET G 166 -7.77 47.85 -36.56
CA MET G 166 -7.66 47.80 -38.02
C MET G 166 -7.86 49.15 -38.68
N LYS G 167 -8.28 50.16 -37.92
CA LYS G 167 -8.25 51.54 -38.40
C LYS G 167 -6.89 52.19 -38.14
N LYS G 168 -6.27 51.88 -37.01
CA LYS G 168 -4.98 52.45 -36.68
C LYS G 168 -3.87 51.83 -37.52
N VAL G 169 -3.87 50.51 -37.65
CA VAL G 169 -2.80 49.81 -38.35
C VAL G 169 -3.15 49.56 -39.81
N GLY G 170 -4.29 48.94 -40.05
CA GLY G 170 -4.74 48.65 -41.40
C GLY G 170 -5.46 47.32 -41.45
N ARG G 171 -6.23 47.12 -42.52
CA ARG G 171 -6.99 45.88 -42.68
C ARG G 171 -6.06 44.68 -42.80
N LYS G 172 -5.02 44.80 -43.62
CA LYS G 172 -4.02 43.76 -43.80
C LYS G 172 -2.76 44.02 -42.97
N GLY G 173 -2.91 44.65 -41.82
CA GLY G 173 -1.78 44.96 -40.95
C GLY G 173 -1.43 43.80 -40.04
N VAL G 174 -0.70 44.13 -38.98
CA VAL G 174 -0.23 43.14 -38.01
C VAL G 174 -0.91 43.44 -36.69
N ILE G 175 -1.86 42.59 -36.31
CA ILE G 175 -2.56 42.69 -35.04
C ILE G 175 -2.29 41.43 -34.24
N THR G 176 -1.86 41.60 -33.00
CA THR G 176 -1.63 40.50 -32.08
C THR G 176 -2.33 40.78 -30.77
N VAL G 177 -2.78 39.72 -30.10
CA VAL G 177 -3.49 39.81 -28.84
C VAL G 177 -2.71 39.06 -27.76
N LYS G 178 -2.35 39.78 -26.70
CA LYS G 178 -1.61 39.21 -25.58
C LYS G 178 -2.39 39.46 -24.30
N ASP G 179 -2.04 38.72 -23.25
CA ASP G 179 -2.68 38.89 -21.95
C ASP G 179 -2.31 40.22 -21.32
N GLY G 180 -3.09 40.63 -20.34
CA GLY G 180 -2.85 41.88 -19.63
C GLY G 180 -3.23 41.75 -18.17
N LYS G 181 -2.60 42.59 -17.35
CA LYS G 181 -2.76 42.52 -15.90
C LYS G 181 -3.83 43.46 -15.37
N THR G 182 -4.30 44.41 -16.16
CA THR G 182 -5.26 45.40 -15.70
C THR G 182 -6.67 44.82 -15.77
N LEU G 183 -7.67 45.68 -15.60
CA LEU G 183 -9.07 45.27 -15.55
C LEU G 183 -9.84 45.60 -16.83
N ASN G 184 -9.20 46.23 -17.82
CA ASN G 184 -9.87 46.59 -19.05
C ASN G 184 -8.93 46.37 -20.22
N ASP G 185 -9.51 46.10 -21.39
CA ASP G 185 -8.70 45.92 -22.60
C ASP G 185 -8.16 47.25 -23.06
N GLU G 186 -6.85 47.30 -23.34
CA GLU G 186 -6.18 48.50 -23.80
C GLU G 186 -5.51 48.23 -25.14
N LEU G 187 -5.73 49.12 -26.10
CA LEU G 187 -5.14 49.01 -27.43
C LEU G 187 -3.84 49.80 -27.46
N GLU G 188 -2.77 49.14 -27.88
CA GLU G 188 -1.45 49.76 -27.93
C GLU G 188 -0.79 49.49 -29.28
N ILE G 189 -0.20 50.52 -29.86
CA ILE G 189 0.58 50.40 -31.09
C ILE G 189 2.05 50.38 -30.69
N ILE G 190 2.71 49.26 -30.93
CA ILE G 190 4.09 49.05 -30.51
C ILE G 190 4.94 48.76 -31.75
N GLU G 191 6.15 49.30 -31.78
CA GLU G 191 7.01 49.11 -32.93
C GLU G 191 7.47 47.66 -33.04
N GLY G 192 7.19 47.04 -34.18
CA GLY G 192 7.57 45.66 -34.41
C GLY G 192 7.55 45.36 -35.89
N MET G 193 7.90 44.12 -36.22
CA MET G 193 7.92 43.67 -37.60
C MET G 193 7.36 42.26 -37.69
N LYS G 194 6.83 41.93 -38.87
CA LYS G 194 6.34 40.58 -39.14
C LYS G 194 6.55 40.29 -40.62
N PHE G 195 7.08 39.10 -40.90
CA PHE G 195 7.34 38.67 -42.27
C PHE G 195 6.81 37.26 -42.47
N ASP G 196 6.68 36.88 -43.74
CA ASP G 196 5.99 35.65 -44.13
C ASP G 196 6.92 34.44 -44.19
N ARG G 197 7.63 34.19 -43.09
CA ARG G 197 8.41 32.97 -42.92
C ARG G 197 8.22 32.45 -41.50
N GLY G 198 8.27 31.13 -41.35
CA GLY G 198 8.11 30.51 -40.05
C GLY G 198 9.32 29.67 -39.69
N TYR G 199 9.31 29.16 -38.46
CA TYR G 199 10.45 28.39 -37.98
C TYR G 199 10.60 27.10 -38.78
N ILE G 200 11.86 26.73 -39.04
CA ILE G 200 12.15 25.60 -39.92
C ILE G 200 11.79 24.29 -39.24
N SER G 201 12.16 24.13 -37.98
CA SER G 201 11.97 22.87 -37.26
C SER G 201 10.96 23.04 -36.15
N PRO G 202 9.88 22.26 -36.12
CA PRO G 202 8.90 22.38 -35.04
C PRO G 202 9.36 21.75 -33.75
N TYR G 203 10.58 22.08 -33.31
CA TYR G 203 11.13 21.56 -32.08
C TYR G 203 11.56 22.64 -31.11
N PHE G 204 11.56 23.91 -31.51
CA PHE G 204 11.90 25.02 -30.64
C PHE G 204 10.68 25.66 -30.00
N ILE G 205 9.50 25.06 -30.20
CA ILE G 205 8.24 25.66 -29.74
C ILE G 205 8.25 25.71 -28.21
N ASN G 206 8.20 26.93 -27.66
CA ASN G 206 8.05 27.08 -26.23
C ASN G 206 6.59 26.98 -25.80
N THR G 207 5.68 27.43 -26.65
CA THR G 207 4.25 27.44 -26.36
C THR G 207 3.58 26.28 -27.07
N SER G 208 2.87 25.46 -26.29
CA SER G 208 2.08 24.37 -26.86
C SER G 208 0.64 24.76 -27.15
N LYS G 209 0.18 25.88 -26.59
CA LYS G 209 -1.21 26.29 -26.79
C LYS G 209 -1.51 26.61 -28.24
N GLY G 210 -0.54 27.13 -28.99
CA GLY G 210 -0.81 27.59 -30.34
C GLY G 210 0.29 27.28 -31.33
N GLN G 211 1.14 26.30 -31.02
CA GLN G 211 2.30 25.96 -31.86
C GLN G 211 3.19 27.17 -32.06
N LYS G 212 3.56 27.80 -30.95
CA LYS G 212 4.28 29.07 -30.96
C LYS G 212 5.54 28.95 -30.11
N CYS G 213 6.41 29.93 -30.24
CA CYS G 213 7.64 29.99 -29.45
C CYS G 213 7.86 31.44 -29.02
N GLU G 214 7.74 31.70 -27.72
CA GLU G 214 7.79 33.05 -27.18
C GLU G 214 9.11 33.27 -26.44
N PHE G 215 9.75 34.40 -26.69
CA PHE G 215 10.97 34.79 -26.00
C PHE G 215 10.87 36.25 -25.58
N GLN G 216 11.66 36.59 -24.56
CA GLN G 216 11.79 37.95 -24.06
C GLN G 216 13.24 38.36 -24.11
N ASP G 217 13.50 39.54 -24.68
CA ASP G 217 14.84 40.12 -24.76
C ASP G 217 15.82 39.15 -25.42
N ALA G 218 15.57 38.91 -26.70
CA ALA G 218 16.29 37.90 -27.47
C ALA G 218 17.27 38.55 -28.43
N TYR G 219 18.39 37.86 -28.66
CA TYR G 219 19.36 38.25 -29.68
C TYR G 219 18.92 37.83 -31.08
N VAL G 220 19.38 38.59 -32.07
CA VAL G 220 18.99 38.41 -33.46
C VAL G 220 20.27 38.28 -34.27
N LEU G 221 20.69 37.04 -34.55
CA LEU G 221 21.79 36.81 -35.46
C LEU G 221 21.28 36.86 -36.89
N LEU G 222 22.00 37.56 -37.76
CA LEU G 222 21.65 37.65 -39.17
C LEU G 222 22.83 37.18 -40.00
N SER G 223 22.56 36.33 -40.98
CA SER G 223 23.57 35.88 -41.94
C SER G 223 22.83 35.65 -43.25
N GLU G 224 22.85 36.66 -44.13
CA GLU G 224 22.17 36.55 -45.42
C GLU G 224 22.66 35.31 -46.17
N LYS G 225 23.92 34.91 -45.96
CA LYS G 225 24.48 33.73 -46.59
C LYS G 225 24.29 32.52 -45.69
N LYS G 226 24.91 31.40 -46.05
CA LYS G 226 24.83 30.17 -45.27
C LYS G 226 25.95 30.14 -44.22
N ILE G 227 25.73 29.36 -43.18
CA ILE G 227 26.73 29.17 -42.14
C ILE G 227 27.93 28.45 -42.74
N SER G 228 29.07 29.14 -42.79
CA SER G 228 30.24 28.60 -43.46
C SER G 228 30.84 27.44 -42.69
N SER G 229 30.98 27.59 -41.37
CA SER G 229 31.64 26.58 -40.55
C SER G 229 30.93 26.47 -39.21
N ILE G 230 31.11 25.31 -38.58
CA ILE G 230 30.58 25.12 -37.23
C ILE G 230 31.31 26.01 -36.23
N GLN G 231 32.61 26.26 -36.46
CA GLN G 231 33.35 27.24 -35.68
C GLN G 231 32.95 28.67 -36.01
N SER G 232 31.97 28.86 -36.89
CA SER G 232 31.38 30.17 -37.14
C SER G 232 30.03 30.35 -36.47
N ILE G 233 29.46 29.28 -35.90
CA ILE G 233 28.24 29.39 -35.11
C ILE G 233 28.49 29.07 -33.64
N VAL G 234 29.53 28.30 -33.31
CA VAL G 234 29.87 28.08 -31.90
C VAL G 234 30.19 29.38 -31.18
N PRO G 235 31.01 30.29 -31.72
CA PRO G 235 31.25 31.56 -31.00
C PRO G 235 29.99 32.40 -30.82
N ALA G 236 29.08 32.38 -31.79
CA ALA G 236 27.82 33.12 -31.64
C ALA G 236 27.01 32.56 -30.47
N LEU G 237 26.96 31.24 -30.34
CA LEU G 237 26.23 30.64 -29.22
C LEU G 237 26.96 30.89 -27.91
N GLU G 238 28.29 30.94 -27.92
CA GLU G 238 29.04 31.30 -26.72
C GLU G 238 28.71 32.72 -26.28
N ILE G 239 28.65 33.66 -27.23
CA ILE G 239 28.28 35.03 -26.89
C ILE G 239 26.86 35.08 -26.35
N ALA G 240 25.93 34.36 -26.99
CA ALA G 240 24.56 34.32 -26.52
C ALA G 240 24.48 33.79 -25.09
N ASN G 241 25.18 32.71 -24.80
CA ASN G 241 25.16 32.12 -23.46
C ASN G 241 25.79 33.06 -22.44
N ALA G 242 26.89 33.72 -22.79
CA ALA G 242 27.58 34.58 -21.84
C ALA G 242 26.85 35.90 -21.64
N HIS G 243 26.04 36.32 -22.61
CA HIS G 243 25.31 37.58 -22.52
C HIS G 243 23.85 37.38 -22.16
N ARG G 244 23.52 36.23 -21.55
CA ARG G 244 22.23 35.95 -20.92
C ARG G 244 21.04 36.38 -21.79
N LYS G 245 21.10 36.04 -23.08
CA LYS G 245 20.00 36.38 -23.97
C LYS G 245 19.86 35.31 -25.05
N PRO G 246 18.64 34.93 -25.39
CA PRO G 246 18.40 33.81 -26.33
C PRO G 246 18.53 34.24 -27.78
N LEU G 247 19.49 33.64 -28.49
CA LEU G 247 19.72 33.94 -29.89
C LEU G 247 18.49 33.63 -30.74
N VAL G 248 18.32 34.39 -31.81
CA VAL G 248 17.31 34.13 -32.84
C VAL G 248 17.95 34.35 -34.20
N ILE G 249 18.31 33.27 -34.89
CA ILE G 249 19.10 33.35 -36.12
C ILE G 249 18.17 33.32 -37.33
N ILE G 250 18.61 33.97 -38.41
CA ILE G 250 17.89 34.01 -39.68
C ILE G 250 18.92 33.84 -40.79
N ALA G 251 18.92 32.66 -41.43
CA ALA G 251 19.79 32.36 -42.55
C ALA G 251 18.95 32.00 -43.77
N GLU G 252 19.63 31.69 -44.88
CA GLU G 252 18.93 31.24 -46.09
C GLU G 252 18.16 29.95 -45.83
N ASP G 253 18.88 28.87 -45.52
CA ASP G 253 18.27 27.57 -45.31
C ASP G 253 19.12 26.80 -44.31
N VAL G 254 18.51 26.34 -43.23
CA VAL G 254 19.20 25.59 -42.18
C VAL G 254 18.42 24.30 -42.00
N ASP G 255 18.84 23.24 -42.71
CA ASP G 255 18.12 21.97 -42.71
C ASP G 255 19.01 20.79 -42.32
N GLY G 256 20.21 20.70 -42.88
CA GLY G 256 21.01 19.50 -42.76
C GLY G 256 21.75 19.31 -41.45
N GLU G 257 22.68 20.20 -41.13
CA GLU G 257 23.59 19.99 -40.01
C GLU G 257 23.43 21.03 -38.91
N ALA G 258 23.45 22.32 -39.26
CA ALA G 258 23.32 23.36 -38.24
C ALA G 258 21.98 23.24 -37.51
N LEU G 259 20.91 22.88 -38.25
CA LEU G 259 19.62 22.71 -37.60
C LEU G 259 19.60 21.48 -36.71
N SER G 260 20.29 20.42 -37.11
CA SER G 260 20.41 19.26 -36.23
C SER G 260 21.15 19.60 -34.95
N THR G 261 22.22 20.40 -35.06
CA THR G 261 22.94 20.84 -33.87
C THR G 261 22.05 21.70 -32.98
N LEU G 262 21.28 22.61 -33.58
CA LEU G 262 20.39 23.45 -32.78
C LEU G 262 19.32 22.62 -32.09
N VAL G 263 18.80 21.60 -32.77
CA VAL G 263 17.76 20.76 -32.17
C VAL G 263 18.34 19.92 -31.04
N LEU G 264 19.57 19.42 -31.20
CA LEU G 264 20.15 18.60 -30.14
C LEU G 264 20.57 19.46 -28.96
N ASN G 265 20.95 20.71 -29.20
CA ASN G 265 21.20 21.64 -28.10
C ASN G 265 19.91 22.17 -27.49
N ARG G 266 18.78 22.01 -28.18
CA ARG G 266 17.49 22.40 -27.61
C ARG G 266 17.13 21.52 -26.42
N LEU G 267 17.49 20.24 -26.47
CA LEU G 267 17.21 19.34 -25.35
C LEU G 267 18.04 19.67 -24.12
N LYS G 268 19.05 20.51 -24.24
CA LYS G 268 19.77 20.97 -23.06
C LYS G 268 18.91 21.93 -22.25
N VAL G 269 18.98 21.81 -20.92
CA VAL G 269 18.16 22.61 -20.04
C VAL G 269 18.63 24.06 -20.10
N GLY G 270 17.73 24.96 -20.51
CA GLY G 270 18.01 26.37 -20.52
C GLY G 270 18.59 26.93 -21.81
N LEU G 271 18.83 26.09 -22.82
CA LEU G 271 19.37 26.55 -24.09
C LEU G 271 18.22 26.91 -25.02
N GLN G 272 18.21 28.14 -25.51
CA GLN G 272 17.11 28.66 -26.31
C GLN G 272 17.66 29.38 -27.54
N VAL G 273 17.37 28.85 -28.72
CA VAL G 273 17.75 29.49 -29.97
C VAL G 273 16.83 28.94 -31.07
N VAL G 274 16.32 29.83 -31.92
CA VAL G 274 15.44 29.45 -33.00
C VAL G 274 16.05 29.89 -34.33
N ALA G 275 15.72 29.16 -35.39
CA ALA G 275 16.15 29.46 -36.74
C ALA G 275 14.94 29.83 -37.58
N VAL G 276 15.11 30.78 -38.50
CA VAL G 276 14.03 31.26 -39.34
C VAL G 276 14.53 31.38 -40.77
N LYS G 277 13.79 30.82 -41.71
CA LYS G 277 14.10 30.96 -43.12
C LYS G 277 14.17 32.43 -43.50
N ALA G 278 15.11 32.76 -44.39
CA ALA G 278 15.25 34.13 -44.85
C ALA G 278 13.95 34.61 -45.47
N PRO G 279 13.58 35.88 -45.26
CA PRO G 279 12.23 36.32 -45.67
C PRO G 279 11.99 36.31 -47.17
N GLY G 280 12.91 36.87 -47.97
CA GLY G 280 12.69 37.00 -49.39
C GLY G 280 13.42 35.93 -50.21
N PHE G 281 13.31 36.10 -51.53
CA PHE G 281 14.04 35.25 -52.47
C PHE G 281 14.80 36.02 -53.54
N GLY G 282 14.44 37.27 -53.82
CA GLY G 282 15.17 38.06 -54.80
C GLY G 282 15.89 39.24 -54.19
N ASP G 283 15.58 40.46 -54.67
CA ASP G 283 16.20 41.66 -54.11
C ASP G 283 15.60 42.02 -52.76
N ASN G 284 14.34 41.64 -52.53
CA ASN G 284 13.74 41.84 -51.21
C ASN G 284 14.50 41.06 -50.15
N ARG G 285 14.97 39.85 -50.48
CA ARG G 285 15.85 39.15 -49.56
C ARG G 285 17.12 39.96 -49.28
N LYS G 286 17.58 40.74 -50.27
CA LYS G 286 18.81 41.49 -50.09
C LYS G 286 18.61 42.74 -49.24
N ASN G 287 17.42 43.35 -49.28
CA ASN G 287 17.23 44.63 -48.58
C ASN G 287 16.43 44.53 -47.29
N GLN G 288 15.53 43.55 -47.16
CA GLN G 288 14.77 43.40 -45.92
C GLN G 288 15.69 43.05 -44.75
N LEU G 289 16.77 42.32 -45.01
CA LEU G 289 17.71 42.02 -43.94
C LEU G 289 18.49 43.26 -43.50
N LYS G 290 18.81 44.15 -44.45
CA LYS G 290 19.35 45.45 -44.07
C LYS G 290 18.36 46.22 -43.23
N ASP G 291 17.07 46.18 -43.60
CA ASP G 291 16.04 46.85 -42.81
C ASP G 291 15.99 46.31 -41.40
N MET G 292 16.02 44.98 -41.25
CA MET G 292 15.95 44.37 -39.93
C MET G 292 17.22 44.67 -39.11
N ALA G 293 18.38 44.67 -39.75
CA ALA G 293 19.61 44.99 -39.04
C ALA G 293 19.62 46.43 -38.56
N ILE G 294 19.07 47.34 -39.37
CA ILE G 294 18.96 48.73 -38.94
C ILE G 294 17.96 48.87 -37.80
N ALA G 295 16.83 48.15 -37.89
CA ALA G 295 15.82 48.24 -36.85
C ALA G 295 16.33 47.70 -35.52
N THR G 296 16.73 46.43 -35.49
CA THR G 296 17.25 45.83 -34.26
C THR G 296 18.50 46.55 -33.78
N GLY G 297 19.58 46.48 -34.56
CA GLY G 297 20.79 47.20 -34.25
C GLY G 297 22.01 46.31 -34.36
N GLY G 298 23.05 46.76 -35.05
CA GLY G 298 24.26 45.95 -35.14
C GLY G 298 24.96 46.00 -36.49
N ALA G 299 25.21 44.83 -37.06
CA ALA G 299 25.89 44.72 -38.35
C ALA G 299 25.42 43.45 -39.03
N VAL G 300 25.62 43.40 -40.34
CA VAL G 300 25.21 42.27 -41.18
C VAL G 300 26.43 41.38 -41.42
N PHE G 301 26.28 40.09 -41.15
CA PHE G 301 27.34 39.11 -41.34
C PHE G 301 27.13 38.37 -42.65
N GLY G 302 28.16 38.34 -43.48
CA GLY G 302 28.13 37.59 -44.73
C GLY G 302 27.86 38.39 -45.98
N GLU G 303 28.24 39.67 -46.01
CA GLU G 303 27.96 40.49 -47.17
C GLU G 303 28.96 40.21 -48.30
N GLU G 304 28.53 40.51 -49.52
CA GLU G 304 29.37 40.31 -50.70
C GLU G 304 30.42 41.39 -50.87
N GLY G 305 30.35 42.46 -50.07
CA GLY G 305 31.31 43.53 -50.18
C GLY G 305 32.02 43.83 -48.89
N LEU G 306 31.49 43.32 -47.77
CA LEU G 306 32.10 43.55 -46.46
C LEU G 306 32.81 42.32 -45.92
N THR G 307 32.50 41.13 -46.45
CA THR G 307 33.21 39.89 -46.10
C THR G 307 33.27 39.68 -44.58
N LEU G 308 32.17 40.00 -43.90
CA LEU G 308 32.12 39.88 -42.44
C LEU G 308 31.86 38.43 -42.10
N ASN G 309 32.92 37.70 -41.73
CA ASN G 309 32.79 36.29 -41.41
C ASN G 309 32.03 36.10 -40.09
N LEU G 310 31.30 34.99 -40.02
CA LEU G 310 30.54 34.68 -38.81
C LEU G 310 31.44 34.30 -37.64
N GLU G 311 32.69 33.90 -37.92
CA GLU G 311 33.60 33.54 -36.83
C GLU G 311 33.92 34.73 -35.94
N ASP G 312 34.12 35.91 -36.54
CA ASP G 312 34.43 37.12 -35.78
C ASP G 312 33.12 37.81 -35.38
N VAL G 313 32.39 37.14 -34.50
CA VAL G 313 31.12 37.63 -33.99
C VAL G 313 31.39 38.43 -32.72
N GLN G 314 30.68 39.54 -32.56
CA GLN G 314 30.88 40.44 -31.44
C GLN G 314 29.53 40.87 -30.88
N PRO G 315 29.47 41.10 -29.55
CA PRO G 315 28.17 41.45 -28.93
C PRO G 315 27.59 42.77 -29.41
N HIS G 316 28.36 43.60 -30.10
CA HIS G 316 27.87 44.87 -30.63
C HIS G 316 27.42 44.76 -32.08
N ASP G 317 27.50 43.57 -32.68
CA ASP G 317 27.13 43.38 -34.08
C ASP G 317 25.85 42.59 -34.27
N LEU G 318 25.35 41.92 -33.23
CA LEU G 318 24.11 41.16 -33.33
C LEU G 318 22.92 42.05 -33.05
N GLY G 319 21.77 41.67 -33.62
CA GLY G 319 20.55 42.41 -33.40
C GLY G 319 19.96 42.17 -32.02
N LYS G 320 19.05 43.07 -31.64
CA LYS G 320 18.36 42.97 -30.37
C LYS G 320 16.88 43.24 -30.57
N VAL G 321 16.04 42.42 -29.93
CA VAL G 321 14.59 42.60 -29.94
C VAL G 321 14.07 42.39 -28.53
N GLY G 322 12.81 42.75 -28.33
CA GLY G 322 12.18 42.60 -27.03
C GLY G 322 11.40 41.30 -26.92
N GLU G 323 10.60 40.99 -27.94
CA GLU G 323 9.76 39.80 -27.94
C GLU G 323 9.92 39.07 -29.27
N VAL G 324 10.01 37.74 -29.20
CA VAL G 324 10.05 36.89 -30.39
C VAL G 324 8.98 35.82 -30.24
N ILE G 325 8.00 35.83 -31.13
CA ILE G 325 6.94 34.84 -31.16
C ILE G 325 6.78 34.37 -32.61
N VAL G 326 7.18 33.14 -32.88
CA VAL G 326 7.27 32.59 -34.23
C VAL G 326 6.28 31.43 -34.36
N THR G 327 5.54 31.42 -35.46
CA THR G 327 4.56 30.38 -35.75
C THR G 327 5.07 29.52 -36.90
N LYS G 328 4.29 28.47 -37.19
CA LYS G 328 4.67 27.51 -38.23
C LYS G 328 4.94 28.20 -39.56
N ASP G 329 4.17 29.25 -39.88
CA ASP G 329 4.29 29.92 -41.17
C ASP G 329 4.78 31.36 -41.09
N ASP G 330 4.57 32.05 -39.97
CA ASP G 330 4.92 33.46 -39.84
C ASP G 330 5.72 33.69 -38.57
N ALA G 331 6.51 34.77 -38.57
CA ALA G 331 7.36 35.12 -37.44
C ALA G 331 7.22 36.60 -37.13
N MET G 332 7.15 36.92 -35.83
CA MET G 332 7.03 38.29 -35.37
C MET G 332 8.20 38.62 -34.44
N LEU G 333 8.85 39.76 -34.69
CA LEU G 333 9.91 40.29 -33.84
C LEU G 333 9.42 41.61 -33.27
N LEU G 334 9.12 41.62 -31.98
CA LEU G 334 8.45 42.75 -31.34
C LEU G 334 9.40 43.51 -30.42
N LYS G 335 9.22 44.83 -30.39
CA LYS G 335 10.02 45.74 -29.56
C LYS G 335 11.51 45.62 -29.87
N GLY G 336 11.83 45.82 -31.14
CA GLY G 336 13.22 45.91 -31.54
C GLY G 336 13.75 47.32 -31.40
N LYS G 337 14.48 47.58 -30.33
CA LYS G 337 14.96 48.92 -30.03
C LYS G 337 16.34 49.11 -30.63
N GLY G 338 16.43 49.95 -31.66
CA GLY G 338 17.70 50.26 -32.28
C GLY G 338 17.98 51.75 -32.34
N ASP G 339 18.92 52.15 -33.19
CA ASP G 339 19.27 53.55 -33.35
C ASP G 339 18.14 54.26 -34.09
N LYS G 340 17.36 55.07 -33.36
CA LYS G 340 16.24 55.77 -33.99
C LYS G 340 16.72 56.75 -35.06
N ALA G 341 17.91 57.32 -34.90
CA ALA G 341 18.48 58.14 -35.96
C ALA G 341 18.75 57.30 -37.21
N GLN G 342 19.27 56.09 -37.02
CA GLN G 342 19.50 55.20 -38.16
C GLN G 342 18.18 54.81 -38.82
N ILE G 343 17.13 54.61 -38.02
CA ILE G 343 15.82 54.25 -38.57
C ILE G 343 15.24 55.42 -39.35
N GLU G 344 15.40 56.64 -38.84
CA GLU G 344 14.96 57.82 -39.57
C GLU G 344 15.74 57.98 -40.88
N LYS G 345 17.05 57.70 -40.85
CA LYS G 345 17.84 57.77 -42.07
C LYS G 345 17.38 56.73 -43.07
N ARG G 346 17.06 55.52 -42.61
CA ARG G 346 16.57 54.47 -43.50
C ARG G 346 15.22 54.85 -44.11
N ILE G 347 14.35 55.48 -43.30
CA ILE G 347 13.06 55.91 -43.80
C ILE G 347 13.23 57.02 -44.84
N GLN G 348 14.15 57.95 -44.59
CA GLN G 348 14.44 58.99 -45.57
C GLN G 348 14.97 58.39 -46.87
N GLU G 349 15.85 57.40 -46.76
CA GLU G 349 16.35 56.72 -47.95
C GLU G 349 15.23 56.05 -48.72
N ILE G 350 14.30 55.39 -48.01
CA ILE G 350 13.21 54.70 -48.67
C ILE G 350 12.28 55.69 -49.37
N ILE G 351 11.94 56.79 -48.68
CA ILE G 351 11.03 57.77 -49.29
C ILE G 351 11.71 58.55 -50.41
N GLU G 352 13.05 58.63 -50.41
CA GLU G 352 13.74 59.21 -51.55
C GLU G 352 13.75 58.25 -52.73
N GLN G 353 13.97 56.96 -52.48
CA GLN G 353 13.89 55.95 -53.52
C GLN G 353 12.47 55.81 -54.07
N LEU G 354 11.46 56.19 -53.29
CA LEU G 354 10.08 56.06 -53.75
C LEU G 354 9.82 56.87 -55.01
N ASP G 355 10.24 58.13 -55.02
CA ASP G 355 10.05 59.00 -56.18
C ASP G 355 11.31 59.06 -57.03
N VAL G 356 11.65 57.89 -57.58
CA VAL G 356 12.77 57.77 -58.51
C VAL G 356 12.27 57.15 -59.80
N THR G 357 11.64 55.98 -59.69
CA THR G 357 11.11 55.28 -60.85
C THR G 357 9.98 54.38 -60.40
N THR G 358 9.14 53.99 -61.36
CA THR G 358 8.01 53.11 -61.12
C THR G 358 8.08 51.93 -62.07
N SER G 359 7.93 50.71 -61.53
CA SER G 359 8.01 49.50 -62.33
C SER G 359 6.75 48.65 -62.27
N GLU G 360 5.74 49.04 -61.49
CA GLU G 360 4.46 48.37 -61.32
C GLU G 360 4.58 47.03 -60.61
N TYR G 361 5.80 46.58 -60.27
CA TYR G 361 5.99 45.39 -59.47
C TYR G 361 6.95 45.58 -58.30
N GLU G 362 7.78 46.63 -58.32
CA GLU G 362 8.72 46.91 -57.25
C GLU G 362 8.25 48.05 -56.35
N LYS G 363 7.41 48.94 -56.87
CA LYS G 363 6.74 49.91 -56.02
C LYS G 363 5.97 49.24 -54.89
N GLU G 364 5.39 48.07 -55.17
CA GLU G 364 4.69 47.31 -54.12
C GLU G 364 5.66 46.93 -53.00
N LYS G 365 6.85 46.46 -53.36
CA LYS G 365 7.85 46.12 -52.35
C LYS G 365 8.30 47.36 -51.59
N LEU G 366 8.46 48.49 -52.29
CA LEU G 366 8.86 49.72 -51.61
C LEU G 366 7.81 50.14 -50.59
N ASN G 367 6.53 50.12 -50.98
CA ASN G 367 5.47 50.50 -50.05
C ASN G 367 5.31 49.49 -48.93
N GLU G 368 5.58 48.20 -49.20
CA GLU G 368 5.52 47.21 -48.15
C GLU G 368 6.60 47.46 -47.10
N ARG G 369 7.83 47.76 -47.54
CA ARG G 369 8.88 48.08 -46.58
C ARG G 369 8.57 49.38 -45.84
N LEU G 370 7.99 50.36 -46.54
CA LEU G 370 7.56 51.60 -45.90
C LEU G 370 6.56 51.31 -44.78
N ALA G 371 5.58 50.44 -45.06
CA ALA G 371 4.57 50.12 -44.06
C ALA G 371 5.17 49.31 -42.91
N LYS G 372 6.08 48.38 -43.22
CA LYS G 372 6.70 47.56 -42.19
C LYS G 372 7.57 48.39 -41.25
N LEU G 373 8.20 49.44 -41.76
CA LEU G 373 9.01 50.31 -40.92
C LEU G 373 8.23 51.49 -40.35
N SER G 374 7.00 51.71 -40.81
CA SER G 374 6.18 52.84 -40.35
C SER G 374 5.03 52.42 -39.46
N ASP G 375 4.19 51.48 -39.91
CA ASP G 375 3.00 51.09 -39.18
C ASP G 375 3.38 50.12 -38.06
N GLY G 376 3.23 50.56 -36.82
CA GLY G 376 3.58 49.74 -35.68
C GLY G 376 2.65 48.56 -35.50
N VAL G 377 3.08 47.63 -34.66
CA VAL G 377 2.31 46.43 -34.38
C VAL G 377 1.28 46.73 -33.30
N ALA G 378 0.02 46.42 -33.58
CA ALA G 378 -1.07 46.64 -32.64
C ALA G 378 -1.17 45.44 -31.70
N VAL G 379 -1.01 45.69 -30.40
CA VAL G 379 -1.12 44.64 -29.39
C VAL G 379 -2.37 44.93 -28.56
N LEU G 380 -3.27 43.96 -28.49
CA LEU G 380 -4.53 44.06 -27.77
C LEU G 380 -4.39 43.32 -26.45
N LYS G 381 -3.97 44.04 -25.41
CA LYS G 381 -3.79 43.44 -24.10
C LYS G 381 -5.14 43.11 -23.49
N VAL G 382 -5.26 41.90 -22.93
CA VAL G 382 -6.52 41.39 -22.41
C VAL G 382 -6.40 41.23 -20.91
N GLY G 383 -7.26 41.92 -20.17
CA GLY G 383 -7.23 41.84 -18.72
C GLY G 383 -8.54 41.38 -18.11
N GLY G 384 -8.48 40.92 -16.85
CA GLY G 384 -9.67 40.46 -16.16
C GLY G 384 -9.49 40.32 -14.66
N THR G 385 -10.07 39.28 -14.08
CA THR G 385 -10.01 39.07 -12.65
C THR G 385 -9.56 37.66 -12.26
N SER G 386 -9.22 36.81 -13.22
CA SER G 386 -8.87 35.43 -12.93
C SER G 386 -8.29 34.80 -14.20
N ASP G 387 -7.37 33.86 -14.01
CA ASP G 387 -6.69 33.23 -15.13
C ASP G 387 -7.67 32.59 -16.10
N VAL G 388 -8.72 31.94 -15.57
CA VAL G 388 -9.71 31.33 -16.45
C VAL G 388 -10.47 32.39 -17.23
N GLU G 389 -10.76 33.53 -16.60
CA GLU G 389 -11.49 34.57 -17.30
C GLU G 389 -10.64 35.21 -18.38
N VAL G 390 -9.36 35.46 -18.09
CA VAL G 390 -8.50 36.06 -19.10
C VAL G 390 -8.22 35.07 -20.22
N ASN G 391 -8.23 33.77 -19.93
CA ASN G 391 -8.06 32.78 -21.00
C ASN G 391 -9.29 32.74 -21.90
N GLU G 392 -10.48 32.76 -21.29
CA GLU G 392 -11.72 32.82 -22.09
C GLU G 392 -11.75 34.06 -22.96
N LYS G 393 -11.41 35.22 -22.38
CA LYS G 393 -11.43 36.47 -23.12
C LYS G 393 -10.40 36.45 -24.25
N LYS G 394 -9.20 35.93 -23.97
CA LYS G 394 -8.17 35.80 -25.00
C LYS G 394 -8.65 34.93 -26.15
N ASP G 395 -9.27 33.79 -25.84
CA ASP G 395 -9.75 32.91 -26.90
C ASP G 395 -10.83 33.59 -27.72
N ARG G 396 -11.78 34.29 -27.07
CA ARG G 396 -12.84 34.94 -27.81
C ARG G 396 -12.30 36.03 -28.74
N VAL G 397 -11.39 36.86 -28.23
CA VAL G 397 -10.88 37.94 -29.06
C VAL G 397 -9.96 37.41 -30.17
N THR G 398 -9.22 36.33 -29.90
CA THR G 398 -8.41 35.73 -30.95
C THR G 398 -9.28 35.16 -32.06
N ASP G 399 -10.37 34.48 -31.70
CA ASP G 399 -11.28 33.97 -32.71
C ASP G 399 -11.93 35.10 -33.50
N ALA G 400 -12.27 36.21 -32.82
CA ALA G 400 -12.82 37.36 -33.52
C ALA G 400 -11.80 37.96 -34.49
N LEU G 401 -10.53 38.01 -34.11
CA LEU G 401 -9.49 38.46 -35.05
C LEU G 401 -9.41 37.54 -36.26
N ASN G 402 -9.41 36.22 -36.03
CA ASN G 402 -9.34 35.29 -37.14
C ASN G 402 -10.52 35.45 -38.09
N ALA G 403 -11.72 35.64 -37.55
CA ALA G 403 -12.89 35.77 -38.41
C ALA G 403 -12.89 37.11 -39.15
N THR G 404 -12.39 38.18 -38.51
CA THR G 404 -12.24 39.45 -39.22
C THR G 404 -11.24 39.34 -40.37
N ARG G 405 -10.12 38.66 -40.12
CA ARG G 405 -9.15 38.43 -41.19
C ARG G 405 -9.78 37.63 -42.33
N ALA G 406 -10.54 36.58 -41.98
CA ALA G 406 -11.21 35.78 -42.99
C ALA G 406 -12.24 36.60 -43.76
N ALA G 407 -12.81 37.62 -43.12
CA ALA G 407 -13.74 38.51 -43.82
C ALA G 407 -13.00 39.45 -44.76
N VAL G 408 -11.86 39.99 -44.33
CA VAL G 408 -11.12 40.95 -45.15
C VAL G 408 -10.24 40.23 -46.17
N GLU G 409 -10.24 38.90 -46.19
CA GLU G 409 -9.44 38.16 -47.16
C GLU G 409 -10.26 37.64 -48.33
N GLU G 410 -11.51 37.23 -48.11
CA GLU G 410 -12.36 36.75 -49.18
C GLU G 410 -13.67 37.52 -49.31
N GLY G 411 -14.19 38.08 -48.24
CA GLY G 411 -15.39 38.90 -48.30
C GLY G 411 -16.32 38.56 -47.16
N ILE G 412 -17.59 38.91 -47.35
CA ILE G 412 -18.65 38.63 -46.40
C ILE G 412 -19.84 38.05 -47.16
N VAL G 413 -20.80 37.54 -46.40
CA VAL G 413 -22.00 36.93 -46.98
C VAL G 413 -23.09 36.96 -45.92
N LEU G 414 -24.34 37.07 -46.37
CA LEU G 414 -25.46 37.26 -45.48
C LEU G 414 -25.50 36.23 -44.36
N GLY G 415 -25.60 36.70 -43.12
CA GLY G 415 -25.58 35.85 -41.96
C GLY G 415 -26.95 35.30 -41.62
N GLY G 416 -27.01 34.63 -40.46
CA GLY G 416 -28.25 34.03 -39.99
C GLY G 416 -28.65 32.77 -40.72
N GLY G 417 -27.71 32.14 -41.43
CA GLY G 417 -28.04 30.98 -42.23
C GLY G 417 -28.62 31.30 -43.60
N CYS G 418 -28.75 32.58 -43.94
CA CYS G 418 -29.28 32.97 -45.24
C CYS G 418 -28.27 32.81 -46.36
N ALA G 419 -26.98 32.77 -46.04
CA ALA G 419 -25.96 32.53 -47.07
C ALA G 419 -26.17 31.18 -47.72
N LEU G 420 -26.44 30.14 -46.93
CA LEU G 420 -26.70 28.81 -47.44
C LEU G 420 -28.14 28.64 -47.92
N LEU G 421 -28.97 29.68 -47.79
CA LEU G 421 -30.36 29.60 -48.22
C LEU G 421 -30.57 30.20 -49.60
N ARG G 422 -29.58 30.92 -50.12
CA ARG G 422 -29.60 31.44 -51.48
C ARG G 422 -28.68 30.65 -52.39
N CYS G 423 -28.13 29.54 -51.91
CA CYS G 423 -27.37 28.60 -52.71
C CYS G 423 -28.20 27.38 -53.10
N ILE G 424 -29.43 27.28 -52.61
CA ILE G 424 -30.31 26.19 -53.03
C ILE G 424 -30.65 26.26 -54.52
N PRO G 425 -30.97 27.42 -55.12
CA PRO G 425 -31.35 27.41 -56.54
C PRO G 425 -30.29 26.79 -57.45
N ALA G 426 -29.02 26.94 -57.12
CA ALA G 426 -27.95 26.34 -57.92
C ALA G 426 -28.09 24.83 -58.04
N LEU G 427 -28.74 24.18 -57.07
CA LEU G 427 -28.84 22.73 -57.08
C LEU G 427 -29.88 22.20 -58.05
N ASP G 428 -30.49 23.07 -58.85
CA ASP G 428 -31.41 22.63 -59.90
C ASP G 428 -30.77 22.61 -61.27
N SER G 429 -29.67 23.34 -61.47
CA SER G 429 -28.98 23.35 -62.76
C SER G 429 -28.16 22.10 -62.98
N LEU G 430 -27.56 21.54 -61.94
CA LEU G 430 -26.76 20.34 -62.07
C LEU G 430 -27.63 19.14 -62.39
N THR G 431 -27.01 18.12 -62.97
CA THR G 431 -27.68 16.86 -63.27
C THR G 431 -26.82 15.71 -62.79
N PRO G 432 -27.38 14.78 -62.01
CA PRO G 432 -26.59 13.64 -61.52
C PRO G 432 -26.39 12.58 -62.58
N ALA G 433 -25.37 11.75 -62.34
CA ALA G 433 -25.13 10.59 -63.20
C ALA G 433 -26.20 9.52 -62.97
N ASN G 434 -26.49 9.21 -61.71
CA ASN G 434 -27.46 8.17 -61.40
C ASN G 434 -28.46 8.64 -60.34
N GLU G 435 -29.25 7.72 -59.81
CA GLU G 435 -30.25 8.09 -58.81
C GLU G 435 -29.62 8.41 -57.46
N ASP G 436 -28.49 7.78 -57.13
CA ASP G 436 -27.89 8.00 -55.82
C ASP G 436 -27.21 9.35 -55.71
N GLN G 437 -26.66 9.87 -56.80
CA GLN G 437 -26.17 11.24 -56.77
C GLN G 437 -27.31 12.24 -56.61
N LYS G 438 -28.47 11.96 -57.21
CA LYS G 438 -29.65 12.76 -56.94
C LYS G 438 -30.06 12.66 -55.48
N ILE G 439 -29.93 11.48 -54.89
CA ILE G 439 -30.22 11.30 -53.46
C ILE G 439 -29.29 12.20 -52.63
N GLY G 440 -28.01 12.20 -52.95
CA GLY G 440 -27.07 13.05 -52.23
C GLY G 440 -27.34 14.53 -52.42
N ILE G 441 -27.78 14.92 -53.61
CA ILE G 441 -28.09 16.32 -53.86
C ILE G 441 -29.33 16.74 -53.07
N GLU G 442 -30.33 15.85 -52.98
CA GLU G 442 -31.47 16.12 -52.12
C GLU G 442 -31.03 16.25 -50.67
N ILE G 443 -30.13 15.38 -50.23
CA ILE G 443 -29.61 15.47 -48.86
C ILE G 443 -29.00 16.84 -48.62
N ILE G 444 -28.21 17.32 -49.57
CA ILE G 444 -27.52 18.59 -49.34
C ILE G 444 -28.50 19.76 -49.38
N LYS G 445 -29.45 19.75 -50.31
CA LYS G 445 -30.39 20.88 -50.35
C LYS G 445 -31.30 20.89 -49.14
N ARG G 446 -31.61 19.72 -48.58
CA ARG G 446 -32.31 19.68 -47.30
C ARG G 446 -31.42 20.19 -46.17
N THR G 447 -30.13 19.89 -46.23
CA THR G 447 -29.20 20.30 -45.18
C THR G 447 -28.95 21.81 -45.15
N LEU G 448 -29.30 22.53 -46.21
CA LEU G 448 -28.94 23.94 -46.30
C LEU G 448 -29.92 24.85 -45.59
N LYS G 449 -31.04 24.31 -45.13
CA LYS G 449 -32.01 25.05 -44.33
C LYS G 449 -31.81 24.87 -42.83
N ILE G 450 -30.84 24.05 -42.43
CA ILE G 450 -30.66 23.64 -41.03
C ILE G 450 -30.10 24.77 -40.19
N PRO G 451 -29.10 25.55 -40.63
CA PRO G 451 -28.65 26.67 -39.77
C PRO G 451 -29.73 27.71 -39.51
N ALA G 452 -30.45 28.16 -40.54
CA ALA G 452 -31.51 29.13 -40.35
C ALA G 452 -32.63 28.56 -39.48
N MET G 453 -33.01 27.31 -39.71
CA MET G 453 -34.05 26.67 -38.91
C MET G 453 -33.62 26.58 -37.45
N THR G 454 -32.36 26.23 -37.21
CA THR G 454 -31.86 26.11 -35.85
C THR G 454 -31.85 27.46 -35.14
N ILE G 455 -31.40 28.50 -35.83
CA ILE G 455 -31.37 29.84 -35.23
C ILE G 455 -32.79 30.30 -34.90
N ALA G 456 -33.72 30.12 -35.84
CA ALA G 456 -35.10 30.51 -35.60
C ALA G 456 -35.73 29.70 -34.47
N LYS G 457 -35.45 28.40 -34.43
CA LYS G 457 -35.98 27.55 -33.35
C LYS G 457 -35.46 28.00 -32.00
N ASN G 458 -34.19 28.36 -31.92
CA ASN G 458 -33.66 28.86 -30.66
C ASN G 458 -34.26 30.22 -30.31
N ALA G 459 -34.66 31.00 -31.32
CA ALA G 459 -35.31 32.27 -31.04
C ALA G 459 -36.73 32.11 -30.48
N GLY G 460 -37.28 30.90 -30.51
CA GLY G 460 -38.62 30.64 -30.02
C GLY G 460 -39.67 30.49 -31.08
N VAL G 461 -39.35 30.74 -32.34
CA VAL G 461 -40.30 30.68 -33.42
C VAL G 461 -40.13 29.36 -34.15
N GLU G 462 -41.11 29.02 -35.01
CA GLU G 462 -41.10 27.76 -35.74
C GLU G 462 -40.30 27.95 -37.02
N GLY G 463 -39.06 27.48 -37.02
CA GLY G 463 -38.09 27.81 -38.06
C GLY G 463 -38.50 27.44 -39.47
N SER G 464 -39.40 26.46 -39.62
CA SER G 464 -39.79 26.05 -40.96
C SER G 464 -40.54 27.17 -41.69
N LEU G 465 -41.47 27.83 -41.00
CA LEU G 465 -42.19 28.93 -41.63
C LEU G 465 -41.27 30.11 -41.95
N ILE G 466 -40.31 30.39 -41.06
CA ILE G 466 -39.36 31.46 -41.31
C ILE G 466 -38.50 31.17 -42.53
N VAL G 467 -37.98 29.94 -42.65
CA VAL G 467 -37.16 29.65 -43.83
C VAL G 467 -38.02 29.63 -45.09
N GLU G 468 -39.30 29.25 -44.98
CA GLU G 468 -40.19 29.36 -46.12
C GLU G 468 -40.34 30.82 -46.55
N LYS G 469 -40.52 31.73 -45.59
CA LYS G 469 -40.58 33.15 -45.93
C LYS G 469 -39.28 33.64 -46.55
N ILE G 470 -38.14 33.17 -46.02
CA ILE G 470 -36.85 33.62 -46.55
C ILE G 470 -36.66 33.15 -47.98
N MET G 471 -37.07 31.93 -48.28
CA MET G 471 -36.94 31.44 -49.66
C MET G 471 -37.97 32.09 -50.58
N GLN G 472 -39.12 32.49 -50.04
CA GLN G 472 -40.12 33.19 -50.86
C GLN G 472 -39.75 34.66 -51.06
N SER G 473 -39.09 35.27 -50.08
CA SER G 473 -38.77 36.69 -50.16
C SER G 473 -37.63 36.92 -51.15
N SER G 474 -37.20 38.18 -51.25
CA SER G 474 -36.15 38.55 -52.18
C SER G 474 -34.78 38.09 -51.66
N SER G 475 -33.73 38.47 -52.38
CA SER G 475 -32.38 37.99 -52.11
C SER G 475 -31.53 39.02 -51.37
N GLU G 476 -32.14 39.91 -50.60
CA GLU G 476 -31.38 40.86 -49.78
C GLU G 476 -31.86 40.98 -48.35
N VAL G 477 -33.09 40.58 -48.03
CA VAL G 477 -33.60 40.65 -46.66
C VAL G 477 -33.66 39.23 -46.09
N GLY G 478 -33.34 39.12 -44.81
CA GLY G 478 -33.45 37.86 -44.10
C GLY G 478 -34.14 38.03 -42.76
N TYR G 479 -34.17 36.97 -41.96
CA TYR G 479 -34.88 36.98 -40.68
C TYR G 479 -33.92 37.28 -39.54
N ASP G 480 -34.24 38.30 -38.76
CA ASP G 480 -33.48 38.63 -37.56
C ASP G 480 -34.01 37.83 -36.38
N ALA G 481 -33.09 37.45 -35.49
CA ALA G 481 -33.45 36.73 -34.29
C ALA G 481 -33.44 37.59 -33.03
N MET G 482 -32.58 38.61 -32.98
CA MET G 482 -32.64 39.54 -31.86
C MET G 482 -33.93 40.36 -31.89
N ALA G 483 -34.32 40.84 -33.08
CA ALA G 483 -35.53 41.62 -33.22
C ALA G 483 -36.72 40.81 -33.73
N GLY G 484 -36.51 39.53 -34.03
CA GLY G 484 -37.58 38.66 -34.48
C GLY G 484 -38.42 39.18 -35.63
N ASP G 485 -37.78 39.67 -36.68
CA ASP G 485 -38.50 40.20 -37.84
C ASP G 485 -37.63 40.10 -39.08
N PHE G 486 -38.28 39.93 -40.22
CA PHE G 486 -37.57 39.93 -41.50
C PHE G 486 -37.02 41.33 -41.77
N VAL G 487 -35.70 41.45 -41.82
CA VAL G 487 -35.03 42.73 -42.01
C VAL G 487 -33.98 42.58 -43.10
N ASN G 488 -33.77 43.65 -43.86
CA ASN G 488 -32.64 43.70 -44.78
C ASN G 488 -31.36 43.38 -44.04
N MET G 489 -30.71 42.28 -44.44
CA MET G 489 -29.63 41.71 -43.63
C MET G 489 -28.37 42.55 -43.69
N VAL G 490 -27.99 43.03 -44.88
CA VAL G 490 -26.68 43.64 -45.05
C VAL G 490 -26.59 44.97 -44.30
N GLU G 491 -27.68 45.76 -44.31
CA GLU G 491 -27.62 47.09 -43.71
C GLU G 491 -27.46 47.04 -42.19
N LYS G 492 -28.19 46.16 -41.51
CA LYS G 492 -28.13 46.17 -40.05
C LYS G 492 -26.77 45.67 -39.56
N GLY G 493 -26.23 44.65 -40.21
CA GLY G 493 -24.91 44.17 -39.84
C GLY G 493 -24.84 42.69 -39.52
N ILE G 494 -25.80 41.91 -39.99
CA ILE G 494 -25.78 40.46 -39.82
C ILE G 494 -25.03 39.91 -41.02
N ILE G 495 -23.71 39.84 -40.89
CA ILE G 495 -22.82 39.36 -41.94
C ILE G 495 -21.72 38.54 -41.29
N ASP G 496 -21.34 37.45 -41.94
CA ASP G 496 -20.23 36.63 -41.50
C ASP G 496 -19.27 36.45 -42.67
N PRO G 497 -17.99 36.21 -42.38
CA PRO G 497 -17.05 35.95 -43.47
C PRO G 497 -17.48 34.75 -44.29
N THR G 498 -17.40 34.88 -45.61
CA THR G 498 -17.72 33.76 -46.49
C THR G 498 -16.82 32.56 -46.25
N LYS G 499 -15.63 32.79 -45.67
CA LYS G 499 -14.71 31.70 -45.37
C LYS G 499 -15.26 30.76 -44.30
N VAL G 500 -15.94 31.31 -43.29
CA VAL G 500 -16.43 30.44 -42.23
C VAL G 500 -17.53 29.52 -42.76
N VAL G 501 -18.38 30.04 -43.63
CA VAL G 501 -19.45 29.21 -44.19
C VAL G 501 -18.87 28.17 -45.13
N ARG G 502 -17.93 28.58 -45.98
CA ARG G 502 -17.25 27.63 -46.86
C ARG G 502 -16.58 26.51 -46.07
N THR G 503 -15.81 26.86 -45.06
CA THR G 503 -15.10 25.87 -44.27
C THR G 503 -16.05 24.97 -43.50
N ALA G 504 -17.12 25.55 -42.93
CA ALA G 504 -18.09 24.75 -42.20
C ALA G 504 -18.76 23.73 -43.11
N LEU G 505 -19.15 24.14 -44.31
CA LEU G 505 -19.81 23.20 -45.21
C LEU G 505 -18.85 22.10 -45.67
N LEU G 506 -17.61 22.46 -46.01
CA LEU G 506 -16.63 21.45 -46.40
C LEU G 506 -16.36 20.48 -45.27
N ASP G 507 -16.12 21.01 -44.06
CA ASP G 507 -15.79 20.16 -42.92
C ASP G 507 -16.95 19.23 -42.57
N ALA G 508 -18.17 19.77 -42.56
CA ALA G 508 -19.36 18.97 -42.30
C ALA G 508 -19.52 17.85 -43.31
N ALA G 509 -19.37 18.17 -44.60
CA ALA G 509 -19.52 17.14 -45.62
C ALA G 509 -18.45 16.06 -45.48
N GLY G 510 -17.20 16.46 -45.22
CA GLY G 510 -16.15 15.48 -45.07
C GLY G 510 -16.38 14.52 -43.91
N VAL G 511 -16.70 15.08 -42.74
CA VAL G 511 -16.90 14.19 -41.59
C VAL G 511 -18.16 13.36 -41.74
N ALA G 512 -19.21 13.90 -42.39
CA ALA G 512 -20.41 13.12 -42.59
C ALA G 512 -20.16 11.94 -43.53
N SER G 513 -19.40 12.16 -44.59
CA SER G 513 -19.04 11.06 -45.48
C SER G 513 -18.19 10.03 -44.74
N LEU G 514 -17.23 10.49 -43.94
CA LEU G 514 -16.40 9.56 -43.17
C LEU G 514 -17.20 8.80 -42.13
N LEU G 515 -18.31 9.35 -41.66
CA LEU G 515 -19.15 8.65 -40.70
C LEU G 515 -20.11 7.67 -41.35
N THR G 516 -20.55 7.96 -42.57
CA THR G 516 -21.48 7.08 -43.26
C THR G 516 -20.79 6.11 -44.21
N THR G 517 -19.46 6.11 -44.28
CA THR G 517 -18.75 5.15 -45.12
C THR G 517 -17.72 4.30 -44.38
N ALA G 518 -17.32 4.67 -43.16
CA ALA G 518 -16.42 3.83 -42.38
C ALA G 518 -17.03 2.45 -42.18
N GLU G 519 -16.21 1.42 -42.33
CA GLU G 519 -16.69 0.04 -42.30
C GLU G 519 -16.28 -0.74 -41.07
N VAL G 520 -15.14 -0.43 -40.47
CA VAL G 520 -14.62 -1.15 -39.32
C VAL G 520 -14.26 -0.12 -38.26
N VAL G 521 -14.71 -0.35 -37.03
CA VAL G 521 -14.40 0.53 -35.91
C VAL G 521 -13.78 -0.33 -34.82
N VAL G 522 -12.52 -0.05 -34.50
CA VAL G 522 -11.77 -0.82 -33.52
C VAL G 522 -11.64 0.02 -32.26
N THR G 523 -12.12 -0.51 -31.13
CA THR G 523 -12.08 0.20 -29.86
C THR G 523 -11.50 -0.70 -28.78
N GLU G 524 -10.84 -0.08 -27.82
CA GLU G 524 -10.29 -0.79 -26.68
C GLU G 524 -11.42 -1.38 -25.85
N ILE G 525 -11.24 -2.62 -25.43
CA ILE G 525 -12.27 -3.26 -24.58
C ILE G 525 -12.34 -2.51 -23.25
N PRO G 526 -13.54 -2.17 -22.75
CA PRO G 526 -13.61 -1.41 -21.49
C PRO G 526 -13.19 -2.25 -20.29
PB ADP H . -32.93 37.35 5.11
O1B ADP H . -32.93 38.85 4.99
O2B ADP H . -34.05 36.72 4.33
O3B ADP H . -31.59 36.69 4.89
PA ADP H . -34.53 36.56 7.41
O1A ADP H . -34.09 35.80 8.63
O2A ADP H . -35.42 35.87 6.42
O3A ADP H . -33.19 37.07 6.68
O5' ADP H . -35.31 37.88 7.90
C5' ADP H . -35.51 38.95 7.00
C4' ADP H . -36.94 39.43 7.03
O4' ADP H . -37.47 39.45 8.36
C3' ADP H . -37.05 40.85 6.50
O3' ADP H . -37.93 40.88 5.39
C2' ADP H . -37.62 41.66 7.65
O2' ADP H . -38.57 42.63 7.18
C1' ADP H . -38.29 40.59 8.50
N9 ADP H . -38.44 41.01 9.92
C8 ADP H . -37.46 41.28 10.80
N7 ADP H . -37.98 41.62 12.00
C5 ADP H . -39.32 41.55 11.90
C6 ADP H . -40.48 41.79 12.80
N6 ADP H . -40.29 42.17 14.09
N1 ADP H . -41.72 41.61 12.30
C2 ADP H . -41.91 41.24 11.02
N3 ADP H . -40.92 41.01 10.16
C4 ADP H . -39.61 41.15 10.53
MG MG I . -31.12 39.05 7.70
PB ADP J . -28.19 13.23 39.25
O1B ADP J . -28.37 14.39 40.20
O2B ADP J . -29.48 12.87 38.57
O3B ADP J . -27.02 13.34 38.32
PA ADP J . -28.63 10.71 40.65
O1A ADP J . -27.67 9.54 40.74
O2A ADP J . -29.84 10.56 39.78
O3A ADP J . -27.75 11.98 40.18
O5' ADP J . -29.13 11.04 42.14
C5' ADP J . -29.65 12.32 42.45
C4' ADP J . -30.97 12.23 43.18
O4' ADP J . -30.96 11.19 44.16
C3' ADP J . -31.27 13.52 43.90
O3' ADP J . -32.53 14.03 43.45
C2' ADP J . -31.36 13.14 45.37
O2' ADP J . -32.39 13.87 46.03
C1' ADP J . -31.65 11.66 45.31
N9 ADP J . -31.21 10.96 46.55
C8 ADP J . -29.96 10.87 47.01
N7 ADP J . -29.92 10.16 48.17
C5 ADP J . -31.18 9.79 48.47
C6 ADP J . -31.86 9.02 49.53
N6 ADP J . -31.17 8.50 50.57
N1 ADP J . -33.20 8.87 49.45
C2 ADP J . -33.91 9.39 48.44
N3 ADP J . -33.36 10.10 47.43
C4 ADP J . -32.03 10.32 47.39
MG MG K . -25.22 12.95 41.71
PB ADP L . -10.04 -24.81 42.29
O1B ADP L . -9.61 -24.59 43.72
O2B ADP L . -11.52 -25.03 42.18
O3B ADP L . -9.48 -23.83 41.29
PA ADP L . -9.93 -27.60 41.45
O1A ADP L . -8.96 -28.24 40.50
O2A ADP L . -11.34 -27.39 41.00
O3A ADP L . -9.28 -26.17 41.87
O5' ADP L . -9.96 -28.48 42.79
C5' ADP L . -10.30 -27.88 44.04
C4' ADP L . -11.19 -28.81 44.84
O4' ADP L . -10.78 -30.17 44.74
C3' ADP L . -11.13 -28.45 46.32
O3' ADP L . -12.46 -28.16 46.78
C2' ADP L . -10.61 -29.69 47.01
O2' ADP L . -11.27 -29.91 48.25
C1' ADP L . -10.92 -30.79 46.01
N9 ADP L . -10.03 -31.97 46.16
C8 ADP L . -8.69 -32.00 46.00
N7 ADP L . -8.21 -33.25 46.21
C5 ADP L . -9.26 -34.05 46.52
C6 ADP L . -9.47 -35.47 46.86
N6 ADP L . -8.43 -36.33 46.93
N1 ADP L . -10.73 -35.88 47.11
C2 ADP L . -11.77 -35.04 47.06
N3 ADP L . -11.65 -33.74 46.75
C4 ADP L . -10.45 -33.19 46.49
MG MG M . -6.50 -25.71 42.99
PB ADP N . 7.51 -48.11 11.90
O1B ADP N . 8.43 -48.88 12.82
O2B ADP N . 6.09 -48.54 12.04
O3B ADP N . 7.70 -46.61 11.92
PA ADP N . 7.29 -49.38 9.30
O1A ADP N . 7.73 -48.87 7.95
O2A ADP N . 5.82 -49.43 9.58
O3A ADP N . 8.03 -48.48 10.41
O5' ADP N . 7.86 -50.87 9.47
C5' ADP N . 8.12 -51.40 10.75
C4' ADP N . 7.56 -52.80 10.88
O4' ADP N . 7.85 -53.58 9.72
C3' ADP N . 8.18 -53.53 12.07
O3' ADP N . 7.14 -54.00 12.93
C2' ADP N . 8.93 -54.69 11.46
O2' ADP N . 8.83 -55.85 12.30
C1' ADP N . 8.24 -54.89 10.14
N9 ADP N . 9.10 -55.57 9.15
C8 ADP N . 10.27 -55.11 8.65
N7 ADP N . 10.79 -56.00 7.76
C5 ADP N . 9.94 -57.04 7.68
C6 ADP N . 9.87 -58.32 6.93
N6 ADP N . 10.85 -58.67 6.06
N1 ADP N . 8.81 -59.11 7.14
C2 ADP N . 7.82 -58.79 8.00
N3 ADP N . 7.82 -57.65 8.71
C4 ADP N . 8.83 -56.75 8.60
MG MG O . 11.10 -48.12 10.74
PB ADP P . 11.51 -39.06 -29.16
O1B ADP P . 12.68 -39.99 -29.36
O2B ADP P . 10.23 -39.82 -28.91
O3B ADP P . 11.74 -37.94 -28.18
PA ADP P . 10.24 -38.38 -31.69
O1A ADP P . 10.08 -37.01 -32.28
O2A ADP P . 9.03 -39.05 -31.12
O3A ADP P . 11.39 -38.26 -30.55
O5' ADP P . 10.84 -39.34 -32.82
C5' ADP P . 11.59 -40.50 -32.46
C4' ADP P . 11.11 -41.71 -33.24
O4' ADP P . 10.93 -41.39 -34.62
C3' ADP P . 12.14 -42.82 -33.18
O3' ADP P . 11.51 -44.00 -32.67
C2' ADP P . 12.58 -43.04 -34.60
O2' ADP P . 12.78 -44.43 -34.88
C1' ADP P . 11.42 -42.47 -35.41
N9 ADP P . 11.82 -42.02 -36.76
C8 ADP P . 12.71 -41.07 -37.06
N7 ADP P . 12.83 -40.93 -38.40
C5 ADP P . 12.00 -41.82 -38.98
C6 ADP P . 11.63 -42.21 -40.36
N6 ADP P . 12.18 -41.60 -41.43
N1 ADP P . 10.71 -43.19 -40.52
C2 ADP P . 10.15 -43.81 -39.47
N3 ADP P . 10.44 -43.50 -38.19
C4 ADP P . 11.34 -42.54 -37.89
MG MG Q . 14.26 -37.28 -30.85
PB ADP R . -1.15 -4.44 -49.80
O1B ADP R . -0.06 -4.70 -50.80
O2B ADP R . -2.26 -5.45 -49.93
O3B ADP R . -0.69 -4.21 -48.38
PA ADP R . -3.27 -2.59 -50.54
O1A ADP R . -3.44 -1.16 -50.12
O2A ADP R . -4.17 -3.60 -49.90
O3A ADP R . -1.74 -2.99 -50.23
O5' ADP R . -3.44 -2.65 -52.13
C5' ADP R . -2.57 -3.44 -52.94
C4' ADP R . -3.25 -3.84 -54.24
O4' ADP R . -3.92 -2.73 -54.83
C3' ADP R . -2.24 -4.33 -55.25
O3' ADP R . -2.61 -5.65 -55.65
C2' ADP R . -2.37 -3.40 -56.44
O2' ADP R . -2.28 -4.09 -57.68
C1' ADP R . -3.76 -2.81 -56.25
N9 ADP R . -3.94 -1.50 -56.92
C8 ADP R . -3.25 -0.37 -56.70
N7 ADP R . -3.69 0.63 -57.51
C5 ADP R . -4.68 0.13 -58.27
C6 ADP R . -5.59 0.64 -59.32
N6 ADP R . -5.52 1.93 -59.75
N1 ADP R . -6.49 -0.22 -59.85
C2 ADP R . -6.59 -1.49 -59.43
N3 ADP R . -5.79 -2.02 -58.48
C4 ADP R . -4.84 -1.27 -57.87
MG MG S . 0.65 -1.45 -50.49
PB ADP T . -21.03 29.44 -34.65
O1B ADP T . -20.52 30.33 -35.74
O2B ADP T . -22.06 28.47 -35.17
O3B ADP T . -19.96 28.80 -33.79
PA ADP T . -23.30 30.58 -33.23
O1A ADP T . -23.37 30.97 -31.77
O2A ADP T . -24.04 29.35 -33.67
O3A ADP T . -21.74 30.43 -33.59
O5' ADP T . -23.85 31.80 -34.10
C5' ADP T . -23.43 31.97 -35.44
C4' ADP T . -24.61 32.27 -36.35
O4' ADP T . -25.49 33.22 -35.74
C3' ADP T . -24.14 32.88 -37.65
O3' ADP T . -24.62 32.08 -38.73
C2' ADP T . -24.77 34.26 -37.70
O2' ADP T . -25.20 34.58 -39.02
C1' ADP T . -25.94 34.13 -36.75
N9 ADP T . -26.36 35.43 -36.18
C8 ADP T . -25.62 36.25 -35.40
N7 ADP T . -26.33 37.36 -35.07
C5 ADP T . -27.55 37.25 -35.63
C6 ADP T . -28.79 38.07 -35.68
N6 ADP T . -28.87 39.25 -35.04
N1 ADP T . -29.83 37.58 -36.39
C2 ADP T . -29.76 36.40 -37.04
N3 ADP T . -28.68 35.62 -37.03
C4 ADP T . -27.55 35.98 -36.37
MG MG U . -19.62 32.59 -33.11
#